data_8AE3
#
_entry.id   8AE3
#
loop_
_entity.id
_entity.type
_entity.pdbx_description
1 polymer 'IgM C2-domain from mouse'
2 polymer 'IgM Fab, light chain'
3 polymer 'IgM Fab, heavy chain'
4 polymer 'Immunoglobulin heavy constant mu'
5 polymer 'Immunoglobulin J chain'
6 branched 2-acetamido-2-deoxy-beta-D-glucopyranose-(1-4)-2-acetamido-2-deoxy-beta-D-glucopyranose
7 non-polymer 2-acetamido-2-deoxy-beta-D-glucopyranose
#
loop_
_entity_poly.entity_id
_entity_poly.type
_entity_poly.pdbx_seq_one_letter_code
_entity_poly.pdbx_strand_id
1 'polypeptide(L)'
;MGIPAVAEMNPNVNVFVPPRDGFSGPAPRKSKLICEATNFTPKPITVSWLKDGKLVESGFTTDPVTIENKGSTPQTYKVI
STLTISEIDWLNLNVYTCRVDHRGLTFLKNVSSTCAA
;
A,B
2 'polypeptide(L)'
;EIVLTQSPGTLSLSPGERATLSCRASETVSNDKVAWYQQKPGQAPRLLIYGASSRATGIPDRFSGSGSGTDFTLSISGLE
PEDFVVYYCQQYASSPRTFGQGTKVEIKRTVAAPSVFIFPPSDEQLKSGTASVVCLLNNFYPREAKVQWKVDNALQSGNS
QESVTEQDSKDSTYSLSSTLTLSKADYEKHKVYACEVTHQGLSSPVTKSFNRGEC
;
L,S
3 'polypeptide(L)'
;QVTLKESGPTLVKPTQTLTLTCTFSGFSLTTTGEGVGWIRQPPGKALEFLAFIYWNDAKRYNPSLQSRLTITKDASKKQV
VLTLTNLDPVDTATYYCARTSGWDIEFEYWGQGTLVTVSSGSASAPTLFPLVSCENSSPSSTVAVGCLAQDFLPDSITFS
WKYKNNSDISSTRGFPSVLRGGKYAATSQVLLPSKDVMQGTDEHVVCKVQHPNGNKEKDVPLPVVI
;
H,Q
4 'polypeptide(L)'
;ASAWSHPQFEKGGGSGGGSGGSAWSHPQFEKIDTTIAELPPKVSVFVPPRDGFFGNPRKSKLICQATGFSPRQIQVSWLR
EGKQVGSGVTTDQVQAEAKESGPTTYKVTSTLTIKESDWLGQSMFTCRVDHRGLTFQQNASSMCVPDQDTAIRVFAIPPS
FASIFLTKSTKLTCLVTDLTTYDSVTISWTRQNGEAVKTHTNISESHPNATFSAVGEASICEDDWNSGERFTCTVTHTDL
PSPLKQTISRPKGVALHRPDVYLLPPAREQLNLRESATITCLVTGFSPADVFVQWMQRGQPLSPEKYVTSAPMPEPQAPG
RYFAHSILTVSEEEWNTGETYTCVVAHEALPNRVTERTVDKSTGKPTLYNVSLVMSDTAGTCY
;
N,O,C,D,E,F,G,R,K,T
5 'polypeptide(L)'
;EDERIVLVDNKCKCARITSRIIRSSEDPNEDIVERNIRIIVPLNNRENISDPTSPLRTRFVYHLSDLCKKCDPTEVELDN
QIVTATQSNICDEDSATETCYTYDRNKCYTAVVPLVYGGETKMVETALTPDACYPD
;
J
#
loop_
_chem_comp.id
_chem_comp.type
_chem_comp.name
_chem_comp.formula
NAG D-saccharide, beta linking 2-acetamido-2-deoxy-beta-D-glucopyranose 'C8 H15 N O6'
#
# COMPACT_ATOMS: atom_id res chain seq x y z
N VAL A 6 -25.79 42.73 -53.00
CA VAL A 6 -24.66 43.00 -52.12
C VAL A 6 -23.81 41.77 -51.85
N ALA A 7 -24.35 40.56 -52.03
CA ALA A 7 -23.59 39.34 -51.80
C ALA A 7 -24.25 38.20 -52.55
N GLU A 8 -23.46 37.15 -52.79
CA GLU A 8 -23.93 35.94 -53.44
C GLU A 8 -23.54 34.74 -52.58
N MET A 9 -24.52 33.91 -52.24
CA MET A 9 -24.31 32.74 -51.40
C MET A 9 -24.82 31.50 -52.11
N ASN A 10 -24.11 30.40 -51.95
CA ASN A 10 -24.52 29.15 -52.56
C ASN A 10 -25.83 28.66 -51.92
N PRO A 11 -26.75 28.12 -52.70
CA PRO A 11 -28.02 27.65 -52.13
C PRO A 11 -27.83 26.43 -51.24
N ASN A 12 -28.69 26.33 -50.24
CA ASN A 12 -28.70 25.19 -49.33
C ASN A 12 -29.86 24.26 -49.70
N VAL A 13 -29.58 22.96 -49.76
CA VAL A 13 -30.56 21.97 -50.19
C VAL A 13 -30.95 21.14 -48.98
N ASN A 14 -32.24 21.09 -48.69
CA ASN A 14 -32.79 20.29 -47.60
C ASN A 14 -33.98 19.50 -48.11
N VAL A 15 -34.06 18.23 -47.72
CA VAL A 15 -35.10 17.32 -48.17
C VAL A 15 -35.83 16.80 -46.94
N PHE A 16 -37.17 16.85 -46.98
CA PHE A 16 -38.01 16.33 -45.92
C PHE A 16 -38.71 15.06 -46.38
N VAL A 17 -38.71 14.05 -45.52
CA VAL A 17 -39.30 12.76 -45.84
C VAL A 17 -40.33 12.39 -44.77
N PRO A 18 -41.36 11.63 -45.12
CA PRO A 18 -42.36 11.24 -44.11
C PRO A 18 -41.82 10.19 -43.18
N PRO A 19 -42.37 10.09 -41.97
CA PRO A 19 -41.95 9.04 -41.03
C PRO A 19 -42.59 7.70 -41.40
N ARG A 20 -42.39 6.72 -40.52
CA ARG A 20 -42.96 5.40 -40.75
C ARG A 20 -44.49 5.43 -40.70
N ASP A 21 -45.06 6.36 -39.92
CA ASP A 21 -46.50 6.49 -39.78
C ASP A 21 -47.03 7.71 -40.55
N GLY A 22 -46.32 8.13 -41.58
CA GLY A 22 -46.72 9.27 -42.39
C GLY A 22 -47.55 8.94 -43.61
N PHE A 23 -48.03 7.70 -43.73
CA PHE A 23 -48.83 7.27 -44.86
C PHE A 23 -50.27 7.01 -44.39
N SER A 24 -51.23 7.54 -45.14
CA SER A 24 -52.63 7.38 -44.81
C SER A 24 -53.45 7.35 -46.09
N GLY A 25 -54.75 7.16 -45.95
CA GLY A 25 -55.65 7.13 -47.08
C GLY A 25 -55.89 5.72 -47.60
N PRO A 26 -56.75 5.59 -48.60
CA PRO A 26 -57.02 4.26 -49.17
C PRO A 26 -55.79 3.67 -49.81
N ALA A 27 -55.70 2.34 -49.77
CA ALA A 27 -54.56 1.64 -50.35
C ALA A 27 -54.57 1.79 -51.87
N PRO A 28 -53.41 2.08 -52.48
CA PRO A 28 -52.09 2.29 -51.87
C PRO A 28 -51.97 3.67 -51.24
N ARG A 29 -51.31 3.79 -50.08
CA ARG A 29 -51.16 5.06 -49.42
C ARG A 29 -50.13 5.92 -50.14
N LYS A 30 -50.29 7.24 -50.01
CA LYS A 30 -49.40 8.20 -50.65
C LYS A 30 -48.96 9.24 -49.63
N SER A 31 -47.82 9.87 -49.92
CA SER A 31 -47.27 10.91 -49.06
C SER A 31 -46.67 12.00 -49.94
N LYS A 32 -45.92 12.91 -49.33
CA LYS A 32 -45.33 14.04 -50.02
C LYS A 32 -43.88 14.22 -49.61
N LEU A 33 -43.09 14.81 -50.52
CA LEU A 33 -41.69 15.14 -50.26
C LEU A 33 -41.51 16.64 -50.41
N ILE A 34 -40.75 17.23 -49.50
CA ILE A 34 -40.54 18.69 -49.46
C ILE A 34 -39.06 18.96 -49.65
N CYS A 35 -38.73 19.74 -50.68
CA CYS A 35 -37.38 20.23 -50.92
C CYS A 35 -37.42 21.75 -50.87
N GLU A 36 -36.66 22.33 -49.94
CA GLU A 36 -36.68 23.77 -49.71
C GLU A 36 -35.27 24.33 -49.72
N ALA A 37 -35.10 25.49 -50.34
CA ALA A 37 -33.85 26.23 -50.35
C ALA A 37 -34.06 27.56 -49.63
N THR A 38 -33.17 27.88 -48.71
CA THR A 38 -33.26 29.09 -47.91
C THR A 38 -31.96 29.87 -47.99
N ASN A 39 -32.07 31.19 -47.85
CA ASN A 39 -30.92 32.11 -47.89
C ASN A 39 -30.12 31.92 -49.18
N PHE A 40 -30.82 31.80 -50.30
CA PHE A 40 -30.19 31.58 -51.59
C PHE A 40 -30.45 32.78 -52.51
N THR A 41 -29.52 32.98 -53.44
CA THR A 41 -29.59 34.05 -54.43
C THR A 41 -28.86 33.56 -55.67
N PRO A 42 -29.34 33.88 -56.88
CA PRO A 42 -30.51 34.71 -57.22
C PRO A 42 -31.86 34.09 -56.84
N LYS A 43 -32.92 34.91 -56.85
CA LYS A 43 -34.25 34.42 -56.49
C LYS A 43 -34.75 33.30 -57.40
N PRO A 44 -34.64 33.38 -58.73
CA PRO A 44 -35.09 32.25 -59.56
C PRO A 44 -34.30 30.99 -59.24
N ILE A 45 -35.00 29.85 -59.28
CA ILE A 45 -34.41 28.57 -58.94
C ILE A 45 -35.20 27.48 -59.67
N THR A 46 -34.49 26.44 -60.10
CA THR A 46 -35.08 25.30 -60.78
C THR A 46 -35.03 24.09 -59.87
N VAL A 47 -36.19 23.48 -59.64
CA VAL A 47 -36.31 22.32 -58.75
C VAL A 47 -36.78 21.14 -59.59
N SER A 48 -36.01 20.05 -59.56
CA SER A 48 -36.33 18.84 -60.28
C SER A 48 -36.17 17.64 -59.36
N TRP A 49 -36.99 16.62 -59.59
CA TRP A 49 -36.98 15.40 -58.79
C TRP A 49 -36.51 14.22 -59.61
N LEU A 50 -35.61 13.43 -59.02
CA LEU A 50 -35.06 12.25 -59.68
C LEU A 50 -35.39 11.01 -58.85
N LYS A 51 -35.84 9.96 -59.52
CA LYS A 51 -36.20 8.70 -58.87
C LYS A 51 -35.43 7.58 -59.57
N ASP A 52 -34.39 7.07 -58.91
CA ASP A 52 -33.54 6.01 -59.46
C ASP A 52 -32.98 6.39 -60.82
N GLY A 53 -32.58 7.65 -60.96
CA GLY A 53 -32.03 8.15 -62.20
C GLY A 53 -33.04 8.57 -63.24
N LYS A 54 -34.33 8.49 -62.94
CA LYS A 54 -35.39 8.85 -63.87
C LYS A 54 -36.00 10.19 -63.44
N LEU A 55 -36.09 11.13 -64.37
CA LEU A 55 -36.67 12.43 -64.08
C LEU A 55 -38.17 12.31 -63.89
N VAL A 56 -38.70 13.03 -62.90
CA VAL A 56 -40.12 13.04 -62.60
C VAL A 56 -40.73 14.26 -63.28
N GLU A 57 -41.69 14.03 -64.17
CA GLU A 57 -42.32 15.09 -64.95
C GLU A 57 -43.79 15.29 -64.61
N SER A 58 -44.29 14.63 -63.56
CA SER A 58 -45.69 14.75 -63.19
C SER A 58 -45.85 14.49 -61.70
N GLY A 59 -46.97 14.95 -61.15
CA GLY A 59 -47.25 14.75 -59.74
C GLY A 59 -46.48 15.64 -58.80
N PHE A 60 -45.97 16.77 -59.26
CA PHE A 60 -45.21 17.70 -58.43
C PHE A 60 -45.75 19.11 -58.60
N THR A 61 -45.70 19.87 -57.52
CA THR A 61 -46.15 21.26 -57.51
C THR A 61 -45.14 22.09 -56.74
N THR A 62 -44.60 23.13 -57.39
CA THR A 62 -43.61 24.01 -56.80
C THR A 62 -44.27 25.34 -56.44
N ASP A 63 -44.18 25.73 -55.17
CA ASP A 63 -44.76 26.99 -54.74
C ASP A 63 -43.92 28.16 -55.24
N PRO A 64 -44.54 29.30 -55.51
CA PRO A 64 -43.77 30.49 -55.93
C PRO A 64 -42.79 30.93 -54.87
N VAL A 65 -41.64 31.43 -55.32
CA VAL A 65 -40.61 31.90 -54.41
C VAL A 65 -41.09 33.16 -53.70
N THR A 66 -40.94 33.19 -52.38
CA THR A 66 -41.37 34.32 -51.57
C THR A 66 -40.23 34.80 -50.70
N ILE A 67 -40.28 36.08 -50.32
CA ILE A 67 -39.26 36.67 -49.47
C ILE A 67 -39.41 36.15 -48.05
N GLU A 68 -38.30 35.74 -47.45
CA GLU A 68 -38.29 35.24 -46.08
C GLU A 68 -38.68 36.33 -45.09
N THR A 73 -27.97 44.56 -45.34
CA THR A 73 -28.71 43.31 -45.15
C THR A 73 -28.92 42.60 -46.49
N PRO A 74 -28.31 41.42 -46.64
CA PRO A 74 -28.48 40.66 -47.89
C PRO A 74 -29.90 40.15 -48.03
N GLN A 75 -30.47 40.34 -49.22
CA GLN A 75 -31.82 39.88 -49.48
C GLN A 75 -31.88 38.35 -49.49
N THR A 76 -32.95 37.81 -48.91
CA THR A 76 -33.13 36.37 -48.80
C THR A 76 -34.45 35.95 -49.44
N TYR A 77 -34.49 34.71 -49.91
CA TYR A 77 -35.69 34.14 -50.53
C TYR A 77 -35.83 32.69 -50.10
N LYS A 78 -37.05 32.18 -50.21
CA LYS A 78 -37.36 30.80 -49.89
C LYS A 78 -38.26 30.20 -50.95
N VAL A 79 -38.08 28.92 -51.22
CA VAL A 79 -38.86 28.20 -52.21
C VAL A 79 -39.25 26.85 -51.63
N ILE A 80 -40.50 26.45 -51.86
CA ILE A 80 -41.05 25.20 -51.36
C ILE A 80 -41.58 24.39 -52.53
N SER A 81 -41.18 23.12 -52.60
CA SER A 81 -41.63 22.22 -53.65
C SER A 81 -42.20 20.96 -53.02
N THR A 82 -43.29 20.44 -53.61
CA THR A 82 -43.97 19.27 -53.09
C THR A 82 -44.10 18.23 -54.21
N LEU A 83 -43.68 17.00 -53.92
CA LEU A 83 -43.77 15.89 -54.86
C LEU A 83 -44.60 14.78 -54.24
N THR A 84 -45.58 14.28 -54.99
CA THR A 84 -46.40 13.18 -54.53
C THR A 84 -45.66 11.86 -54.76
N ILE A 85 -45.62 11.02 -53.72
CA ILE A 85 -44.92 9.74 -53.79
C ILE A 85 -45.87 8.64 -53.33
N SER A 86 -45.54 7.42 -53.72
CA SER A 86 -46.31 6.24 -53.37
C SER A 86 -45.61 5.44 -52.28
N GLU A 87 -46.41 4.77 -51.44
CA GLU A 87 -45.85 3.96 -50.36
C GLU A 87 -45.05 2.78 -50.91
N ILE A 88 -45.54 2.17 -51.98
CA ILE A 88 -44.86 1.01 -52.56
C ILE A 88 -43.46 1.37 -53.03
N ASP A 89 -43.33 2.52 -53.70
CA ASP A 89 -42.02 2.94 -54.18
C ASP A 89 -41.07 3.21 -53.02
N TRP A 90 -41.58 3.81 -51.93
CA TRP A 90 -40.74 4.08 -50.78
C TRP A 90 -40.23 2.79 -50.14
N LEU A 91 -41.08 1.76 -50.08
CA LEU A 91 -40.69 0.50 -49.46
C LEU A 91 -39.63 -0.25 -50.28
N ASN A 92 -39.47 0.09 -51.56
CA ASN A 92 -38.49 -0.55 -52.42
C ASN A 92 -37.10 0.09 -52.32
N LEU A 93 -36.84 0.85 -51.25
CA LEU A 93 -35.54 1.49 -51.02
C LEU A 93 -35.17 2.45 -52.15
N ASN A 94 -36.17 3.06 -52.78
CA ASN A 94 -35.90 4.02 -53.84
C ASN A 94 -35.28 5.29 -53.26
N VAL A 95 -34.33 5.86 -54.01
CA VAL A 95 -33.62 7.06 -53.60
C VAL A 95 -34.18 8.26 -54.36
N TYR A 96 -34.59 9.28 -53.61
CA TYR A 96 -35.12 10.51 -54.20
C TYR A 96 -34.08 11.62 -54.07
N THR A 97 -33.83 12.32 -55.18
CA THR A 97 -32.82 13.36 -55.24
C THR A 97 -33.47 14.65 -55.73
N CYS A 98 -33.21 15.74 -55.00
CA CYS A 98 -33.72 17.06 -55.38
C CYS A 98 -32.65 17.79 -56.18
N ARG A 99 -32.99 18.18 -57.41
CA ARG A 99 -32.05 18.83 -58.32
C ARG A 99 -32.24 20.34 -58.22
N VAL A 100 -31.16 21.05 -57.92
CA VAL A 100 -31.18 22.50 -57.78
C VAL A 100 -30.18 23.10 -58.77
N ASP A 101 -30.64 24.04 -59.58
CA ASP A 101 -29.80 24.73 -60.55
C ASP A 101 -29.58 26.16 -60.07
N HIS A 102 -28.32 26.57 -60.01
CA HIS A 102 -27.95 27.90 -59.50
C HIS A 102 -26.75 28.40 -60.30
N ARG A 103 -27.01 29.30 -61.26
CA ARG A 103 -25.97 29.93 -62.07
C ARG A 103 -25.09 28.89 -62.76
N GLY A 104 -25.73 27.84 -63.26
CA GLY A 104 -25.01 26.76 -63.92
C GLY A 104 -24.43 25.72 -63.00
N LEU A 105 -24.63 25.83 -61.70
CA LEU A 105 -24.14 24.87 -60.74
C LEU A 105 -25.28 23.96 -60.28
N THR A 106 -24.98 22.67 -60.14
CA THR A 106 -25.97 21.67 -59.76
C THR A 106 -25.65 21.15 -58.36
N PHE A 107 -26.65 21.16 -57.49
CA PHE A 107 -26.54 20.64 -56.13
C PHE A 107 -27.54 19.52 -55.95
N LEU A 108 -27.06 18.36 -55.50
CA LEU A 108 -27.88 17.17 -55.34
C LEU A 108 -27.82 16.68 -53.90
N LYS A 109 -28.97 16.26 -53.39
CA LYS A 109 -29.08 15.69 -52.05
C LYS A 109 -29.78 14.35 -52.15
N ASN A 110 -29.19 13.33 -51.54
CA ASN A 110 -29.70 11.95 -51.60
C ASN A 110 -30.27 11.56 -50.25
N VAL A 111 -31.51 11.06 -50.27
CA VAL A 111 -32.17 10.58 -49.07
C VAL A 111 -32.73 9.19 -49.34
N SER A 112 -32.89 8.41 -48.27
CA SER A 112 -33.41 7.05 -48.39
C SER A 112 -33.93 6.62 -47.04
N SER A 113 -34.71 5.53 -47.05
CA SER A 113 -35.27 4.98 -45.82
C SER A 113 -34.29 4.09 -45.07
N THR A 114 -33.13 3.80 -45.64
CA THR A 114 -32.15 2.96 -44.97
C THR A 114 -31.60 3.63 -43.72
N CYS A 115 -31.38 2.83 -42.68
CA CYS A 115 -30.86 3.35 -41.41
C CYS A 115 -29.36 3.12 -41.30
N GLU B 8 -67.88 21.46 -44.54
CA GLU B 8 -67.09 21.25 -43.33
C GLU B 8 -66.41 19.89 -43.36
N MET B 9 -65.12 19.89 -43.65
CA MET B 9 -64.32 18.66 -43.73
C MET B 9 -63.14 18.76 -42.77
N ASN B 10 -62.88 17.68 -42.05
CA ASN B 10 -61.78 17.67 -41.09
C ASN B 10 -60.44 17.80 -41.83
N PRO B 11 -59.56 18.68 -41.36
CA PRO B 11 -58.27 18.85 -42.03
C PRO B 11 -57.35 17.67 -41.78
N ASN B 12 -56.57 17.32 -42.82
CA ASN B 12 -55.59 16.27 -42.70
C ASN B 12 -54.33 16.79 -42.03
N VAL B 13 -53.81 16.03 -41.07
CA VAL B 13 -52.64 16.42 -40.29
C VAL B 13 -51.48 15.51 -40.69
N ASN B 14 -50.40 16.12 -41.18
CA ASN B 14 -49.20 15.39 -41.59
C ASN B 14 -47.98 16.06 -40.99
N VAL B 15 -47.06 15.26 -40.45
CA VAL B 15 -45.84 15.75 -39.85
C VAL B 15 -44.66 15.12 -40.57
N PHE B 16 -43.70 15.96 -40.96
CA PHE B 16 -42.51 15.51 -41.68
C PHE B 16 -41.33 15.39 -40.73
N VAL B 17 -40.43 14.47 -41.03
CA VAL B 17 -39.30 14.17 -40.16
C VAL B 17 -38.02 14.32 -40.98
N PRO B 18 -36.90 14.61 -40.32
CA PRO B 18 -35.62 14.72 -41.04
C PRO B 18 -35.20 13.39 -41.62
N PRO B 19 -34.35 13.39 -42.64
CA PRO B 19 -33.92 12.12 -43.26
C PRO B 19 -33.14 11.25 -42.29
N ARG B 20 -33.18 9.94 -42.55
CA ARG B 20 -32.52 8.99 -41.68
C ARG B 20 -31.00 9.19 -41.67
N ASP B 21 -30.43 9.54 -42.83
CA ASP B 21 -28.98 9.67 -42.97
C ASP B 21 -28.48 11.09 -42.70
N GLY B 22 -29.18 11.85 -41.86
CA GLY B 22 -28.77 13.20 -41.52
C GLY B 22 -29.61 14.24 -42.23
N PHE B 23 -29.31 15.50 -41.89
CA PHE B 23 -30.04 16.63 -42.44
C PHE B 23 -29.62 16.90 -43.88
N LYS B 30 -28.98 21.92 -37.53
CA LYS B 30 -30.38 21.91 -37.11
C LYS B 30 -31.30 21.57 -38.28
N SER B 31 -32.58 21.38 -37.99
CA SER B 31 -33.58 21.06 -38.99
C SER B 31 -34.87 21.78 -38.63
N LYS B 32 -35.93 21.51 -39.40
CA LYS B 32 -37.23 22.14 -39.20
C LYS B 32 -38.32 21.09 -39.30
N LEU B 33 -39.42 21.35 -38.60
CA LEU B 33 -40.60 20.49 -38.64
C LEU B 33 -41.73 21.22 -39.34
N ILE B 34 -42.36 20.56 -40.31
CA ILE B 34 -43.42 21.15 -41.11
C ILE B 34 -44.70 20.36 -40.87
N CYS B 35 -45.75 21.05 -40.42
CA CYS B 35 -47.07 20.46 -40.25
C CYS B 35 -48.00 21.12 -41.25
N GLU B 36 -48.62 20.31 -42.11
CA GLU B 36 -49.44 20.80 -43.22
C GLU B 36 -50.88 20.34 -43.05
N ALA B 37 -51.81 21.28 -43.15
CA ALA B 37 -53.24 20.99 -43.17
C ALA B 37 -53.79 21.41 -44.53
N THR B 38 -54.44 20.48 -45.22
CA THR B 38 -54.95 20.71 -46.56
C THR B 38 -56.41 20.28 -46.65
N ASN B 39 -57.11 20.86 -47.62
CA ASN B 39 -58.50 20.54 -47.91
C ASN B 39 -59.39 20.77 -46.68
N PHE B 40 -59.25 21.96 -46.09
CA PHE B 40 -60.04 22.35 -44.93
C PHE B 40 -60.85 23.59 -45.24
N THR B 41 -61.96 23.74 -44.52
CA THR B 41 -62.85 24.88 -44.67
C THR B 41 -63.51 25.16 -43.32
N PRO B 42 -63.67 26.44 -42.95
CA PRO B 42 -63.33 27.66 -43.69
C PRO B 42 -61.85 28.02 -43.62
N LYS B 43 -61.51 29.22 -44.08
CA LYS B 43 -60.11 29.64 -44.11
C LYS B 43 -59.45 29.71 -42.74
N PRO B 44 -60.05 30.31 -41.70
CA PRO B 44 -59.34 30.43 -40.42
C PRO B 44 -58.99 29.07 -39.83
N ILE B 45 -57.76 28.96 -39.31
CA ILE B 45 -57.28 27.73 -38.71
C ILE B 45 -56.11 28.09 -37.82
N THR B 46 -55.96 27.35 -36.71
CA THR B 46 -54.89 27.56 -35.76
C THR B 46 -54.02 26.31 -35.67
N VAL B 47 -52.71 26.49 -35.76
CA VAL B 47 -51.75 25.39 -35.70
C VAL B 47 -50.71 25.72 -34.64
N SER B 48 -50.43 24.77 -33.76
CA SER B 48 -49.44 24.94 -32.70
C SER B 48 -48.55 23.69 -32.65
N TRP B 49 -47.56 23.73 -31.77
CA TRP B 49 -46.61 22.64 -31.62
C TRP B 49 -46.49 22.26 -30.15
N LEU B 50 -46.19 20.99 -29.90
CA LEU B 50 -45.99 20.47 -28.55
C LEU B 50 -44.66 19.75 -28.47
N LYS B 51 -44.05 19.79 -27.29
CA LYS B 51 -42.77 19.13 -27.03
C LYS B 51 -42.88 18.34 -25.74
N ASP B 52 -42.98 17.01 -25.86
CA ASP B 52 -43.10 16.12 -24.70
C ASP B 52 -44.28 16.51 -23.81
N GLY B 53 -45.39 16.90 -24.43
CA GLY B 53 -46.56 17.29 -23.69
C GLY B 53 -46.51 18.66 -23.06
N LYS B 54 -45.52 19.48 -23.43
CA LYS B 54 -45.37 20.82 -22.87
C LYS B 54 -45.60 21.86 -23.95
N LEU B 55 -46.24 22.96 -23.57
CA LEU B 55 -46.53 24.03 -24.52
C LEU B 55 -45.24 24.70 -24.99
N VAL B 56 -45.20 25.04 -26.27
CA VAL B 56 -44.06 25.71 -26.88
C VAL B 56 -44.35 27.21 -26.92
N GLU B 57 -43.47 28.00 -26.34
CA GLU B 57 -43.66 29.44 -26.25
C GLU B 57 -42.88 30.23 -27.31
N SER B 58 -41.85 29.65 -27.89
CA SER B 58 -41.03 30.35 -28.87
C SER B 58 -40.36 29.32 -29.78
N GLY B 59 -39.84 29.81 -30.90
CA GLY B 59 -39.18 28.97 -31.87
C GLY B 59 -40.06 28.42 -32.97
N PHE B 60 -41.29 28.91 -33.11
CA PHE B 60 -42.20 28.46 -34.14
C PHE B 60 -42.81 29.65 -34.86
N THR B 61 -43.07 29.48 -36.15
CA THR B 61 -43.69 30.52 -36.97
C THR B 61 -44.75 29.88 -37.86
N THR B 62 -45.75 30.68 -38.22
CA THR B 62 -46.84 30.24 -39.07
C THR B 62 -46.85 31.08 -40.35
N ASP B 63 -46.79 30.41 -41.49
CA ASP B 63 -46.82 31.09 -42.78
C ASP B 63 -48.25 31.52 -43.11
N PRO B 64 -48.41 32.56 -43.93
CA PRO B 64 -49.76 32.98 -44.33
C PRO B 64 -50.48 31.88 -45.09
N VAL B 65 -51.79 31.82 -44.89
CA VAL B 65 -52.61 30.80 -45.54
C VAL B 65 -52.71 31.11 -47.02
N THR B 66 -52.50 30.09 -47.86
CA THR B 66 -52.56 30.22 -49.31
C THR B 66 -53.68 29.37 -49.86
N ILE B 67 -54.16 29.77 -51.05
CA ILE B 67 -55.25 29.09 -51.72
C ILE B 67 -54.67 28.07 -52.70
N GLU B 68 -55.11 26.82 -52.58
CA GLU B 68 -54.64 25.75 -53.45
C GLU B 68 -55.12 25.95 -54.88
N GLN B 75 -63.57 25.20 -53.28
CA GLN B 75 -62.37 25.95 -52.94
C GLN B 75 -61.71 25.39 -51.69
N THR B 76 -60.39 25.20 -51.74
CA THR B 76 -59.62 24.66 -50.64
C THR B 76 -58.49 25.62 -50.28
N TYR B 77 -58.00 25.47 -49.05
CA TYR B 77 -56.92 26.30 -48.53
C TYR B 77 -55.78 25.43 -48.03
N LYS B 78 -54.61 26.02 -47.89
CA LYS B 78 -53.42 25.33 -47.41
C LYS B 78 -52.71 26.19 -46.40
N VAL B 79 -52.31 25.60 -45.28
CA VAL B 79 -51.58 26.29 -44.22
C VAL B 79 -50.37 25.45 -43.83
N ILE B 80 -49.22 26.10 -43.70
CA ILE B 80 -47.98 25.43 -43.35
C ILE B 80 -47.35 26.14 -42.15
N SER B 81 -46.80 25.35 -41.23
CA SER B 81 -46.14 25.87 -40.04
C SER B 81 -44.74 25.30 -39.93
N THR B 82 -43.81 26.12 -39.42
CA THR B 82 -42.41 25.75 -39.31
C THR B 82 -41.99 25.84 -37.85
N LEU B 83 -41.39 24.77 -37.34
CA LEU B 83 -40.86 24.71 -35.98
C LEU B 83 -39.37 24.45 -36.02
N THR B 84 -38.60 25.29 -35.34
CA THR B 84 -37.15 25.13 -35.31
C THR B 84 -36.76 24.14 -34.21
N ILE B 85 -35.99 23.12 -34.59
CA ILE B 85 -35.53 22.09 -33.67
C ILE B 85 -34.03 21.91 -33.84
N SER B 86 -33.41 21.32 -32.83
CA SER B 86 -31.99 21.02 -32.83
C SER B 86 -31.77 19.53 -33.06
N GLU B 87 -30.57 19.19 -33.54
CA GLU B 87 -30.25 17.79 -33.81
C GLU B 87 -30.25 16.96 -32.54
N ILE B 88 -29.72 17.50 -31.45
CA ILE B 88 -29.64 16.75 -30.20
C ILE B 88 -31.03 16.44 -29.65
N ASP B 89 -31.94 17.42 -29.72
CA ASP B 89 -33.28 17.20 -29.19
C ASP B 89 -34.04 16.16 -30.00
N TRP B 90 -33.91 16.19 -31.33
CA TRP B 90 -34.61 15.22 -32.16
C TRP B 90 -34.13 13.80 -31.90
N LEU B 91 -32.82 13.62 -31.75
CA LEU B 91 -32.26 12.30 -31.50
C LEU B 91 -32.49 11.80 -30.07
N ASN B 92 -32.99 12.67 -29.18
CA ASN B 92 -33.26 12.29 -27.80
C ASN B 92 -34.61 11.59 -27.64
N LEU B 93 -35.23 11.17 -28.74
CA LEU B 93 -36.52 10.48 -28.72
C LEU B 93 -37.62 11.33 -28.09
N ASN B 94 -37.51 12.64 -28.22
CA ASN B 94 -38.55 13.53 -27.72
C ASN B 94 -39.78 13.44 -28.61
N VAL B 95 -40.95 13.56 -27.99
CA VAL B 95 -42.23 13.44 -28.69
C VAL B 95 -42.68 14.83 -29.11
N TYR B 96 -42.90 15.01 -30.41
CA TYR B 96 -43.40 16.26 -30.97
C TYR B 96 -44.79 16.03 -31.55
N THR B 97 -45.73 16.89 -31.16
CA THR B 97 -47.12 16.76 -31.57
C THR B 97 -47.59 18.06 -32.20
N CYS B 98 -48.22 17.95 -33.37
CA CYS B 98 -48.82 19.11 -34.05
C CYS B 98 -50.30 19.16 -33.68
N ARG B 99 -50.71 20.28 -33.11
CA ARG B 99 -52.09 20.47 -32.68
C ARG B 99 -52.81 21.36 -33.68
N VAL B 100 -53.93 20.87 -34.22
CA VAL B 100 -54.75 21.61 -35.17
C VAL B 100 -56.16 21.74 -34.59
N ASP B 101 -56.64 22.96 -34.52
CA ASP B 101 -57.99 23.25 -34.03
C ASP B 101 -58.83 23.78 -35.19
N HIS B 102 -59.98 23.16 -35.43
CA HIS B 102 -60.82 23.51 -36.55
C HIS B 102 -62.26 23.13 -36.23
N ARG B 103 -63.16 24.12 -36.25
CA ARG B 103 -64.58 23.92 -35.99
C ARG B 103 -64.82 23.24 -34.64
N GLY B 104 -64.03 23.61 -33.64
CA GLY B 104 -64.17 23.07 -32.32
C GLY B 104 -63.57 21.69 -32.11
N LEU B 105 -62.88 21.15 -33.11
CA LEU B 105 -62.27 19.84 -33.01
C LEU B 105 -60.76 19.97 -32.96
N THR B 106 -60.12 19.13 -32.14
CA THR B 106 -58.68 19.14 -31.96
C THR B 106 -58.09 17.84 -32.47
N PHE B 107 -57.07 17.94 -33.32
CA PHE B 107 -56.40 16.79 -33.89
C PHE B 107 -54.95 16.77 -33.42
N LEU B 108 -54.48 15.63 -32.96
CA LEU B 108 -53.13 15.46 -32.46
C LEU B 108 -52.45 14.33 -33.20
N LYS B 109 -51.24 14.59 -33.71
CA LYS B 109 -50.44 13.60 -34.41
C LYS B 109 -49.08 13.49 -33.73
N ASN B 110 -48.71 12.26 -33.37
CA ASN B 110 -47.45 12.00 -32.68
C ASN B 110 -46.49 11.27 -33.62
N VAL B 111 -45.24 11.73 -33.64
CA VAL B 111 -44.20 11.14 -34.48
C VAL B 111 -42.97 10.89 -33.63
N SER B 112 -42.12 9.98 -34.11
CA SER B 112 -40.89 9.63 -33.44
C SER B 112 -39.87 9.15 -34.48
N SER B 113 -38.71 8.74 -34.00
CA SER B 113 -37.66 8.26 -34.90
C SER B 113 -38.09 6.94 -35.53
N THR B 114 -37.94 6.85 -36.85
CA THR B 114 -38.32 5.63 -37.56
C THR B 114 -37.34 4.50 -37.28
N CYS B 115 -36.04 4.80 -37.28
CA CYS B 115 -35.03 3.77 -37.06
C CYS B 115 -34.98 3.30 -35.61
N ALA B 116 -35.62 4.01 -34.69
CA ALA B 116 -35.65 3.61 -33.29
C ALA B 116 -36.58 2.43 -33.07
N GLU C 1 -104.08 81.44 -66.28
CA GLU C 1 -103.17 80.32 -66.11
C GLU C 1 -101.77 80.64 -66.64
N ILE C 2 -100.85 80.92 -65.72
CA ILE C 2 -99.47 81.24 -66.06
C ILE C 2 -98.62 80.02 -65.77
N VAL C 3 -98.04 79.44 -66.83
CA VAL C 3 -97.19 78.27 -66.70
C VAL C 3 -95.76 78.72 -66.43
N LEU C 4 -95.17 78.21 -65.36
CA LEU C 4 -93.80 78.53 -64.98
C LEU C 4 -92.94 77.28 -65.13
N THR C 5 -91.88 77.38 -65.95
CA THR C 5 -90.96 76.28 -66.18
C THR C 5 -89.56 76.73 -65.81
N GLN C 6 -88.86 75.93 -65.00
CA GLN C 6 -87.51 76.23 -64.56
C GLN C 6 -86.54 75.21 -65.14
N SER C 7 -85.44 75.69 -65.69
CA SER C 7 -84.42 74.83 -66.28
C SER C 7 -83.05 75.41 -65.96
N PRO C 8 -82.02 74.57 -65.78
CA PRO C 8 -82.05 73.09 -65.81
C PRO C 8 -82.62 72.49 -64.54
N GLY C 9 -83.10 71.26 -64.59
CA GLY C 9 -83.65 70.64 -63.39
C GLY C 9 -82.61 70.40 -62.32
N THR C 10 -81.44 69.90 -62.70
CA THR C 10 -80.35 69.64 -61.77
C THR C 10 -79.08 70.27 -62.31
N LEU C 11 -78.37 71.00 -61.46
CA LEU C 11 -77.10 71.64 -61.82
C LEU C 11 -76.09 71.39 -60.72
N SER C 12 -74.84 71.16 -61.11
CA SER C 12 -73.76 70.88 -60.18
C SER C 12 -72.86 72.11 -60.07
N LEU C 13 -72.82 72.70 -58.88
CA LEU C 13 -72.02 73.88 -58.60
C LEU C 13 -71.00 73.56 -57.51
N SER C 14 -70.01 74.44 -57.37
CA SER C 14 -68.99 74.31 -56.36
C SER C 14 -69.11 75.43 -55.33
N PRO C 15 -68.71 75.18 -54.08
CA PRO C 15 -68.78 76.24 -53.06
C PRO C 15 -67.91 77.43 -53.44
N GLY C 16 -68.42 78.63 -53.15
CA GLY C 16 -67.71 79.85 -53.44
C GLY C 16 -67.96 80.42 -54.82
N GLU C 17 -68.53 79.64 -55.73
CA GLU C 17 -68.80 80.09 -57.09
C GLU C 17 -70.15 80.79 -57.15
N ARG C 18 -70.53 81.24 -58.35
CA ARG C 18 -71.79 81.92 -58.58
C ARG C 18 -72.78 80.98 -59.25
N ALA C 19 -74.02 81.01 -58.78
CA ALA C 19 -75.10 80.18 -59.32
C ALA C 19 -76.20 81.07 -59.86
N THR C 20 -76.67 80.78 -61.07
CA THR C 20 -77.71 81.55 -61.73
C THR C 20 -78.90 80.65 -61.99
N LEU C 21 -80.06 81.02 -61.45
CA LEU C 21 -81.29 80.25 -61.61
C LEU C 21 -82.22 80.98 -62.58
N SER C 22 -82.74 80.25 -63.55
CA SER C 22 -83.60 80.82 -64.58
C SER C 22 -85.06 80.47 -64.29
N CYS C 23 -85.94 81.45 -64.51
CA CYS C 23 -87.37 81.28 -64.31
C CYS C 23 -88.09 81.76 -65.57
N ARG C 24 -88.79 80.84 -66.24
CA ARG C 24 -89.48 81.14 -67.49
C ARG C 24 -90.97 81.19 -67.24
N ALA C 25 -91.61 82.26 -67.70
CA ALA C 25 -93.05 82.43 -67.59
C ALA C 25 -93.71 82.33 -68.96
N SER C 26 -94.93 81.81 -68.98
CA SER C 26 -95.66 81.64 -70.24
C SER C 26 -96.22 82.96 -70.78
N GLU C 27 -96.24 84.01 -69.98
CA GLU C 27 -96.75 85.31 -70.41
C GLU C 27 -96.21 86.37 -69.48
N THR C 28 -96.38 87.63 -69.90
CA THR C 28 -95.91 88.76 -69.09
C THR C 28 -96.68 88.84 -67.78
N VAL C 29 -95.98 89.27 -66.74
CA VAL C 29 -96.54 89.43 -65.41
C VAL C 29 -96.69 90.92 -65.11
N SER C 30 -97.88 91.34 -64.71
CA SER C 30 -98.14 92.73 -64.42
C SER C 30 -97.33 93.20 -63.22
N ASN C 31 -96.71 94.38 -63.35
CA ASN C 31 -95.94 95.03 -62.30
C ASN C 31 -94.73 94.20 -61.84
N ASP C 32 -94.34 93.18 -62.61
CA ASP C 32 -93.20 92.33 -62.28
C ASP C 32 -93.30 91.74 -60.88
N LYS C 33 -94.52 91.30 -60.53
CA LYS C 33 -94.79 90.74 -59.20
C LYS C 33 -94.38 89.27 -59.20
N VAL C 34 -93.07 89.05 -59.10
CA VAL C 34 -92.48 87.71 -59.06
C VAL C 34 -91.63 87.61 -57.80
N ALA C 35 -91.80 86.50 -57.07
CA ALA C 35 -91.08 86.28 -55.83
C ALA C 35 -90.39 84.93 -55.88
N TRP C 36 -89.33 84.79 -55.06
CA TRP C 36 -88.55 83.58 -54.98
C TRP C 36 -88.68 82.98 -53.59
N TYR C 37 -88.68 81.65 -53.52
CA TYR C 37 -88.82 80.93 -52.26
C TYR C 37 -87.71 79.90 -52.13
N GLN C 38 -87.31 79.63 -50.89
CA GLN C 38 -86.30 78.63 -50.58
C GLN C 38 -86.93 77.55 -49.70
N GLN C 39 -86.75 76.29 -50.10
CA GLN C 39 -87.32 75.16 -49.38
C GLN C 39 -86.24 74.12 -49.14
N LYS C 40 -86.13 73.67 -47.89
CA LYS C 40 -85.23 72.60 -47.49
C LYS C 40 -86.03 71.35 -47.15
N PRO C 41 -85.58 70.17 -47.59
CA PRO C 41 -86.30 68.94 -47.26
C PRO C 41 -86.39 68.74 -45.75
N GLY C 42 -87.54 68.28 -45.31
CA GLY C 42 -87.81 68.13 -43.88
C GLY C 42 -88.43 69.34 -43.22
N GLN C 43 -87.82 70.50 -43.40
CA GLN C 43 -88.32 71.73 -42.81
C GLN C 43 -89.36 72.35 -43.74
N ALA C 44 -89.77 73.60 -43.44
CA ALA C 44 -90.77 74.34 -44.19
C ALA C 44 -90.11 75.36 -45.11
N PRO C 45 -90.74 75.70 -46.23
CA PRO C 45 -90.16 76.70 -47.13
C PRO C 45 -90.12 78.07 -46.46
N ARG C 46 -89.13 78.87 -46.86
CA ARG C 46 -88.93 80.20 -46.33
C ARG C 46 -88.81 81.21 -47.47
N LEU C 47 -89.43 82.38 -47.29
CA LEU C 47 -89.37 83.43 -48.29
C LEU C 47 -88.02 84.13 -48.25
N LEU C 48 -87.48 84.43 -49.42
CA LEU C 48 -86.21 85.15 -49.54
C LEU C 48 -86.37 86.54 -50.11
N ILE C 49 -86.93 86.67 -51.32
CA ILE C 49 -87.08 87.95 -52.00
C ILE C 49 -88.51 88.07 -52.50
N TYR C 50 -89.13 89.22 -52.26
CA TYR C 50 -90.47 89.52 -52.73
C TYR C 50 -90.41 90.64 -53.76
N GLY C 51 -91.18 90.50 -54.83
CA GLY C 51 -91.17 91.49 -55.90
C GLY C 51 -89.96 91.43 -56.80
N ALA C 52 -89.11 90.41 -56.66
CA ALA C 52 -87.93 90.14 -57.46
C ALA C 52 -86.82 91.18 -57.26
N SER C 53 -87.04 92.21 -56.45
CA SER C 53 -86.01 93.22 -56.22
C SER C 53 -85.83 93.63 -54.77
N SER C 54 -86.76 93.31 -53.87
CA SER C 54 -86.67 93.71 -52.46
C SER C 54 -86.53 92.45 -51.60
N ARG C 55 -85.48 92.41 -50.80
CA ARG C 55 -85.27 91.31 -49.88
C ARG C 55 -86.16 91.46 -48.64
N ALA C 56 -86.34 90.36 -47.92
CA ALA C 56 -87.17 90.33 -46.73
C ALA C 56 -86.30 90.40 -45.48
N THR C 57 -86.97 90.46 -44.33
CA THR C 57 -86.27 90.54 -43.05
C THR C 57 -85.60 89.20 -42.73
N GLY C 58 -84.35 89.25 -42.31
CA GLY C 58 -83.62 88.04 -41.98
C GLY C 58 -83.08 87.30 -43.18
N ILE C 59 -82.85 87.99 -44.30
CA ILE C 59 -82.31 87.40 -45.51
C ILE C 59 -80.99 88.06 -45.81
N PRO C 60 -79.91 87.30 -46.06
CA PRO C 60 -78.62 87.92 -46.33
C PRO C 60 -78.64 88.72 -47.63
N ASP C 61 -77.74 89.71 -47.70
CA ASP C 61 -77.65 90.58 -48.86
C ASP C 61 -76.96 89.92 -50.05
N ARG C 62 -76.42 88.71 -49.88
CA ARG C 62 -75.76 88.02 -50.97
C ARG C 62 -76.72 87.54 -52.05
N PHE C 63 -78.02 87.53 -51.78
CA PHE C 63 -79.02 87.16 -52.77
C PHE C 63 -79.45 88.40 -53.55
N SER C 64 -79.34 88.35 -54.87
CA SER C 64 -79.68 89.46 -55.73
C SER C 64 -80.61 89.00 -56.84
N GLY C 65 -81.61 89.82 -57.16
CA GLY C 65 -82.55 89.52 -58.21
C GLY C 65 -82.52 90.58 -59.29
N SER C 66 -82.77 90.17 -60.52
CA SER C 66 -82.74 91.07 -61.66
C SER C 66 -83.65 90.53 -62.76
N GLY C 67 -83.93 91.38 -63.73
CA GLY C 67 -84.79 91.03 -64.85
C GLY C 67 -86.22 91.49 -64.65
N SER C 68 -86.96 91.49 -65.76
CA SER C 68 -88.35 91.91 -65.74
C SER C 68 -89.05 91.31 -66.96
N GLY C 69 -90.37 91.41 -66.97
CA GLY C 69 -91.17 90.90 -68.06
C GLY C 69 -91.37 89.39 -68.00
N THR C 70 -90.72 88.67 -68.91
CA THR C 70 -90.83 87.21 -68.97
C THR C 70 -89.50 86.52 -68.68
N ASP C 71 -88.46 87.27 -68.35
CA ASP C 71 -87.15 86.71 -68.06
C ASP C 71 -86.70 87.18 -66.68
N PHE C 72 -86.41 86.22 -65.80
CA PHE C 72 -85.94 86.52 -64.45
C PHE C 72 -84.77 85.61 -64.11
N THR C 73 -83.74 86.20 -63.50
CA THR C 73 -82.54 85.47 -63.12
C THR C 73 -82.20 85.76 -61.67
N LEU C 74 -81.88 84.73 -60.91
CA LEU C 74 -81.51 84.84 -59.51
C LEU C 74 -80.02 84.55 -59.36
N SER C 75 -79.26 85.55 -58.93
CA SER C 75 -77.82 85.43 -58.76
C SER C 75 -77.48 85.43 -57.27
N ILE C 76 -76.63 84.50 -56.86
CA ILE C 76 -76.22 84.36 -55.47
C ILE C 76 -74.69 84.39 -55.43
N SER C 77 -74.14 85.33 -54.66
CA SER C 77 -72.70 85.46 -54.49
C SER C 77 -72.26 84.77 -53.20
N GLY C 78 -71.18 84.02 -53.28
CA GLY C 78 -70.68 83.31 -52.12
C GLY C 78 -71.55 82.11 -51.76
N LEU C 79 -71.58 81.12 -52.64
CA LEU C 79 -72.40 79.93 -52.41
C LEU C 79 -71.92 79.18 -51.17
N GLU C 80 -72.87 78.77 -50.33
CA GLU C 80 -72.59 78.08 -49.09
C GLU C 80 -73.10 76.64 -49.14
N PRO C 81 -72.51 75.73 -48.35
CA PRO C 81 -73.00 74.34 -48.34
C PRO C 81 -74.46 74.23 -47.92
N GLU C 82 -74.92 75.09 -47.01
CA GLU C 82 -76.31 75.06 -46.57
C GLU C 82 -77.28 75.55 -47.65
N ASP C 83 -76.79 76.17 -48.71
CA ASP C 83 -77.64 76.70 -49.77
C ASP C 83 -77.96 75.68 -50.86
N PHE C 84 -77.44 74.46 -50.75
CA PHE C 84 -77.70 73.42 -51.75
C PHE C 84 -79.08 72.79 -51.48
N VAL C 85 -80.12 73.56 -51.76
CA VAL C 85 -81.50 73.15 -51.60
C VAL C 85 -82.26 73.47 -52.88
N VAL C 86 -83.55 73.18 -52.87
CA VAL C 86 -84.43 73.42 -54.02
C VAL C 86 -85.00 74.83 -53.91
N TYR C 87 -85.03 75.53 -55.03
CA TYR C 87 -85.54 76.90 -55.10
C TYR C 87 -86.67 76.98 -56.09
N TYR C 88 -87.73 77.71 -55.72
CA TYR C 88 -88.91 77.88 -56.56
C TYR C 88 -89.16 79.37 -56.81
N CYS C 89 -89.57 79.70 -58.02
CA CYS C 89 -90.01 81.04 -58.37
C CYS C 89 -91.52 81.05 -58.53
N GLN C 90 -92.16 82.07 -57.96
CA GLN C 90 -93.61 82.16 -57.94
C GLN C 90 -94.04 83.61 -58.14
N GLN C 91 -95.11 83.80 -58.90
CA GLN C 91 -95.67 85.12 -59.14
C GLN C 91 -97.04 85.23 -58.48
N TYR C 92 -97.32 86.39 -57.89
CA TYR C 92 -98.57 86.62 -57.16
C TYR C 92 -99.45 87.66 -57.84
N ALA C 93 -99.23 87.90 -59.13
CA ALA C 93 -100.06 88.83 -59.91
C ALA C 93 -101.12 88.11 -60.73
N SER C 94 -101.28 86.80 -60.55
CA SER C 94 -102.23 86.02 -61.36
C SER C 94 -103.62 85.97 -60.71
N SER C 95 -103.70 85.54 -59.45
CA SER C 95 -104.95 85.56 -58.70
C SER C 95 -106.04 84.74 -59.40
N PRO C 96 -105.97 83.39 -59.36
CA PRO C 96 -105.12 82.54 -58.52
C PRO C 96 -103.68 82.40 -59.00
N ARG C 97 -102.75 82.17 -58.08
CA ARG C 97 -101.34 82.11 -58.38
C ARG C 97 -100.92 80.69 -58.77
N THR C 98 -99.74 80.58 -59.38
CA THR C 98 -99.19 79.31 -59.80
C THR C 98 -97.74 79.19 -59.35
N PHE C 99 -97.27 77.96 -59.20
CA PHE C 99 -95.92 77.67 -58.76
C PHE C 99 -95.16 76.95 -59.86
N GLY C 100 -93.83 77.16 -59.88
CA GLY C 100 -92.98 76.54 -60.87
C GLY C 100 -92.52 75.14 -60.46
N GLN C 101 -91.81 74.50 -61.39
CA GLN C 101 -91.32 73.14 -61.13
C GLN C 101 -90.19 73.12 -60.11
N GLY C 102 -89.34 74.13 -60.11
CA GLY C 102 -88.25 74.18 -59.15
C GLY C 102 -86.97 73.55 -59.70
N THR C 103 -85.84 74.04 -59.21
CA THR C 103 -84.53 73.57 -59.60
C THR C 103 -83.73 73.16 -58.38
N LYS C 104 -82.97 72.08 -58.50
CA LYS C 104 -82.15 71.55 -57.42
C LYS C 104 -80.69 71.72 -57.76
N VAL C 105 -79.92 72.21 -56.79
CA VAL C 105 -78.48 72.45 -56.95
C VAL C 105 -77.73 71.46 -56.07
N GLU C 106 -76.71 70.83 -56.64
CA GLU C 106 -75.92 69.82 -55.96
C GLU C 106 -74.45 70.20 -55.97
N ILE C 107 -73.71 69.63 -55.01
CA ILE C 107 -72.28 69.89 -54.88
C ILE C 107 -71.53 69.08 -55.93
N LYS C 108 -70.67 69.74 -56.69
CA LYS C 108 -69.89 69.05 -57.72
C LYS C 108 -68.81 68.20 -57.08
N ARG C 109 -68.69 66.96 -57.54
CA ARG C 109 -67.71 66.02 -57.01
C ARG C 109 -67.18 65.16 -58.16
N THR C 110 -66.13 64.40 -57.88
CA THR C 110 -65.54 63.53 -58.88
C THR C 110 -66.37 62.26 -59.05
N VAL C 111 -66.14 61.57 -60.17
CA VAL C 111 -66.87 60.35 -60.48
C VAL C 111 -66.29 59.20 -59.66
N ALA C 112 -67.16 58.48 -58.96
CA ALA C 112 -66.77 57.34 -58.13
C ALA C 112 -67.53 56.11 -58.60
N ALA C 113 -66.82 54.99 -58.70
CA ALA C 113 -67.44 53.76 -59.15
C ALA C 113 -68.46 53.27 -58.13
N PRO C 114 -69.65 52.88 -58.57
CA PRO C 114 -70.67 52.40 -57.62
C PRO C 114 -70.45 50.95 -57.22
N SER C 115 -71.09 50.57 -56.13
CA SER C 115 -71.09 49.20 -55.63
C SER C 115 -72.47 48.60 -55.84
N VAL C 116 -72.52 47.41 -56.42
CA VAL C 116 -73.77 46.73 -56.76
C VAL C 116 -73.88 45.46 -55.92
N PHE C 117 -75.00 45.32 -55.22
CA PHE C 117 -75.29 44.14 -54.43
C PHE C 117 -76.74 43.74 -54.65
N ILE C 118 -76.98 42.43 -54.75
CA ILE C 118 -78.31 41.89 -54.97
C ILE C 118 -78.60 40.85 -53.89
N PHE C 119 -79.77 40.96 -53.27
CA PHE C 119 -80.18 40.04 -52.22
C PHE C 119 -81.38 39.23 -52.69
N PRO C 120 -81.27 37.90 -52.81
CA PRO C 120 -82.43 37.11 -53.21
C PRO C 120 -83.49 37.12 -52.13
N PRO C 121 -84.76 36.96 -52.49
CA PRO C 121 -85.82 36.95 -51.48
C PRO C 121 -85.66 35.80 -50.50
N SER C 122 -86.05 36.05 -49.25
CA SER C 122 -85.93 35.05 -48.21
C SER C 122 -87.00 33.97 -48.37
N ASP C 123 -86.74 32.81 -47.76
CA ASP C 123 -87.70 31.71 -47.80
C ASP C 123 -89.00 32.08 -47.09
N GLU C 124 -88.89 32.80 -45.97
CA GLU C 124 -90.09 33.22 -45.25
C GLU C 124 -90.96 34.14 -46.09
N GLN C 125 -90.34 35.07 -46.82
CA GLN C 125 -91.09 35.98 -47.68
C GLN C 125 -91.80 35.24 -48.81
N LEU C 126 -91.19 34.17 -49.32
CA LEU C 126 -91.83 33.39 -50.37
C LEU C 126 -93.12 32.75 -49.90
N LYS C 127 -93.20 32.40 -48.62
CA LYS C 127 -94.41 31.81 -48.07
C LYS C 127 -95.59 32.77 -48.12
N SER C 128 -95.34 34.08 -48.17
CA SER C 128 -96.40 35.06 -48.25
C SER C 128 -96.93 35.25 -49.66
N GLY C 129 -96.33 34.61 -50.66
CA GLY C 129 -96.76 34.73 -52.03
C GLY C 129 -96.15 35.87 -52.82
N THR C 130 -95.29 36.67 -52.20
CA THR C 130 -94.64 37.80 -52.87
C THR C 130 -93.13 37.63 -52.78
N ALA C 131 -92.46 37.83 -53.90
CA ALA C 131 -91.00 37.75 -53.98
C ALA C 131 -90.45 39.12 -54.34
N SER C 132 -89.45 39.58 -53.58
CA SER C 132 -88.85 40.89 -53.78
C SER C 132 -87.35 40.73 -53.98
N VAL C 133 -86.87 41.12 -55.16
CA VAL C 133 -85.45 41.12 -55.50
C VAL C 133 -84.97 42.57 -55.52
N VAL C 134 -83.89 42.85 -54.81
CA VAL C 134 -83.39 44.21 -54.65
C VAL C 134 -82.10 44.38 -55.44
N CYS C 135 -81.85 45.62 -55.86
CA CYS C 135 -80.63 45.99 -56.59
C CYS C 135 -80.16 47.31 -56.01
N LEU C 136 -79.06 47.28 -55.28
CA LEU C 136 -78.59 48.43 -54.51
C LEU C 136 -77.38 49.07 -55.18
N LEU C 137 -77.44 50.38 -55.37
CA LEU C 137 -76.34 51.17 -55.91
C LEU C 137 -75.93 52.21 -54.88
N ASN C 138 -74.64 52.20 -54.53
CA ASN C 138 -74.11 53.10 -53.51
C ASN C 138 -72.83 53.76 -54.00
N ASN C 139 -72.62 55.01 -53.57
CA ASN C 139 -71.39 55.76 -53.85
C ASN C 139 -71.14 55.90 -55.35
N PHE C 140 -72.07 56.59 -56.01
CA PHE C 140 -71.94 56.89 -57.43
C PHE C 140 -72.20 58.37 -57.67
N TYR C 141 -71.65 58.88 -58.77
CA TYR C 141 -71.82 60.28 -59.15
C TYR C 141 -71.62 60.38 -60.65
N PRO C 142 -72.47 61.13 -61.37
CA PRO C 142 -73.59 61.95 -60.90
C PRO C 142 -74.82 61.13 -60.52
N ARG C 143 -75.90 61.82 -60.11
CA ARG C 143 -77.11 61.13 -59.70
C ARG C 143 -77.73 60.35 -60.86
N GLU C 144 -77.56 60.82 -62.09
CA GLU C 144 -78.14 60.16 -63.25
C GLU C 144 -77.51 58.78 -63.44
N ALA C 145 -78.35 57.75 -63.46
CA ALA C 145 -77.88 56.38 -63.64
C ALA C 145 -79.03 55.54 -64.19
N LYS C 146 -78.68 54.52 -64.96
CA LYS C 146 -79.65 53.62 -65.58
C LYS C 146 -79.59 52.27 -64.89
N VAL C 147 -80.74 51.78 -64.45
CA VAL C 147 -80.87 50.48 -63.80
C VAL C 147 -81.91 49.69 -64.58
N GLN C 148 -81.49 48.59 -65.20
CA GLN C 148 -82.36 47.73 -65.99
C GLN C 148 -82.35 46.33 -65.43
N TRP C 149 -83.53 45.71 -65.40
CA TRP C 149 -83.69 44.34 -64.91
C TRP C 149 -83.76 43.39 -66.10
N LYS C 150 -82.96 42.33 -66.06
CA LYS C 150 -82.93 41.32 -67.11
C LYS C 150 -82.98 39.95 -66.47
N VAL C 151 -84.06 39.21 -66.74
CA VAL C 151 -84.24 37.86 -66.22
C VAL C 151 -84.53 36.94 -67.40
N ASP C 152 -83.76 35.86 -67.52
CA ASP C 152 -83.89 34.89 -68.61
C ASP C 152 -83.80 35.59 -69.97
N ASN C 153 -82.89 36.55 -70.07
CA ASN C 153 -82.61 37.33 -71.27
C ASN C 153 -83.81 38.17 -71.71
N ALA C 154 -84.85 38.26 -70.88
CA ALA C 154 -86.04 39.06 -71.19
C ALA C 154 -85.99 40.35 -70.38
N LEU C 155 -85.99 41.49 -71.06
CA LEU C 155 -85.96 42.77 -70.37
C LEU C 155 -87.33 43.09 -69.80
N GLN C 156 -87.36 43.46 -68.53
CA GLN C 156 -88.61 43.81 -67.86
C GLN C 156 -88.91 45.30 -68.00
N SER C 157 -90.20 45.63 -67.92
CA SER C 157 -90.64 47.01 -68.04
C SER C 157 -92.00 47.16 -67.39
N GLY C 158 -92.25 48.35 -66.85
CA GLY C 158 -93.53 48.63 -66.22
C GLY C 158 -93.70 48.00 -64.86
N ASN C 159 -92.62 47.55 -64.23
CA ASN C 159 -92.72 46.91 -62.92
C ASN C 159 -91.61 47.35 -61.97
N SER C 160 -91.02 48.53 -62.18
CA SER C 160 -89.97 49.05 -61.33
C SER C 160 -90.30 50.48 -60.96
N GLN C 161 -90.43 50.75 -59.67
CA GLN C 161 -90.75 52.09 -59.19
C GLN C 161 -89.49 52.95 -59.09
N GLU C 162 -88.52 52.50 -58.28
CA GLU C 162 -87.18 53.06 -58.15
C GLU C 162 -87.16 54.14 -57.07
N SER C 163 -86.36 53.94 -56.03
CA SER C 163 -86.23 54.88 -54.93
C SER C 163 -84.78 55.35 -54.85
N VAL C 164 -84.59 56.66 -54.70
CA VAL C 164 -83.27 57.27 -54.68
C VAL C 164 -83.16 58.16 -53.46
N THR C 165 -82.04 58.07 -52.74
CA THR C 165 -81.81 58.86 -51.55
C THR C 165 -81.27 60.25 -51.92
N GLU C 166 -81.17 61.10 -50.91
CA GLU C 166 -80.63 62.45 -51.08
C GLU C 166 -79.11 62.42 -51.03
N GLN C 167 -78.51 63.58 -51.32
CA GLN C 167 -77.06 63.70 -51.30
C GLN C 167 -76.53 63.56 -49.88
N ASP C 168 -75.44 62.81 -49.75
CA ASP C 168 -74.83 62.61 -48.43
C ASP C 168 -74.23 63.92 -47.92
N SER C 169 -74.41 64.16 -46.61
CA SER C 169 -73.92 65.40 -46.02
C SER C 169 -72.39 65.41 -45.93
N LYS C 170 -71.79 64.25 -45.64
CA LYS C 170 -70.35 64.17 -45.46
C LYS C 170 -69.63 63.51 -46.64
N ASP C 171 -70.35 62.80 -47.50
CA ASP C 171 -69.74 62.13 -48.64
C ASP C 171 -70.09 62.74 -49.98
N SER C 172 -71.19 63.51 -50.05
CA SER C 172 -71.65 64.19 -51.26
C SER C 172 -72.01 63.21 -52.38
N THR C 173 -72.20 61.94 -52.07
CA THR C 173 -72.56 60.93 -53.04
C THR C 173 -74.08 60.69 -53.01
N TYR C 174 -74.53 59.78 -53.88
CA TYR C 174 -75.95 59.44 -53.98
C TYR C 174 -76.09 57.92 -53.92
N SER C 175 -77.27 57.49 -53.48
CA SER C 175 -77.60 56.07 -53.42
C SER C 175 -79.05 55.87 -53.86
N LEU C 176 -79.31 54.75 -54.50
CA LEU C 176 -80.65 54.40 -54.94
C LEU C 176 -80.86 52.90 -54.81
N SER C 177 -82.12 52.51 -54.67
CA SER C 177 -82.51 51.11 -54.54
C SER C 177 -83.57 50.77 -55.57
N SER C 178 -83.43 49.61 -56.20
CA SER C 178 -84.39 49.11 -57.17
C SER C 178 -84.95 47.79 -56.67
N THR C 179 -86.28 47.68 -56.64
CA THR C 179 -86.96 46.51 -56.12
C THR C 179 -87.71 45.82 -57.26
N LEU C 180 -87.53 44.50 -57.37
CA LEU C 180 -88.20 43.70 -58.38
C LEU C 180 -89.35 42.95 -57.73
N THR C 181 -90.57 43.20 -58.21
CA THR C 181 -91.77 42.58 -57.69
C THR C 181 -92.40 41.68 -58.75
N LEU C 182 -92.71 40.44 -58.36
CA LEU C 182 -93.30 39.49 -59.28
C LEU C 182 -94.08 38.45 -58.48
N SER C 183 -94.98 37.75 -59.17
CA SER C 183 -95.81 36.74 -58.53
C SER C 183 -94.95 35.55 -58.10
N LYS C 184 -95.44 34.85 -57.06
CA LYS C 184 -94.73 33.68 -56.56
C LYS C 184 -94.66 32.58 -57.62
N ALA C 185 -95.75 32.37 -58.36
CA ALA C 185 -95.74 31.37 -59.43
C ALA C 185 -94.76 31.74 -60.52
N ASP C 186 -94.70 33.03 -60.89
CA ASP C 186 -93.75 33.47 -61.90
C ASP C 186 -92.31 33.36 -61.39
N TYR C 187 -92.09 33.53 -60.09
CA TYR C 187 -90.75 33.42 -59.54
C TYR C 187 -90.19 32.01 -59.71
N GLU C 188 -91.02 30.99 -59.52
CA GLU C 188 -90.58 29.61 -59.67
C GLU C 188 -90.35 29.22 -61.12
N LYS C 189 -90.80 30.02 -62.08
CA LYS C 189 -90.61 29.75 -63.49
C LYS C 189 -89.36 30.39 -64.07
N HIS C 190 -88.57 31.09 -63.25
CA HIS C 190 -87.35 31.73 -63.69
C HIS C 190 -86.19 31.28 -62.80
N LYS C 191 -85.01 31.16 -63.41
CA LYS C 191 -83.83 30.65 -62.73
C LYS C 191 -82.87 31.74 -62.28
N VAL C 192 -82.45 32.60 -63.20
CA VAL C 192 -81.42 33.61 -62.94
C VAL C 192 -82.05 34.99 -62.99
N TYR C 193 -81.81 35.79 -61.96
CA TYR C 193 -82.27 37.18 -61.90
C TYR C 193 -81.06 38.08 -61.80
N ALA C 194 -81.00 39.10 -62.67
CA ALA C 194 -79.87 40.00 -62.72
C ALA C 194 -80.34 41.41 -63.05
N CYS C 195 -79.70 42.40 -62.43
CA CYS C 195 -79.94 43.80 -62.73
C CYS C 195 -78.66 44.41 -63.30
N GLU C 196 -78.81 45.14 -64.40
CA GLU C 196 -77.67 45.75 -65.10
C GLU C 196 -77.53 47.20 -64.66
N VAL C 197 -76.30 47.59 -64.32
CA VAL C 197 -75.99 48.94 -63.89
C VAL C 197 -74.99 49.55 -64.86
N THR C 198 -75.31 50.74 -65.36
CA THR C 198 -74.45 51.48 -66.27
C THR C 198 -74.01 52.77 -65.61
N HIS C 199 -72.71 53.04 -65.64
CA HIS C 199 -72.15 54.21 -65.00
C HIS C 199 -71.17 54.90 -65.95
N GLN C 200 -71.03 56.21 -65.79
CA GLN C 200 -70.13 56.97 -66.65
C GLN C 200 -68.67 56.61 -66.41
N GLY C 201 -68.31 56.28 -65.18
CA GLY C 201 -66.95 55.96 -64.81
C GLY C 201 -66.55 54.51 -65.03
N LEU C 202 -67.42 53.69 -65.59
CA LEU C 202 -67.13 52.28 -65.84
C LEU C 202 -66.94 52.07 -67.34
N SER C 203 -65.83 51.43 -67.71
CA SER C 203 -65.56 51.16 -69.12
C SER C 203 -66.58 50.20 -69.70
N SER C 204 -66.96 49.16 -68.94
CA SER C 204 -67.93 48.17 -69.39
C SER C 204 -68.96 47.94 -68.30
N PRO C 205 -70.19 47.62 -68.68
CA PRO C 205 -71.23 47.33 -67.68
C PRO C 205 -70.86 46.13 -66.82
N VAL C 206 -71.21 46.19 -65.54
CA VAL C 206 -71.00 45.12 -64.59
C VAL C 206 -72.35 44.50 -64.25
N THR C 207 -72.45 43.18 -64.37
CA THR C 207 -73.68 42.46 -64.11
C THR C 207 -73.47 41.45 -63.00
N LYS C 208 -74.43 41.38 -62.08
CA LYS C 208 -74.41 40.43 -60.97
C LYS C 208 -75.66 39.57 -61.03
N SER C 209 -75.50 38.29 -60.73
CA SER C 209 -76.60 37.34 -60.82
C SER C 209 -76.37 36.21 -59.83
N PHE C 210 -77.43 35.45 -59.58
CA PHE C 210 -77.39 34.35 -58.62
C PHE C 210 -78.19 33.18 -59.18
N ASN C 211 -77.92 31.99 -58.63
CA ASN C 211 -78.59 30.77 -59.04
C ASN C 211 -79.61 30.37 -57.98
N ARG C 212 -80.82 30.05 -58.42
CA ARG C 212 -81.88 29.66 -57.50
C ARG C 212 -81.52 28.37 -56.79
N GLY C 213 -81.75 28.34 -55.47
CA GLY C 213 -81.48 27.18 -54.66
C GLY C 213 -80.14 27.16 -53.98
N GLU C 214 -79.20 28.00 -54.42
CA GLU C 214 -77.88 28.08 -53.81
C GLU C 214 -77.78 29.19 -52.77
N CYS C 215 -78.87 29.86 -52.46
CA CYS C 215 -78.88 30.95 -51.49
C CYS C 215 -80.23 31.05 -50.78
N VAL D 2 -94.54 85.79 -35.15
CA VAL D 2 -95.55 85.22 -36.03
C VAL D 2 -95.24 83.75 -36.31
N THR D 3 -96.18 82.87 -35.99
CA THR D 3 -96.01 81.44 -36.21
C THR D 3 -97.36 80.82 -36.55
N LEU D 4 -97.32 79.70 -37.26
CA LEU D 4 -98.51 78.98 -37.67
C LEU D 4 -98.36 77.51 -37.33
N LYS D 5 -99.49 76.88 -36.99
CA LYS D 5 -99.51 75.46 -36.64
C LYS D 5 -100.68 74.79 -37.33
N GLU D 6 -100.43 73.64 -37.94
CA GLU D 6 -101.46 72.87 -38.63
C GLU D 6 -101.90 71.69 -37.77
N SER D 7 -103.08 71.16 -38.08
CA SER D 7 -103.63 70.04 -37.35
C SER D 7 -104.69 69.36 -38.20
N GLY D 8 -104.81 68.05 -38.05
CA GLY D 8 -105.79 67.27 -38.77
C GLY D 8 -105.54 65.78 -38.66
N PRO D 9 -106.43 64.97 -39.25
CA PRO D 9 -106.25 63.52 -39.21
C PRO D 9 -105.06 63.08 -40.04
N THR D 10 -104.32 62.11 -39.51
CA THR D 10 -103.15 61.57 -40.19
C THR D 10 -103.51 60.49 -41.20
N LEU D 11 -104.73 59.99 -41.20
CA LEU D 11 -105.14 58.93 -42.12
C LEU D 11 -106.59 59.16 -42.50
N VAL D 12 -106.86 59.21 -43.81
CA VAL D 12 -108.21 59.41 -44.33
C VAL D 12 -108.42 58.45 -45.49
N LYS D 13 -109.61 57.87 -45.56
CA LYS D 13 -109.95 56.95 -46.63
C LYS D 13 -110.32 57.72 -47.90
N PRO D 14 -110.11 57.11 -49.07
CA PRO D 14 -110.48 57.78 -50.32
C PRO D 14 -111.99 57.95 -50.44
N THR D 15 -112.37 58.98 -51.19
CA THR D 15 -113.77 59.35 -51.39
C THR D 15 -114.46 59.61 -50.05
N GLN D 16 -113.95 60.62 -49.35
CA GLN D 16 -114.45 60.98 -48.03
C GLN D 16 -114.28 62.50 -47.87
N THR D 17 -114.40 62.98 -46.64
CA THR D 17 -114.28 64.40 -46.33
C THR D 17 -113.04 64.64 -45.49
N LEU D 18 -112.17 65.53 -45.96
CA LEU D 18 -110.92 65.87 -45.29
C LEU D 18 -111.02 67.29 -44.76
N THR D 19 -110.72 67.46 -43.47
CA THR D 19 -110.79 68.76 -42.81
C THR D 19 -109.46 69.06 -42.14
N LEU D 20 -108.95 70.26 -42.38
CA LEU D 20 -107.70 70.72 -41.77
C LEU D 20 -107.91 72.11 -41.17
N THR D 21 -107.16 72.38 -40.09
CA THR D 21 -107.24 73.64 -39.39
C THR D 21 -105.84 74.26 -39.30
N CYS D 22 -105.74 75.53 -39.66
CA CYS D 22 -104.49 76.29 -39.58
C CYS D 22 -104.58 77.21 -38.38
N THR D 23 -103.86 76.87 -37.31
CA THR D 23 -103.90 77.61 -36.06
C THR D 23 -102.82 78.68 -36.07
N PHE D 24 -103.23 79.94 -35.96
CA PHE D 24 -102.31 81.06 -35.90
C PHE D 24 -102.73 82.00 -34.76
N SER D 25 -101.75 82.70 -34.20
CA SER D 25 -102.00 83.61 -33.09
C SER D 25 -100.96 84.72 -33.12
N GLY D 26 -101.41 85.95 -32.92
CA GLY D 26 -100.51 87.09 -32.90
C GLY D 26 -100.90 88.18 -33.88
N PHE D 27 -101.95 87.94 -34.67
CA PHE D 27 -102.40 88.90 -35.65
C PHE D 27 -103.87 88.64 -35.96
N SER D 28 -104.52 89.63 -36.56
CA SER D 28 -105.93 89.54 -36.92
C SER D 28 -106.08 89.93 -38.39
N LEU D 29 -107.03 89.26 -39.07
CA LEU D 29 -107.29 89.51 -40.49
C LEU D 29 -108.24 90.70 -40.67
N THR D 30 -107.77 91.87 -40.23
CA THR D 30 -108.52 93.11 -40.33
C THR D 30 -107.93 94.10 -41.32
N THR D 31 -106.61 94.21 -41.39
CA THR D 31 -105.98 95.13 -42.33
C THR D 31 -106.04 94.58 -43.75
N THR D 32 -106.03 95.49 -44.72
CA THR D 32 -106.07 95.10 -46.12
C THR D 32 -104.75 94.45 -46.54
N GLY D 33 -104.83 93.62 -47.57
CA GLY D 33 -103.68 92.90 -48.10
C GLY D 33 -103.40 91.57 -47.43
N GLU D 34 -103.66 91.49 -46.12
CA GLU D 34 -103.42 90.25 -45.39
C GLU D 34 -104.35 89.15 -45.89
N GLY D 35 -103.79 87.94 -46.01
CA GLY D 35 -104.56 86.81 -46.48
C GLY D 35 -103.90 85.50 -46.09
N VAL D 36 -104.65 84.42 -46.24
CA VAL D 36 -104.20 83.07 -45.90
C VAL D 36 -104.38 82.18 -47.12
N GLY D 37 -103.38 81.35 -47.38
CA GLY D 37 -103.44 80.43 -48.51
C GLY D 37 -102.89 79.07 -48.13
N TRP D 38 -103.31 78.07 -48.90
CA TRP D 38 -102.90 76.69 -48.70
C TRP D 38 -102.04 76.22 -49.86
N ILE D 39 -100.87 75.66 -49.55
CA ILE D 39 -99.95 75.14 -50.55
C ILE D 39 -99.57 73.72 -50.16
N ARG D 40 -99.75 72.79 -51.09
CA ARG D 40 -99.39 71.39 -50.88
C ARG D 40 -98.28 70.98 -51.83
N GLN D 41 -97.57 69.92 -51.46
CA GLN D 41 -96.46 69.43 -52.26
C GLN D 41 -96.34 67.92 -52.15
N PRO D 42 -96.72 67.18 -53.19
CA PRO D 42 -96.54 65.73 -53.15
C PRO D 42 -95.07 65.38 -53.10
N PRO D 43 -94.71 64.26 -52.48
CA PRO D 43 -93.30 63.86 -52.42
C PRO D 43 -92.70 63.69 -53.81
N GLY D 44 -91.57 64.33 -54.03
CA GLY D 44 -90.89 64.29 -55.32
C GLY D 44 -91.44 65.25 -56.35
N LYS D 45 -92.42 66.08 -56.00
CA LYS D 45 -93.02 67.04 -56.92
C LYS D 45 -92.84 68.45 -56.37
N ALA D 46 -93.38 69.42 -57.11
CA ALA D 46 -93.26 70.82 -56.75
C ALA D 46 -94.48 71.27 -55.95
N LEU D 47 -94.45 72.52 -55.51
CA LEU D 47 -95.56 73.09 -54.75
C LEU D 47 -96.79 73.24 -55.64
N GLU D 48 -97.96 73.06 -55.03
CA GLU D 48 -99.24 73.18 -55.72
C GLU D 48 -100.12 74.16 -54.96
N PHE D 49 -100.71 75.11 -55.69
CA PHE D 49 -101.58 76.12 -55.10
C PHE D 49 -103.02 75.64 -55.11
N LEU D 50 -103.65 75.63 -53.94
CA LEU D 50 -105.04 75.19 -53.80
C LEU D 50 -106.01 76.36 -53.86
N ALA D 51 -105.90 77.30 -52.94
CA ALA D 51 -106.81 78.44 -52.87
C ALA D 51 -106.20 79.53 -51.99
N PHE D 52 -106.76 80.73 -52.12
CA PHE D 52 -106.34 81.87 -51.32
C PHE D 52 -107.56 82.71 -50.99
N ILE D 53 -107.60 83.23 -49.77
CA ILE D 53 -108.72 84.03 -49.28
C ILE D 53 -108.18 85.37 -48.78
N TYR D 54 -108.77 86.46 -49.28
CA TYR D 54 -108.41 87.80 -48.85
C TYR D 54 -109.33 88.23 -47.71
N TRP D 55 -109.29 89.52 -47.36
CA TRP D 55 -110.13 90.05 -46.31
C TRP D 55 -111.55 90.25 -46.85
N ASN D 56 -112.42 90.84 -46.03
CA ASN D 56 -113.83 91.12 -46.37
C ASN D 56 -114.50 89.92 -47.04
N ASP D 57 -114.15 88.72 -46.57
CA ASP D 57 -114.73 87.46 -47.05
C ASP D 57 -114.55 87.30 -48.56
N ALA D 58 -113.40 87.72 -49.06
CA ALA D 58 -113.05 87.58 -50.47
C ALA D 58 -112.18 86.34 -50.63
N LYS D 59 -112.65 85.38 -51.43
CA LYS D 59 -111.95 84.12 -51.63
C LYS D 59 -111.71 83.88 -53.12
N ARG D 60 -110.59 83.23 -53.42
CA ARG D 60 -110.22 82.87 -54.78
C ARG D 60 -109.95 81.36 -54.84
N TYR D 61 -110.32 80.76 -55.97
CA TYR D 61 -110.17 79.32 -56.17
C TYR D 61 -109.45 79.06 -57.48
N ASN D 62 -108.81 77.90 -57.55
CA ASN D 62 -108.08 77.49 -58.74
C ASN D 62 -109.05 76.88 -59.75
N PRO D 63 -109.07 77.36 -61.00
CA PRO D 63 -109.97 76.77 -62.00
C PRO D 63 -109.75 75.28 -62.21
N SER D 64 -108.51 74.80 -62.10
CA SER D 64 -108.26 73.38 -62.23
C SER D 64 -108.91 72.57 -61.12
N LEU D 65 -109.14 73.18 -59.96
CA LEU D 65 -109.80 72.52 -58.84
C LEU D 65 -111.07 73.26 -58.42
N GLN D 66 -111.68 74.00 -59.33
CA GLN D 66 -112.88 74.76 -59.01
C GLN D 66 -114.05 73.83 -58.73
N SER D 67 -114.99 74.31 -57.91
CA SER D 67 -116.18 73.56 -57.50
C SER D 67 -115.81 72.26 -56.78
N ARG D 68 -114.65 72.25 -56.13
CA ARG D 68 -114.21 71.09 -55.37
C ARG D 68 -113.66 71.42 -53.99
N LEU D 69 -113.35 72.69 -53.71
CA LEU D 69 -112.83 73.11 -52.42
C LEU D 69 -113.68 74.26 -51.87
N THR D 70 -113.70 74.38 -50.54
CA THR D 70 -114.44 75.43 -49.87
C THR D 70 -113.54 76.09 -48.83
N ILE D 71 -113.63 77.41 -48.73
CA ILE D 71 -112.83 78.19 -47.79
C ILE D 71 -113.77 78.87 -46.81
N THR D 72 -113.55 78.64 -45.52
CA THR D 72 -114.34 79.25 -44.46
C THR D 72 -113.39 79.77 -43.38
N LYS D 73 -113.72 80.94 -42.84
CA LYS D 73 -112.92 81.56 -41.79
C LYS D 73 -113.80 81.89 -40.59
N ASP D 74 -113.21 81.81 -39.41
CA ASP D 74 -113.88 82.11 -38.16
C ASP D 74 -113.01 83.04 -37.34
N ALA D 75 -113.38 84.31 -37.26
CA ALA D 75 -112.60 85.29 -36.51
C ALA D 75 -112.62 85.01 -35.01
N SER D 76 -113.65 84.33 -34.50
CA SER D 76 -113.71 84.04 -33.07
C SER D 76 -112.57 83.13 -32.64
N LYS D 77 -112.32 82.06 -33.40
CA LYS D 77 -111.24 81.14 -33.09
C LYS D 77 -109.93 81.49 -33.79
N LYS D 78 -109.94 82.47 -34.69
CA LYS D 78 -108.75 82.92 -35.40
C LYS D 78 -108.04 81.76 -36.11
N GLN D 79 -108.83 80.98 -36.85
CA GLN D 79 -108.28 79.86 -37.60
C GLN D 79 -109.15 79.61 -38.83
N VAL D 80 -108.51 79.36 -39.97
CA VAL D 80 -109.21 79.08 -41.22
C VAL D 80 -109.47 77.58 -41.31
N VAL D 81 -110.65 77.22 -41.80
CA VAL D 81 -111.07 75.84 -41.93
C VAL D 81 -111.06 75.46 -43.41
N LEU D 82 -110.40 74.35 -43.73
CA LEU D 82 -110.31 73.86 -45.10
C LEU D 82 -111.02 72.52 -45.20
N THR D 83 -111.87 72.37 -46.21
CA THR D 83 -112.63 71.16 -46.45
C THR D 83 -112.26 70.60 -47.81
N LEU D 84 -111.91 69.31 -47.86
CA LEU D 84 -111.52 68.63 -49.09
C LEU D 84 -112.43 67.45 -49.31
N THR D 85 -113.02 67.37 -50.50
CA THR D 85 -113.91 66.29 -50.88
C THR D 85 -113.34 65.54 -52.08
N ASN D 86 -113.87 64.34 -52.31
CA ASN D 86 -113.44 63.47 -53.39
C ASN D 86 -111.94 63.17 -53.30
N LEU D 87 -111.55 62.60 -52.17
CA LEU D 87 -110.15 62.29 -51.92
C LEU D 87 -109.64 61.26 -52.92
N ASP D 88 -108.41 61.47 -53.40
CA ASP D 88 -107.77 60.59 -54.35
C ASP D 88 -106.36 60.25 -53.87
N PRO D 89 -105.92 59.00 -54.08
CA PRO D 89 -104.56 58.64 -53.63
C PRO D 89 -103.46 59.48 -54.25
N VAL D 90 -103.64 59.95 -55.49
CA VAL D 90 -102.63 60.78 -56.13
C VAL D 90 -102.54 62.17 -55.54
N ASP D 91 -103.53 62.58 -54.74
CA ASP D 91 -103.56 63.90 -54.12
C ASP D 91 -102.88 63.93 -52.77
N THR D 92 -102.28 62.82 -52.33
CA THR D 92 -101.62 62.79 -51.03
C THR D 92 -100.41 63.73 -51.02
N ALA D 93 -100.40 64.66 -50.07
CA ALA D 93 -99.34 65.65 -49.96
C ALA D 93 -99.43 66.28 -48.57
N THR D 94 -98.42 67.09 -48.25
CA THR D 94 -98.38 67.83 -47.00
C THR D 94 -98.88 69.25 -47.24
N TYR D 95 -99.82 69.69 -46.42
CA TYR D 95 -100.48 70.98 -46.61
C TYR D 95 -99.88 72.01 -45.66
N TYR D 96 -99.53 73.18 -46.20
CA TYR D 96 -98.96 74.27 -45.43
C TYR D 96 -99.82 75.52 -45.59
N CYS D 97 -99.85 76.34 -44.55
CA CYS D 97 -100.51 77.63 -44.57
C CYS D 97 -99.53 78.72 -44.19
N ALA D 98 -99.70 79.90 -44.80
CA ALA D 98 -98.78 81.01 -44.61
C ALA D 98 -99.56 82.31 -44.55
N ARG D 99 -98.93 83.35 -43.99
CA ARG D 99 -99.52 84.67 -43.85
C ARG D 99 -98.83 85.64 -44.79
N THR D 100 -99.61 86.46 -45.48
CA THR D 100 -99.08 87.47 -46.38
C THR D 100 -99.17 88.83 -45.68
N SER D 101 -98.02 89.47 -45.49
CA SER D 101 -97.95 90.74 -44.77
C SER D 101 -97.93 91.91 -45.77
N GLY D 102 -99.04 92.05 -46.48
CA GLY D 102 -99.23 93.15 -47.41
C GLY D 102 -99.53 92.64 -48.80
N TRP D 103 -99.27 93.51 -49.78
CA TRP D 103 -99.53 93.19 -51.19
C TRP D 103 -98.31 92.64 -51.91
N ASP D 104 -97.10 93.01 -51.48
CA ASP D 104 -95.86 92.56 -52.11
C ASP D 104 -95.18 91.44 -51.34
N ILE D 105 -95.23 91.49 -50.01
CA ILE D 105 -94.62 90.45 -49.18
C ILE D 105 -95.59 89.29 -49.05
N GLU D 106 -95.43 88.28 -49.90
CA GLU D 106 -96.34 87.12 -49.93
C GLU D 106 -95.69 85.94 -49.25
N PHE D 107 -96.43 85.31 -48.33
CA PHE D 107 -95.98 84.11 -47.62
C PHE D 107 -94.67 84.35 -46.87
N GLU D 108 -94.69 85.39 -46.02
CA GLU D 108 -93.48 85.74 -45.28
C GLU D 108 -93.20 84.74 -44.16
N TYR D 109 -94.23 84.20 -43.53
CA TYR D 109 -94.07 83.28 -42.41
C TYR D 109 -94.77 81.96 -42.75
N TRP D 110 -94.06 80.86 -42.55
CA TRP D 110 -94.58 79.52 -42.81
C TRP D 110 -94.62 78.71 -41.52
N GLY D 111 -95.60 77.81 -41.44
CA GLY D 111 -95.75 76.97 -40.27
C GLY D 111 -94.89 75.72 -40.32
N GLN D 112 -95.48 74.57 -39.97
CA GLN D 112 -94.78 73.30 -39.99
C GLN D 112 -95.42 72.25 -40.88
N GLY D 113 -96.74 72.28 -41.04
CA GLY D 113 -97.42 71.34 -41.90
C GLY D 113 -97.71 70.02 -41.21
N THR D 114 -98.47 69.18 -41.91
CA THR D 114 -98.83 67.87 -41.41
C THR D 114 -99.07 66.93 -42.59
N LEU D 115 -98.61 65.69 -42.45
CA LEU D 115 -98.74 64.70 -43.51
C LEU D 115 -100.14 64.09 -43.47
N VAL D 116 -100.86 64.18 -44.58
CA VAL D 116 -102.20 63.62 -44.71
C VAL D 116 -102.11 62.51 -45.76
N THR D 117 -102.13 61.26 -45.31
CA THR D 117 -102.01 60.11 -46.20
C THR D 117 -103.40 59.64 -46.60
N VAL D 118 -103.61 59.44 -47.90
CA VAL D 118 -104.88 58.97 -48.42
C VAL D 118 -104.67 57.57 -49.01
N SER D 119 -104.96 56.54 -48.22
CA SER D 119 -104.80 55.16 -48.63
C SER D 119 -106.03 54.36 -48.23
N SER D 120 -106.46 53.47 -49.11
CA SER D 120 -107.62 52.62 -48.82
C SER D 120 -107.34 51.60 -47.72
N GLY D 121 -106.08 51.25 -47.50
CA GLY D 121 -105.72 50.29 -46.48
C GLY D 121 -105.72 50.89 -45.09
N SER D 122 -105.43 50.04 -44.11
CA SER D 122 -105.39 50.42 -42.71
C SER D 122 -103.95 50.49 -42.22
N ALA D 123 -103.78 51.16 -41.08
CA ALA D 123 -102.46 51.35 -40.49
C ALA D 123 -102.03 50.04 -39.82
N SER D 124 -101.49 49.14 -40.62
CA SER D 124 -101.04 47.85 -40.13
C SER D 124 -99.60 47.92 -39.64
N ALA D 125 -99.22 46.94 -38.84
CA ALA D 125 -97.86 46.89 -38.31
C ALA D 125 -96.86 46.58 -39.42
N PRO D 126 -95.66 47.14 -39.35
CA PRO D 126 -94.66 46.84 -40.37
C PRO D 126 -94.21 45.40 -40.33
N THR D 127 -93.83 44.88 -41.50
CA THR D 127 -93.37 43.51 -41.64
C THR D 127 -91.90 43.51 -42.09
N LEU D 128 -91.07 42.79 -41.37
CA LEU D 128 -89.66 42.67 -41.67
C LEU D 128 -89.37 41.35 -42.38
N PHE D 129 -88.40 41.39 -43.30
CA PHE D 129 -88.01 40.21 -44.06
C PHE D 129 -86.49 40.14 -44.09
N PRO D 130 -85.91 38.99 -43.75
CA PRO D 130 -84.45 38.87 -43.77
C PRO D 130 -83.89 38.94 -45.19
N LEU D 131 -82.66 39.42 -45.30
CA LEU D 131 -81.96 39.53 -46.56
C LEU D 131 -80.61 38.86 -46.45
N VAL D 132 -80.38 37.84 -47.26
CA VAL D 132 -79.13 37.08 -47.27
C VAL D 132 -78.32 37.48 -48.49
N SER D 133 -77.06 37.85 -48.27
CA SER D 133 -76.17 38.26 -49.36
C SER D 133 -75.72 37.03 -50.13
N CYS D 134 -76.01 37.00 -51.43
CA CYS D 134 -75.64 35.89 -52.31
C CYS D 134 -74.39 36.19 -53.13
N GLU D 135 -73.64 37.22 -52.76
CA GLU D 135 -72.43 37.57 -53.49
C GLU D 135 -71.38 36.46 -53.35
N ASN D 136 -70.69 36.17 -54.44
CA ASN D 136 -69.68 35.13 -54.45
C ASN D 136 -68.62 35.47 -55.49
N SER D 137 -67.43 34.92 -55.30
CA SER D 137 -66.28 35.09 -56.18
C SER D 137 -65.80 36.54 -56.24
N SER D 138 -66.28 37.41 -55.35
CA SER D 138 -65.88 38.80 -55.33
C SER D 138 -66.13 39.39 -53.93
N PRO D 139 -65.24 39.12 -52.97
CA PRO D 139 -65.42 39.70 -51.64
C PRO D 139 -65.44 41.22 -51.63
N SER D 140 -64.66 41.86 -52.51
CA SER D 140 -64.60 43.31 -52.63
C SER D 140 -64.10 43.95 -51.33
N SER D 141 -64.45 45.22 -51.12
CA SER D 141 -64.00 45.91 -49.91
C SER D 141 -64.68 45.33 -48.68
N THR D 142 -66.01 45.41 -48.62
CA THR D 142 -66.76 44.94 -47.47
C THR D 142 -68.02 44.21 -47.95
N VAL D 143 -68.70 43.58 -47.00
CA VAL D 143 -69.95 42.89 -47.27
C VAL D 143 -71.09 43.69 -46.64
N ALA D 144 -72.28 43.58 -47.24
CA ALA D 144 -73.44 44.33 -46.79
C ALA D 144 -74.61 43.39 -46.54
N VAL D 145 -75.43 43.75 -45.55
CA VAL D 145 -76.64 43.02 -45.21
C VAL D 145 -77.75 44.05 -44.98
N GLY D 146 -78.96 43.72 -45.43
CA GLY D 146 -80.05 44.67 -45.35
C GLY D 146 -81.24 44.24 -44.51
N CYS D 147 -82.30 45.03 -44.56
CA CYS D 147 -83.52 44.75 -43.79
C CYS D 147 -84.68 45.42 -44.51
N LEU D 148 -85.67 44.63 -44.92
CA LEU D 148 -86.76 45.11 -45.77
C LEU D 148 -88.00 45.30 -44.91
N ALA D 149 -88.21 46.54 -44.47
CA ALA D 149 -89.43 46.91 -43.76
C ALA D 149 -90.53 47.16 -44.77
N GLN D 150 -91.59 46.35 -44.73
CA GLN D 150 -92.67 46.42 -45.69
C GLN D 150 -94.00 46.47 -44.97
N ASP D 151 -95.02 46.97 -45.68
CA ASP D 151 -96.40 47.05 -45.18
C ASP D 151 -96.47 47.89 -43.91
N PHE D 152 -96.14 49.16 -44.05
CA PHE D 152 -96.22 50.13 -42.96
C PHE D 152 -96.96 51.38 -43.42
N LEU D 153 -97.68 51.99 -42.49
CA LEU D 153 -98.47 53.18 -42.77
C LEU D 153 -98.84 53.87 -41.46
N PRO D 154 -98.59 55.18 -41.31
CA PRO D 154 -97.95 56.09 -42.27
C PRO D 154 -96.44 55.94 -42.30
N ASP D 155 -95.76 56.60 -43.24
CA ASP D 155 -94.31 56.47 -43.35
C ASP D 155 -93.60 57.23 -42.23
N SER D 156 -93.31 56.53 -41.13
CA SER D 156 -92.52 57.09 -40.03
C SER D 156 -91.77 55.92 -39.39
N ILE D 157 -90.54 55.69 -39.85
CA ILE D 157 -89.72 54.59 -39.39
C ILE D 157 -88.29 55.09 -39.22
N THR D 158 -87.65 54.70 -38.12
CA THR D 158 -86.24 54.99 -37.87
C THR D 158 -85.49 53.67 -37.75
N PHE D 159 -84.33 53.59 -38.39
CA PHE D 159 -83.56 52.35 -38.48
C PHE D 159 -82.33 52.44 -37.59
N SER D 160 -82.09 51.38 -36.82
CA SER D 160 -80.93 51.28 -35.95
C SER D 160 -80.38 49.86 -36.04
N TRP D 161 -79.06 49.75 -36.14
CA TRP D 161 -78.38 48.47 -36.28
C TRP D 161 -77.56 48.19 -35.04
N LYS D 162 -77.68 46.97 -34.51
CA LYS D 162 -76.93 46.52 -33.34
C LYS D 162 -76.37 45.14 -33.59
N TYR D 163 -75.25 44.85 -32.94
CA TYR D 163 -74.62 43.54 -33.05
C TYR D 163 -75.33 42.55 -32.11
N LYS D 164 -74.78 41.34 -32.00
CA LYS D 164 -75.36 40.36 -31.11
C LYS D 164 -75.21 40.76 -29.64
N ASN D 165 -74.11 41.44 -29.30
CA ASN D 165 -73.84 41.88 -27.94
C ASN D 165 -74.44 43.25 -27.64
N ASN D 166 -75.45 43.67 -28.40
CA ASN D 166 -76.14 44.95 -28.20
C ASN D 166 -75.16 46.11 -28.30
N SER D 167 -74.41 46.15 -29.39
CA SER D 167 -73.46 47.23 -29.64
C SER D 167 -74.15 48.34 -30.44
N ASP D 168 -73.37 49.29 -30.94
CA ASP D 168 -73.89 50.41 -31.72
C ASP D 168 -73.22 50.42 -33.09
N ILE D 169 -74.02 50.67 -34.12
CA ILE D 169 -73.55 50.73 -35.50
C ILE D 169 -74.00 52.05 -36.12
N SER D 170 -73.12 52.65 -36.91
CA SER D 170 -73.40 53.91 -37.59
C SER D 170 -73.57 53.60 -39.08
N SER D 171 -74.81 53.34 -39.48
CA SER D 171 -75.14 53.03 -40.87
C SER D 171 -75.53 54.28 -41.64
N THR D 172 -76.56 54.98 -41.16
CA THR D 172 -77.08 56.22 -41.75
C THR D 172 -77.61 56.02 -43.17
N ARG D 173 -77.80 54.77 -43.60
CA ARG D 173 -78.32 54.48 -44.94
C ARG D 173 -79.84 54.36 -44.84
N GLY D 174 -80.52 55.46 -45.15
CA GLY D 174 -81.97 55.48 -45.11
C GLY D 174 -82.62 55.77 -46.45
N PHE D 175 -83.36 54.81 -46.99
CA PHE D 175 -84.01 55.00 -48.28
C PHE D 175 -85.43 55.50 -48.09
N PRO D 176 -85.88 56.45 -48.91
CA PRO D 176 -87.26 56.93 -48.81
C PRO D 176 -88.27 55.87 -49.23
N SER D 177 -89.47 56.00 -48.69
CA SER D 177 -90.53 55.05 -48.97
C SER D 177 -91.19 55.33 -50.31
N VAL D 178 -91.67 54.26 -50.95
CA VAL D 178 -92.33 54.35 -52.25
C VAL D 178 -93.71 53.71 -52.15
N LEU D 179 -94.70 54.37 -52.74
CA LEU D 179 -96.07 53.87 -52.72
C LEU D 179 -96.24 52.80 -53.79
N ARG D 180 -96.42 51.56 -53.36
CA ARG D 180 -96.59 50.42 -54.28
C ARG D 180 -97.82 49.63 -53.84
N GLY D 181 -98.85 49.63 -54.69
CA GLY D 181 -100.05 48.89 -54.39
C GLY D 181 -100.79 49.36 -53.15
N GLY D 182 -100.84 50.68 -52.94
CA GLY D 182 -101.54 51.23 -51.80
C GLY D 182 -100.79 51.18 -50.49
N LYS D 183 -99.55 50.67 -50.47
CA LYS D 183 -98.76 50.57 -49.26
C LYS D 183 -97.35 51.10 -49.53
N TYR D 184 -96.73 51.62 -48.48
CA TYR D 184 -95.38 52.16 -48.56
C TYR D 184 -94.37 51.04 -48.30
N ALA D 185 -93.32 51.02 -49.12
CA ALA D 185 -92.24 50.05 -48.98
C ALA D 185 -90.91 50.77 -48.87
N ALA D 186 -90.03 50.25 -48.01
CA ALA D 186 -88.73 50.86 -47.79
C ALA D 186 -87.70 49.77 -47.54
N THR D 187 -86.45 50.09 -47.83
CA THR D 187 -85.33 49.17 -47.65
C THR D 187 -84.22 49.89 -46.91
N SER D 188 -83.54 49.16 -46.01
CA SER D 188 -82.43 49.70 -45.25
C SER D 188 -81.30 48.68 -45.21
N GLN D 189 -80.07 49.17 -45.34
CA GLN D 189 -78.89 48.32 -45.36
C GLN D 189 -77.87 48.84 -44.35
N VAL D 190 -76.76 48.13 -44.23
CA VAL D 190 -75.67 48.50 -43.33
C VAL D 190 -74.38 47.90 -43.87
N LEU D 191 -73.29 48.66 -43.72
CA LEU D 191 -71.98 48.22 -44.19
C LEU D 191 -71.16 47.73 -43.00
N LEU D 192 -70.65 46.51 -43.11
CA LEU D 192 -69.83 45.91 -42.06
C LEU D 192 -68.54 45.38 -42.65
N PRO D 193 -67.43 45.49 -41.92
CA PRO D 193 -66.15 44.98 -42.44
C PRO D 193 -66.17 43.46 -42.60
N SER D 194 -65.44 43.00 -43.62
CA SER D 194 -65.36 41.56 -43.87
C SER D 194 -64.53 40.84 -42.80
N LYS D 195 -63.60 41.55 -42.16
CA LYS D 195 -62.76 40.92 -41.15
C LYS D 195 -63.58 40.46 -39.95
N ASP D 196 -64.57 41.26 -39.55
CA ASP D 196 -65.40 40.89 -38.40
C ASP D 196 -66.21 39.63 -38.66
N VAL D 197 -66.63 39.42 -39.91
CA VAL D 197 -67.41 38.23 -40.24
C VAL D 197 -66.58 36.97 -40.01
N MET D 198 -65.33 36.98 -40.46
CA MET D 198 -64.42 35.85 -40.24
C MET D 198 -63.58 36.11 -38.99
N GLN D 199 -64.28 36.12 -37.85
CA GLN D 199 -63.66 36.43 -36.57
C GLN D 199 -64.59 36.07 -35.42
N GLY D 200 -65.32 37.05 -34.90
CA GLY D 200 -66.22 36.79 -33.79
C GLY D 200 -67.28 35.77 -34.16
N THR D 201 -67.71 35.00 -33.14
CA THR D 201 -68.68 33.95 -33.34
C THR D 201 -70.08 34.46 -33.66
N ASP D 202 -70.33 35.77 -33.52
CA ASP D 202 -71.63 36.34 -33.83
C ASP D 202 -71.96 36.16 -35.31
N GLU D 203 -72.94 35.32 -35.62
CA GLU D 203 -73.31 35.01 -36.99
C GLU D 203 -74.56 35.75 -37.46
N HIS D 204 -75.12 36.63 -36.64
CA HIS D 204 -76.34 37.34 -37.03
C HIS D 204 -76.40 38.66 -36.27
N VAL D 205 -77.22 39.57 -36.81
CA VAL D 205 -77.49 40.86 -36.21
C VAL D 205 -78.99 41.09 -36.21
N VAL D 206 -79.43 42.03 -35.38
CA VAL D 206 -80.85 42.30 -35.18
C VAL D 206 -81.23 43.59 -35.89
N CYS D 207 -82.35 43.55 -36.59
CA CYS D 207 -82.91 44.73 -37.25
C CYS D 207 -84.04 45.29 -36.39
N LYS D 208 -83.94 46.56 -36.03
CA LYS D 208 -84.88 47.22 -35.13
C LYS D 208 -85.55 48.38 -35.83
N VAL D 209 -86.87 48.45 -35.73
CA VAL D 209 -87.66 49.53 -36.29
C VAL D 209 -88.60 50.05 -35.20
N GLN D 210 -88.75 51.37 -35.12
CA GLN D 210 -89.59 52.02 -34.12
C GLN D 210 -90.74 52.70 -34.85
N HIS D 211 -91.83 51.95 -35.05
CA HIS D 211 -93.05 52.40 -35.69
C HIS D 211 -94.21 52.34 -34.71
N PRO D 212 -95.11 53.33 -34.72
CA PRO D 212 -96.22 53.32 -33.75
C PRO D 212 -97.34 52.37 -34.12
N ASN D 213 -96.99 51.15 -34.49
CA ASN D 213 -97.99 50.10 -34.72
C ASN D 213 -97.52 48.74 -34.21
N GLY D 214 -96.39 48.68 -33.51
CA GLY D 214 -95.84 47.44 -33.01
C GLY D 214 -94.34 47.58 -32.83
N ASN D 215 -93.81 46.83 -31.87
CA ASN D 215 -92.39 46.89 -31.51
C ASN D 215 -91.67 45.59 -31.87
N LYS D 216 -92.02 45.01 -33.02
CA LYS D 216 -91.35 43.80 -33.48
C LYS D 216 -89.93 44.12 -33.94
N GLU D 217 -89.06 43.12 -33.85
CA GLU D 217 -87.66 43.29 -34.26
C GLU D 217 -87.13 41.92 -34.67
N LYS D 218 -87.01 41.73 -35.99
CA LYS D 218 -86.49 40.49 -36.53
C LYS D 218 -84.98 40.59 -36.74
N ASP D 219 -84.31 39.44 -36.70
CA ASP D 219 -82.87 39.36 -36.86
C ASP D 219 -82.53 38.85 -38.26
N VAL D 220 -81.51 39.46 -38.86
CA VAL D 220 -81.05 39.11 -40.21
C VAL D 220 -79.77 38.30 -40.06
N PRO D 221 -79.75 37.02 -40.42
CA PRO D 221 -78.53 36.23 -40.29
C PRO D 221 -77.55 36.51 -41.42
N LEU D 222 -76.28 36.66 -41.05
CA LEU D 222 -75.24 36.90 -42.05
C LEU D 222 -74.99 35.63 -42.86
N PRO D 223 -74.73 35.75 -44.16
CA PRO D 223 -74.46 34.55 -44.97
C PRO D 223 -73.07 33.97 -44.76
N VAL D 224 -72.10 34.79 -44.33
CA VAL D 224 -70.70 34.44 -44.13
C VAL D 224 -70.06 33.96 -45.43
N VAL D 225 -68.99 34.64 -45.85
CA VAL D 225 -68.27 34.31 -47.08
C VAL D 225 -66.87 33.80 -46.78
N ILE D 226 -66.08 34.58 -46.04
CA ILE D 226 -64.71 34.23 -45.66
C ILE D 226 -63.85 33.96 -46.90
N GLU E 1 -40.47 101.99 -76.41
CA GLU E 1 -40.35 100.70 -75.72
C GLU E 1 -41.71 100.24 -75.21
N ILE E 2 -42.30 99.28 -75.91
CA ILE E 2 -43.60 98.72 -75.55
C ILE E 2 -43.37 97.37 -74.90
N VAL E 3 -43.71 97.26 -73.62
CA VAL E 3 -43.54 96.01 -72.88
C VAL E 3 -44.79 95.16 -73.06
N LEU E 4 -44.60 93.92 -73.50
CA LEU E 4 -45.69 92.98 -73.69
C LEU E 4 -45.55 91.85 -72.69
N THR E 5 -46.59 91.64 -71.88
CA THR E 5 -46.62 90.59 -70.88
C THR E 5 -47.83 89.69 -71.12
N GLN E 6 -47.59 88.38 -71.17
CA GLN E 6 -48.64 87.40 -71.39
C GLN E 6 -48.83 86.55 -70.14
N SER E 7 -50.10 86.33 -69.77
CA SER E 7 -50.44 85.54 -68.59
C SER E 7 -51.72 84.78 -68.88
N PRO E 8 -51.88 83.57 -68.35
CA PRO E 8 -50.91 82.80 -67.54
C PRO E 8 -49.80 82.19 -68.37
N GLY E 9 -48.64 81.90 -67.77
CA GLY E 9 -47.55 81.31 -68.53
C GLY E 9 -47.87 79.91 -69.03
N THR E 10 -48.45 79.08 -68.17
CA THR E 10 -48.82 77.71 -68.53
C THR E 10 -50.28 77.48 -68.16
N LEU E 11 -51.04 76.92 -69.09
CA LEU E 11 -52.44 76.60 -68.88
C LEU E 11 -52.72 75.19 -69.40
N SER E 12 -53.62 74.49 -68.73
CA SER E 12 -53.98 73.11 -69.08
C SER E 12 -55.36 73.12 -69.71
N LEU E 13 -55.44 72.71 -70.98
CA LEU E 13 -56.69 72.64 -71.71
C LEU E 13 -56.93 71.22 -72.19
N SER E 14 -58.17 70.96 -72.61
CA SER E 14 -58.57 69.67 -73.14
C SER E 14 -58.91 69.78 -74.62
N PRO E 15 -58.70 68.71 -75.40
CA PRO E 15 -59.05 68.77 -76.82
C PRO E 15 -60.53 69.02 -77.02
N GLY E 16 -60.86 69.82 -78.04
CA GLY E 16 -62.22 70.16 -78.37
C GLY E 16 -62.78 71.36 -77.63
N GLU E 17 -62.10 71.82 -76.58
CA GLU E 17 -62.58 72.97 -75.82
C GLU E 17 -62.06 74.27 -76.44
N ARG E 18 -62.41 75.39 -75.81
CA ARG E 18 -62.00 76.70 -76.27
C ARG E 18 -60.86 77.22 -75.41
N ALA E 19 -59.86 77.82 -76.05
CA ALA E 19 -58.70 78.38 -75.38
C ALA E 19 -58.61 79.87 -75.67
N THR E 20 -58.41 80.66 -74.63
CA THR E 20 -58.33 82.11 -74.74
C THR E 20 -56.96 82.57 -74.27
N LEU E 21 -56.22 83.24 -75.15
CA LEU E 21 -54.89 83.74 -74.84
C LEU E 21 -54.96 85.26 -74.66
N SER E 22 -54.37 85.75 -73.57
CA SER E 22 -54.39 87.17 -73.24
C SER E 22 -53.04 87.80 -73.57
N CYS E 23 -53.10 89.01 -74.12
CA CYS E 23 -51.90 89.77 -74.48
C CYS E 23 -52.04 91.17 -73.90
N ARG E 24 -51.13 91.53 -73.00
CA ARG E 24 -51.15 92.82 -72.31
C ARG E 24 -50.02 93.69 -72.82
N ALA E 25 -50.36 94.93 -73.19
CA ALA E 25 -49.40 95.90 -73.67
C ALA E 25 -49.24 97.02 -72.65
N SER E 26 -48.03 97.57 -72.58
CA SER E 26 -47.74 98.65 -71.64
C SER E 26 -48.31 99.99 -72.07
N GLU E 27 -48.75 100.12 -73.32
CA GLU E 27 -49.34 101.36 -73.80
C GLU E 27 -50.14 101.06 -75.05
N THR E 28 -50.93 102.05 -75.48
CA THR E 28 -51.77 101.89 -76.66
C THR E 28 -50.92 101.74 -77.91
N VAL E 29 -51.41 100.93 -78.85
CA VAL E 29 -50.75 100.67 -80.11
C VAL E 29 -51.51 101.38 -81.23
N SER E 30 -50.80 102.16 -82.02
CA SER E 30 -51.43 102.91 -83.10
C SER E 30 -51.99 101.96 -84.16
N ASN E 31 -53.21 102.23 -84.60
CA ASN E 31 -53.91 101.50 -85.65
C ASN E 31 -54.13 100.02 -85.31
N ASP E 32 -53.96 99.65 -84.03
CA ASP E 32 -54.17 98.28 -83.58
C ASP E 32 -53.33 97.29 -84.39
N LYS E 33 -52.08 97.66 -84.66
CA LYS E 33 -51.17 96.83 -85.45
C LYS E 33 -50.53 95.80 -84.54
N VAL E 34 -51.30 94.76 -84.23
CA VAL E 34 -50.86 93.66 -83.38
C VAL E 34 -51.06 92.36 -84.14
N ALA E 35 -50.04 91.51 -84.14
CA ALA E 35 -50.07 90.24 -84.85
C ALA E 35 -49.72 89.10 -83.91
N TRP E 36 -50.19 87.90 -84.25
CA TRP E 36 -49.97 86.71 -83.47
C TRP E 36 -49.12 85.73 -84.27
N TYR E 37 -48.24 85.00 -83.57
CA TYR E 37 -47.36 84.03 -84.19
C TYR E 37 -47.46 82.69 -83.47
N GLN E 38 -47.24 81.62 -84.22
CA GLN E 38 -47.24 80.27 -83.69
C GLN E 38 -45.87 79.65 -83.90
N GLN E 39 -45.31 79.09 -82.84
CA GLN E 39 -43.98 78.50 -82.89
C GLN E 39 -44.02 77.10 -82.26
N LYS E 40 -43.48 76.12 -82.98
CA LYS E 40 -43.34 74.76 -82.52
C LYS E 40 -41.87 74.44 -82.23
N PRO E 41 -41.57 73.77 -81.12
CA PRO E 41 -40.18 73.43 -80.83
C PRO E 41 -39.57 72.58 -81.94
N GLY E 42 -38.33 72.87 -82.27
CA GLY E 42 -37.64 72.19 -83.38
C GLY E 42 -37.79 72.87 -84.71
N GLN E 43 -39.02 73.18 -85.11
CA GLN E 43 -39.28 73.83 -86.39
C GLN E 43 -39.18 75.35 -86.20
N ALA E 44 -39.60 76.10 -87.24
CA ALA E 44 -39.56 77.56 -87.25
C ALA E 44 -40.94 78.14 -86.98
N PRO E 45 -41.00 79.35 -86.39
CA PRO E 45 -42.30 79.97 -86.15
C PRO E 45 -43.03 80.29 -87.44
N ARG E 46 -44.36 80.25 -87.38
CA ARG E 46 -45.20 80.54 -88.53
C ARG E 46 -46.25 81.59 -88.17
N LEU E 47 -46.46 82.52 -89.08
CA LEU E 47 -47.46 83.57 -88.88
C LEU E 47 -48.87 83.01 -89.03
N LEU E 48 -49.77 83.45 -88.15
CA LEU E 48 -51.17 83.04 -88.21
C LEU E 48 -52.10 84.19 -88.58
N ILE E 49 -52.10 85.27 -87.81
CA ILE E 49 -52.99 86.40 -88.04
C ILE E 49 -52.18 87.68 -87.99
N TYR E 50 -52.40 88.57 -88.97
CA TYR E 50 -51.75 89.86 -89.02
C TYR E 50 -52.79 90.95 -88.85
N GLY E 51 -52.43 91.98 -88.07
CA GLY E 51 -53.36 93.05 -87.77
C GLY E 51 -54.44 92.71 -86.78
N ALA E 52 -54.35 91.54 -86.14
CA ALA E 52 -55.26 91.06 -85.11
C ALA E 52 -56.66 90.75 -85.63
N SER E 53 -56.95 90.99 -86.91
CA SER E 53 -58.27 90.72 -87.45
C SER E 53 -58.26 90.03 -88.80
N SER E 54 -57.16 89.99 -89.52
CA SER E 54 -57.09 89.38 -90.85
C SER E 54 -56.16 88.17 -90.81
N ARG E 55 -56.67 87.01 -91.21
CA ARG E 55 -55.87 85.81 -91.26
C ARG E 55 -55.00 85.81 -92.52
N ALA E 56 -53.96 84.97 -92.50
CA ALA E 56 -53.02 84.87 -93.60
C ALA E 56 -53.34 83.64 -94.46
N THR E 57 -52.59 83.50 -95.55
CA THR E 57 -52.80 82.38 -96.47
C THR E 57 -52.34 81.08 -95.83
N GLY E 58 -53.17 80.04 -95.94
CA GLY E 58 -52.84 78.75 -95.36
C GLY E 58 -53.08 78.65 -93.86
N ILE E 59 -53.98 79.46 -93.33
CA ILE E 59 -54.32 79.46 -91.90
C ILE E 59 -55.78 79.09 -91.78
N PRO E 60 -56.14 78.12 -90.94
CA PRO E 60 -57.55 77.73 -90.82
C PRO E 60 -58.40 78.86 -90.24
N ASP E 61 -59.69 78.81 -90.57
CA ASP E 61 -60.63 79.84 -90.12
C ASP E 61 -61.04 79.68 -88.66
N ARG E 62 -60.61 78.61 -87.99
CA ARG E 62 -60.95 78.40 -86.60
C ARG E 62 -60.23 79.37 -85.66
N PHE E 63 -59.22 80.07 -86.13
CA PHE E 63 -58.53 81.08 -85.33
C PHE E 63 -59.21 82.43 -85.51
N SER E 64 -59.62 83.04 -84.40
CA SER E 64 -60.32 84.32 -84.42
C SER E 64 -59.65 85.29 -83.46
N GLY E 65 -59.54 86.54 -83.88
CA GLY E 65 -58.95 87.59 -83.06
C GLY E 65 -59.95 88.70 -82.81
N SER E 66 -59.83 89.31 -81.63
CA SER E 66 -60.74 90.38 -81.23
C SER E 66 -60.03 91.29 -80.23
N GLY E 67 -60.63 92.45 -79.99
CA GLY E 67 -60.10 93.43 -79.08
C GLY E 67 -59.31 94.51 -79.79
N SER E 68 -59.07 95.60 -79.06
CA SER E 68 -58.35 96.74 -79.58
C SER E 68 -57.79 97.55 -78.41
N GLY E 69 -56.90 98.47 -78.73
CA GLY E 69 -56.29 99.32 -77.73
C GLY E 69 -55.17 98.63 -76.97
N THR E 70 -55.42 98.32 -75.70
CA THR E 70 -54.43 97.65 -74.85
C THR E 70 -54.88 96.27 -74.41
N ASP E 71 -56.03 95.78 -74.90
CA ASP E 71 -56.54 94.47 -74.55
C ASP E 71 -56.78 93.68 -75.82
N PHE E 72 -56.14 92.51 -75.92
CA PHE E 72 -56.30 91.63 -77.07
C PHE E 72 -56.47 90.20 -76.59
N THR E 73 -57.41 89.48 -77.21
CA THR E 73 -57.72 88.11 -76.85
C THR E 73 -57.75 87.26 -78.10
N LEU E 74 -57.12 86.10 -78.05
CA LEU E 74 -57.08 85.15 -79.16
C LEU E 74 -57.93 83.94 -78.80
N SER E 75 -59.00 83.72 -79.56
CA SER E 75 -59.92 82.61 -79.34
C SER E 75 -59.75 81.59 -80.46
N ILE E 76 -59.66 80.32 -80.08
CA ILE E 76 -59.51 79.22 -81.04
C ILE E 76 -60.61 78.20 -80.78
N SER E 77 -61.40 77.92 -81.81
CA SER E 77 -62.48 76.94 -81.73
C SER E 77 -62.01 75.60 -82.28
N GLY E 78 -62.34 74.53 -81.56
CA GLY E 78 -61.92 73.20 -81.97
C GLY E 78 -60.45 72.95 -81.76
N LEU E 79 -60.02 72.93 -80.50
CA LEU E 79 -58.62 72.74 -80.17
C LEU E 79 -58.14 71.37 -80.64
N GLU E 80 -56.97 71.33 -81.25
CA GLU E 80 -56.39 70.11 -81.80
C GLU E 80 -55.13 69.72 -81.04
N PRO E 81 -54.77 68.43 -81.03
CA PRO E 81 -53.53 68.04 -80.35
C PRO E 81 -52.28 68.71 -80.90
N GLU E 82 -52.25 68.97 -82.22
CA GLU E 82 -51.11 69.63 -82.83
C GLU E 82 -51.00 71.11 -82.44
N ASP E 83 -52.05 71.69 -81.86
CA ASP E 83 -52.06 73.10 -81.49
C ASP E 83 -51.47 73.36 -80.12
N PHE E 84 -51.04 72.33 -79.40
CA PHE E 84 -50.46 72.51 -78.06
C PHE E 84 -49.00 72.92 -78.19
N VAL E 85 -48.82 74.18 -78.62
CA VAL E 85 -47.51 74.78 -78.79
C VAL E 85 -47.51 76.15 -78.11
N VAL E 86 -46.38 76.83 -78.22
CA VAL E 86 -46.21 78.16 -77.61
C VAL E 86 -46.66 79.21 -78.62
N TYR E 87 -47.39 80.21 -78.13
CA TYR E 87 -47.91 81.29 -78.95
C TYR E 87 -47.41 82.63 -78.43
N TYR E 88 -47.05 83.51 -79.36
CA TYR E 88 -46.52 84.83 -79.03
C TYR E 88 -47.35 85.90 -79.73
N CYS E 89 -47.59 87.00 -79.02
CA CYS E 89 -48.23 88.19 -79.60
C CYS E 89 -47.19 89.28 -79.79
N GLN E 90 -47.23 89.94 -80.94
CA GLN E 90 -46.23 90.93 -81.30
C GLN E 90 -46.90 92.07 -82.06
N GLN E 91 -46.44 93.29 -81.81
CA GLN E 91 -46.93 94.48 -82.48
C GLN E 91 -45.84 95.08 -83.35
N TYR E 92 -46.22 95.56 -84.53
CA TYR E 92 -45.27 96.11 -85.49
C TYR E 92 -45.48 97.60 -85.73
N ALA E 93 -46.13 98.28 -84.79
CA ALA E 93 -46.33 99.73 -84.86
C ALA E 93 -45.33 100.49 -84.01
N SER E 94 -44.32 99.82 -83.45
CA SER E 94 -43.36 100.48 -82.55
C SER E 94 -42.17 101.02 -83.32
N SER E 95 -41.49 100.16 -84.10
CA SER E 95 -40.38 100.58 -84.96
C SER E 95 -39.27 101.25 -84.16
N PRO E 96 -38.45 100.48 -83.42
CA PRO E 96 -38.29 99.02 -83.42
C PRO E 96 -39.38 98.26 -82.66
N ARG E 97 -39.65 97.03 -83.07
CA ARG E 97 -40.72 96.23 -82.50
C ARG E 97 -40.21 95.42 -81.30
N THR E 98 -41.16 94.91 -80.51
CA THR E 98 -40.87 94.12 -79.34
C THR E 98 -41.72 92.86 -79.34
N PHE E 99 -41.23 91.82 -78.67
CA PHE E 99 -41.91 90.54 -78.58
C PHE E 99 -42.30 90.24 -77.13
N GLY E 100 -43.40 89.50 -76.97
CA GLY E 100 -43.87 89.15 -75.64
C GLY E 100 -43.22 87.89 -75.10
N GLN E 101 -43.56 87.58 -73.85
CA GLN E 101 -42.98 86.41 -73.19
C GLN E 101 -43.52 85.11 -73.77
N GLY E 102 -44.79 85.08 -74.16
CA GLY E 102 -45.36 83.87 -74.72
C GLY E 102 -46.01 82.99 -73.68
N THR E 103 -47.00 82.22 -74.12
CA THR E 103 -47.74 81.31 -73.26
C THR E 103 -47.73 79.91 -73.86
N LYS E 104 -47.61 78.91 -72.99
CA LYS E 104 -47.57 77.51 -73.40
C LYS E 104 -48.84 76.81 -72.93
N VAL E 105 -49.47 76.05 -73.82
CA VAL E 105 -50.69 75.32 -73.53
C VAL E 105 -50.37 73.82 -73.50
N GLU E 106 -50.86 73.13 -72.48
CA GLU E 106 -50.60 71.72 -72.29
C GLU E 106 -51.91 70.95 -72.19
N ILE E 107 -51.83 69.65 -72.48
CA ILE E 107 -53.00 68.78 -72.43
C ILE E 107 -53.29 68.41 -70.98
N LYS E 108 -54.54 68.62 -70.57
CA LYS E 108 -54.94 68.29 -69.20
C LYS E 108 -54.98 66.78 -69.01
N ARG E 109 -54.39 66.30 -67.92
CA ARG E 109 -54.35 64.87 -67.61
C ARG E 109 -54.46 64.69 -66.10
N THR E 110 -54.72 63.46 -65.68
CA THR E 110 -54.85 63.16 -64.27
C THR E 110 -53.48 63.11 -63.59
N VAL E 111 -53.51 63.21 -62.27
CA VAL E 111 -52.28 63.22 -61.48
C VAL E 111 -51.73 61.80 -61.38
N ALA E 112 -50.45 61.64 -61.70
CA ALA E 112 -49.76 60.36 -61.65
C ALA E 112 -48.57 60.47 -60.72
N ALA E 113 -48.41 59.48 -59.84
CA ALA E 113 -47.31 59.50 -58.90
C ALA E 113 -45.97 59.35 -59.64
N PRO E 114 -44.98 60.16 -59.30
CA PRO E 114 -43.69 60.07 -59.97
C PRO E 114 -42.81 58.98 -59.39
N SER E 115 -41.79 58.60 -60.16
CA SER E 115 -40.78 57.64 -59.74
C SER E 115 -39.47 58.38 -59.51
N VAL E 116 -38.85 58.12 -58.36
CA VAL E 116 -37.62 58.81 -57.96
C VAL E 116 -36.47 57.80 -57.94
N PHE E 117 -35.40 58.13 -58.65
CA PHE E 117 -34.20 57.30 -58.69
C PHE E 117 -32.97 58.20 -58.57
N ILE E 118 -31.98 57.74 -57.81
CA ILE E 118 -30.75 58.48 -57.59
C ILE E 118 -29.57 57.61 -57.99
N PHE E 119 -28.67 58.17 -58.80
CA PHE E 119 -27.49 57.44 -59.26
C PHE E 119 -26.24 58.02 -58.61
N PRO E 120 -25.57 57.30 -57.72
CA PRO E 120 -24.31 57.80 -57.17
C PRO E 120 -23.25 57.87 -58.24
N PRO E 121 -22.27 58.77 -58.10
CA PRO E 121 -21.22 58.88 -59.13
C PRO E 121 -20.38 57.60 -59.21
N SER E 122 -19.94 57.28 -60.41
CA SER E 122 -19.15 56.10 -60.65
C SER E 122 -17.71 56.30 -60.18
N ASP E 123 -17.02 55.18 -59.95
CA ASP E 123 -15.63 55.23 -59.52
C ASP E 123 -14.74 55.90 -60.57
N GLU E 124 -14.99 55.60 -61.85
CA GLU E 124 -14.21 56.22 -62.92
C GLU E 124 -14.40 57.73 -62.94
N GLN E 125 -15.64 58.19 -62.74
CA GLN E 125 -15.90 59.63 -62.76
C GLN E 125 -15.22 60.33 -61.58
N LEU E 126 -15.12 59.67 -60.43
CA LEU E 126 -14.45 60.27 -59.28
C LEU E 126 -12.97 60.52 -59.56
N LYS E 127 -12.35 59.69 -60.41
CA LYS E 127 -10.94 59.88 -60.75
C LYS E 127 -10.70 61.20 -61.48
N SER E 128 -11.72 61.75 -62.14
CA SER E 128 -11.58 63.02 -62.83
C SER E 128 -11.71 64.23 -61.91
N GLY E 129 -12.03 64.02 -60.64
CA GLY E 129 -12.16 65.10 -59.70
C GLY E 129 -13.54 65.73 -59.62
N THR E 130 -14.49 65.28 -60.42
CA THR E 130 -15.84 65.81 -60.44
C THR E 130 -16.83 64.70 -60.13
N ALA E 131 -17.76 64.98 -59.22
CA ALA E 131 -18.81 64.03 -58.84
C ALA E 131 -20.16 64.62 -59.21
N SER E 132 -21.00 63.81 -59.86
CA SER E 132 -22.31 64.23 -60.32
C SER E 132 -23.36 63.26 -59.79
N VAL E 133 -24.25 63.75 -58.93
CA VAL E 133 -25.36 62.98 -58.40
C VAL E 133 -26.64 63.49 -59.06
N VAL E 134 -27.42 62.56 -59.62
CA VAL E 134 -28.61 62.91 -60.37
C VAL E 134 -29.84 62.47 -59.60
N CYS E 135 -30.96 63.16 -59.86
CA CYS E 135 -32.25 62.87 -59.25
C CYS E 135 -33.29 62.91 -60.36
N LEU E 136 -33.86 61.75 -60.68
CA LEU E 136 -34.74 61.60 -61.83
C LEU E 136 -36.20 61.51 -61.38
N LEU E 137 -37.05 62.31 -62.02
CA LEU E 137 -38.49 62.27 -61.81
C LEU E 137 -39.16 61.93 -63.14
N ASN E 138 -39.98 60.88 -63.14
CA ASN E 138 -40.63 60.41 -64.35
C ASN E 138 -42.12 60.21 -64.10
N ASN E 139 -42.93 60.53 -65.12
CA ASN E 139 -44.37 60.29 -65.12
C ASN E 139 -45.05 60.99 -63.94
N PHE E 140 -44.97 62.32 -63.95
CA PHE E 140 -45.64 63.15 -62.97
C PHE E 140 -46.45 64.23 -63.68
N TYR E 141 -47.48 64.73 -62.99
CA TYR E 141 -48.34 65.78 -63.52
C TYR E 141 -48.96 66.51 -62.34
N PRO E 142 -49.03 67.85 -62.37
CA PRO E 142 -48.59 68.77 -63.44
C PRO E 142 -47.08 68.95 -63.51
N ARG E 143 -46.63 69.78 -64.44
CA ARG E 143 -45.19 70.02 -64.61
C ARG E 143 -44.57 70.66 -63.37
N GLU E 144 -45.35 71.44 -62.63
CA GLU E 144 -44.83 72.11 -61.45
C GLU E 144 -44.46 71.08 -60.37
N ALA E 145 -43.21 71.11 -59.93
CA ALA E 145 -42.73 70.18 -58.92
C ALA E 145 -41.52 70.80 -58.24
N LYS E 146 -41.34 70.45 -56.96
CA LYS E 146 -40.23 70.95 -56.16
C LYS E 146 -39.22 69.84 -55.91
N VAL E 147 -37.97 70.11 -56.23
CA VAL E 147 -36.87 69.16 -56.03
C VAL E 147 -35.82 69.86 -55.17
N GLN E 148 -35.60 69.34 -53.96
CA GLN E 148 -34.64 69.90 -53.02
C GLN E 148 -33.59 68.86 -52.67
N TRP E 149 -32.34 69.30 -52.59
CA TRP E 149 -31.22 68.44 -52.23
C TRP E 149 -30.88 68.63 -50.76
N LYS E 150 -30.77 67.53 -50.03
CA LYS E 150 -30.42 67.55 -48.61
C LYS E 150 -29.32 66.54 -48.37
N VAL E 151 -28.14 67.03 -47.97
CA VAL E 151 -27.00 66.17 -47.66
C VAL E 151 -26.53 66.51 -46.24
N ASP E 152 -26.44 65.50 -45.39
CA ASP E 152 -26.03 65.67 -43.99
C ASP E 152 -26.90 66.70 -43.29
N ASN E 153 -28.21 66.65 -43.57
CA ASN E 153 -29.21 67.55 -43.01
C ASN E 153 -29.00 69.01 -43.39
N ALA E 154 -28.09 69.28 -44.31
CA ALA E 154 -27.82 70.65 -44.77
C ALA E 154 -28.45 70.83 -46.15
N LEU E 155 -29.37 71.79 -46.25
CA LEU E 155 -30.02 72.08 -47.52
C LEU E 155 -29.08 72.84 -48.44
N GLN E 156 -28.95 72.38 -49.67
CA GLN E 156 -28.10 73.03 -50.66
C GLN E 156 -28.89 74.07 -51.44
N SER E 157 -28.17 75.06 -51.97
CA SER E 157 -28.76 76.13 -52.74
C SER E 157 -27.71 76.78 -53.62
N GLY E 158 -28.15 77.29 -54.76
CA GLY E 158 -27.25 77.95 -55.68
C GLY E 158 -26.34 77.04 -56.47
N ASN E 159 -26.63 75.73 -56.48
CA ASN E 159 -25.79 74.78 -57.20
C ASN E 159 -26.60 73.74 -57.97
N SER E 160 -27.84 74.07 -58.34
CA SER E 160 -28.69 73.16 -59.09
C SER E 160 -29.27 73.90 -60.29
N GLN E 161 -28.97 73.39 -61.49
CA GLN E 161 -29.46 74.03 -62.71
C GLN E 161 -30.90 73.60 -63.03
N GLU E 162 -31.09 72.28 -63.21
CA GLU E 162 -32.39 71.61 -63.36
C GLU E 162 -32.80 71.59 -64.83
N SER E 163 -32.98 70.39 -65.37
CA SER E 163 -33.38 70.20 -66.77
C SER E 163 -34.69 69.43 -66.80
N VAL E 164 -35.63 69.89 -67.62
CA VAL E 164 -36.96 69.30 -67.72
C VAL E 164 -37.28 69.05 -69.19
N THR E 165 -37.84 67.87 -69.47
CA THR E 165 -38.21 67.49 -70.83
C THR E 165 -39.57 68.07 -71.19
N GLU E 166 -39.92 67.92 -72.46
CA GLU E 166 -41.22 68.38 -72.96
C GLU E 166 -42.29 67.32 -72.69
N GLN E 167 -43.54 67.70 -72.99
CA GLN E 167 -44.66 66.79 -72.79
C GLN E 167 -44.56 65.59 -73.73
N ASP E 168 -44.84 64.41 -73.19
CA ASP E 168 -44.79 63.19 -74.00
C ASP E 168 -45.91 63.20 -75.03
N SER E 169 -45.58 62.74 -76.24
CA SER E 169 -46.57 62.73 -77.32
C SER E 169 -47.64 61.67 -77.08
N LYS E 170 -47.25 60.51 -76.55
CA LYS E 170 -48.18 59.41 -76.34
C LYS E 170 -48.59 59.23 -74.88
N ASP E 171 -47.85 59.80 -73.93
CA ASP E 171 -48.16 59.67 -72.52
C ASP E 171 -48.66 60.94 -71.87
N SER E 172 -48.38 62.10 -72.46
CA SER E 172 -48.81 63.42 -71.98
C SER E 172 -48.24 63.75 -70.60
N THR E 173 -47.20 63.04 -70.17
CA THR E 173 -46.56 63.29 -68.88
C THR E 173 -45.32 64.15 -69.07
N TYR E 174 -44.66 64.46 -67.95
CA TYR E 174 -43.45 65.26 -67.95
C TYR E 174 -42.36 64.55 -67.15
N SER E 175 -41.11 64.87 -67.49
CA SER E 175 -39.96 64.34 -66.79
C SER E 175 -38.91 65.43 -66.64
N LEU E 176 -38.19 65.40 -65.53
CA LEU E 176 -37.12 66.35 -65.28
C LEU E 176 -35.97 65.64 -64.58
N SER E 177 -34.76 66.20 -64.76
CA SER E 177 -33.56 65.66 -64.14
C SER E 177 -32.84 66.77 -63.40
N SER E 178 -32.45 66.49 -62.15
CA SER E 178 -31.69 67.42 -61.33
C SER E 178 -30.33 66.81 -61.04
N THR E 179 -29.28 67.57 -61.31
CA THR E 179 -27.90 67.09 -61.15
C THR E 179 -27.23 67.86 -60.02
N LEU E 180 -26.59 67.11 -59.12
CA LEU E 180 -25.87 67.69 -57.98
C LEU E 180 -24.38 67.68 -58.30
N THR E 181 -23.77 68.86 -58.29
CA THR E 181 -22.35 69.02 -58.60
C THR E 181 -21.62 69.51 -57.35
N LEU E 182 -20.50 68.84 -57.03
CA LEU E 182 -19.71 69.21 -55.87
C LEU E 182 -18.27 68.78 -56.09
N SER E 183 -17.37 69.37 -55.33
CA SER E 183 -15.95 69.05 -55.44
C SER E 183 -15.66 67.64 -54.94
N LYS E 184 -14.59 67.04 -55.47
CA LYS E 184 -14.21 65.70 -55.05
C LYS E 184 -13.83 65.67 -53.57
N ALA E 185 -13.10 66.68 -53.10
CA ALA E 185 -12.74 66.74 -51.69
C ALA E 185 -13.98 66.88 -50.81
N ASP E 186 -14.95 67.71 -51.24
CA ASP E 186 -16.19 67.85 -50.48
C ASP E 186 -17.01 66.57 -50.52
N TYR E 187 -16.93 65.81 -51.60
CA TYR E 187 -17.68 64.56 -51.69
C TYR E 187 -17.22 63.56 -50.63
N GLU E 188 -15.92 63.48 -50.38
CA GLU E 188 -15.39 62.56 -49.38
C GLU E 188 -15.71 63.00 -47.95
N LYS E 189 -16.17 64.23 -47.75
CA LYS E 189 -16.52 64.74 -46.44
C LYS E 189 -17.98 64.55 -46.09
N HIS E 190 -18.76 63.95 -46.98
CA HIS E 190 -20.18 63.70 -46.73
C HIS E 190 -20.48 62.22 -46.96
N LYS E 191 -21.42 61.71 -46.17
CA LYS E 191 -21.76 60.29 -46.18
C LYS E 191 -23.05 59.98 -46.94
N VAL E 192 -24.13 60.68 -46.63
CA VAL E 192 -25.46 60.39 -47.19
C VAL E 192 -25.88 61.54 -48.07
N TYR E 193 -26.30 61.22 -49.30
CA TYR E 193 -26.81 62.19 -50.25
C TYR E 193 -28.24 61.81 -50.61
N ALA E 194 -29.16 62.77 -50.51
CA ALA E 194 -30.57 62.52 -50.75
C ALA E 194 -31.21 63.72 -51.40
N CYS E 195 -32.14 63.47 -52.33
CA CYS E 195 -32.94 64.50 -52.96
C CYS E 195 -34.40 64.28 -52.59
N GLU E 196 -35.07 65.35 -52.16
CA GLU E 196 -36.45 65.28 -51.72
C GLU E 196 -37.37 65.68 -52.87
N VAL E 197 -38.40 64.87 -53.11
CA VAL E 197 -39.37 65.11 -54.17
C VAL E 197 -40.74 65.32 -53.54
N THR E 198 -41.39 66.42 -53.90
CA THR E 198 -42.72 66.77 -53.40
C THR E 198 -43.69 66.80 -54.57
N HIS E 199 -44.81 66.10 -54.44
CA HIS E 199 -45.80 66.02 -55.50
C HIS E 199 -47.19 66.23 -54.93
N GLN E 200 -48.09 66.73 -55.77
CA GLN E 200 -49.46 66.98 -55.33
C GLN E 200 -50.21 65.69 -55.01
N GLY E 201 -49.92 64.62 -55.74
CA GLY E 201 -50.60 63.36 -55.58
C GLY E 201 -50.05 62.45 -54.50
N LEU E 202 -49.06 62.90 -53.74
CA LEU E 202 -48.45 62.12 -52.67
C LEU E 202 -48.87 62.70 -51.32
N SER E 203 -49.37 61.83 -50.44
CA SER E 203 -49.78 62.28 -49.11
C SER E 203 -48.60 62.78 -48.30
N SER E 204 -47.46 62.10 -48.38
CA SER E 204 -46.27 62.48 -47.65
C SER E 204 -45.06 62.46 -48.57
N PRO E 205 -44.08 63.32 -48.33
CA PRO E 205 -42.87 63.31 -49.16
C PRO E 205 -42.13 61.99 -49.06
N VAL E 206 -41.55 61.57 -50.18
CA VAL E 206 -40.76 60.35 -50.26
C VAL E 206 -39.30 60.73 -50.47
N THR E 207 -38.42 60.18 -49.64
CA THR E 207 -37.00 60.49 -49.68
C THR E 207 -36.21 59.21 -49.94
N LYS E 208 -35.22 59.30 -50.83
CA LYS E 208 -34.33 58.20 -51.16
C LYS E 208 -32.90 58.61 -50.90
N SER E 209 -32.12 57.70 -50.31
CA SER E 209 -30.75 57.99 -49.94
C SER E 209 -29.93 56.72 -50.02
N PHE E 210 -28.60 56.89 -50.03
CA PHE E 210 -27.68 55.78 -50.13
C PHE E 210 -26.50 56.01 -49.20
N ASN E 211 -25.78 54.93 -48.91
CA ASN E 211 -24.61 54.97 -48.04
C ASN E 211 -23.34 54.86 -48.87
N ARG E 212 -22.39 55.74 -48.61
CA ARG E 212 -21.13 55.73 -49.33
C ARG E 212 -20.38 54.43 -49.09
N GLY E 213 -19.84 53.85 -50.17
CA GLY E 213 -19.08 52.62 -50.11
C GLY E 213 -19.87 51.37 -50.41
N GLU E 214 -21.20 51.43 -50.37
CA GLU E 214 -22.05 50.28 -50.67
C GLU E 214 -22.58 50.29 -52.09
N CYS E 215 -22.07 51.18 -52.94
CA CYS E 215 -22.53 51.28 -54.32
C CYS E 215 -21.44 51.84 -55.23
N VAL F 2 -41.68 81.12 -101.75
CA VAL F 2 -40.82 81.96 -100.93
C VAL F 2 -40.19 81.14 -99.81
N THR F 3 -38.86 81.14 -99.74
CA THR F 3 -38.14 80.40 -98.73
C THR F 3 -36.86 81.16 -98.38
N LEU F 4 -36.37 80.92 -97.16
CA LEU F 4 -35.16 81.56 -96.67
C LEU F 4 -34.24 80.51 -96.07
N LYS F 5 -32.94 80.75 -96.21
CA LYS F 5 -31.92 79.84 -95.68
C LYS F 5 -30.83 80.64 -95.00
N GLU F 6 -30.44 80.20 -93.81
CA GLU F 6 -29.40 80.85 -93.03
C GLU F 6 -28.10 80.07 -93.13
N SER F 7 -27.00 80.75 -92.82
CA SER F 7 -25.68 80.13 -92.87
C SER F 7 -24.72 80.94 -92.02
N GLY F 8 -23.75 80.25 -91.42
CA GLY F 8 -22.74 80.89 -90.60
C GLY F 8 -21.94 79.90 -89.79
N PRO F 9 -20.96 80.40 -89.05
CA PRO F 9 -20.15 79.50 -88.21
C PRO F 9 -20.95 78.93 -87.06
N THR F 10 -20.72 77.65 -86.78
CA THR F 10 -21.40 76.97 -85.68
C THR F 10 -20.73 77.18 -84.33
N LEU F 11 -19.53 77.73 -84.31
CA LEU F 11 -18.81 77.96 -83.06
C LEU F 11 -18.01 79.24 -83.18
N VAL F 12 -18.20 80.15 -82.22
CA VAL F 12 -17.49 81.43 -82.19
C VAL F 12 -17.04 81.70 -80.77
N LYS F 13 -15.81 82.21 -80.62
CA LYS F 13 -15.28 82.54 -79.32
C LYS F 13 -15.87 83.85 -78.81
N PRO F 14 -15.96 84.03 -77.49
CA PRO F 14 -16.47 85.29 -76.94
C PRO F 14 -15.54 86.45 -77.25
N THR F 15 -16.14 87.64 -77.30
CA THR F 15 -15.42 88.88 -77.63
C THR F 15 -14.72 88.75 -78.99
N GLN F 16 -15.52 88.55 -80.02
CA GLN F 16 -15.02 88.38 -81.38
C GLN F 16 -16.06 88.95 -82.34
N THR F 17 -15.94 88.63 -83.62
CA THR F 17 -16.84 89.12 -84.65
C THR F 17 -17.65 87.97 -85.20
N LEU F 18 -18.98 88.11 -85.17
CA LEU F 18 -19.90 87.09 -85.65
C LEU F 18 -20.58 87.60 -86.91
N THR F 19 -20.58 86.78 -87.96
CA THR F 19 -21.16 87.14 -89.24
C THR F 19 -22.15 86.06 -89.67
N LEU F 20 -23.35 86.48 -90.07
CA LEU F 20 -24.38 85.57 -90.55
C LEU F 20 -24.94 86.09 -91.87
N THR F 21 -25.37 85.16 -92.71
CA THR F 21 -25.93 85.48 -94.02
C THR F 21 -27.30 84.83 -94.16
N CYS F 22 -28.28 85.62 -94.59
CA CYS F 22 -29.64 85.15 -94.82
C CYS F 22 -29.84 85.04 -96.33
N THR F 23 -29.84 83.80 -96.83
CA THR F 23 -29.94 83.55 -98.26
C THR F 23 -31.41 83.38 -98.65
N PHE F 24 -31.89 84.26 -99.53
CA PHE F 24 -33.25 84.19 -100.04
C PHE F 24 -33.23 84.34 -101.56
N SER F 25 -34.24 83.75 -102.20
CA SER F 25 -34.33 83.80 -103.66
C SER F 25 -35.80 83.69 -104.06
N GLY F 26 -36.21 84.55 -104.99
CA GLY F 26 -37.58 84.53 -105.46
C GLY F 26 -38.26 85.89 -105.39
N PHE F 27 -37.56 86.87 -104.84
CA PHE F 27 -38.10 88.22 -104.71
C PHE F 27 -36.96 89.21 -104.61
N SER F 28 -37.30 90.48 -104.83
CA SER F 28 -36.32 91.57 -104.78
C SER F 28 -36.85 92.66 -103.86
N LEU F 29 -35.92 93.31 -103.14
CA LEU F 29 -36.28 94.37 -102.20
C LEU F 29 -36.41 95.71 -102.92
N THR F 30 -37.37 95.77 -103.84
CA THR F 30 -37.64 96.97 -104.62
C THR F 30 -38.96 97.63 -104.26
N THR F 31 -40.01 96.86 -104.00
CA THR F 31 -41.30 97.43 -103.66
C THR F 31 -41.29 97.95 -102.23
N THR F 32 -42.15 98.93 -101.97
CA THR F 32 -42.25 99.51 -100.63
C THR F 32 -42.90 98.53 -99.67
N GLY F 33 -42.59 98.71 -98.39
CA GLY F 33 -43.11 97.86 -97.33
C GLY F 33 -42.28 96.62 -97.05
N GLU F 34 -41.69 96.04 -98.10
CA GLU F 34 -40.88 94.85 -97.93
C GLU F 34 -39.65 95.15 -97.09
N GLY F 35 -39.31 94.22 -96.19
CA GLY F 35 -38.15 94.39 -95.33
C GLY F 35 -37.70 93.06 -94.76
N VAL F 36 -36.51 93.08 -94.17
CA VAL F 36 -35.89 91.89 -93.59
C VAL F 36 -35.51 92.21 -92.15
N GLY F 37 -35.78 91.25 -91.25
CA GLY F 37 -35.46 91.43 -89.85
C GLY F 37 -34.88 90.15 -89.27
N TRP F 38 -34.16 90.33 -88.16
CA TRP F 38 -33.51 89.23 -87.47
C TRP F 38 -34.16 89.04 -86.10
N ILE F 39 -34.56 87.81 -85.79
CA ILE F 39 -35.17 87.47 -84.51
C ILE F 39 -34.42 86.27 -83.94
N ARG F 40 -33.96 86.40 -82.70
CA ARG F 40 -33.26 85.33 -82.00
C ARG F 40 -34.07 84.90 -80.78
N GLN F 41 -33.80 83.67 -80.34
CA GLN F 41 -34.51 83.11 -79.19
C GLN F 41 -33.60 82.19 -78.39
N PRO F 42 -33.13 82.62 -77.22
CA PRO F 42 -32.34 81.73 -76.38
C PRO F 42 -33.17 80.54 -75.92
N PRO F 43 -32.54 79.39 -75.71
CA PRO F 43 -33.29 78.21 -75.25
C PRO F 43 -33.98 78.49 -73.92
N GLY F 44 -35.28 78.18 -73.88
CA GLY F 44 -36.08 78.41 -72.70
C GLY F 44 -36.58 79.83 -72.53
N LYS F 45 -36.30 80.72 -73.48
CA LYS F 45 -36.73 82.11 -73.41
C LYS F 45 -37.61 82.43 -74.62
N ALA F 46 -38.04 83.70 -74.69
CA ALA F 46 -38.93 84.16 -75.75
C ALA F 46 -38.11 84.76 -76.89
N LEU F 47 -38.81 85.16 -77.96
CA LEU F 47 -38.17 85.78 -79.10
C LEU F 47 -37.60 87.14 -78.73
N GLU F 48 -36.48 87.49 -79.35
CA GLU F 48 -35.83 88.77 -79.13
C GLU F 48 -35.61 89.46 -80.47
N PHE F 49 -35.98 90.73 -80.55
CA PHE F 49 -35.84 91.51 -81.77
C PHE F 49 -34.49 92.23 -81.78
N LEU F 50 -33.72 92.00 -82.84
CA LEU F 50 -32.40 92.62 -82.98
C LEU F 50 -32.46 93.91 -83.80
N ALA F 51 -32.89 93.81 -85.06
CA ALA F 51 -32.93 94.98 -85.93
C ALA F 51 -33.83 94.67 -87.12
N PHE F 52 -34.23 95.73 -87.82
CA PHE F 52 -35.04 95.62 -89.02
C PHE F 52 -34.60 96.68 -90.02
N ILE F 53 -34.59 96.32 -91.30
CA ILE F 53 -34.16 97.21 -92.37
C ILE F 53 -35.25 97.29 -93.41
N TYR F 54 -35.66 98.51 -93.75
CA TYR F 54 -36.66 98.74 -94.78
C TYR F 54 -35.96 98.95 -96.13
N TRP F 55 -36.71 99.40 -97.13
CA TRP F 55 -36.15 99.68 -98.45
C TRP F 55 -35.40 101.02 -98.40
N ASN F 56 -34.93 101.46 -99.58
CA ASN F 56 -34.19 102.72 -99.74
C ASN F 56 -33.12 102.90 -98.66
N ASP F 57 -32.48 101.78 -98.29
CA ASP F 57 -31.39 101.77 -97.31
C ASP F 57 -31.82 102.39 -95.97
N ALA F 58 -33.07 102.12 -95.58
CA ALA F 58 -33.60 102.57 -94.30
C ALA F 58 -33.49 101.44 -93.29
N LYS F 59 -32.76 101.67 -92.20
CA LYS F 59 -32.51 100.67 -91.19
C LYS F 59 -32.95 101.18 -89.81
N ARG F 60 -33.41 100.26 -88.98
CA ARG F 60 -33.83 100.55 -87.61
C ARG F 60 -33.08 99.64 -86.65
N TYR F 61 -32.73 100.18 -85.48
CA TYR F 61 -31.98 99.45 -84.48
C TYR F 61 -32.69 99.53 -83.14
N ASN F 62 -32.42 98.54 -82.29
CA ASN F 62 -33.01 98.49 -80.96
C ASN F 62 -32.20 99.36 -80.01
N PRO F 63 -32.83 100.30 -79.29
CA PRO F 63 -32.08 101.13 -78.34
C PRO F 63 -31.34 100.33 -77.28
N SER F 64 -31.90 99.20 -76.83
CA SER F 64 -31.22 98.36 -75.87
C SER F 64 -29.93 97.77 -76.44
N LEU F 65 -29.84 97.62 -77.76
CA LEU F 65 -28.64 97.11 -78.40
C LEU F 65 -28.07 98.11 -79.41
N GLN F 66 -28.35 99.39 -79.23
CA GLN F 66 -27.89 100.41 -80.16
C GLN F 66 -26.36 100.54 -80.10
N SER F 67 -25.78 100.97 -81.22
CA SER F 67 -24.32 101.14 -81.35
C SER F 67 -23.57 99.84 -81.12
N ARG F 68 -24.23 98.71 -81.39
CA ARG F 68 -23.60 97.40 -81.25
C ARG F 68 -23.84 96.48 -82.43
N LEU F 69 -24.80 96.77 -83.31
CA LEU F 69 -25.09 95.96 -84.48
C LEU F 69 -25.06 96.82 -85.73
N THR F 70 -24.76 96.18 -86.86
CA THR F 70 -24.71 96.85 -88.14
C THR F 70 -25.49 96.04 -89.17
N ILE F 71 -26.24 96.73 -90.02
CA ILE F 71 -27.06 96.10 -91.05
C ILE F 71 -26.54 96.55 -92.41
N THR F 72 -26.20 95.58 -93.26
CA THR F 72 -25.74 95.84 -94.62
C THR F 72 -26.46 94.91 -95.59
N LYS F 73 -26.82 95.44 -96.74
CA LYS F 73 -27.52 94.68 -97.77
C LYS F 73 -26.77 94.78 -99.08
N ASP F 74 -26.84 93.71 -99.87
CA ASP F 74 -26.20 93.64 -101.18
C ASP F 74 -27.20 93.08 -102.17
N ALA F 75 -27.73 93.95 -103.05
CA ALA F 75 -28.70 93.51 -104.04
C ALA F 75 -28.09 92.58 -105.08
N SER F 76 -26.78 92.64 -105.28
CA SER F 76 -26.14 91.77 -106.27
C SER F 76 -26.26 90.31 -105.87
N LYS F 77 -26.00 89.99 -104.61
CA LYS F 77 -26.10 88.63 -104.12
C LYS F 77 -27.46 88.32 -103.50
N LYS F 78 -28.32 89.33 -103.33
CA LYS F 78 -29.66 89.15 -102.79
C LYS F 78 -29.62 88.47 -101.42
N GLN F 79 -28.76 88.97 -100.55
CA GLN F 79 -28.64 88.44 -99.19
C GLN F 79 -28.18 89.55 -98.26
N VAL F 80 -28.80 89.61 -97.08
CA VAL F 80 -28.45 90.60 -96.06
C VAL F 80 -27.33 90.05 -95.20
N VAL F 81 -26.38 90.91 -94.83
CA VAL F 81 -25.23 90.54 -94.02
C VAL F 81 -25.40 91.14 -92.63
N LEU F 82 -25.26 90.30 -91.61
CA LEU F 82 -25.39 90.72 -90.22
C LEU F 82 -24.04 90.56 -89.53
N THR F 83 -23.62 91.59 -88.80
CA THR F 83 -22.36 91.58 -88.07
C THR F 83 -22.64 91.79 -86.60
N LEU F 84 -22.09 90.92 -85.76
CA LEU F 84 -22.27 90.97 -84.31
C LEU F 84 -20.92 91.08 -83.64
N THR F 85 -20.77 92.07 -82.77
CA THR F 85 -19.54 92.31 -82.03
C THR F 85 -19.80 92.18 -80.54
N ASN F 86 -18.71 92.03 -79.77
CA ASN F 86 -18.76 91.88 -78.32
C ASN F 86 -19.64 90.68 -77.93
N LEU F 87 -19.25 89.52 -78.43
CA LEU F 87 -19.99 88.30 -78.16
C LEU F 87 -19.98 87.96 -76.68
N ASP F 88 -21.12 87.52 -76.17
CA ASP F 88 -21.28 87.14 -74.78
C ASP F 88 -21.95 85.78 -74.69
N PRO F 89 -21.53 84.94 -73.73
CA PRO F 89 -22.15 83.61 -73.60
C PRO F 89 -23.65 83.65 -73.36
N VAL F 90 -24.15 84.67 -72.65
CA VAL F 90 -25.59 84.77 -72.41
C VAL F 90 -26.38 85.13 -73.66
N ASP F 91 -25.71 85.57 -74.72
CA ASP F 91 -26.37 85.95 -75.95
C ASP F 91 -26.51 84.80 -76.93
N THR F 92 -26.12 83.58 -76.54
CA THR F 92 -26.23 82.44 -77.43
C THR F 92 -27.69 82.12 -77.73
N ALA F 93 -28.02 82.06 -79.02
CA ALA F 93 -29.39 81.81 -79.46
C ALA F 93 -29.35 81.45 -80.93
N THR F 94 -30.51 81.03 -81.44
CA THR F 94 -30.69 80.71 -82.85
C THR F 94 -31.29 81.90 -83.57
N TYR F 95 -30.67 82.32 -84.66
CA TYR F 95 -31.06 83.52 -85.39
C TYR F 95 -31.89 83.15 -86.61
N TYR F 96 -33.03 83.81 -86.77
CA TYR F 96 -33.93 83.59 -87.90
C TYR F 96 -34.15 84.90 -88.65
N CYS F 97 -34.37 84.78 -89.95
CA CYS F 97 -34.72 85.91 -90.80
C CYS F 97 -36.03 85.62 -91.52
N ALA F 98 -36.81 86.68 -91.75
CA ALA F 98 -38.13 86.55 -92.35
C ALA F 98 -38.38 87.71 -93.29
N ARG F 99 -39.34 87.53 -94.19
CA ARG F 99 -39.71 88.52 -95.18
C ARG F 99 -41.10 89.07 -94.85
N THR F 100 -41.24 90.39 -94.92
CA THR F 100 -42.51 91.07 -94.68
C THR F 100 -43.11 91.45 -96.03
N SER F 101 -44.30 90.92 -96.31
CA SER F 101 -44.97 91.15 -97.59
C SER F 101 -46.00 92.27 -97.45
N GLY F 102 -45.48 93.47 -97.19
CA GLY F 102 -46.29 94.66 -97.11
C GLY F 102 -46.13 95.35 -95.79
N TRP F 103 -47.13 96.16 -95.44
CA TRP F 103 -47.13 96.92 -94.19
C TRP F 103 -47.86 96.22 -93.06
N ASP F 104 -48.84 95.38 -93.37
CA ASP F 104 -49.62 94.67 -92.36
C ASP F 104 -49.20 93.22 -92.19
N ILE F 105 -48.83 92.56 -93.29
CA ILE F 105 -48.39 91.16 -93.23
C ILE F 105 -46.90 91.13 -92.87
N GLU F 106 -46.60 90.96 -91.59
CA GLU F 106 -45.23 90.99 -91.10
C GLU F 106 -44.75 89.56 -90.83
N PHE F 107 -43.57 89.23 -91.36
CA PHE F 107 -42.93 87.93 -91.14
C PHE F 107 -43.84 86.79 -91.61
N GLU F 108 -44.25 86.87 -92.88
CA GLU F 108 -45.15 85.86 -93.43
C GLU F 108 -44.42 84.55 -93.69
N TYR F 109 -43.16 84.61 -94.10
CA TYR F 109 -42.37 83.43 -94.43
C TYR F 109 -41.13 83.38 -93.56
N TRP F 110 -40.88 82.23 -92.94
CA TRP F 110 -39.72 82.03 -92.08
C TRP F 110 -38.83 80.94 -92.65
N GLY F 111 -37.52 81.07 -92.39
CA GLY F 111 -36.56 80.10 -92.87
C GLY F 111 -36.40 78.91 -91.95
N GLN F 112 -35.15 78.52 -91.69
CA GLN F 112 -34.86 77.39 -90.82
C GLN F 112 -33.96 77.75 -89.64
N GLY F 113 -33.08 78.73 -89.79
CA GLY F 113 -32.22 79.15 -88.71
C GLY F 113 -30.98 78.28 -88.57
N THR F 114 -30.09 78.72 -87.68
CA THR F 114 -28.86 78.00 -87.40
C THR F 114 -28.41 78.30 -85.98
N LEU F 115 -27.91 77.28 -85.29
CA LEU F 115 -27.48 77.43 -83.91
C LEU F 115 -26.06 78.00 -83.88
N VAL F 116 -25.89 79.13 -83.20
CA VAL F 116 -24.60 79.80 -83.07
C VAL F 116 -24.23 79.75 -81.59
N THR F 117 -23.31 78.86 -81.24
CA THR F 117 -22.88 78.69 -79.85
C THR F 117 -21.69 79.59 -79.56
N VAL F 118 -21.77 80.35 -78.47
CA VAL F 118 -20.71 81.25 -78.04
C VAL F 118 -20.16 80.68 -76.74
N SER F 119 -19.08 79.90 -76.84
CA SER F 119 -18.44 79.29 -75.68
C SER F 119 -16.93 79.47 -75.77
N SER F 120 -16.30 79.72 -74.63
CA SER F 120 -14.86 79.90 -74.60
C SER F 120 -14.11 78.60 -74.85
N GLY F 121 -14.74 77.45 -74.60
CA GLY F 121 -14.11 76.18 -74.82
C GLY F 121 -14.09 75.77 -76.28
N SER F 122 -13.49 74.61 -76.53
CA SER F 122 -13.38 74.05 -77.87
C SER F 122 -14.32 72.86 -78.02
N ALA F 123 -14.56 72.49 -79.28
CA ALA F 123 -15.45 71.37 -79.60
C ALA F 123 -14.71 70.06 -79.33
N SER F 124 -14.72 69.64 -78.07
CA SER F 124 -14.07 68.43 -77.65
C SER F 124 -15.01 67.23 -77.79
N ALA F 125 -14.41 66.04 -77.80
CA ALA F 125 -15.20 64.82 -77.93
C ALA F 125 -16.02 64.59 -76.67
N PRO F 126 -17.21 64.02 -76.81
CA PRO F 126 -18.05 63.76 -75.63
C PRO F 126 -17.44 62.71 -74.73
N THR F 127 -17.72 62.83 -73.43
CA THR F 127 -17.23 61.90 -72.43
C THR F 127 -18.40 61.19 -71.78
N LEU F 128 -18.34 59.86 -71.75
CA LEU F 128 -19.38 59.04 -71.16
C LEU F 128 -18.95 58.56 -69.79
N PHE F 129 -19.90 58.51 -68.86
CA PHE F 129 -19.65 58.07 -67.50
C PHE F 129 -20.74 57.08 -67.10
N PRO F 130 -20.38 55.90 -66.58
CA PRO F 130 -21.40 54.94 -66.19
C PRO F 130 -22.24 55.42 -65.01
N LEU F 131 -23.48 54.96 -64.97
CA LEU F 131 -24.43 55.32 -63.91
C LEU F 131 -25.08 54.05 -63.40
N VAL F 132 -24.87 53.75 -62.12
CA VAL F 132 -25.42 52.56 -61.48
C VAL F 132 -26.42 53.02 -60.43
N SER F 133 -27.65 52.51 -60.52
CA SER F 133 -28.69 52.89 -59.58
C SER F 133 -28.46 52.20 -58.24
N CYS F 134 -28.48 52.99 -57.17
CA CYS F 134 -28.30 52.49 -55.80
C CYS F 134 -29.63 52.32 -55.08
N GLU F 135 -30.73 52.20 -55.81
CA GLU F 135 -32.04 52.03 -55.19
C GLU F 135 -32.10 50.70 -54.45
N ASN F 136 -32.78 50.70 -53.30
CA ASN F 136 -32.87 49.50 -52.48
C ASN F 136 -34.20 49.53 -51.73
N SER F 137 -34.65 48.34 -51.35
CA SER F 137 -35.87 48.13 -50.56
C SER F 137 -37.13 48.57 -51.29
N SER F 138 -37.05 48.89 -52.57
CA SER F 138 -38.22 49.31 -53.33
C SER F 138 -38.02 49.03 -54.82
N PRO F 139 -38.14 47.78 -55.25
CA PRO F 139 -38.04 47.50 -56.70
C PRO F 139 -39.11 48.18 -57.52
N SER F 140 -40.31 48.35 -56.95
CA SER F 140 -41.44 49.00 -57.62
C SER F 140 -41.85 48.24 -58.87
N SER F 141 -42.62 48.89 -59.75
CA SER F 141 -43.07 48.25 -60.97
C SER F 141 -41.91 48.04 -61.94
N THR F 142 -41.11 49.08 -62.18
CA THR F 142 -40.01 49.02 -63.12
C THR F 142 -38.83 49.82 -62.58
N VAL F 143 -37.66 49.59 -63.16
CA VAL F 143 -36.44 50.30 -62.81
C VAL F 143 -35.83 50.86 -64.07
N ALA F 144 -35.04 51.92 -63.91
CA ALA F 144 -34.44 52.62 -65.04
C ALA F 144 -32.95 52.81 -64.81
N VAL F 145 -32.19 52.82 -65.91
CA VAL F 145 -30.75 53.07 -65.89
C VAL F 145 -30.45 54.13 -66.95
N GLY F 146 -29.34 54.84 -66.77
CA GLY F 146 -29.02 55.92 -67.67
C GLY F 146 -27.61 55.92 -68.22
N CYS F 147 -27.22 57.03 -68.84
CA CYS F 147 -25.89 57.18 -69.43
C CYS F 147 -25.55 58.67 -69.42
N LEU F 148 -24.41 59.01 -68.81
CA LEU F 148 -24.05 60.41 -68.58
C LEU F 148 -23.10 60.86 -69.67
N ALA F 149 -23.67 61.46 -70.72
CA ALA F 149 -22.88 62.09 -71.78
C ALA F 149 -22.52 63.50 -71.34
N GLN F 150 -21.23 63.76 -71.14
CA GLN F 150 -20.75 65.04 -70.63
C GLN F 150 -19.63 65.56 -71.51
N ASP F 151 -19.39 66.87 -71.41
CA ASP F 151 -18.32 67.55 -72.13
C ASP F 151 -18.47 67.39 -73.66
N PHE F 152 -19.57 67.94 -74.17
CA PHE F 152 -19.85 67.92 -75.60
C PHE F 152 -20.22 69.32 -76.06
N LEU F 153 -19.85 69.63 -77.30
CA LEU F 153 -20.11 70.93 -77.90
C LEU F 153 -19.93 70.83 -79.41
N PRO F 154 -20.92 71.28 -80.20
CA PRO F 154 -22.21 71.85 -79.81
C PRO F 154 -23.22 70.78 -79.40
N ASP F 155 -24.36 71.18 -78.85
CA ASP F 155 -25.35 70.21 -78.38
C ASP F 155 -26.08 69.56 -79.55
N SER F 156 -25.57 68.42 -80.02
CA SER F 156 -26.24 67.62 -81.05
C SER F 156 -25.86 66.16 -80.79
N ILE F 157 -26.72 65.47 -80.02
CA ILE F 157 -26.47 64.09 -79.62
C ILE F 157 -27.77 63.31 -79.75
N THR F 158 -27.68 62.09 -80.27
CA THR F 158 -28.81 61.17 -80.35
C THR F 158 -28.44 59.89 -79.59
N PHE F 159 -29.38 59.39 -78.81
CA PHE F 159 -29.15 58.25 -77.93
C PHE F 159 -29.85 57.01 -78.45
N SER F 160 -29.13 55.89 -78.44
CA SER F 160 -29.67 54.60 -78.84
C SER F 160 -29.19 53.55 -77.87
N TRP F 161 -30.10 52.68 -77.44
CA TRP F 161 -29.82 51.64 -76.46
C TRP F 161 -29.90 50.27 -77.12
N LYS F 162 -28.87 49.45 -76.89
CA LYS F 162 -28.82 48.10 -77.43
C LYS F 162 -28.38 47.14 -76.33
N TYR F 163 -28.81 45.88 -76.46
CA TYR F 163 -28.43 44.85 -75.52
C TYR F 163 -27.06 44.29 -75.90
N LYS F 164 -26.63 43.23 -75.21
CA LYS F 164 -25.35 42.61 -75.52
C LYS F 164 -25.38 41.96 -76.90
N ASN F 165 -26.52 41.38 -77.29
CA ASN F 165 -26.66 40.73 -78.58
C ASN F 165 -27.07 41.70 -79.68
N ASN F 166 -26.84 43.00 -79.48
CA ASN F 166 -27.14 44.03 -80.49
C ASN F 166 -28.62 44.03 -80.84
N SER F 167 -29.46 44.19 -79.83
CA SER F 167 -30.90 44.27 -80.02
C SER F 167 -31.32 45.73 -80.19
N ASP F 168 -32.63 45.99 -80.15
CA ASP F 168 -33.16 47.34 -80.31
C ASP F 168 -34.02 47.69 -79.10
N ILE F 169 -33.84 48.91 -78.60
CA ILE F 169 -34.59 49.41 -77.45
C ILE F 169 -35.18 50.77 -77.82
N SER F 170 -36.42 51.01 -77.39
CA SER F 170 -37.11 52.26 -77.63
C SER F 170 -37.19 53.03 -76.31
N SER F 171 -36.28 53.99 -76.14
CA SER F 171 -36.22 54.79 -74.92
C SER F 171 -37.05 56.07 -75.06
N THR F 172 -36.73 56.89 -76.05
CA THR F 172 -37.43 58.14 -76.37
C THR F 172 -37.33 59.17 -75.24
N ARG F 173 -36.49 58.93 -74.24
CA ARG F 173 -36.33 59.85 -73.12
C ARG F 173 -35.07 60.68 -73.37
N GLY F 174 -35.27 61.92 -73.84
CA GLY F 174 -34.16 62.81 -74.11
C GLY F 174 -34.23 64.10 -73.33
N PHE F 175 -33.30 64.31 -72.42
CA PHE F 175 -33.29 65.54 -71.62
C PHE F 175 -32.48 66.63 -72.33
N PRO F 176 -32.98 67.86 -72.32
CA PRO F 176 -32.23 68.96 -72.95
C PRO F 176 -30.95 69.27 -72.20
N SER F 177 -29.98 69.81 -72.93
CA SER F 177 -28.70 70.14 -72.35
C SER F 177 -28.75 71.49 -71.62
N VAL F 178 -27.91 71.64 -70.61
CA VAL F 178 -27.84 72.85 -69.81
C VAL F 178 -26.39 73.32 -69.77
N LEU F 179 -26.20 74.64 -69.91
CA LEU F 179 -24.87 75.23 -69.90
C LEU F 179 -24.38 75.32 -68.46
N ARG F 180 -23.34 74.53 -68.13
CA ARG F 180 -22.76 74.51 -66.80
C ARG F 180 -21.25 74.63 -66.93
N GLY F 181 -20.69 75.74 -66.43
CA GLY F 181 -19.26 75.95 -66.47
C GLY F 181 -18.69 76.02 -67.88
N GLY F 182 -19.40 76.69 -68.79
CA GLY F 182 -18.92 76.84 -70.15
C GLY F 182 -19.13 75.64 -71.06
N LYS F 183 -19.73 74.57 -70.55
CA LYS F 183 -19.96 73.37 -71.34
C LYS F 183 -21.40 72.90 -71.15
N TYR F 184 -21.92 72.21 -72.15
CA TYR F 184 -23.28 71.67 -72.10
C TYR F 184 -23.25 70.28 -71.47
N ALA F 185 -24.16 70.05 -70.53
CA ALA F 185 -24.28 68.78 -69.85
C ALA F 185 -25.70 68.25 -70.02
N ALA F 186 -25.81 66.94 -70.28
CA ALA F 186 -27.11 66.32 -70.48
C ALA F 186 -27.05 64.87 -69.98
N THR F 187 -28.22 64.34 -69.66
CA THR F 187 -28.37 62.97 -69.18
C THR F 187 -29.48 62.30 -69.96
N SER F 188 -29.31 61.01 -70.24
CA SER F 188 -30.30 60.21 -70.95
C SER F 188 -30.53 58.90 -70.22
N GLN F 189 -31.79 58.52 -70.11
CA GLN F 189 -32.20 57.30 -69.41
C GLN F 189 -32.94 56.38 -70.37
N VAL F 190 -33.30 55.20 -69.87
CA VAL F 190 -34.01 54.20 -70.66
C VAL F 190 -34.87 53.36 -69.71
N LEU F 191 -36.07 53.02 -70.16
CA LEU F 191 -37.00 52.21 -69.39
C LEU F 191 -36.97 50.77 -69.90
N LEU F 192 -36.76 49.83 -68.99
CA LEU F 192 -36.71 48.41 -69.33
C LEU F 192 -37.62 47.63 -68.41
N PRO F 193 -38.25 46.56 -68.91
CA PRO F 193 -39.08 45.73 -68.04
C PRO F 193 -38.24 45.05 -66.96
N SER F 194 -38.86 44.88 -65.79
CA SER F 194 -38.16 44.27 -64.66
C SER F 194 -37.81 42.81 -64.95
N LYS F 195 -38.72 42.07 -65.58
CA LYS F 195 -38.51 40.64 -65.79
C LYS F 195 -37.32 40.39 -66.71
N ASP F 196 -37.18 41.20 -67.76
CA ASP F 196 -36.09 40.98 -68.72
C ASP F 196 -34.73 41.22 -68.07
N VAL F 197 -34.63 42.18 -67.15
CA VAL F 197 -33.37 42.45 -66.47
C VAL F 197 -32.90 41.23 -65.69
N MET F 198 -33.82 40.61 -64.95
CA MET F 198 -33.50 39.40 -64.18
C MET F 198 -33.90 38.18 -65.02
N GLN F 199 -33.04 37.85 -65.97
CA GLN F 199 -33.31 36.77 -66.90
C GLN F 199 -32.04 36.36 -67.64
N GLY F 200 -31.84 36.90 -68.84
CA GLY F 200 -30.69 36.57 -69.67
C GLY F 200 -29.35 36.82 -68.99
N THR F 201 -28.34 36.05 -69.40
CA THR F 201 -27.02 36.14 -68.78
C THR F 201 -26.30 37.44 -69.13
N ASP F 202 -26.81 38.22 -70.09
CA ASP F 202 -26.19 39.49 -70.46
C ASP F 202 -26.15 40.43 -69.26
N GLU F 203 -24.94 40.75 -68.78
CA GLU F 203 -24.76 41.57 -67.59
C GLU F 203 -24.36 43.00 -67.91
N HIS F 204 -24.37 43.39 -69.19
CA HIS F 204 -23.96 44.73 -69.55
C HIS F 204 -24.62 45.13 -70.86
N VAL F 205 -24.75 46.44 -71.06
CA VAL F 205 -25.25 47.01 -72.30
C VAL F 205 -24.33 48.17 -72.69
N VAL F 206 -24.42 48.57 -73.95
CA VAL F 206 -23.56 49.60 -74.52
C VAL F 206 -24.35 50.88 -74.71
N CYS F 207 -23.74 52.00 -74.32
CA CYS F 207 -24.31 53.33 -74.53
C CYS F 207 -23.66 53.95 -75.75
N LYS F 208 -24.48 54.31 -76.74
CA LYS F 208 -24.00 54.80 -78.03
C LYS F 208 -24.45 56.25 -78.22
N VAL F 209 -23.50 57.10 -78.63
CA VAL F 209 -23.78 58.50 -78.94
C VAL F 209 -23.17 58.82 -80.30
N GLN F 210 -23.90 59.59 -81.09
CA GLN F 210 -23.47 59.98 -82.43
C GLN F 210 -23.24 61.48 -82.44
N HIS F 211 -22.01 61.88 -82.09
CA HIS F 211 -21.58 63.27 -82.06
C HIS F 211 -20.45 63.49 -83.08
N PRO F 212 -20.45 64.62 -83.77
CA PRO F 212 -19.41 64.84 -84.80
C PRO F 212 -18.07 65.27 -84.22
N ASN F 213 -17.61 64.56 -83.17
CA ASN F 213 -16.28 64.78 -82.64
C ASN F 213 -15.61 63.48 -82.21
N GLY F 214 -16.20 62.34 -82.50
CA GLY F 214 -15.69 61.04 -82.11
C GLY F 214 -16.80 60.02 -82.06
N ASN F 215 -16.45 58.77 -82.33
CA ASN F 215 -17.40 57.66 -82.36
C ASN F 215 -17.18 56.68 -81.21
N LYS F 216 -16.85 57.21 -80.03
CA LYS F 216 -16.67 56.36 -78.87
C LYS F 216 -18.01 55.85 -78.36
N GLU F 217 -17.96 54.69 -77.70
CA GLU F 217 -19.18 54.08 -77.15
C GLU F 217 -18.77 53.22 -75.95
N LYS F 218 -19.03 53.74 -74.75
CA LYS F 218 -18.72 53.02 -73.52
C LYS F 218 -19.90 52.13 -73.13
N ASP F 219 -19.59 51.05 -72.42
CA ASP F 219 -20.57 50.08 -71.99
C ASP F 219 -20.82 50.23 -70.49
N VAL F 220 -22.09 50.18 -70.11
CA VAL F 220 -22.52 50.31 -68.71
C VAL F 220 -22.90 48.93 -68.20
N PRO F 221 -22.18 48.37 -67.23
CA PRO F 221 -22.54 47.05 -66.71
C PRO F 221 -23.82 47.11 -65.89
N LEU F 222 -24.70 46.14 -66.13
CA LEU F 222 -25.95 46.09 -65.38
C LEU F 222 -25.70 45.69 -63.94
N PRO F 223 -26.31 46.38 -62.97
CA PRO F 223 -26.15 45.99 -61.57
C PRO F 223 -26.77 44.65 -61.22
N VAL F 224 -27.66 44.13 -62.08
CA VAL F 224 -28.41 42.89 -61.91
C VAL F 224 -29.32 42.97 -60.69
N VAL F 225 -30.59 42.65 -60.86
CA VAL F 225 -31.56 42.77 -59.78
C VAL F 225 -31.47 41.55 -58.84
N ILE F 226 -31.52 40.36 -59.40
CA ILE F 226 -31.48 39.13 -58.60
C ILE F 226 -30.04 38.79 -58.22
N ILE G 152 -21.05 -0.55 -30.89
CA ILE G 152 -20.95 0.60 -30.00
C ILE G 152 -21.23 0.15 -28.57
N ARG G 153 -20.24 0.33 -27.69
CA ARG G 153 -20.34 -0.05 -26.29
C ARG G 153 -20.52 1.20 -25.43
N VAL G 154 -20.72 0.96 -24.14
CA VAL G 154 -20.90 2.05 -23.17
C VAL G 154 -20.44 1.55 -21.81
N PHE G 155 -19.71 2.40 -21.09
CA PHE G 155 -19.19 2.07 -19.77
C PHE G 155 -19.75 3.02 -18.73
N ALA G 156 -19.94 2.49 -17.52
CA ALA G 156 -20.44 3.26 -16.39
C ALA G 156 -19.38 3.31 -15.31
N ILE G 157 -19.09 4.51 -14.83
CA ILE G 157 -18.04 4.70 -13.82
C ILE G 157 -18.69 5.23 -12.54
N PRO G 158 -18.94 4.37 -11.54
CA PRO G 158 -19.48 4.86 -10.28
C PRO G 158 -18.47 5.70 -9.54
N PRO G 159 -18.90 6.62 -8.69
CA PRO G 159 -17.95 7.45 -7.93
C PRO G 159 -17.17 6.61 -6.94
N SER G 160 -15.85 6.60 -7.09
CA SER G 160 -14.99 5.80 -6.22
C SER G 160 -14.85 6.44 -4.85
N PHE G 161 -14.65 5.60 -3.84
CA PHE G 161 -14.45 6.11 -2.48
C PHE G 161 -13.10 6.79 -2.31
N ALA G 162 -12.14 6.50 -3.18
CA ALA G 162 -10.83 7.13 -3.09
C ALA G 162 -10.85 8.60 -3.49
N SER G 163 -11.96 9.10 -4.03
CA SER G 163 -12.08 10.49 -4.42
C SER G 163 -13.11 11.27 -3.61
N ILE G 164 -14.06 10.59 -2.96
CA ILE G 164 -15.09 11.29 -2.20
C ILE G 164 -14.50 11.89 -0.93
N PHE G 165 -13.97 11.04 -0.05
CA PHE G 165 -13.42 11.53 1.21
C PHE G 165 -12.06 12.18 1.02
N LEU G 166 -11.25 11.68 0.09
CA LEU G 166 -9.87 12.15 -0.04
C LEU G 166 -9.79 13.50 -0.75
N THR G 167 -10.64 13.73 -1.76
CA THR G 167 -10.54 14.93 -2.58
C THR G 167 -11.82 15.75 -2.63
N LYS G 168 -12.90 15.30 -1.99
CA LYS G 168 -14.20 16.00 -2.03
C LYS G 168 -14.67 16.21 -3.46
N SER G 169 -14.54 15.16 -4.28
CA SER G 169 -14.88 15.19 -5.70
C SER G 169 -15.84 14.07 -6.04
N THR G 170 -16.90 13.94 -5.23
CA THR G 170 -17.86 12.84 -5.39
C THR G 170 -18.73 13.03 -6.62
N LYS G 171 -18.12 12.96 -7.80
CA LYS G 171 -18.83 13.06 -9.07
C LYS G 171 -18.89 11.69 -9.74
N LEU G 172 -19.91 11.49 -10.57
CA LEU G 172 -20.10 10.26 -11.30
C LEU G 172 -20.20 10.56 -12.80
N THR G 173 -19.56 9.72 -13.61
CA THR G 173 -19.51 9.92 -15.05
C THR G 173 -19.79 8.60 -15.76
N CYS G 174 -20.29 8.71 -16.99
CA CYS G 174 -20.51 7.57 -17.87
C CYS G 174 -19.72 7.78 -19.15
N LEU G 175 -18.91 6.79 -19.51
CA LEU G 175 -18.01 6.89 -20.65
C LEU G 175 -18.56 6.08 -21.82
N VAL G 176 -18.41 6.62 -23.03
CA VAL G 176 -18.85 5.97 -24.26
C VAL G 176 -17.62 5.66 -25.10
N THR G 177 -17.54 4.43 -25.59
CA THR G 177 -16.41 3.98 -26.39
C THR G 177 -16.92 3.24 -27.64
N ASP G 178 -16.03 3.09 -28.61
CA ASP G 178 -16.23 2.39 -29.87
C ASP G 178 -17.29 3.04 -30.75
N LEU G 179 -17.82 4.20 -30.37
CA LEU G 179 -18.81 4.88 -31.20
C LEU G 179 -18.12 5.65 -32.33
N THR G 180 -18.91 6.02 -33.33
CA THR G 180 -18.39 6.75 -34.47
C THR G 180 -17.96 8.15 -34.05
N THR G 181 -16.93 8.67 -34.73
CA THR G 181 -16.37 9.99 -34.43
C THR G 181 -17.23 11.05 -35.11
N TYR G 182 -18.36 11.35 -34.47
CA TYR G 182 -19.29 12.37 -34.94
C TYR G 182 -19.42 13.46 -33.87
N ASP G 183 -20.36 14.38 -34.08
CA ASP G 183 -20.55 15.53 -33.20
C ASP G 183 -22.00 15.55 -32.72
N SER G 184 -22.37 16.64 -32.05
CA SER G 184 -23.71 16.85 -31.50
C SER G 184 -24.07 15.73 -30.50
N VAL G 185 -23.20 15.55 -29.52
CA VAL G 185 -23.39 14.57 -28.46
C VAL G 185 -23.51 15.31 -27.14
N THR G 186 -24.56 14.98 -26.38
CA THR G 186 -24.80 15.60 -25.09
C THR G 186 -25.20 14.52 -24.09
N ILE G 187 -24.58 14.55 -22.91
CA ILE G 187 -24.82 13.57 -21.86
C ILE G 187 -25.54 14.29 -20.72
N SER G 188 -26.81 13.96 -20.51
CA SER G 188 -27.62 14.54 -19.46
C SER G 188 -27.94 13.49 -18.40
N TRP G 189 -27.82 13.89 -17.13
CA TRP G 189 -28.10 13.01 -16.01
C TRP G 189 -29.52 13.27 -15.51
N THR G 190 -30.29 12.21 -15.33
CA THR G 190 -31.66 12.29 -14.84
C THR G 190 -31.80 11.42 -13.60
N ARG G 191 -32.49 11.96 -12.60
CA ARG G 191 -32.71 11.25 -11.34
C ARG G 191 -33.97 10.40 -11.46
N GLN G 192 -34.42 9.83 -10.33
CA GLN G 192 -35.60 8.98 -10.35
C GLN G 192 -36.89 9.78 -10.56
N ASN G 193 -36.87 11.08 -10.25
CA ASN G 193 -38.04 11.93 -10.45
C ASN G 193 -38.04 12.64 -11.79
N GLY G 194 -37.01 12.44 -12.61
CA GLY G 194 -36.93 13.06 -13.91
C GLY G 194 -36.39 14.47 -13.93
N GLU G 195 -36.06 15.04 -12.76
CA GLU G 195 -35.53 16.39 -12.72
C GLU G 195 -34.13 16.44 -13.32
N ALA G 196 -33.79 17.58 -13.90
CA ALA G 196 -32.50 17.78 -14.53
C ALA G 196 -31.48 18.30 -13.52
N VAL G 197 -30.20 18.16 -13.89
CA VAL G 197 -29.09 18.60 -13.05
C VAL G 197 -28.24 19.60 -13.82
N LYS G 198 -27.17 20.07 -13.20
CA LYS G 198 -26.27 21.01 -13.85
C LYS G 198 -25.54 20.36 -15.02
N THR G 199 -25.14 21.19 -15.98
CA THR G 199 -24.45 20.72 -17.17
C THR G 199 -22.98 20.45 -16.86
N HIS G 200 -22.19 20.19 -17.90
CA HIS G 200 -20.78 19.90 -17.75
C HIS G 200 -19.99 20.62 -18.83
N THR G 201 -18.67 20.60 -18.69
CA THR G 201 -17.77 21.24 -19.64
C THR G 201 -16.58 20.31 -19.87
N ASN G 202 -15.54 20.84 -20.51
CA ASN G 202 -14.32 20.09 -20.82
C ASN G 202 -14.63 18.85 -21.65
N ILE G 203 -15.16 19.09 -22.84
CA ILE G 203 -15.50 18.01 -23.76
C ILE G 203 -14.22 17.46 -24.39
N SER G 204 -14.08 16.14 -24.36
CA SER G 204 -12.91 15.49 -24.92
C SER G 204 -12.94 15.51 -26.44
N GLU G 205 -11.85 15.07 -27.04
CA GLU G 205 -11.69 15.03 -28.49
C GLU G 205 -11.62 13.58 -28.97
N SER G 206 -11.42 13.43 -30.27
CA SER G 206 -11.34 12.12 -30.89
C SER G 206 -9.98 11.48 -30.64
N HIS G 207 -9.92 10.16 -30.86
CA HIS G 207 -8.71 9.38 -30.67
C HIS G 207 -8.12 8.98 -32.02
N PRO G 208 -6.80 8.73 -32.07
CA PRO G 208 -6.20 8.28 -33.34
C PRO G 208 -6.75 6.95 -33.84
N ASN G 209 -7.33 6.13 -32.96
CA ASN G 209 -7.91 4.85 -33.34
C ASN G 209 -9.30 4.99 -33.95
N ALA G 210 -9.69 6.20 -34.37
CA ALA G 210 -11.00 6.47 -34.97
C ALA G 210 -12.14 6.07 -34.03
N THR G 211 -11.96 6.36 -32.74
CA THR G 211 -12.99 6.10 -31.74
C THR G 211 -13.26 7.38 -30.95
N PHE G 212 -14.53 7.75 -30.87
CA PHE G 212 -14.91 8.97 -30.15
C PHE G 212 -14.95 8.70 -28.65
N SER G 213 -14.73 9.76 -27.87
CA SER G 213 -14.75 9.68 -26.42
C SER G 213 -15.48 10.89 -25.85
N ALA G 214 -16.47 10.63 -25.00
CA ALA G 214 -17.22 11.69 -24.35
C ALA G 214 -17.43 11.32 -22.89
N VAL G 215 -17.47 12.33 -22.04
CA VAL G 215 -17.65 12.15 -20.59
C VAL G 215 -18.72 13.14 -20.12
N GLY G 216 -19.67 12.65 -19.34
CA GLY G 216 -20.69 13.49 -18.75
C GLY G 216 -20.50 13.69 -17.26
N GLU G 217 -20.21 14.92 -16.85
CA GLU G 217 -19.91 15.24 -15.47
C GLU G 217 -21.13 15.84 -14.78
N ALA G 218 -21.35 15.44 -13.53
CA ALA G 218 -22.46 15.96 -12.74
C ALA G 218 -22.02 16.03 -11.29
N SER G 219 -22.67 16.91 -10.53
CA SER G 219 -22.36 17.13 -9.12
C SER G 219 -23.55 16.70 -8.27
N ILE G 220 -23.30 15.81 -7.32
CA ILE G 220 -24.32 15.34 -6.39
C ILE G 220 -23.82 15.59 -4.98
N CYS G 221 -24.74 15.47 -4.01
CA CYS G 221 -24.40 15.67 -2.62
C CYS G 221 -23.99 14.35 -1.96
N GLU G 222 -23.21 14.46 -0.89
CA GLU G 222 -22.75 13.27 -0.19
C GLU G 222 -23.91 12.52 0.45
N ASP G 223 -24.87 13.23 1.03
CA ASP G 223 -26.00 12.57 1.67
C ASP G 223 -26.90 11.89 0.64
N ASP G 224 -27.03 12.46 -0.56
CA ASP G 224 -27.86 11.86 -1.59
C ASP G 224 -27.34 10.49 -2.01
N TRP G 225 -26.02 10.37 -2.16
CA TRP G 225 -25.44 9.09 -2.56
C TRP G 225 -25.66 8.01 -1.50
N ASN G 226 -25.53 8.38 -0.22
CA ASN G 226 -25.72 7.42 0.85
C ASN G 226 -27.18 7.01 1.02
N SER G 227 -28.12 7.73 0.40
CA SER G 227 -29.54 7.40 0.49
C SER G 227 -29.97 6.41 -0.58
N GLY G 228 -29.06 5.97 -1.45
CA GLY G 228 -29.40 5.01 -2.48
C GLY G 228 -30.34 5.53 -3.55
N GLU G 229 -30.16 6.77 -3.97
CA GLU G 229 -30.99 7.34 -5.03
C GLU G 229 -30.64 6.71 -6.37
N ARG G 230 -31.64 6.64 -7.25
CA ARG G 230 -31.48 6.04 -8.57
C ARG G 230 -31.07 7.13 -9.56
N PHE G 231 -29.89 6.97 -10.15
CA PHE G 231 -29.37 7.89 -11.15
C PHE G 231 -29.24 7.17 -12.48
N THR G 232 -29.65 7.85 -13.56
CA THR G 232 -29.65 7.26 -14.90
C THR G 232 -28.89 8.18 -15.86
N CYS G 233 -27.94 7.60 -16.58
CA CYS G 233 -27.21 8.31 -17.63
C CYS G 233 -27.69 7.80 -18.98
N THR G 234 -28.10 8.73 -19.84
CA THR G 234 -28.62 8.40 -21.16
C THR G 234 -27.60 8.77 -22.23
N VAL G 235 -27.44 7.87 -23.20
CA VAL G 235 -26.50 8.06 -24.30
C VAL G 235 -27.24 8.64 -25.48
N THR G 236 -26.72 9.74 -26.03
CA THR G 236 -27.33 10.44 -27.16
C THR G 236 -26.30 10.45 -28.29
N HIS G 237 -26.36 9.45 -29.16
CA HIS G 237 -25.46 9.34 -30.29
C HIS G 237 -26.25 9.35 -31.59
N THR G 238 -25.63 9.89 -32.65
CA THR G 238 -26.31 9.98 -33.93
C THR G 238 -26.55 8.61 -34.56
N ASP G 239 -25.60 7.67 -34.41
CA ASP G 239 -25.74 6.36 -35.02
C ASP G 239 -26.88 5.57 -34.38
N LEU G 240 -26.94 5.56 -33.05
CA LEU G 240 -27.96 4.80 -32.35
C LEU G 240 -29.19 5.66 -32.13
N PRO G 241 -30.34 5.34 -32.74
CA PRO G 241 -31.54 6.15 -32.52
C PRO G 241 -32.23 5.91 -31.19
N SER G 242 -31.91 4.83 -30.48
CA SER G 242 -32.56 4.52 -29.22
C SER G 242 -31.61 4.84 -28.07
N PRO G 243 -31.91 5.84 -27.24
CA PRO G 243 -31.01 6.16 -26.12
C PRO G 243 -31.07 5.12 -25.01
N LEU G 244 -29.97 4.41 -24.81
CA LEU G 244 -29.92 3.40 -23.75
C LEU G 244 -29.87 4.06 -22.38
N LYS G 245 -30.38 3.35 -21.38
CA LYS G 245 -30.42 3.83 -20.00
C LYS G 245 -29.48 2.98 -19.15
N GLN G 246 -28.57 3.65 -18.44
CA GLN G 246 -27.64 2.99 -17.53
C GLN G 246 -27.94 3.46 -16.11
N THR G 247 -28.18 2.51 -15.21
CA THR G 247 -28.53 2.81 -13.83
C THR G 247 -27.31 2.63 -12.94
N ILE G 248 -27.01 3.66 -12.15
CA ILE G 248 -25.90 3.64 -11.20
C ILE G 248 -26.45 4.01 -9.83
N SER G 249 -26.24 3.13 -8.85
CA SER G 249 -26.72 3.37 -7.49
C SER G 249 -25.89 2.55 -6.52
N ARG G 250 -25.70 3.10 -5.33
CA ARG G 250 -24.96 2.41 -4.29
C ARG G 250 -25.82 1.32 -3.67
N PRO G 251 -25.37 0.06 -3.64
CA PRO G 251 -26.19 -1.00 -3.05
C PRO G 251 -26.29 -0.89 -1.53
N LYS G 252 -27.47 -0.53 -1.04
CA LYS G 252 -27.69 -0.41 0.39
C LYS G 252 -27.92 -1.78 1.01
N GLY G 253 -27.76 -1.84 2.34
CA GLY G 253 -27.95 -3.06 3.08
C GLY G 253 -26.73 -3.96 3.18
N VAL G 254 -25.56 -3.46 2.80
CA VAL G 254 -24.33 -4.24 2.86
C VAL G 254 -23.60 -3.94 4.16
N ALA G 255 -22.99 -4.97 4.75
CA ALA G 255 -22.29 -4.80 6.01
C ALA G 255 -20.90 -4.21 5.77
N LEU G 256 -20.33 -3.65 6.84
CA LEU G 256 -19.01 -3.04 6.81
C LEU G 256 -18.04 -3.90 7.59
N HIS G 257 -16.88 -4.17 6.99
CA HIS G 257 -15.84 -4.99 7.61
C HIS G 257 -14.51 -4.25 7.55
N ARG G 258 -13.68 -4.50 8.55
CA ARG G 258 -12.37 -3.86 8.61
C ARG G 258 -11.39 -4.60 7.71
N PRO G 259 -10.79 -3.93 6.72
CA PRO G 259 -9.84 -4.62 5.85
C PRO G 259 -8.58 -5.00 6.61
N ASP G 260 -8.00 -6.14 6.22
CA ASP G 260 -6.76 -6.64 6.79
C ASP G 260 -5.67 -6.57 5.73
N VAL G 261 -4.60 -5.84 6.03
CA VAL G 261 -3.49 -5.64 5.09
C VAL G 261 -2.38 -6.61 5.43
N TYR G 262 -2.03 -7.46 4.46
CA TYR G 262 -0.94 -8.42 4.61
C TYR G 262 0.10 -8.17 3.53
N LEU G 263 1.37 -8.19 3.92
CA LEU G 263 2.48 -7.98 3.02
C LEU G 263 3.26 -9.28 2.86
N LEU G 264 3.37 -9.76 1.63
CA LEU G 264 4.06 -11.00 1.34
C LEU G 264 5.43 -10.70 0.75
N PRO G 265 6.52 -10.93 1.48
CA PRO G 265 7.85 -10.70 0.92
C PRO G 265 8.18 -11.73 -0.16
N PRO G 266 9.05 -11.39 -1.11
CA PRO G 266 9.43 -12.36 -2.14
C PRO G 266 10.14 -13.57 -1.53
N ALA G 267 9.90 -14.73 -2.14
CA ALA G 267 10.48 -15.96 -1.66
C ALA G 267 11.95 -16.05 -2.06
N ARG G 268 12.65 -17.01 -1.44
CA ARG G 268 14.07 -17.20 -1.72
C ARG G 268 14.32 -17.83 -3.08
N GLU G 269 13.30 -18.44 -3.70
CA GLU G 269 13.46 -19.04 -5.02
C GLU G 269 13.42 -18.02 -6.14
N GLN G 270 12.97 -16.79 -5.87
CA GLN G 270 12.92 -15.76 -6.89
C GLN G 270 14.19 -14.93 -6.97
N LEU G 271 14.91 -14.80 -5.86
CA LEU G 271 16.15 -14.02 -5.81
C LEU G 271 17.35 -14.86 -6.25
N ASN G 272 17.25 -15.45 -7.43
CA ASN G 272 18.32 -16.26 -8.00
C ASN G 272 18.86 -15.71 -9.31
N LEU G 273 18.00 -15.17 -10.16
CA LEU G 273 18.44 -14.60 -11.43
C LEU G 273 18.98 -13.18 -11.30
N ARG G 274 18.81 -12.55 -10.14
CA ARG G 274 19.30 -11.20 -9.88
C ARG G 274 18.73 -10.20 -10.89
N GLU G 275 17.47 -10.39 -11.26
CA GLU G 275 16.80 -9.54 -12.25
C GLU G 275 15.82 -8.58 -11.60
N SER G 276 14.86 -9.09 -10.83
CA SER G 276 13.83 -8.24 -10.22
C SER G 276 13.24 -8.98 -9.03
N ALA G 277 12.52 -8.22 -8.20
CA ALA G 277 11.84 -8.75 -7.04
C ALA G 277 10.40 -8.27 -7.04
N THR G 278 9.50 -9.12 -6.54
CA THR G 278 8.07 -8.84 -6.55
C THR G 278 7.53 -8.96 -5.13
N ILE G 279 6.85 -7.92 -4.67
CA ILE G 279 6.18 -7.91 -3.37
C ILE G 279 4.68 -7.75 -3.62
N THR G 280 3.88 -8.63 -3.01
CA THR G 280 2.44 -8.68 -3.25
C THR G 280 1.72 -8.32 -1.96
N CYS G 281 1.13 -7.12 -1.92
CA CYS G 281 0.28 -6.75 -0.81
C CYS G 281 -1.05 -7.48 -0.90
N LEU G 282 -1.56 -7.92 0.25
CA LEU G 282 -2.77 -8.75 0.31
C LEU G 282 -3.79 -8.06 1.21
N VAL G 283 -4.93 -7.70 0.63
CA VAL G 283 -6.05 -7.13 1.38
C VAL G 283 -7.09 -8.23 1.53
N THR G 284 -7.13 -8.84 2.71
CA THR G 284 -8.00 -9.97 2.99
C THR G 284 -9.24 -9.52 3.77
N GLY G 285 -10.39 -10.02 3.36
CA GLY G 285 -11.64 -9.77 4.08
C GLY G 285 -12.08 -8.33 4.11
N PHE G 286 -12.05 -7.65 2.97
CA PHE G 286 -12.52 -6.28 2.86
C PHE G 286 -13.83 -6.23 2.09
N SER G 287 -14.68 -5.27 2.44
CA SER G 287 -15.97 -5.10 1.80
C SER G 287 -16.47 -3.69 2.07
N PRO G 288 -17.08 -3.01 1.11
CA PRO G 288 -17.39 -3.47 -0.26
C PRO G 288 -16.21 -3.40 -1.21
N ALA G 289 -16.48 -3.42 -2.51
CA ALA G 289 -15.44 -3.44 -3.53
C ALA G 289 -14.89 -2.02 -3.75
N ASP G 290 -14.14 -1.84 -4.83
CA ASP G 290 -13.54 -0.57 -5.21
C ASP G 290 -12.55 -0.08 -4.14
N VAL G 291 -11.51 -0.89 -3.93
CA VAL G 291 -10.43 -0.53 -3.04
C VAL G 291 -9.33 0.16 -3.84
N PHE G 292 -8.48 0.91 -3.13
CA PHE G 292 -7.39 1.66 -3.75
C PHE G 292 -6.08 1.23 -3.09
N VAL G 293 -5.31 0.40 -3.79
CA VAL G 293 -4.05 -0.12 -3.29
C VAL G 293 -2.92 0.45 -4.15
N GLN G 294 -1.88 0.98 -3.50
CA GLN G 294 -0.75 1.54 -4.21
C GLN G 294 0.50 1.36 -3.36
N TRP G 295 1.66 1.54 -4.00
CA TRP G 295 2.95 1.35 -3.36
C TRP G 295 3.71 2.66 -3.28
N MET G 296 4.50 2.81 -2.21
CA MET G 296 5.35 3.97 -2.01
C MET G 296 6.73 3.50 -1.59
N GLN G 297 7.76 4.26 -2.00
CA GLN G 297 9.14 3.91 -1.74
C GLN G 297 9.82 5.07 -1.01
N ARG G 298 10.24 4.81 0.23
CA ARG G 298 10.97 5.78 1.05
C ARG G 298 10.20 7.10 1.16
N GLY G 299 8.92 6.99 1.47
CA GLY G 299 8.10 8.18 1.65
C GLY G 299 7.81 8.95 0.39
N GLN G 300 7.90 8.30 -0.77
CA GLN G 300 7.60 8.94 -2.04
C GLN G 300 6.63 8.09 -2.84
N PRO G 301 5.61 8.71 -3.43
CA PRO G 301 4.64 7.93 -4.22
C PRO G 301 5.25 7.47 -5.54
N LEU G 302 5.11 6.19 -5.84
CA LEU G 302 5.64 5.63 -7.06
C LEU G 302 4.70 5.90 -8.23
N SER G 303 5.25 5.80 -9.44
CA SER G 303 4.46 6.03 -10.64
C SER G 303 3.45 4.90 -10.84
N PRO G 304 2.29 5.22 -11.42
CA PRO G 304 1.28 4.17 -11.66
C PRO G 304 1.68 3.15 -12.72
N GLU G 305 2.80 3.35 -13.41
CA GLU G 305 3.25 2.43 -14.45
C GLU G 305 4.03 1.24 -13.91
N LYS G 306 4.24 1.16 -12.59
CA LYS G 306 4.96 0.06 -11.98
C LYS G 306 4.07 -0.96 -11.29
N TYR G 307 2.89 -0.55 -10.83
CA TYR G 307 1.97 -1.45 -10.13
C TYR G 307 0.58 -1.33 -10.75
N VAL G 308 -0.13 -2.45 -10.79
CA VAL G 308 -1.50 -2.50 -11.29
C VAL G 308 -2.36 -3.18 -10.23
N THR G 309 -3.42 -2.49 -9.80
CA THR G 309 -4.31 -3.05 -8.80
C THR G 309 -5.18 -4.15 -9.42
N SER G 310 -5.45 -5.18 -8.62
CA SER G 310 -6.27 -6.30 -9.08
C SER G 310 -7.75 -5.95 -8.94
N ALA G 311 -8.61 -6.90 -9.31
CA ALA G 311 -10.04 -6.66 -9.22
C ALA G 311 -10.63 -7.32 -7.97
N PRO G 312 -11.61 -6.68 -7.33
CA PRO G 312 -12.21 -7.27 -6.12
C PRO G 312 -13.07 -8.48 -6.43
N MET G 313 -12.61 -9.67 -6.05
CA MET G 313 -13.35 -10.90 -6.24
C MET G 313 -13.82 -11.47 -4.91
N PRO G 314 -14.98 -12.13 -4.88
CA PRO G 314 -15.47 -12.69 -3.62
C PRO G 314 -14.56 -13.81 -3.12
N GLU G 315 -14.40 -13.86 -1.79
CA GLU G 315 -13.61 -14.92 -1.17
C GLU G 315 -14.39 -16.23 -1.18
N PRO G 316 -13.74 -17.36 -1.47
CA PRO G 316 -14.46 -18.65 -1.48
C PRO G 316 -15.06 -19.01 -0.14
N GLN G 317 -14.25 -19.03 0.92
CA GLN G 317 -14.75 -19.42 2.24
C GLN G 317 -15.63 -18.35 2.84
N ALA G 318 -15.21 -17.09 2.76
CA ALA G 318 -15.97 -16.00 3.37
C ALA G 318 -17.17 -15.66 2.51
N PRO G 319 -18.38 -15.65 3.07
CA PRO G 319 -19.58 -15.36 2.27
C PRO G 319 -19.62 -13.93 1.76
N GLY G 320 -19.39 -12.95 2.63
CA GLY G 320 -19.51 -11.56 2.26
C GLY G 320 -18.23 -10.75 2.40
N ARG G 321 -17.10 -11.35 2.06
CA ARG G 321 -15.81 -10.68 2.11
C ARG G 321 -15.09 -10.86 0.78
N TYR G 322 -14.40 -9.81 0.34
CA TYR G 322 -13.67 -9.83 -0.92
C TYR G 322 -12.17 -9.91 -0.65
N PHE G 323 -11.39 -9.88 -1.75
CA PHE G 323 -9.93 -9.85 -1.65
C PHE G 323 -9.38 -9.13 -2.88
N ALA G 324 -8.15 -8.66 -2.75
CA ALA G 324 -7.49 -7.93 -3.83
C ALA G 324 -6.00 -8.22 -3.78
N HIS G 325 -5.27 -7.74 -4.79
CA HIS G 325 -3.85 -7.95 -4.89
C HIS G 325 -3.20 -6.76 -5.59
N SER G 326 -1.89 -6.63 -5.40
CA SER G 326 -1.12 -5.57 -6.02
C SER G 326 0.33 -6.01 -6.08
N ILE G 327 0.93 -5.96 -7.28
CA ILE G 327 2.30 -6.41 -7.50
C ILE G 327 3.16 -5.20 -7.82
N LEU G 328 4.36 -5.16 -7.23
CA LEU G 328 5.31 -4.07 -7.44
C LEU G 328 6.57 -4.64 -8.09
N THR G 329 7.00 -4.01 -9.18
CA THR G 329 8.16 -4.45 -9.94
C THR G 329 9.35 -3.58 -9.56
N VAL G 330 10.25 -4.13 -8.74
CA VAL G 330 11.46 -3.43 -8.32
C VAL G 330 12.66 -4.30 -8.62
N SER G 331 13.79 -3.65 -8.88
CA SER G 331 15.02 -4.38 -9.18
C SER G 331 15.53 -5.12 -7.95
N GLU G 332 16.15 -6.28 -8.20
CA GLU G 332 16.69 -7.07 -7.10
C GLU G 332 17.88 -6.38 -6.43
N GLU G 333 18.62 -5.57 -7.19
CA GLU G 333 19.78 -4.89 -6.63
C GLU G 333 19.38 -3.88 -5.56
N GLU G 334 18.26 -3.20 -5.77
CA GLU G 334 17.78 -2.19 -4.82
C GLU G 334 16.95 -2.80 -3.70
N TRP G 335 16.72 -4.12 -3.72
CA TRP G 335 15.95 -4.77 -2.65
C TRP G 335 16.83 -5.29 -1.53
N ASN G 336 18.09 -5.58 -1.80
CA ASN G 336 19.02 -6.07 -0.79
C ASN G 336 19.71 -4.95 -0.03
N THR G 337 19.47 -3.69 -0.40
CA THR G 337 20.07 -2.54 0.28
C THR G 337 19.09 -1.77 1.15
N GLY G 338 17.79 -1.95 0.94
CA GLY G 338 16.79 -1.22 1.71
C GLY G 338 15.58 -0.83 0.89
N GLU G 339 15.24 0.45 0.90
CA GLU G 339 14.10 0.99 0.15
C GLU G 339 12.80 0.28 0.56
N THR G 340 12.47 0.46 1.84
CA THR G 340 11.28 -0.17 2.40
C THR G 340 10.03 0.34 1.68
N TYR G 341 9.13 -0.59 1.35
CA TYR G 341 7.89 -0.29 0.66
C TYR G 341 6.71 -0.46 1.61
N THR G 342 5.74 0.44 1.49
CA THR G 342 4.55 0.42 2.34
C THR G 342 3.30 0.29 1.47
N CYS G 343 2.30 -0.42 2.00
CA CYS G 343 1.04 -0.67 1.32
C CYS G 343 -0.05 0.14 2.02
N VAL G 344 -0.58 1.14 1.32
CA VAL G 344 -1.61 2.01 1.84
C VAL G 344 -2.92 1.74 1.10
N VAL G 345 -4.00 1.59 1.85
CA VAL G 345 -5.32 1.33 1.27
C VAL G 345 -6.32 2.31 1.87
N ALA G 346 -7.43 2.48 1.17
CA ALA G 346 -8.51 3.38 1.60
C ALA G 346 -9.79 2.58 1.73
N HIS G 347 -10.47 2.75 2.86
CA HIS G 347 -11.71 2.02 3.13
C HIS G 347 -12.60 2.88 4.02
N GLU G 348 -13.89 2.55 4.01
CA GLU G 348 -14.90 3.31 4.76
C GLU G 348 -15.19 2.71 6.13
N ALA G 349 -14.33 1.82 6.63
CA ALA G 349 -14.50 1.25 7.95
C ALA G 349 -13.32 1.49 8.89
N LEU G 350 -12.21 2.02 8.38
CA LEU G 350 -11.05 2.32 9.21
C LEU G 350 -11.30 3.58 10.05
N PRO G 351 -10.66 3.69 11.20
CA PRO G 351 -10.85 4.90 12.02
C PRO G 351 -10.42 6.17 11.32
N ASN G 352 -9.21 6.20 10.77
CA ASN G 352 -8.72 7.35 10.01
C ASN G 352 -8.83 7.15 8.51
N ARG G 353 -9.51 6.08 8.07
CA ARG G 353 -9.80 5.72 6.69
C ARG G 353 -8.55 5.30 5.91
N VAL G 354 -7.36 5.38 6.50
CA VAL G 354 -6.12 4.99 5.84
C VAL G 354 -5.27 4.19 6.83
N THR G 355 -4.72 3.08 6.35
CA THR G 355 -3.83 2.26 7.14
C THR G 355 -2.62 1.88 6.30
N GLU G 356 -1.52 1.55 6.98
CA GLU G 356 -0.28 1.22 6.29
C GLU G 356 0.49 0.17 7.09
N ARG G 357 1.27 -0.63 6.38
CA ARG G 357 2.15 -1.63 6.97
C ARG G 357 3.55 -1.44 6.41
N THR G 358 4.48 -2.29 6.87
CA THR G 358 5.87 -2.20 6.43
C THR G 358 6.43 -3.60 6.25
N VAL G 359 7.37 -3.73 5.31
CA VAL G 359 8.03 -5.00 5.04
C VAL G 359 9.36 -4.70 4.34
N ASP G 360 10.36 -5.51 4.62
CA ASP G 360 11.67 -5.39 3.99
C ASP G 360 12.38 -6.73 4.11
N LYS G 361 13.67 -6.74 3.76
CA LYS G 361 14.44 -7.98 3.83
C LYS G 361 14.59 -8.48 5.27
N SER G 362 14.81 -7.56 6.21
CA SER G 362 15.01 -7.95 7.60
C SER G 362 13.70 -8.30 8.30
N THR G 363 12.59 -7.68 7.90
CA THR G 363 11.31 -7.95 8.55
C THR G 363 10.59 -9.12 7.89
N GLY G 364 10.35 -9.04 6.58
CA GLY G 364 9.63 -10.08 5.88
C GLY G 364 10.48 -11.32 5.61
N LYS G 365 10.16 -12.41 6.30
CA LYS G 365 10.88 -13.68 6.20
C LYS G 365 12.38 -13.47 6.37
N PRO G 366 12.85 -13.11 7.55
CA PRO G 366 14.28 -12.88 7.74
C PRO G 366 15.08 -14.17 7.65
N THR G 367 16.32 -14.04 7.20
CA THR G 367 17.25 -15.17 7.12
C THR G 367 18.33 -15.09 8.18
N LEU G 368 18.26 -14.11 9.08
CA LEU G 368 19.26 -13.96 10.13
C LEU G 368 18.70 -13.04 11.19
N TYR G 369 18.74 -13.48 12.44
CA TYR G 369 18.29 -12.71 13.59
C TYR G 369 19.51 -12.29 14.40
N ASN G 370 19.65 -10.98 14.64
CA ASN G 370 20.76 -10.42 15.39
C ASN G 370 20.19 -9.79 16.66
N VAL G 371 20.08 -10.58 17.72
CA VAL G 371 19.57 -10.14 19.01
C VAL G 371 20.74 -9.90 19.94
N SER G 372 20.86 -8.70 20.47
CA SER G 372 21.94 -8.30 21.37
C SER G 372 21.39 -7.55 22.57
N LEU G 373 20.35 -8.11 23.18
CA LEU G 373 19.72 -7.46 24.33
C LEU G 373 20.67 -7.42 25.51
N VAL G 374 20.69 -6.28 26.21
CA VAL G 374 21.56 -6.07 27.36
C VAL G 374 20.73 -5.48 28.49
N MET G 375 20.87 -6.04 29.68
CA MET G 375 20.17 -5.57 30.87
C MET G 375 21.19 -5.18 31.94
N SER G 376 20.81 -4.21 32.76
CA SER G 376 21.68 -3.72 33.83
C SER G 376 20.82 -3.33 35.03
N ASP G 377 21.47 -3.28 36.19
CA ASP G 377 20.82 -2.95 37.46
C ASP G 377 19.67 -3.90 37.75
N THR G 378 20.02 -5.18 37.90
CA THR G 378 19.02 -6.22 38.12
C THR G 378 18.24 -5.98 39.42
N ALA G 379 18.93 -5.52 40.47
CA ALA G 379 18.25 -5.25 41.73
C ALA G 379 17.51 -3.92 41.68
N GLY G 380 18.24 -2.83 41.48
CA GLY G 380 17.62 -1.53 41.36
C GLY G 380 16.98 -1.06 42.67
N THR G 381 16.11 -0.06 42.54
CA THR G 381 15.36 0.50 43.66
C THR G 381 13.91 0.65 43.19
N CYS G 382 13.11 -0.39 43.41
CA CYS G 382 11.72 -0.44 42.98
C CYS G 382 10.83 -0.66 44.19
N TYR G 383 9.76 0.13 44.29
CA TYR G 383 8.83 0.02 45.40
C TYR G 383 7.48 -0.50 44.92
N ILE H 152 -28.28 -11.00 -37.83
CA ILE H 152 -27.98 -12.41 -37.56
C ILE H 152 -26.47 -12.64 -37.64
N ARG H 153 -25.89 -13.12 -36.56
CA ARG H 153 -24.46 -13.38 -36.48
C ARG H 153 -24.22 -14.74 -35.84
N VAL H 154 -23.06 -15.31 -36.13
CA VAL H 154 -22.67 -16.61 -35.59
C VAL H 154 -21.37 -16.42 -34.81
N PHE H 155 -21.36 -16.87 -33.56
CA PHE H 155 -20.20 -16.75 -32.68
C PHE H 155 -19.65 -18.14 -32.39
N ALA H 156 -18.35 -18.31 -32.62
CA ALA H 156 -17.65 -19.57 -32.38
C ALA H 156 -16.65 -19.37 -31.25
N ILE H 157 -16.64 -20.31 -30.31
CA ILE H 157 -15.76 -20.26 -29.14
C ILE H 157 -14.65 -21.28 -29.37
N PRO H 158 -13.40 -20.86 -29.59
CA PRO H 158 -12.32 -21.83 -29.76
C PRO H 158 -12.04 -22.54 -28.44
N PRO H 159 -11.55 -23.77 -28.49
CA PRO H 159 -11.24 -24.49 -27.24
C PRO H 159 -10.05 -23.87 -26.53
N SER H 160 -10.23 -23.52 -25.27
CA SER H 160 -9.19 -22.91 -24.47
C SER H 160 -8.33 -23.99 -23.81
N PHE H 161 -7.08 -23.63 -23.52
CA PHE H 161 -6.16 -24.57 -22.90
C PHE H 161 -6.57 -24.93 -21.47
N ALA H 162 -7.35 -24.08 -20.81
CA ALA H 162 -7.79 -24.35 -19.45
C ALA H 162 -8.79 -25.50 -19.36
N SER H 163 -9.36 -25.92 -20.49
CA SER H 163 -10.30 -27.03 -20.51
C SER H 163 -9.80 -28.25 -21.27
N ILE H 164 -8.87 -28.07 -22.21
CA ILE H 164 -8.34 -29.20 -22.96
C ILE H 164 -7.56 -30.13 -22.04
N PHE H 165 -6.69 -29.56 -21.20
CA PHE H 165 -5.87 -30.37 -20.31
C PHE H 165 -6.65 -30.89 -19.12
N LEU H 166 -7.69 -30.17 -18.67
CA LEU H 166 -8.43 -30.57 -17.48
C LEU H 166 -9.16 -31.88 -17.68
N THR H 167 -9.81 -32.05 -18.84
CA THR H 167 -10.66 -33.22 -19.08
C THR H 167 -10.14 -34.13 -20.18
N LYS H 168 -9.14 -33.70 -20.95
CA LYS H 168 -8.63 -34.47 -22.09
C LYS H 168 -9.73 -34.79 -23.09
N SER H 169 -10.69 -33.88 -23.25
CA SER H 169 -11.84 -34.03 -24.13
C SER H 169 -12.04 -32.79 -24.98
N THR H 170 -10.96 -32.32 -25.60
CA THR H 170 -10.98 -31.08 -26.37
C THR H 170 -12.04 -31.14 -27.46
N LYS H 171 -12.82 -30.06 -27.56
CA LYS H 171 -13.90 -29.97 -28.53
C LYS H 171 -14.17 -28.50 -28.82
N LEU H 172 -14.86 -28.25 -29.93
CA LEU H 172 -15.19 -26.90 -30.36
C LEU H 172 -16.68 -26.82 -30.66
N THR H 173 -17.29 -25.70 -30.30
CA THR H 173 -18.71 -25.47 -30.46
C THR H 173 -18.97 -24.35 -31.45
N CYS H 174 -20.21 -24.28 -31.92
CA CYS H 174 -20.64 -23.25 -32.88
C CYS H 174 -22.08 -22.88 -32.55
N LEU H 175 -22.26 -21.76 -31.85
CA LEU H 175 -23.58 -21.29 -31.48
C LEU H 175 -24.00 -20.12 -32.36
N VAL H 176 -25.30 -20.06 -32.67
CA VAL H 176 -25.88 -19.03 -33.51
C VAL H 176 -26.94 -18.30 -32.71
N THR H 177 -26.89 -16.97 -32.73
CA THR H 177 -27.81 -16.13 -31.99
C THR H 177 -28.76 -15.42 -32.94
N ASP H 178 -29.90 -14.99 -32.39
CA ASP H 178 -30.92 -14.23 -33.11
C ASP H 178 -31.50 -15.05 -34.27
N LEU H 179 -32.03 -16.22 -33.93
CA LEU H 179 -32.71 -17.08 -34.88
C LEU H 179 -33.99 -17.62 -34.25
N THR H 180 -35.02 -17.78 -35.07
CA THR H 180 -36.28 -18.32 -34.59
C THR H 180 -36.14 -19.79 -34.24
N THR H 181 -37.10 -20.30 -33.47
CA THR H 181 -37.08 -21.68 -33.00
C THR H 181 -37.84 -22.60 -33.96
N TYR H 182 -37.33 -22.68 -35.19
CA TYR H 182 -37.87 -23.55 -36.21
C TYR H 182 -37.05 -24.82 -36.33
N ASP H 183 -37.58 -25.77 -37.10
CA ASP H 183 -36.92 -27.05 -37.32
C ASP H 183 -35.99 -26.93 -38.54
N SER H 184 -35.42 -28.06 -38.96
CA SER H 184 -34.52 -28.13 -40.12
C SER H 184 -33.30 -27.23 -39.92
N VAL H 185 -32.55 -27.53 -38.86
CA VAL H 185 -31.33 -26.81 -38.53
C VAL H 185 -30.14 -27.64 -39.01
N THR H 186 -29.26 -27.01 -39.79
CA THR H 186 -28.10 -27.67 -40.37
C THR H 186 -26.86 -27.25 -39.60
N ILE H 187 -26.28 -28.19 -38.85
CA ILE H 187 -25.05 -27.96 -38.09
C ILE H 187 -24.08 -29.07 -38.45
N SER H 188 -22.89 -28.71 -38.93
CA SER H 188 -21.90 -29.70 -39.30
C SER H 188 -20.52 -29.05 -39.24
N TRP H 189 -19.49 -29.90 -39.17
CA TRP H 189 -18.10 -29.48 -39.17
C TRP H 189 -17.36 -30.19 -40.28
N THR H 190 -16.61 -29.43 -41.08
CA THR H 190 -15.82 -29.96 -42.17
C THR H 190 -14.37 -29.51 -42.04
N ARG H 191 -13.46 -30.39 -42.44
CA ARG H 191 -12.04 -30.10 -42.40
C ARG H 191 -11.62 -29.40 -43.70
N GLN H 192 -10.31 -29.23 -43.89
CA GLN H 192 -9.82 -28.63 -45.12
C GLN H 192 -10.13 -29.50 -46.34
N ASN H 193 -9.98 -30.81 -46.20
CA ASN H 193 -10.27 -31.75 -47.27
C ASN H 193 -11.73 -32.16 -47.34
N GLY H 194 -12.57 -31.67 -46.42
CA GLY H 194 -13.97 -32.04 -46.42
C GLY H 194 -14.28 -33.38 -45.80
N GLU H 195 -13.43 -33.85 -44.88
CA GLU H 195 -13.64 -35.14 -44.23
C GLU H 195 -14.77 -35.02 -43.20
N ALA H 196 -15.26 -36.17 -42.76
CA ALA H 196 -16.34 -36.23 -41.80
C ALA H 196 -15.83 -35.91 -40.40
N VAL H 197 -16.77 -35.81 -39.45
CA VAL H 197 -16.46 -35.49 -38.06
C VAL H 197 -17.43 -36.25 -37.17
N LYS H 198 -17.11 -36.31 -35.88
CA LYS H 198 -17.96 -37.03 -34.93
C LYS H 198 -19.32 -36.37 -34.81
N THR H 199 -20.35 -37.19 -34.70
CA THR H 199 -21.72 -36.67 -34.58
C THR H 199 -21.91 -35.96 -33.25
N HIS H 200 -22.66 -34.86 -33.29
CA HIS H 200 -22.95 -34.05 -32.12
C HIS H 200 -24.42 -34.23 -31.71
N THR H 201 -24.66 -34.22 -30.40
CA THR H 201 -26.00 -34.44 -29.86
C THR H 201 -26.19 -33.48 -28.70
N ASN H 202 -27.25 -33.69 -27.93
CA ASN H 202 -27.61 -32.85 -26.78
C ASN H 202 -27.84 -31.40 -27.21
N ILE H 203 -28.85 -31.23 -28.08
CA ILE H 203 -29.20 -29.90 -28.56
C ILE H 203 -29.86 -29.10 -27.43
N SER H 204 -29.57 -27.80 -27.40
CA SER H 204 -30.11 -26.95 -26.35
C SER H 204 -31.61 -26.73 -26.55
N GLU H 205 -32.25 -26.23 -25.51
CA GLU H 205 -33.68 -25.97 -25.52
C GLU H 205 -33.97 -24.57 -26.07
N SER H 206 -35.25 -24.32 -26.35
CA SER H 206 -35.68 -23.04 -26.88
C SER H 206 -35.70 -22.00 -25.76
N HIS H 207 -35.02 -20.89 -25.97
CA HIS H 207 -34.97 -19.84 -24.96
C HIS H 207 -36.33 -19.13 -24.86
N PRO H 208 -36.66 -18.60 -23.68
CA PRO H 208 -37.97 -17.93 -23.53
C PRO H 208 -38.13 -16.69 -24.39
N ASN H 209 -37.05 -16.06 -24.85
CA ASN H 209 -37.13 -14.83 -25.62
C ASN H 209 -37.13 -15.08 -27.13
N ALA H 210 -37.69 -16.21 -27.57
CA ALA H 210 -37.87 -16.52 -28.99
C ALA H 210 -36.54 -16.51 -29.75
N THR H 211 -35.53 -17.15 -29.15
CA THR H 211 -34.25 -17.34 -29.82
C THR H 211 -33.76 -18.75 -29.56
N PHE H 212 -32.94 -19.26 -30.48
CA PHE H 212 -32.43 -20.62 -30.41
C PHE H 212 -30.95 -20.62 -30.72
N SER H 213 -30.19 -21.44 -29.98
CA SER H 213 -28.74 -21.55 -30.14
C SER H 213 -28.38 -23.03 -30.20
N ALA H 214 -28.28 -23.56 -31.41
CA ALA H 214 -27.92 -24.96 -31.63
C ALA H 214 -26.43 -25.13 -31.42
N VAL H 215 -26.04 -25.80 -30.34
CA VAL H 215 -24.64 -26.00 -29.99
C VAL H 215 -24.24 -27.42 -30.35
N GLY H 216 -23.19 -27.56 -31.16
CA GLY H 216 -22.68 -28.85 -31.55
C GLY H 216 -21.26 -29.08 -31.07
N GLU H 217 -21.01 -30.25 -30.49
CA GLU H 217 -19.70 -30.60 -29.95
C GLU H 217 -19.08 -31.70 -30.79
N ALA H 218 -17.86 -31.45 -31.28
CA ALA H 218 -17.14 -32.42 -32.08
C ALA H 218 -15.71 -32.55 -31.55
N SER H 219 -15.23 -33.79 -31.46
CA SER H 219 -13.90 -34.05 -30.96
C SER H 219 -12.87 -33.99 -32.09
N ILE H 220 -11.59 -33.86 -31.71
CA ILE H 220 -10.51 -33.78 -32.67
C ILE H 220 -9.23 -34.20 -31.94
N CYS H 221 -8.31 -34.82 -32.69
CA CYS H 221 -7.04 -35.23 -32.12
C CYS H 221 -6.19 -34.02 -31.76
N GLU H 222 -5.39 -34.18 -30.70
CA GLU H 222 -4.57 -33.07 -30.22
C GLU H 222 -3.53 -32.66 -31.26
N ASP H 223 -2.91 -33.64 -31.92
CA ASP H 223 -1.89 -33.32 -32.92
C ASP H 223 -2.46 -32.58 -34.11
N ASP H 224 -3.70 -32.90 -34.50
CA ASP H 224 -4.31 -32.22 -35.64
C ASP H 224 -4.59 -30.76 -35.34
N TRP H 225 -5.01 -30.46 -34.10
CA TRP H 225 -5.31 -29.08 -33.75
C TRP H 225 -4.06 -28.21 -33.72
N ASN H 226 -2.94 -28.76 -33.25
CA ASN H 226 -1.70 -28.00 -33.19
C ASN H 226 -1.11 -27.76 -34.57
N SER H 227 -1.54 -28.51 -35.59
CA SER H 227 -1.03 -28.33 -36.95
C SER H 227 -1.62 -27.12 -37.64
N GLY H 228 -2.72 -26.56 -37.12
CA GLY H 228 -3.33 -25.40 -37.73
C GLY H 228 -4.38 -25.72 -38.76
N GLU H 229 -5.19 -26.74 -38.49
CA GLU H 229 -6.24 -27.14 -39.41
C GLU H 229 -7.41 -26.17 -39.32
N ARG H 230 -7.85 -25.66 -40.47
CA ARG H 230 -8.96 -24.73 -40.52
C ARG H 230 -10.28 -25.48 -40.54
N PHE H 231 -11.26 -24.97 -39.79
CA PHE H 231 -12.58 -25.57 -39.71
C PHE H 231 -13.63 -24.53 -40.06
N THR H 232 -14.72 -24.99 -40.66
CA THR H 232 -15.82 -24.13 -41.06
C THR H 232 -17.12 -24.66 -40.49
N CYS H 233 -17.90 -23.77 -39.87
CA CYS H 233 -19.20 -24.13 -39.30
C CYS H 233 -20.28 -23.77 -40.31
N THR H 234 -20.90 -24.79 -40.91
CA THR H 234 -21.94 -24.58 -41.90
C THR H 234 -23.30 -24.46 -41.21
N VAL H 235 -24.01 -23.37 -41.49
CA VAL H 235 -25.32 -23.11 -40.91
C VAL H 235 -26.30 -22.83 -42.04
N THR H 236 -27.50 -23.41 -41.92
CA THR H 236 -28.55 -23.22 -42.92
C THR H 236 -29.89 -23.30 -42.20
N HIS H 237 -30.46 -22.15 -41.90
CA HIS H 237 -31.75 -22.06 -41.21
C HIS H 237 -32.85 -21.70 -42.19
N THR H 238 -34.10 -21.81 -41.72
CA THR H 238 -35.24 -21.48 -42.56
C THR H 238 -35.29 -20.00 -42.89
N ASP H 239 -35.04 -19.15 -41.89
CA ASP H 239 -35.09 -17.70 -42.11
C ASP H 239 -33.95 -17.23 -43.00
N LEU H 240 -32.81 -17.93 -42.97
CA LEU H 240 -31.65 -17.59 -43.79
C LEU H 240 -31.24 -18.82 -44.58
N PRO H 241 -31.88 -19.07 -45.72
CA PRO H 241 -31.51 -20.24 -46.53
C PRO H 241 -30.10 -20.18 -47.10
N SER H 242 -29.49 -19.00 -47.17
CA SER H 242 -28.15 -18.89 -47.71
C SER H 242 -27.12 -19.42 -46.71
N PRO H 243 -26.31 -20.40 -47.08
CA PRO H 243 -25.31 -20.92 -46.14
C PRO H 243 -24.20 -19.92 -45.89
N LEU H 244 -23.54 -20.10 -44.76
CA LEU H 244 -22.41 -19.25 -44.37
C LEU H 244 -21.41 -20.09 -43.60
N LYS H 245 -20.12 -19.87 -43.86
CA LYS H 245 -19.04 -20.65 -43.28
C LYS H 245 -18.15 -19.70 -42.47
N GLN H 246 -18.10 -19.90 -41.16
CA GLN H 246 -17.25 -19.12 -40.28
C GLN H 246 -15.89 -19.81 -40.15
N THR H 247 -14.82 -19.11 -40.49
CA THR H 247 -13.49 -19.68 -40.47
C THR H 247 -12.85 -19.53 -39.09
N ILE H 248 -12.02 -20.50 -38.73
CA ILE H 248 -11.31 -20.49 -37.46
C ILE H 248 -9.94 -21.14 -37.68
N SER H 249 -8.93 -20.61 -37.00
CA SER H 249 -7.57 -21.11 -37.16
C SER H 249 -6.79 -20.80 -35.89
N ARG H 250 -5.56 -21.32 -35.84
CA ARG H 250 -4.71 -21.10 -34.69
C ARG H 250 -4.23 -19.66 -34.66
N PRO H 251 -4.39 -18.94 -33.54
CA PRO H 251 -3.97 -17.53 -33.50
C PRO H 251 -2.46 -17.37 -33.48
N LYS H 252 -1.83 -17.47 -34.64
CA LYS H 252 -0.39 -17.29 -34.75
C LYS H 252 -0.04 -15.81 -34.57
N GLY H 253 1.26 -15.54 -34.50
CA GLY H 253 1.72 -14.18 -34.26
C GLY H 253 2.78 -14.07 -33.18
N VAL H 254 2.44 -13.43 -32.07
CA VAL H 254 3.39 -13.24 -30.97
C VAL H 254 3.99 -14.57 -30.55
N ALA H 255 5.29 -14.56 -30.27
CA ALA H 255 6.02 -15.77 -29.92
C ALA H 255 5.46 -16.40 -28.65
N LEU H 256 5.84 -17.65 -28.41
CA LEU H 256 5.34 -18.46 -27.31
C LEU H 256 6.46 -18.62 -26.28
N HIS H 257 6.49 -17.72 -25.30
CA HIS H 257 7.49 -17.76 -24.24
C HIS H 257 7.02 -18.60 -23.06
N ARG H 258 7.97 -19.01 -22.23
CA ARG H 258 7.59 -19.84 -21.10
C ARG H 258 7.52 -19.01 -19.82
N PRO H 259 6.55 -19.29 -18.95
CA PRO H 259 6.43 -18.52 -17.70
C PRO H 259 7.42 -18.98 -16.65
N ASP H 260 7.57 -18.13 -15.62
CA ASP H 260 8.35 -18.44 -14.43
C ASP H 260 7.42 -18.39 -13.23
N VAL H 261 7.22 -19.53 -12.59
CA VAL H 261 6.26 -19.68 -11.51
C VAL H 261 7.02 -19.58 -10.18
N TYR H 262 6.60 -18.63 -9.34
CA TYR H 262 7.17 -18.44 -8.02
C TYR H 262 6.08 -18.60 -6.98
N LEU H 263 6.33 -19.42 -5.96
CA LEU H 263 5.37 -19.67 -4.89
C LEU H 263 5.79 -18.94 -3.64
N LEU H 264 4.87 -18.16 -3.07
CA LEU H 264 5.15 -17.35 -1.90
C LEU H 264 4.52 -17.97 -0.67
N PRO H 265 5.27 -18.17 0.42
CA PRO H 265 4.70 -18.71 1.65
C PRO H 265 3.80 -17.70 2.33
N PRO H 266 2.86 -18.14 3.15
CA PRO H 266 1.99 -17.20 3.86
C PRO H 266 2.78 -16.35 4.84
N ALA H 267 2.30 -15.12 5.05
CA ALA H 267 2.96 -14.18 5.93
C ALA H 267 2.85 -14.64 7.38
N ARG H 268 3.88 -14.32 8.18
CA ARG H 268 3.87 -14.68 9.58
C ARG H 268 2.85 -13.87 10.37
N GLU H 269 2.55 -12.66 9.92
CA GLU H 269 1.59 -11.81 10.63
C GLU H 269 0.15 -12.32 10.53
N GLN H 270 -0.13 -13.23 9.59
CA GLN H 270 -1.47 -13.79 9.46
C GLN H 270 -1.69 -15.00 10.34
N LEU H 271 -0.63 -15.75 10.65
CA LEU H 271 -0.74 -16.95 11.47
C LEU H 271 -0.70 -16.59 12.96
N ASN H 272 -1.57 -15.70 13.38
CA ASN H 272 -1.65 -15.28 14.78
C ASN H 272 -3.04 -15.45 15.37
N LEU H 273 -4.09 -15.21 14.58
CA LEU H 273 -5.45 -15.37 15.06
C LEU H 273 -5.90 -16.83 15.09
N ARG H 274 -5.16 -17.73 14.45
CA ARG H 274 -5.50 -19.16 14.40
C ARG H 274 -6.89 -19.37 13.82
N GLU H 275 -7.19 -18.66 12.74
CA GLU H 275 -8.48 -18.73 12.07
C GLU H 275 -8.37 -19.35 10.69
N SER H 276 -7.52 -18.82 9.83
CA SER H 276 -7.36 -19.35 8.48
C SER H 276 -5.99 -18.97 7.95
N ALA H 277 -5.52 -19.75 6.98
CA ALA H 277 -4.24 -19.52 6.32
C ALA H 277 -4.49 -19.28 4.84
N THR H 278 -3.83 -18.26 4.29
CA THR H 278 -4.00 -17.89 2.89
C THR H 278 -2.69 -18.17 2.15
N ILE H 279 -2.73 -19.14 1.24
CA ILE H 279 -1.59 -19.50 0.40
C ILE H 279 -1.92 -19.12 -1.03
N THR H 280 -1.05 -18.33 -1.66
CA THR H 280 -1.26 -17.85 -3.01
C THR H 280 -0.08 -18.25 -3.90
N CYS H 281 -0.38 -18.57 -5.15
CA CYS H 281 0.62 -18.94 -6.13
C CYS H 281 0.70 -17.86 -7.22
N LEU H 282 1.90 -17.39 -7.50
CA LEU H 282 2.12 -16.30 -8.46
C LEU H 282 2.63 -16.91 -9.76
N VAL H 283 1.70 -17.19 -10.67
CA VAL H 283 2.04 -17.70 -11.99
C VAL H 283 2.06 -16.50 -12.93
N THR H 284 3.24 -15.91 -13.10
CA THR H 284 3.42 -14.72 -13.91
C THR H 284 4.35 -15.01 -15.08
N GLY H 285 4.30 -14.13 -16.07
CA GLY H 285 5.18 -14.24 -17.23
C GLY H 285 4.71 -15.18 -18.31
N PHE H 286 3.47 -15.64 -18.28
CA PHE H 286 2.97 -16.54 -19.30
C PHE H 286 2.36 -15.76 -20.46
N SER H 287 2.26 -16.43 -21.60
CA SER H 287 1.71 -15.85 -22.83
C SER H 287 1.32 -16.97 -23.79
N PRO H 288 0.13 -16.92 -24.38
CA PRO H 288 -0.93 -15.91 -24.23
C PRO H 288 -1.74 -16.07 -22.95
N ALA H 289 -2.93 -15.48 -22.91
CA ALA H 289 -3.75 -15.50 -21.71
C ALA H 289 -4.48 -16.84 -21.59
N ASP H 290 -5.45 -16.90 -20.68
CA ASP H 290 -6.24 -18.11 -20.43
C ASP H 290 -5.35 -19.26 -19.93
N VAL H 291 -4.70 -19.03 -18.80
CA VAL H 291 -3.86 -20.03 -18.17
C VAL H 291 -4.72 -20.85 -17.21
N PHE H 292 -4.24 -22.03 -16.85
CA PHE H 292 -4.95 -22.94 -15.97
C PHE H 292 -4.08 -23.23 -14.75
N VAL H 293 -4.55 -22.81 -13.56
CA VAL H 293 -3.86 -23.04 -12.31
C VAL H 293 -4.78 -23.83 -11.39
N GLN H 294 -4.26 -24.91 -10.81
CA GLN H 294 -5.03 -25.75 -9.92
C GLN H 294 -4.16 -26.16 -8.74
N TRP H 295 -4.80 -26.70 -7.71
CA TRP H 295 -4.12 -27.13 -6.48
C TRP H 295 -4.36 -28.61 -6.26
N MET H 296 -3.30 -29.31 -5.83
CA MET H 296 -3.36 -30.73 -5.54
C MET H 296 -2.81 -31.00 -4.15
N GLN H 297 -3.46 -31.89 -3.41
CA GLN H 297 -3.07 -32.22 -2.05
C GLN H 297 -2.68 -33.71 -2.00
N ARG H 298 -1.38 -33.97 -1.91
CA ARG H 298 -0.83 -35.32 -1.74
C ARG H 298 -1.21 -36.25 -2.88
N GLY H 299 -1.63 -35.72 -4.02
CA GLY H 299 -1.98 -36.51 -5.20
C GLY H 299 -3.39 -36.27 -5.69
N GLN H 300 -4.33 -36.00 -4.79
CA GLN H 300 -5.71 -35.75 -5.18
C GLN H 300 -5.93 -34.26 -5.31
N PRO H 301 -6.35 -33.76 -6.48
CA PRO H 301 -6.59 -32.32 -6.63
C PRO H 301 -7.76 -31.85 -5.78
N LEU H 302 -7.67 -30.60 -5.34
CA LEU H 302 -8.73 -30.01 -4.54
C LEU H 302 -9.89 -29.54 -5.42
N SER H 303 -11.04 -29.33 -4.79
CA SER H 303 -12.21 -28.87 -5.51
C SER H 303 -12.02 -27.43 -5.96
N PRO H 304 -12.58 -27.05 -7.11
CA PRO H 304 -12.45 -25.66 -7.59
C PRO H 304 -13.21 -24.64 -6.76
N GLU H 305 -13.97 -25.07 -5.76
CA GLU H 305 -14.72 -24.13 -4.92
C GLU H 305 -13.83 -23.43 -3.91
N LYS H 306 -12.65 -23.96 -3.61
CA LYS H 306 -11.77 -23.39 -2.61
C LYS H 306 -10.82 -22.34 -3.17
N TYR H 307 -10.52 -22.39 -4.47
CA TYR H 307 -9.60 -21.43 -5.09
C TYR H 307 -10.26 -20.81 -6.31
N VAL H 308 -9.95 -19.53 -6.53
CA VAL H 308 -10.48 -18.78 -7.67
C VAL H 308 -9.29 -18.20 -8.43
N THR H 309 -9.22 -18.50 -9.73
CA THR H 309 -8.14 -18.01 -10.57
C THR H 309 -8.51 -16.64 -11.14
N SER H 310 -7.60 -15.68 -10.96
CA SER H 310 -7.83 -14.33 -11.46
C SER H 310 -7.60 -14.26 -12.96
N ALA H 311 -8.28 -13.31 -13.60
CA ALA H 311 -8.12 -13.13 -15.04
C ALA H 311 -6.75 -12.54 -15.35
N PRO H 312 -6.14 -12.94 -16.47
CA PRO H 312 -4.84 -12.37 -16.86
C PRO H 312 -4.95 -10.87 -17.12
N MET H 313 -3.89 -10.16 -16.76
CA MET H 313 -3.81 -8.72 -16.94
C MET H 313 -2.49 -8.35 -17.60
N PRO H 314 -2.47 -7.27 -18.39
CA PRO H 314 -1.21 -6.83 -19.00
C PRO H 314 -0.32 -6.11 -18.00
N GLU H 315 0.98 -6.41 -18.07
CA GLU H 315 1.96 -5.76 -17.21
C GLU H 315 2.62 -4.61 -17.96
N PRO H 316 2.51 -3.38 -17.48
CA PRO H 316 3.04 -2.24 -18.23
C PRO H 316 4.56 -2.16 -18.20
N GLN H 317 5.17 -2.44 -17.05
CA GLN H 317 6.62 -2.38 -16.96
C GLN H 317 7.29 -3.47 -17.79
N ALA H 318 6.77 -4.69 -17.71
CA ALA H 318 7.29 -5.81 -18.48
C ALA H 318 6.78 -5.73 -19.92
N PRO H 319 7.38 -6.49 -20.84
CA PRO H 319 6.84 -6.56 -22.20
C PRO H 319 5.50 -7.27 -22.24
N GLY H 320 4.96 -7.50 -23.44
CA GLY H 320 3.60 -7.99 -23.56
C GLY H 320 3.43 -9.43 -23.14
N ARG H 321 3.61 -9.68 -21.84
CA ARG H 321 3.39 -10.99 -21.24
C ARG H 321 2.43 -10.83 -20.08
N TYR H 322 1.41 -11.68 -20.04
CA TYR H 322 0.38 -11.56 -19.02
C TYR H 322 0.82 -12.21 -17.71
N PHE H 323 0.07 -11.93 -16.65
CA PHE H 323 0.31 -12.51 -15.33
C PHE H 323 -1.01 -12.86 -14.69
N ALA H 324 -0.95 -13.72 -13.68
CA ALA H 324 -2.14 -14.18 -12.97
C ALA H 324 -1.74 -14.70 -11.61
N HIS H 325 -2.74 -14.94 -10.76
CA HIS H 325 -2.51 -15.46 -9.42
C HIS H 325 -3.75 -16.21 -8.96
N SER H 326 -3.57 -17.04 -7.95
CA SER H 326 -4.67 -17.84 -7.40
C SER H 326 -4.38 -18.09 -5.92
N ILE H 327 -5.34 -17.73 -5.07
CA ILE H 327 -5.17 -17.87 -3.63
C ILE H 327 -5.89 -19.13 -3.16
N LEU H 328 -5.44 -19.66 -2.02
CA LEU H 328 -6.06 -20.80 -1.38
C LEU H 328 -6.31 -20.46 0.09
N THR H 329 -7.56 -20.57 0.52
CA THR H 329 -7.95 -20.25 1.89
C THR H 329 -8.33 -21.55 2.61
N VAL H 330 -7.45 -21.98 3.51
CA VAL H 330 -7.65 -23.20 4.29
C VAL H 330 -7.48 -22.86 5.77
N SER H 331 -7.77 -23.85 6.61
CA SER H 331 -7.67 -23.68 8.05
C SER H 331 -6.21 -23.49 8.47
N GLU H 332 -6.02 -22.71 9.54
CA GLU H 332 -4.68 -22.43 10.02
C GLU H 332 -4.09 -23.63 10.75
N GLU H 333 -4.91 -24.37 11.49
CA GLU H 333 -4.41 -25.50 12.25
C GLU H 333 -3.93 -26.64 11.36
N GLU H 334 -4.55 -26.79 10.18
CA GLU H 334 -4.15 -27.86 9.28
C GLU H 334 -2.80 -27.60 8.61
N TRP H 335 -2.34 -26.35 8.60
CA TRP H 335 -1.06 -26.04 7.96
C TRP H 335 0.11 -26.57 8.77
N ASN H 336 0.00 -26.58 10.10
CA ASN H 336 1.08 -27.08 10.95
C ASN H 336 1.21 -28.59 10.92
N THR H 337 0.13 -29.32 10.64
CA THR H 337 0.15 -30.77 10.60
C THR H 337 0.50 -31.32 9.21
N GLY H 338 0.67 -30.45 8.22
CA GLY H 338 0.97 -30.88 6.88
C GLY H 338 0.28 -30.03 5.83
N GLU H 339 -0.43 -30.67 4.90
CA GLU H 339 -1.19 -29.96 3.86
C GLU H 339 -0.29 -29.03 3.05
N THR H 340 0.63 -29.66 2.30
CA THR H 340 1.60 -28.90 1.53
C THR H 340 0.92 -27.97 0.53
N TYR H 341 -0.10 -28.47 -0.18
CA TYR H 341 -0.88 -27.68 -1.14
C TYR H 341 0.04 -27.09 -2.22
N THR H 342 0.65 -27.99 -2.98
CA THR H 342 1.54 -27.59 -4.05
C THR H 342 0.78 -26.89 -5.17
N CYS H 343 1.52 -26.12 -5.97
CA CYS H 343 0.94 -25.31 -7.04
C CYS H 343 1.32 -25.94 -8.38
N VAL H 344 0.36 -26.61 -9.01
CA VAL H 344 0.53 -27.21 -10.33
C VAL H 344 -0.18 -26.33 -11.34
N VAL H 345 0.56 -25.89 -12.36
CA VAL H 345 0.03 -25.01 -13.40
C VAL H 345 0.31 -25.64 -14.76
N ALA H 346 -0.71 -25.71 -15.59
CA ALA H 346 -0.60 -26.26 -16.95
C ALA H 346 -0.50 -25.11 -17.95
N HIS H 347 0.52 -25.18 -18.80
CA HIS H 347 0.74 -24.16 -19.82
C HIS H 347 1.17 -24.84 -21.12
N GLU H 348 0.97 -24.14 -22.22
CA GLU H 348 1.26 -24.66 -23.55
C GLU H 348 2.64 -24.27 -24.06
N ALA H 349 3.55 -23.87 -23.16
CA ALA H 349 4.89 -23.50 -23.54
C ALA H 349 5.96 -24.15 -22.69
N LEU H 350 5.59 -24.89 -21.65
CA LEU H 350 6.56 -25.55 -20.79
C LEU H 350 7.10 -26.81 -21.48
N PRO H 351 8.34 -27.21 -21.16
CA PRO H 351 8.87 -28.45 -21.75
C PRO H 351 8.03 -29.68 -21.45
N ASN H 352 7.46 -29.76 -20.26
CA ASN H 352 6.57 -30.86 -19.88
C ASN H 352 5.12 -30.42 -19.74
N ARG H 353 4.82 -29.16 -20.06
CA ARG H 353 3.49 -28.55 -20.02
C ARG H 353 2.94 -28.43 -18.60
N VAL H 354 3.64 -28.90 -17.59
CA VAL H 354 3.20 -28.81 -16.20
C VAL H 354 4.37 -28.34 -15.34
N THR H 355 4.15 -27.32 -14.53
CA THR H 355 5.12 -26.84 -13.57
C THR H 355 4.56 -27.01 -12.16
N GLU H 356 5.34 -27.64 -11.28
CA GLU H 356 4.91 -27.93 -9.93
C GLU H 356 5.93 -27.36 -8.95
N ARG H 357 5.47 -26.48 -8.06
CA ARG H 357 6.30 -25.92 -7.01
C ARG H 357 5.74 -26.28 -5.65
N THR H 358 6.63 -26.36 -4.66
CA THR H 358 6.25 -26.77 -3.32
C THR H 358 6.99 -25.93 -2.29
N VAL H 359 6.36 -25.75 -1.13
CA VAL H 359 6.95 -25.03 -0.01
C VAL H 359 6.70 -25.84 1.26
N ASP H 360 7.73 -25.97 2.08
CA ASP H 360 7.61 -26.71 3.33
C ASP H 360 7.29 -25.75 4.48
N LYS H 361 6.86 -26.33 5.60
CA LYS H 361 6.53 -25.53 6.77
C LYS H 361 7.77 -24.83 7.32
N SER H 362 8.91 -25.51 7.33
CA SER H 362 10.15 -24.95 7.85
C SER H 362 10.94 -24.25 6.74
N THR H 363 10.28 -23.30 6.09
CA THR H 363 10.90 -22.52 5.03
C THR H 363 10.92 -21.02 5.31
N GLY H 364 10.04 -20.51 6.16
CA GLY H 364 10.03 -19.10 6.48
C GLY H 364 10.77 -18.77 7.75
N LYS H 365 11.22 -19.80 8.46
CA LYS H 365 11.98 -19.60 9.69
C LYS H 365 13.35 -19.03 9.37
N PRO H 366 13.94 -18.27 10.30
CA PRO H 366 15.30 -17.76 10.08
C PRO H 366 16.30 -18.91 10.03
N THR H 367 17.39 -18.68 9.28
CA THR H 367 18.40 -19.72 9.11
C THR H 367 19.05 -20.09 10.44
N LEU H 368 19.37 -19.08 11.26
CA LEU H 368 19.98 -19.34 12.56
C LEU H 368 19.70 -18.16 13.47
N TYR H 369 19.66 -18.44 14.78
CA TYR H 369 19.50 -17.40 15.78
C TYR H 369 20.85 -17.01 16.35
N ASN H 370 21.00 -15.72 16.67
CA ASN H 370 22.23 -15.16 17.20
C ASN H 370 21.94 -14.29 18.42
N VAL H 371 21.13 -14.82 19.34
CA VAL H 371 20.80 -14.08 20.55
C VAL H 371 22.05 -13.96 21.42
N SER H 372 22.09 -12.89 22.22
CA SER H 372 23.23 -12.62 23.09
C SER H 372 22.72 -11.85 24.31
N LEU H 373 22.60 -12.54 25.44
CA LEU H 373 22.15 -11.92 26.68
C LEU H 373 23.36 -11.33 27.42
N VAL H 374 23.28 -10.06 27.77
CA VAL H 374 24.39 -9.36 28.39
C VAL H 374 23.98 -8.85 29.76
N MET H 375 23.09 -9.59 30.44
CA MET H 375 22.66 -9.21 31.77
C MET H 375 23.84 -9.14 32.73
N SER H 376 23.88 -8.08 33.54
CA SER H 376 24.95 -7.87 34.49
C SER H 376 24.38 -7.10 35.69
N ASP H 377 25.27 -6.57 36.52
CA ASP H 377 24.87 -5.82 37.70
C ASP H 377 25.58 -4.47 37.78
N THR H 378 26.09 -3.97 36.66
CA THR H 378 26.79 -2.69 36.63
C THR H 378 25.80 -1.53 36.45
N ILE I 152 10.54 -67.17 -40.66
CA ILE I 152 10.06 -65.80 -40.71
C ILE I 152 9.21 -65.50 -39.48
N ARG I 153 9.63 -64.49 -38.72
CA ARG I 153 8.94 -64.07 -37.50
C ARG I 153 8.59 -62.59 -37.61
N VAL I 154 7.34 -62.26 -37.30
CA VAL I 154 6.86 -60.89 -37.36
C VAL I 154 6.59 -60.42 -35.93
N PHE I 155 7.22 -59.32 -35.54
CA PHE I 155 7.07 -58.75 -34.20
C PHE I 155 6.38 -57.40 -34.30
N ALA I 156 5.40 -57.18 -33.43
CA ALA I 156 4.67 -55.91 -33.36
C ALA I 156 4.97 -55.29 -32.00
N ILE I 157 5.99 -54.44 -31.96
CA ILE I 157 6.42 -53.79 -30.72
C ILE I 157 5.43 -52.69 -30.36
N PRO I 158 4.81 -52.74 -29.18
CA PRO I 158 3.91 -51.66 -28.79
C PRO I 158 4.68 -50.38 -28.52
N PRO I 159 4.04 -49.22 -28.69
CA PRO I 159 4.74 -47.96 -28.43
C PRO I 159 5.06 -47.77 -26.95
N SER I 160 6.34 -47.72 -26.62
CA SER I 160 6.75 -47.56 -25.23
C SER I 160 6.39 -46.17 -24.71
N PHE I 161 5.99 -46.11 -23.45
CA PHE I 161 5.59 -44.85 -22.83
C PHE I 161 6.77 -43.90 -22.65
N ALA I 162 7.99 -44.42 -22.58
CA ALA I 162 9.16 -43.56 -22.41
C ALA I 162 9.42 -42.68 -23.62
N SER I 163 8.84 -43.02 -24.77
CA SER I 163 9.02 -42.23 -25.98
C SER I 163 7.82 -41.38 -26.36
N ILE I 164 6.62 -41.72 -25.86
CA ILE I 164 5.43 -40.94 -26.18
C ILE I 164 5.55 -39.53 -25.61
N PHE I 165 5.96 -39.43 -24.34
CA PHE I 165 6.07 -38.13 -23.69
C PHE I 165 7.31 -37.36 -24.13
N LEU I 166 8.41 -38.05 -24.43
CA LEU I 166 9.66 -37.38 -24.73
C LEU I 166 9.58 -36.57 -26.02
N THR I 167 8.95 -37.13 -27.06
CA THR I 167 8.94 -36.49 -28.36
C THR I 167 7.55 -36.06 -28.82
N LYS I 168 6.48 -36.54 -28.18
CA LYS I 168 5.11 -36.24 -28.56
C LYS I 168 4.80 -36.66 -30.00
N SER I 169 5.54 -37.64 -30.52
CA SER I 169 5.38 -38.16 -31.88
C SER I 169 5.38 -39.68 -31.85
N THR I 170 4.59 -40.25 -30.94
CA THR I 170 4.57 -41.69 -30.74
C THR I 170 4.18 -42.42 -32.03
N LYS I 171 4.98 -43.43 -32.38
CA LYS I 171 4.74 -44.23 -33.57
C LYS I 171 4.95 -45.70 -33.22
N LEU I 172 4.32 -46.57 -33.99
CA LEU I 172 4.43 -48.01 -33.82
C LEU I 172 5.23 -48.61 -34.97
N THR I 173 6.10 -49.57 -34.65
CA THR I 173 6.99 -50.17 -35.63
C THR I 173 6.73 -51.68 -35.69
N CYS I 174 6.51 -52.19 -36.90
CA CYS I 174 6.32 -53.61 -37.13
C CYS I 174 7.65 -54.19 -37.61
N LEU I 175 8.18 -55.14 -36.85
CA LEU I 175 9.49 -55.73 -37.12
C LEU I 175 9.33 -57.11 -37.72
N VAL I 176 9.88 -57.32 -38.91
CA VAL I 176 9.88 -58.61 -39.59
C VAL I 176 11.33 -59.01 -39.84
N THR I 177 11.70 -60.21 -39.41
CA THR I 177 13.07 -60.70 -39.51
C THR I 177 13.09 -62.04 -40.22
N ASP I 178 14.31 -62.54 -40.44
CA ASP I 178 14.54 -63.84 -41.08
C ASP I 178 13.93 -63.89 -42.49
N LEU I 179 13.97 -62.77 -43.20
CA LEU I 179 13.49 -62.72 -44.57
C LEU I 179 14.61 -63.06 -45.55
N THR I 180 14.24 -63.68 -46.66
CA THR I 180 15.22 -64.02 -47.69
C THR I 180 15.67 -62.78 -48.44
N THR I 181 16.80 -62.89 -49.12
CA THR I 181 17.42 -61.78 -49.82
C THR I 181 16.65 -61.53 -51.12
N TYR I 182 15.68 -60.62 -51.04
CA TYR I 182 14.90 -60.22 -52.21
C TYR I 182 14.53 -58.74 -52.05
N ASP I 183 13.58 -58.29 -52.87
CA ASP I 183 13.15 -56.90 -52.87
C ASP I 183 11.64 -56.86 -53.06
N SER I 184 11.11 -55.67 -53.35
CA SER I 184 9.68 -55.46 -53.57
C SER I 184 8.87 -55.90 -52.36
N VAL I 185 9.26 -55.42 -51.18
CA VAL I 185 8.56 -55.73 -49.94
C VAL I 185 7.41 -54.76 -49.77
N THR I 186 6.30 -55.27 -49.23
CA THR I 186 5.09 -54.47 -49.02
C THR I 186 4.64 -54.66 -47.57
N ILE I 187 4.81 -53.62 -46.76
CA ILE I 187 4.40 -53.64 -45.36
C ILE I 187 3.57 -52.40 -45.08
N SER I 188 2.51 -52.57 -44.29
CA SER I 188 1.63 -51.46 -43.95
C SER I 188 0.89 -51.79 -42.66
N TRP I 189 0.30 -50.77 -42.07
CA TRP I 189 -0.49 -50.91 -40.85
C TRP I 189 -1.95 -50.59 -41.14
N THR I 190 -2.85 -51.40 -40.58
CA THR I 190 -4.28 -51.21 -40.75
C THR I 190 -4.96 -51.20 -39.39
N ARG I 191 -6.04 -50.44 -39.29
CA ARG I 191 -6.79 -50.33 -38.05
C ARG I 191 -7.79 -51.48 -37.95
N GLN I 192 -8.70 -51.40 -36.97
CA GLN I 192 -9.72 -52.43 -36.82
C GLN I 192 -10.65 -52.45 -38.03
N ASN I 193 -11.01 -51.27 -38.54
CA ASN I 193 -11.88 -51.15 -39.70
C ASN I 193 -11.13 -51.26 -41.02
N GLY I 194 -9.81 -51.40 -41.00
CA GLY I 194 -9.05 -51.51 -42.22
C GLY I 194 -8.71 -50.20 -42.88
N GLU I 195 -8.69 -49.10 -42.13
CA GLU I 195 -8.37 -47.80 -42.70
C GLU I 195 -6.92 -47.75 -43.16
N ALA I 196 -6.69 -47.00 -44.25
CA ALA I 196 -5.36 -46.87 -44.80
C ALA I 196 -4.47 -46.00 -43.91
N VAL I 197 -3.16 -46.16 -44.07
CA VAL I 197 -2.18 -45.42 -43.29
C VAL I 197 -1.20 -44.76 -44.25
N LYS I 198 -0.53 -43.72 -43.76
CA LYS I 198 0.43 -42.99 -44.57
C LYS I 198 1.68 -43.82 -44.84
N THR I 199 2.35 -43.50 -45.95
CA THR I 199 3.56 -44.23 -46.32
C THR I 199 4.70 -43.90 -45.36
N HIS I 200 5.43 -44.94 -44.96
CA HIS I 200 6.55 -44.80 -44.03
C HIS I 200 7.87 -44.74 -44.79
N THR I 201 8.76 -43.87 -44.36
CA THR I 201 10.08 -43.71 -44.97
C THR I 201 11.12 -44.42 -44.10
N ASN I 202 12.39 -44.25 -44.48
CA ASN I 202 13.54 -44.83 -43.77
C ASN I 202 13.42 -46.35 -43.69
N ILE I 203 13.43 -46.98 -44.86
CA ILE I 203 13.35 -48.43 -44.93
C ILE I 203 14.62 -49.04 -44.36
N SER I 204 14.47 -50.11 -43.58
CA SER I 204 15.60 -50.78 -42.98
C SER I 204 16.43 -51.51 -44.03
N GLU I 205 17.70 -51.71 -43.71
CA GLU I 205 18.65 -52.38 -44.60
C GLU I 205 18.77 -53.86 -44.24
N SER I 206 19.43 -54.61 -45.13
CA SER I 206 19.62 -56.03 -44.92
C SER I 206 20.63 -56.28 -43.80
N HIS I 207 20.37 -57.31 -43.01
CA HIS I 207 21.28 -57.67 -41.93
C HIS I 207 22.57 -58.26 -42.49
N PRO I 208 23.69 -58.10 -41.77
CA PRO I 208 24.97 -58.66 -42.26
C PRO I 208 25.03 -60.17 -42.26
N ASN I 209 23.99 -60.87 -41.81
CA ASN I 209 23.98 -62.33 -41.75
C ASN I 209 23.17 -62.94 -42.88
N ALA I 210 23.24 -62.34 -44.08
CA ALA I 210 22.58 -62.86 -45.28
C ALA I 210 21.06 -62.97 -45.08
N THR I 211 20.49 -61.99 -44.41
CA THR I 211 19.04 -61.91 -44.20
C THR I 211 18.58 -60.49 -44.51
N PHE I 212 17.27 -60.29 -44.44
CA PHE I 212 16.67 -58.99 -44.75
C PHE I 212 15.61 -58.67 -43.70
N SER I 213 15.38 -57.39 -43.48
CA SER I 213 14.38 -56.92 -42.53
C SER I 213 13.74 -55.64 -43.05
N ALA I 214 12.50 -55.41 -42.64
CA ALA I 214 11.77 -54.21 -43.03
C ALA I 214 10.96 -53.71 -41.85
N VAL I 215 10.93 -52.39 -41.67
CA VAL I 215 10.23 -51.75 -40.57
C VAL I 215 9.33 -50.66 -41.13
N GLY I 216 8.24 -50.38 -40.39
CA GLY I 216 7.30 -49.35 -40.80
C GLY I 216 6.90 -48.44 -39.66
N GLU I 217 7.12 -47.14 -39.82
CA GLU I 217 6.79 -46.15 -38.80
C GLU I 217 5.51 -45.43 -39.20
N ALA I 218 4.43 -45.68 -38.47
CA ALA I 218 3.13 -45.06 -38.73
C ALA I 218 2.76 -44.16 -37.57
N SER I 219 2.24 -42.97 -37.88
CA SER I 219 1.86 -41.99 -36.87
C SER I 219 0.39 -42.20 -36.50
N ILE I 220 0.15 -42.46 -35.22
CA ILE I 220 -1.20 -42.70 -34.70
C ILE I 220 -1.45 -41.74 -33.55
N CYS I 221 -2.62 -41.10 -33.56
CA CYS I 221 -3.00 -40.20 -32.49
C CYS I 221 -3.18 -40.96 -31.18
N GLU I 222 -2.89 -40.27 -30.07
CA GLU I 222 -2.99 -40.89 -28.76
C GLU I 222 -4.42 -41.30 -28.44
N ASP I 223 -5.38 -40.46 -28.83
CA ASP I 223 -6.79 -40.77 -28.56
C ASP I 223 -7.22 -42.05 -29.27
N ASP I 224 -6.78 -42.23 -30.51
CA ASP I 224 -7.12 -43.45 -31.25
C ASP I 224 -6.54 -44.69 -30.58
N TRP I 225 -5.29 -44.61 -30.12
CA TRP I 225 -4.67 -45.74 -29.45
C TRP I 225 -5.38 -46.05 -28.14
N ASN I 226 -5.77 -45.03 -27.39
CA ASN I 226 -6.45 -45.23 -26.12
C ASN I 226 -7.92 -45.58 -26.27
N SER I 227 -8.48 -45.46 -27.48
CA SER I 227 -9.88 -45.80 -27.70
C SER I 227 -10.13 -47.30 -27.66
N GLY I 228 -9.09 -48.11 -27.75
CA GLY I 228 -9.24 -49.55 -27.71
C GLY I 228 -9.30 -50.24 -29.06
N GLU I 229 -8.99 -49.54 -30.15
CA GLU I 229 -9.02 -50.12 -31.48
C GLU I 229 -7.71 -50.84 -31.77
N ARG I 230 -7.80 -52.12 -32.13
CA ARG I 230 -6.62 -52.90 -32.41
C ARG I 230 -6.00 -52.50 -33.76
N PHE I 231 -4.71 -52.78 -33.90
CA PHE I 231 -3.97 -52.50 -35.12
C PHE I 231 -3.33 -53.78 -35.62
N THR I 232 -3.40 -54.00 -36.93
CA THR I 232 -2.89 -55.22 -37.56
C THR I 232 -1.78 -54.85 -38.55
N CYS I 233 -0.68 -55.59 -38.47
CA CYS I 233 0.44 -55.41 -39.39
C CYS I 233 0.42 -56.50 -40.45
N THR I 234 0.60 -56.10 -41.70
CA THR I 234 0.62 -57.02 -42.83
C THR I 234 1.98 -56.94 -43.53
N VAL I 235 2.51 -58.11 -43.89
CA VAL I 235 3.80 -58.22 -44.56
C VAL I 235 3.62 -59.07 -45.81
N THR I 236 4.14 -58.60 -46.94
CA THR I 236 4.06 -59.32 -48.20
C THR I 236 5.47 -59.47 -48.76
N HIS I 237 5.86 -60.71 -49.06
CA HIS I 237 7.18 -61.00 -49.59
C HIS I 237 7.07 -62.09 -50.65
N THR I 238 8.13 -62.25 -51.43
CA THR I 238 8.14 -63.26 -52.48
C THR I 238 8.07 -64.67 -51.89
N ASP I 239 8.82 -64.92 -50.82
CA ASP I 239 8.83 -66.25 -50.21
C ASP I 239 7.56 -66.57 -49.44
N LEU I 240 6.80 -65.55 -49.03
CA LEU I 240 5.57 -65.79 -48.29
C LEU I 240 4.43 -66.05 -49.25
N PRO I 241 3.80 -67.23 -49.21
CA PRO I 241 2.66 -67.48 -50.12
C PRO I 241 1.46 -66.59 -49.84
N SER I 242 1.25 -66.19 -48.59
CA SER I 242 0.13 -65.34 -48.22
C SER I 242 0.61 -64.32 -47.19
N PRO I 243 -0.04 -63.16 -47.14
CA PRO I 243 0.33 -62.15 -46.12
C PRO I 243 0.06 -62.65 -44.72
N LEU I 244 0.87 -62.18 -43.78
CA LEU I 244 0.76 -62.55 -42.37
C LEU I 244 0.21 -61.35 -41.59
N LYS I 245 -0.87 -61.58 -40.85
CA LYS I 245 -1.53 -60.54 -40.07
C LYS I 245 -1.20 -60.74 -38.60
N GLN I 246 -0.51 -59.77 -38.02
CA GLN I 246 -0.17 -59.78 -36.60
C GLN I 246 -1.04 -58.77 -35.86
N THR I 247 -1.69 -59.22 -34.80
CA THR I 247 -2.61 -58.39 -34.03
C THR I 247 -1.95 -57.98 -32.72
N ILE I 248 -1.96 -56.68 -32.44
CA ILE I 248 -1.41 -56.13 -31.21
C ILE I 248 -2.45 -55.21 -30.60
N SER I 249 -2.69 -55.37 -29.29
CA SER I 249 -3.67 -54.56 -28.59
C SER I 249 -3.09 -54.08 -27.27
N ARG I 250 -3.63 -52.98 -26.77
CA ARG I 250 -3.17 -52.44 -25.50
C ARG I 250 -3.57 -53.38 -24.37
N PRO I 251 -2.63 -53.81 -23.52
CA PRO I 251 -2.98 -54.73 -22.43
C PRO I 251 -3.80 -54.06 -21.34
N LYS I 252 -5.05 -53.74 -21.64
CA LYS I 252 -5.92 -53.12 -20.64
C LYS I 252 -6.32 -54.15 -19.58
N GLY I 253 -6.36 -53.69 -18.33
CA GLY I 253 -6.72 -54.57 -17.23
C GLY I 253 -5.69 -54.57 -16.12
N VAL I 254 -4.73 -53.64 -16.20
CA VAL I 254 -3.67 -53.52 -15.22
C VAL I 254 -3.97 -52.35 -14.30
N ALA I 255 -3.85 -52.58 -12.99
CA ALA I 255 -4.13 -51.53 -12.02
C ALA I 255 -3.12 -50.39 -12.16
N LEU I 256 -3.58 -49.17 -11.92
CA LEU I 256 -2.77 -47.97 -12.05
C LEU I 256 -2.55 -47.35 -10.68
N HIS I 257 -1.30 -46.93 -10.44
CA HIS I 257 -0.93 -46.31 -9.17
C HIS I 257 -0.06 -45.09 -9.45
N ARG I 258 -0.02 -44.19 -8.46
CA ARG I 258 0.77 -42.99 -8.68
C ARG I 258 2.16 -43.13 -8.09
N PRO I 259 3.19 -42.64 -8.79
CA PRO I 259 4.55 -42.75 -8.27
C PRO I 259 4.75 -41.88 -7.02
N ASP I 260 5.66 -42.35 -6.16
CA ASP I 260 6.05 -41.62 -4.95
C ASP I 260 7.50 -41.18 -5.15
N VAL I 261 7.67 -40.00 -5.74
CA VAL I 261 9.00 -39.48 -6.09
C VAL I 261 9.64 -38.89 -4.84
N TYR I 262 10.69 -39.54 -4.35
CA TYR I 262 11.47 -39.05 -3.23
C TYR I 262 12.85 -38.67 -3.73
N LEU I 263 13.24 -37.41 -3.52
CA LEU I 263 14.54 -36.91 -3.94
C LEU I 263 15.44 -36.80 -2.72
N LEU I 264 16.44 -37.69 -2.65
CA LEU I 264 17.35 -37.74 -1.49
C LEU I 264 18.49 -36.74 -1.68
N PRO I 265 18.70 -35.83 -0.73
CA PRO I 265 19.82 -34.91 -0.84
C PRO I 265 21.13 -35.65 -0.67
N PRO I 266 22.22 -35.15 -1.27
CA PRO I 266 23.52 -35.81 -1.11
C PRO I 266 24.00 -35.77 0.33
N ALA I 267 24.72 -36.82 0.71
CA ALA I 267 25.25 -36.92 2.07
C ALA I 267 26.41 -35.95 2.27
N ARG I 268 26.55 -35.46 3.49
CA ARG I 268 27.65 -34.57 3.81
C ARG I 268 28.99 -35.28 3.76
N GLU I 269 29.01 -36.58 4.05
CA GLU I 269 30.27 -37.33 4.01
C GLU I 269 30.84 -37.39 2.60
N GLN I 270 29.99 -37.32 1.58
CA GLN I 270 30.47 -37.32 0.20
C GLN I 270 31.14 -36.02 -0.18
N LEU I 271 30.71 -34.91 0.41
CA LEU I 271 31.28 -33.59 0.12
C LEU I 271 32.51 -33.30 0.98
N ASN I 272 33.49 -34.20 0.93
CA ASN I 272 34.72 -34.02 1.68
C ASN I 272 35.93 -34.09 0.77
N LEU I 273 35.81 -34.81 -0.34
CA LEU I 273 36.89 -34.91 -1.32
C LEU I 273 36.90 -33.76 -2.32
N ARG I 274 35.83 -32.96 -2.36
CA ARG I 274 35.73 -31.81 -3.27
C ARG I 274 35.94 -32.22 -4.72
N GLU I 275 35.37 -33.37 -5.09
CA GLU I 275 35.52 -33.91 -6.44
C GLU I 275 34.22 -33.87 -7.23
N SER I 276 33.15 -34.46 -6.69
CA SER I 276 31.88 -34.52 -7.39
C SER I 276 30.78 -34.94 -6.42
N ALA I 277 29.58 -34.43 -6.62
CA ALA I 277 28.41 -34.78 -5.85
C ALA I 277 27.45 -35.59 -6.71
N THR I 278 26.81 -36.58 -6.09
CA THR I 278 25.89 -37.49 -6.78
C THR I 278 24.52 -37.41 -6.12
N ILE I 279 23.56 -36.81 -6.83
CA ILE I 279 22.18 -36.72 -6.36
C ILE I 279 21.35 -37.72 -7.14
N THR I 280 20.57 -38.54 -6.42
CA THR I 280 19.74 -39.57 -7.03
C THR I 280 18.27 -39.29 -6.73
N CYS I 281 17.42 -39.53 -7.74
CA CYS I 281 15.99 -39.32 -7.62
C CYS I 281 15.33 -40.68 -7.45
N LEU I 282 14.99 -41.03 -6.21
CA LEU I 282 14.39 -42.32 -5.89
C LEU I 282 12.91 -42.29 -6.25
N VAL I 283 12.59 -42.84 -7.42
CA VAL I 283 11.21 -42.94 -7.88
C VAL I 283 10.71 -44.35 -7.62
N THR I 284 9.58 -44.47 -6.93
CA THR I 284 9.02 -45.76 -6.58
C THR I 284 7.52 -45.62 -6.37
N GLY I 285 6.86 -46.77 -6.21
CA GLY I 285 5.43 -46.79 -5.96
C GLY I 285 4.56 -46.64 -7.19
N PHE I 286 5.13 -46.73 -8.39
CA PHE I 286 4.37 -46.58 -9.62
C PHE I 286 4.11 -47.94 -10.27
N SER I 287 3.04 -48.00 -11.06
CA SER I 287 2.67 -49.21 -11.78
C SER I 287 1.83 -48.80 -12.98
N PRO I 288 2.04 -49.40 -14.15
CA PRO I 288 2.99 -50.47 -14.46
C PRO I 288 4.42 -49.97 -14.69
N ALA I 289 5.25 -50.79 -15.34
CA ALA I 289 6.65 -50.46 -15.55
C ALA I 289 6.79 -49.50 -16.74
N ASP I 290 8.03 -49.32 -17.21
CA ASP I 290 8.34 -48.47 -18.36
C ASP I 290 8.03 -47.00 -18.07
N VAL I 291 8.49 -46.53 -16.91
CA VAL I 291 8.36 -45.12 -16.57
C VAL I 291 9.51 -44.33 -17.21
N PHE I 292 9.32 -43.02 -17.31
CA PHE I 292 10.29 -42.12 -17.90
C PHE I 292 10.70 -41.08 -16.87
N VAL I 293 12.01 -40.94 -16.66
CA VAL I 293 12.57 -39.98 -15.71
C VAL I 293 13.65 -39.18 -16.42
N GLN I 294 13.57 -37.86 -16.32
CA GLN I 294 14.56 -36.97 -16.93
C GLN I 294 14.86 -35.83 -15.98
N TRP I 295 16.02 -35.20 -16.19
CA TRP I 295 16.50 -34.12 -15.35
C TRP I 295 16.49 -32.81 -16.13
N MET I 296 16.00 -31.75 -15.48
CA MET I 296 16.01 -30.41 -16.05
C MET I 296 16.69 -29.45 -15.09
N GLN I 297 17.36 -28.44 -15.66
CA GLN I 297 18.10 -27.45 -14.90
C GLN I 297 17.53 -26.06 -15.21
N ARG I 298 16.81 -25.50 -14.25
CA ARG I 298 16.20 -24.18 -14.38
C ARG I 298 15.32 -24.09 -15.63
N GLY I 299 14.51 -25.12 -15.82
CA GLY I 299 13.66 -25.20 -16.99
C GLY I 299 14.34 -25.63 -18.26
N GLN I 300 15.57 -26.12 -18.19
CA GLN I 300 16.32 -26.57 -19.36
C GLN I 300 16.79 -27.99 -19.13
N PRO I 301 16.31 -28.97 -19.91
CA PRO I 301 16.75 -30.36 -19.71
C PRO I 301 18.25 -30.51 -19.96
N LEU I 302 18.88 -31.38 -19.16
CA LEU I 302 20.29 -31.66 -19.30
C LEU I 302 20.54 -32.65 -20.43
N SER I 303 21.81 -32.77 -20.82
CA SER I 303 22.19 -33.70 -21.87
C SER I 303 21.99 -35.15 -21.38
N PRO I 304 21.62 -36.06 -22.28
CA PRO I 304 21.42 -37.46 -21.89
C PRO I 304 22.69 -38.18 -21.48
N GLU I 305 23.86 -37.55 -21.62
CA GLU I 305 25.12 -38.17 -21.26
C GLU I 305 25.51 -37.96 -19.81
N LYS I 306 24.68 -37.29 -19.02
CA LYS I 306 24.97 -37.03 -17.62
C LYS I 306 24.19 -37.92 -16.67
N TYR I 307 22.97 -38.33 -17.04
CA TYR I 307 22.14 -39.18 -16.20
C TYR I 307 21.78 -40.46 -16.95
N VAL I 308 21.69 -41.57 -16.22
CA VAL I 308 21.36 -42.87 -16.78
C VAL I 308 20.15 -43.41 -16.04
N THR I 309 19.09 -43.75 -16.79
CA THR I 309 17.88 -44.30 -16.19
C THR I 309 18.07 -45.77 -15.89
N SER I 310 17.60 -46.18 -14.71
CA SER I 310 17.71 -47.57 -14.28
C SER I 310 16.57 -48.39 -14.91
N ALA I 311 16.43 -49.64 -14.47
CA ALA I 311 15.40 -50.52 -15.01
C ALA I 311 14.33 -50.80 -13.95
N PRO I 312 13.06 -50.92 -14.36
CA PRO I 312 11.98 -51.20 -13.41
C PRO I 312 12.07 -52.63 -12.90
N MET I 313 12.24 -52.77 -11.58
CA MET I 313 12.29 -54.08 -10.93
C MET I 313 11.20 -54.18 -9.88
N PRO I 314 10.47 -55.30 -9.84
CA PRO I 314 9.40 -55.44 -8.85
C PRO I 314 9.93 -55.45 -7.43
N GLU I 315 9.17 -54.85 -6.52
CA GLU I 315 9.54 -54.82 -5.10
C GLU I 315 9.06 -56.11 -4.43
N PRO I 316 9.94 -56.82 -3.72
CA PRO I 316 9.53 -58.11 -3.12
C PRO I 316 8.49 -57.98 -2.02
N GLN I 317 8.75 -57.12 -1.02
CA GLN I 317 7.83 -57.02 0.11
C GLN I 317 6.52 -56.34 -0.30
N ALA I 318 6.61 -55.29 -1.11
CA ALA I 318 5.43 -54.61 -1.59
C ALA I 318 4.70 -55.46 -2.62
N PRO I 319 3.41 -55.17 -2.88
CA PRO I 319 2.70 -55.88 -3.95
C PRO I 319 3.20 -55.46 -5.32
N GLY I 320 2.55 -55.94 -6.39
CA GLY I 320 3.01 -55.68 -7.74
C GLY I 320 3.19 -54.21 -8.06
N ARG I 321 4.45 -53.82 -8.21
CA ARG I 321 4.83 -52.44 -8.47
C ARG I 321 6.22 -52.44 -9.11
N TYR I 322 6.73 -51.24 -9.36
CA TYR I 322 8.06 -51.09 -9.94
C TYR I 322 8.72 -49.85 -9.36
N PHE I 323 10.06 -49.83 -9.42
CA PHE I 323 10.84 -48.69 -8.99
C PHE I 323 12.06 -48.56 -9.91
N ALA I 324 12.70 -47.39 -9.84
CA ALA I 324 13.85 -47.11 -10.69
C ALA I 324 14.71 -46.06 -10.01
N HIS I 325 15.88 -45.81 -10.60
CA HIS I 325 16.83 -44.86 -10.06
C HIS I 325 17.37 -43.98 -11.18
N SER I 326 17.82 -42.78 -10.80
CA SER I 326 18.39 -41.84 -11.77
C SER I 326 19.35 -40.94 -11.02
N ILE I 327 20.64 -41.06 -11.31
CA ILE I 327 21.68 -40.31 -10.63
C ILE I 327 22.15 -39.18 -11.52
N LEU I 328 22.60 -38.10 -10.90
CA LEU I 328 23.16 -36.95 -11.61
C LEU I 328 24.43 -36.51 -10.89
N THR I 329 25.55 -36.56 -11.59
CA THR I 329 26.85 -36.22 -11.02
C THR I 329 27.25 -34.81 -11.47
N VAL I 330 27.52 -33.94 -10.50
CA VAL I 330 27.92 -32.57 -10.75
C VAL I 330 29.11 -32.23 -9.87
N SER I 331 29.83 -31.18 -10.25
CA SER I 331 30.99 -30.74 -9.49
C SER I 331 30.57 -30.18 -8.14
N GLU I 332 31.49 -30.29 -7.17
CA GLU I 332 31.19 -29.83 -5.82
C GLU I 332 31.10 -28.32 -5.74
N GLU I 333 31.90 -27.60 -6.56
CA GLU I 333 31.89 -26.15 -6.50
C GLU I 333 30.57 -25.55 -6.95
N GLU I 334 29.90 -26.19 -7.93
CA GLU I 334 28.62 -25.69 -8.40
C GLU I 334 27.48 -26.01 -7.44
N TRP I 335 27.69 -26.90 -6.47
CA TRP I 335 26.62 -27.27 -5.56
C TRP I 335 26.17 -26.08 -4.72
N ASN I 336 27.11 -25.27 -4.25
CA ASN I 336 26.78 -24.07 -3.47
C ASN I 336 26.64 -22.84 -4.37
N THR I 337 25.84 -23.00 -5.44
CA THR I 337 25.55 -21.91 -6.35
C THR I 337 24.08 -21.84 -6.77
N GLY I 338 23.26 -22.81 -6.38
CA GLY I 338 21.90 -22.93 -6.88
C GLY I 338 21.63 -24.34 -7.36
N GLU I 339 21.38 -24.50 -8.65
CA GLU I 339 21.25 -25.81 -9.29
C GLU I 339 20.14 -26.63 -8.62
N THR I 340 18.91 -26.13 -8.78
CA THR I 340 17.76 -26.76 -8.16
C THR I 340 17.64 -28.22 -8.57
N TYR I 341 17.89 -28.53 -9.84
CA TYR I 341 17.95 -29.91 -10.35
C TYR I 341 16.66 -30.67 -10.03
N THR I 342 15.58 -30.17 -10.61
CA THR I 342 14.28 -30.82 -10.43
C THR I 342 14.27 -32.18 -11.12
N CYS I 343 13.41 -33.06 -10.62
CA CYS I 343 13.28 -34.43 -11.12
C CYS I 343 11.85 -34.61 -11.63
N VAL I 344 11.67 -34.33 -12.92
CA VAL I 344 10.36 -34.48 -13.55
C VAL I 344 10.17 -35.94 -13.95
N VAL I 345 9.04 -36.52 -13.56
CA VAL I 345 8.71 -37.91 -13.85
C VAL I 345 7.38 -37.94 -14.56
N ALA I 346 7.32 -38.66 -15.69
CA ALA I 346 6.12 -38.80 -16.48
C ALA I 346 5.54 -40.20 -16.30
N HIS I 347 4.27 -40.28 -15.95
CA HIS I 347 3.60 -41.55 -15.73
C HIS I 347 2.19 -41.47 -16.30
N GLU I 348 1.65 -42.63 -16.66
CA GLU I 348 0.33 -42.74 -17.28
C GLU I 348 -0.79 -42.94 -16.27
N ALA I 349 -0.59 -42.53 -15.01
CA ALA I 349 -1.64 -42.64 -14.01
C ALA I 349 -1.82 -41.39 -13.17
N LEU I 350 -1.02 -40.35 -13.37
CA LEU I 350 -1.19 -39.11 -12.63
C LEU I 350 -2.27 -38.24 -13.26
N PRO I 351 -2.92 -37.39 -12.47
CA PRO I 351 -3.90 -36.47 -13.06
C PRO I 351 -3.30 -35.53 -14.11
N ASN I 352 -2.15 -34.92 -13.79
CA ASN I 352 -1.46 -34.06 -14.74
C ASN I 352 -0.35 -34.80 -15.50
N ARG I 353 -0.13 -36.08 -15.20
CA ARG I 353 0.86 -36.92 -15.88
C ARG I 353 2.29 -36.43 -15.68
N VAL I 354 2.47 -35.37 -14.91
CA VAL I 354 3.80 -34.81 -14.65
C VAL I 354 3.92 -34.48 -13.17
N THR I 355 4.97 -35.00 -12.53
CA THR I 355 5.28 -34.67 -11.15
C THR I 355 6.77 -34.35 -11.04
N GLU I 356 7.11 -33.49 -10.09
CA GLU I 356 8.50 -33.08 -9.91
C GLU I 356 8.75 -32.68 -8.47
N ARG I 357 9.95 -32.99 -7.98
CA ARG I 357 10.43 -32.53 -6.69
C ARG I 357 11.87 -32.05 -6.87
N THR I 358 12.28 -31.12 -6.01
CA THR I 358 13.60 -30.51 -6.14
C THR I 358 14.24 -30.35 -4.78
N VAL I 359 15.58 -30.26 -4.79
CA VAL I 359 16.37 -30.04 -3.59
C VAL I 359 17.29 -28.85 -3.84
N ASP I 360 17.26 -27.88 -2.93
CA ASP I 360 18.07 -26.68 -3.03
C ASP I 360 19.19 -26.73 -2.00
N LYS I 361 19.96 -25.65 -1.93
CA LYS I 361 21.03 -25.57 -0.94
C LYS I 361 20.48 -25.59 0.48
N SER I 362 19.27 -25.07 0.68
CA SER I 362 18.59 -25.06 1.98
C SER I 362 17.40 -26.00 1.88
N THR I 363 17.63 -27.28 2.14
CA THR I 363 16.60 -28.32 2.14
C THR I 363 16.65 -29.08 3.46
N GLY I 364 16.69 -28.33 4.56
CA GLY I 364 16.85 -28.90 5.87
C GLY I 364 17.53 -27.89 6.79
N LYS I 365 18.63 -28.31 7.43
CA LYS I 365 19.51 -27.48 8.26
C LYS I 365 18.71 -26.55 9.16
N PRO I 366 18.06 -27.08 10.21
CA PRO I 366 17.21 -26.23 11.06
C PRO I 366 17.97 -25.14 11.77
N THR I 367 17.25 -24.31 12.54
CA THR I 367 17.85 -23.14 13.16
C THR I 367 19.01 -23.52 14.05
N LEU I 368 20.14 -22.83 13.88
CA LEU I 368 21.34 -23.05 14.67
C LEU I 368 21.41 -21.99 15.75
N TYR I 369 21.06 -22.38 16.97
CA TYR I 369 21.06 -21.43 18.08
C TYR I 369 22.48 -21.07 18.48
N ASN I 370 22.73 -19.78 18.68
CA ASN I 370 24.06 -19.25 18.98
C ASN I 370 23.99 -18.38 20.23
N VAL I 371 23.37 -18.91 21.29
CA VAL I 371 23.22 -18.17 22.53
C VAL I 371 24.60 -17.78 23.07
N SER I 372 24.72 -16.54 23.53
CA SER I 372 25.98 -15.94 23.94
C SER I 372 25.85 -15.28 25.30
N LEU I 373 25.33 -16.02 26.27
CA LEU I 373 25.10 -15.48 27.61
C LEU I 373 26.40 -14.94 28.19
N VAL I 374 26.33 -13.71 28.74
CA VAL I 374 27.46 -13.09 29.41
C VAL I 374 27.08 -12.90 30.87
N MET I 375 26.25 -13.79 31.40
CA MET I 375 25.78 -13.68 32.78
C MET I 375 26.96 -13.92 33.73
N SER I 376 27.27 -12.91 34.54
CA SER I 376 28.38 -13.01 35.49
C SER I 376 27.88 -12.92 36.92
N ILE J 152 23.74 -76.57 -32.53
CA ILE J 152 24.41 -76.96 -31.29
C ILE J 152 25.01 -75.74 -30.60
N ARG J 153 24.56 -75.48 -29.38
CA ARG J 153 25.04 -74.36 -28.58
C ARG J 153 25.42 -74.85 -27.21
N VAL J 154 26.58 -74.41 -26.72
CA VAL J 154 27.08 -74.77 -25.39
C VAL J 154 27.35 -73.48 -24.63
N PHE J 155 26.70 -73.32 -23.48
CA PHE J 155 26.85 -72.13 -22.65
C PHE J 155 27.55 -72.50 -21.35
N ALA J 156 28.35 -71.56 -20.85
CA ALA J 156 29.06 -71.74 -19.58
C ALA J 156 28.92 -70.46 -18.77
N ILE J 157 28.38 -70.59 -17.56
CA ILE J 157 28.18 -69.45 -16.67
C ILE J 157 29.32 -69.47 -15.64
N PRO J 158 30.24 -68.52 -15.67
CA PRO J 158 31.33 -68.50 -14.68
C PRO J 158 30.81 -68.07 -13.33
N PRO J 159 31.48 -68.50 -12.25
CA PRO J 159 31.05 -68.06 -10.91
C PRO J 159 31.29 -66.57 -10.73
N SER J 160 30.29 -65.89 -10.18
CA SER J 160 30.38 -64.45 -9.94
C SER J 160 31.03 -64.19 -8.58
N PHE J 161 31.54 -62.96 -8.42
CA PHE J 161 32.19 -62.59 -7.17
C PHE J 161 31.22 -62.58 -6.00
N ALA J 162 29.94 -62.31 -6.27
CA ALA J 162 28.94 -62.33 -5.20
C ALA J 162 28.77 -63.73 -4.62
N SER J 163 28.80 -64.76 -5.48
CA SER J 163 28.63 -66.12 -5.01
C SER J 163 29.87 -66.64 -4.29
N ILE J 164 31.06 -66.13 -4.64
CA ILE J 164 32.28 -66.58 -3.99
C ILE J 164 32.28 -66.20 -2.51
N PHE J 165 31.95 -64.95 -2.21
CA PHE J 165 31.99 -64.47 -0.83
C PHE J 165 30.78 -64.94 -0.03
N LEU J 166 29.65 -65.21 -0.68
CA LEU J 166 28.43 -65.53 0.05
C LEU J 166 28.49 -66.92 0.67
N THR J 167 29.02 -67.91 -0.07
CA THR J 167 29.00 -69.29 0.38
C THR J 167 30.36 -69.97 0.43
N LYS J 168 31.39 -69.44 -0.24
CA LYS J 168 32.70 -70.07 -0.31
C LYS J 168 32.63 -71.49 -0.86
N SER J 169 31.73 -71.71 -1.82
CA SER J 169 31.50 -73.01 -2.45
C SER J 169 31.45 -72.85 -3.96
N THR J 170 32.44 -72.13 -4.50
CA THR J 170 32.47 -71.81 -5.92
C THR J 170 32.43 -73.08 -6.77
N LYS J 171 31.37 -73.21 -7.56
CA LYS J 171 31.20 -74.34 -8.47
C LYS J 171 30.83 -73.81 -9.85
N LEU J 172 31.43 -74.42 -10.88
CA LEU J 172 31.19 -74.02 -12.27
C LEU J 172 30.23 -74.99 -12.92
N THR J 173 29.30 -74.45 -13.72
CA THR J 173 28.25 -75.23 -14.36
C THR J 173 28.34 -75.05 -15.86
N CYS J 174 28.26 -76.15 -16.60
CA CYS J 174 28.26 -76.15 -18.05
C CYS J 174 26.86 -76.47 -18.55
N LEU J 175 26.28 -75.56 -19.33
CA LEU J 175 24.91 -75.67 -19.79
C LEU J 175 24.89 -76.05 -21.27
N VAL J 176 24.09 -77.05 -21.61
CA VAL J 176 23.92 -77.52 -22.99
C VAL J 176 22.46 -77.35 -23.36
N THR J 177 22.20 -76.68 -24.48
CA THR J 177 20.84 -76.44 -24.95
C THR J 177 20.78 -76.73 -26.45
N ASP J 178 19.57 -76.62 -27.00
CA ASP J 178 19.31 -76.81 -28.43
C ASP J 178 19.68 -78.22 -28.89
N LEU J 179 19.10 -79.22 -28.21
CA LEU J 179 19.23 -80.61 -28.60
C LEU J 179 17.86 -81.27 -28.50
N THR J 180 17.82 -82.58 -28.73
CA THR J 180 16.59 -83.35 -28.66
C THR J 180 16.46 -84.01 -27.29
N THR J 181 15.27 -84.55 -27.03
CA THR J 181 14.95 -85.18 -25.75
C THR J 181 15.50 -86.60 -25.74
N TYR J 182 16.75 -86.73 -25.32
CA TYR J 182 17.41 -88.02 -25.18
C TYR J 182 17.96 -88.19 -23.78
N ASP J 183 18.15 -89.45 -23.39
CA ASP J 183 18.62 -89.81 -22.07
C ASP J 183 20.07 -90.29 -22.15
N SER J 184 20.65 -90.60 -20.98
CA SER J 184 22.02 -91.08 -20.86
C SER J 184 23.01 -90.07 -21.45
N VAL J 185 23.02 -88.89 -20.85
CA VAL J 185 23.94 -87.83 -21.27
C VAL J 185 25.32 -88.11 -20.70
N THR J 186 26.35 -87.57 -21.37
CA THR J 186 27.74 -87.75 -20.96
C THR J 186 28.45 -86.41 -21.06
N ILE J 187 28.63 -85.74 -19.93
CA ILE J 187 29.35 -84.48 -19.86
C ILE J 187 30.36 -84.56 -18.72
N SER J 188 31.44 -83.79 -18.84
CA SER J 188 32.48 -83.78 -17.82
C SER J 188 33.28 -82.50 -17.95
N TRP J 189 34.01 -82.17 -16.87
CA TRP J 189 34.89 -81.02 -16.83
C TRP J 189 36.33 -81.48 -16.70
N THR J 190 37.21 -80.93 -17.52
CA THR J 190 38.62 -81.26 -17.50
C THR J 190 39.44 -79.98 -17.34
N ARG J 191 40.57 -80.10 -16.66
CA ARG J 191 41.46 -78.97 -16.43
C ARG J 191 42.51 -78.91 -17.55
N GLN J 192 43.51 -78.03 -17.37
CA GLN J 192 44.57 -77.92 -18.36
C GLN J 192 45.45 -79.17 -18.38
N ASN J 193 45.63 -79.83 -17.22
CA ASN J 193 46.45 -81.02 -17.11
C ASN J 193 45.67 -82.31 -17.31
N GLY J 194 44.37 -82.22 -17.62
CA GLY J 194 43.59 -83.41 -17.87
C GLY J 194 43.25 -84.24 -16.66
N GLU J 195 43.19 -83.62 -15.48
CA GLU J 195 42.86 -84.34 -14.26
C GLU J 195 41.35 -84.52 -14.17
N ALA J 196 40.87 -84.98 -13.00
CA ALA J 196 39.46 -85.24 -12.79
C ALA J 196 38.88 -84.24 -11.79
N VAL J 197 37.56 -84.11 -11.82
CA VAL J 197 36.82 -83.19 -10.97
C VAL J 197 35.73 -83.95 -10.23
N LYS J 198 34.95 -83.23 -9.44
CA LYS J 198 33.87 -83.83 -8.68
C LYS J 198 32.76 -84.33 -9.61
N THR J 199 32.01 -85.31 -9.13
CA THR J 199 30.93 -85.89 -9.91
C THR J 199 29.83 -84.86 -10.15
N HIS J 200 29.19 -84.96 -11.31
CA HIS J 200 28.14 -84.02 -11.72
C HIS J 200 26.77 -84.61 -11.37
N THR J 201 26.51 -84.68 -10.07
CA THR J 201 25.23 -85.18 -9.58
C THR J 201 24.17 -84.09 -9.64
N ASN J 202 22.98 -84.41 -9.13
CA ASN J 202 21.84 -83.49 -9.08
C ASN J 202 21.49 -83.00 -10.49
N ILE J 203 21.09 -83.96 -11.33
CA ILE J 203 20.71 -83.62 -12.70
C ILE J 203 19.34 -82.94 -12.70
N SER J 204 19.09 -82.17 -13.76
CA SER J 204 17.85 -81.43 -13.92
C SER J 204 16.89 -82.19 -14.83
N GLU J 205 15.62 -81.78 -14.78
CA GLU J 205 14.58 -82.37 -15.59
C GLU J 205 14.48 -81.67 -16.94
N SER J 206 13.85 -82.34 -17.90
CA SER J 206 13.67 -81.79 -19.23
C SER J 206 12.57 -80.74 -19.21
N HIS J 207 12.20 -80.22 -20.38
CA HIS J 207 11.20 -79.18 -20.50
C HIS J 207 10.13 -79.60 -21.49
N PRO J 208 8.88 -79.17 -21.29
CA PRO J 208 7.79 -79.57 -22.19
C PRO J 208 7.95 -79.08 -23.62
N ASN J 209 8.74 -78.04 -23.86
CA ASN J 209 8.88 -77.47 -25.19
C ASN J 209 9.96 -78.15 -26.02
N ALA J 210 10.32 -79.40 -25.68
CA ALA J 210 11.27 -80.20 -26.45
C ALA J 210 12.62 -79.50 -26.57
N THR J 211 13.20 -79.18 -25.42
CA THR J 211 14.52 -78.57 -25.32
C THR J 211 15.44 -79.47 -24.49
N PHE J 212 16.70 -79.08 -24.42
CA PHE J 212 17.72 -79.83 -23.71
C PHE J 212 18.22 -79.03 -22.52
N SER J 213 18.48 -79.73 -21.41
CA SER J 213 18.96 -79.08 -20.19
C SER J 213 19.87 -80.04 -19.45
N ALA J 214 21.11 -79.63 -19.22
CA ALA J 214 22.08 -80.44 -18.50
C ALA J 214 22.99 -79.53 -17.70
N VAL J 215 23.18 -79.85 -16.42
CA VAL J 215 24.00 -79.06 -15.51
C VAL J 215 25.02 -79.98 -14.85
N GLY J 216 26.27 -79.51 -14.80
CA GLY J 216 27.33 -80.25 -14.15
C GLY J 216 28.17 -79.38 -13.25
N GLU J 217 28.22 -79.73 -11.96
CA GLU J 217 28.95 -78.95 -10.97
C GLU J 217 30.25 -79.65 -10.58
N ALA J 218 31.20 -78.86 -10.09
CA ALA J 218 32.49 -79.38 -9.67
C ALA J 218 33.09 -78.41 -8.64
N SER J 219 33.69 -78.98 -7.61
CA SER J 219 34.30 -78.18 -6.54
C SER J 219 35.74 -77.87 -6.89
N ILE J 220 36.05 -76.59 -7.08
CA ILE J 220 37.39 -76.13 -7.42
C ILE J 220 37.85 -75.16 -6.33
N CYS J 221 39.17 -75.06 -6.18
CA CYS J 221 39.75 -74.17 -5.18
C CYS J 221 39.75 -72.74 -5.69
N GLU J 222 39.76 -71.80 -4.74
CA GLU J 222 39.79 -70.37 -5.10
C GLU J 222 41.09 -70.02 -5.80
N ASP J 223 42.21 -70.58 -5.34
CA ASP J 223 43.50 -70.29 -5.95
C ASP J 223 43.59 -70.83 -7.37
N ASP J 224 42.84 -71.90 -7.67
CA ASP J 224 42.85 -72.49 -9.01
C ASP J 224 42.03 -71.71 -10.01
N TRP J 225 41.27 -70.70 -9.58
CA TRP J 225 40.48 -69.88 -10.48
C TRP J 225 41.09 -68.51 -10.74
N ASN J 226 41.91 -67.99 -9.83
CA ASN J 226 42.54 -66.69 -10.01
C ASN J 226 43.94 -66.77 -10.60
N SER J 227 44.61 -67.92 -10.47
CA SER J 227 45.96 -68.05 -11.02
C SER J 227 45.97 -67.99 -12.53
N GLY J 228 44.87 -68.39 -13.18
CA GLY J 228 44.79 -68.36 -14.63
C GLY J 228 44.70 -69.74 -15.26
N GLU J 229 44.09 -70.68 -14.54
CA GLU J 229 43.93 -72.05 -15.03
C GLU J 229 42.65 -72.13 -15.86
N ARG J 230 42.78 -72.58 -17.10
CA ARG J 230 41.63 -72.68 -18.00
C ARG J 230 40.90 -74.00 -17.79
N PHE J 231 39.58 -73.93 -17.75
CA PHE J 231 38.72 -75.10 -17.58
C PHE J 231 37.92 -75.32 -18.85
N THR J 232 37.94 -76.56 -19.35
CA THR J 232 37.29 -76.92 -20.60
C THR J 232 36.13 -77.87 -20.33
N CYS J 233 34.97 -77.54 -20.86
CA CYS J 233 33.78 -78.39 -20.73
C CYS J 233 33.68 -79.31 -21.94
N THR J 234 33.63 -80.61 -21.69
CA THR J 234 33.50 -81.62 -22.74
C THR J 234 32.06 -82.10 -22.82
N VAL J 235 31.48 -82.02 -24.00
CA VAL J 235 30.10 -82.42 -24.23
C VAL J 235 30.10 -83.50 -25.31
N THR J 236 29.60 -84.68 -24.96
CA THR J 236 29.48 -85.80 -25.90
C THR J 236 28.06 -86.33 -25.87
N HIS J 237 27.51 -86.60 -27.04
CA HIS J 237 26.14 -87.10 -27.17
C HIS J 237 26.04 -87.82 -28.52
N THR J 238 24.84 -88.33 -28.82
CA THR J 238 24.61 -89.03 -30.08
C THR J 238 24.37 -88.07 -31.24
N ASP J 239 23.81 -86.89 -30.98
CA ASP J 239 23.58 -85.93 -32.06
C ASP J 239 24.90 -85.42 -32.64
N LEU J 240 25.86 -85.10 -31.78
CA LEU J 240 27.18 -84.61 -32.19
C LEU J 240 28.24 -85.48 -31.54
N PRO J 241 28.66 -86.57 -32.21
CA PRO J 241 29.69 -87.44 -31.64
C PRO J 241 31.09 -86.87 -31.68
N SER J 242 31.28 -85.66 -32.23
CA SER J 242 32.60 -85.07 -32.28
C SER J 242 32.95 -84.42 -30.94
N PRO J 243 34.22 -84.45 -30.54
CA PRO J 243 34.62 -83.83 -29.27
C PRO J 243 34.43 -82.32 -29.32
N LEU J 244 33.60 -81.81 -28.42
CA LEU J 244 33.33 -80.38 -28.32
C LEU J 244 34.05 -79.81 -27.12
N LYS J 245 34.80 -78.73 -27.32
CA LYS J 245 35.57 -78.09 -26.27
C LYS J 245 35.01 -76.71 -26.00
N GLN J 246 34.68 -76.43 -24.74
CA GLN J 246 34.17 -75.14 -24.31
C GLN J 246 35.13 -74.58 -23.26
N THR J 247 35.96 -73.62 -23.67
CA THR J 247 36.97 -73.04 -22.80
C THR J 247 36.50 -71.69 -22.28
N ILE J 248 36.54 -71.53 -20.97
CA ILE J 248 36.14 -70.28 -20.32
C ILE J 248 36.97 -70.10 -19.06
N SER J 249 37.41 -68.87 -18.82
CA SER J 249 38.22 -68.54 -17.66
C SER J 249 37.93 -67.10 -17.25
N ARG J 250 38.77 -66.56 -16.37
CA ARG J 250 38.61 -65.20 -15.90
C ARG J 250 39.33 -64.25 -16.84
N PRO J 251 38.63 -63.26 -17.42
CA PRO J 251 39.31 -62.34 -18.36
C PRO J 251 40.23 -61.37 -17.63
N LYS J 252 41.42 -61.83 -17.26
CA LYS J 252 42.39 -60.98 -16.59
C LYS J 252 42.94 -59.93 -17.55
N GLY J 253 43.36 -58.80 -16.97
CA GLY J 253 43.91 -57.73 -17.77
C GLY J 253 43.08 -56.45 -17.71
N VAL J 254 42.42 -56.23 -16.58
CA VAL J 254 41.59 -55.04 -16.37
C VAL J 254 42.00 -54.38 -15.07
N ALA J 255 41.76 -53.07 -14.99
CA ALA J 255 42.11 -52.31 -13.80
C ALA J 255 41.08 -52.51 -12.70
N LEU J 256 41.41 -52.02 -11.51
CA LEU J 256 40.54 -52.13 -10.35
C LEU J 256 40.62 -50.85 -9.54
N HIS J 257 39.47 -50.37 -9.09
CA HIS J 257 39.38 -49.14 -8.30
C HIS J 257 38.73 -49.43 -6.97
N ARG J 258 38.99 -48.56 -6.00
CA ARG J 258 38.42 -48.71 -4.67
C ARG J 258 36.97 -48.27 -4.68
N PRO J 259 36.03 -49.14 -4.28
CA PRO J 259 34.61 -48.75 -4.29
C PRO J 259 34.30 -47.74 -3.19
N ASP J 260 33.79 -46.58 -3.59
CA ASP J 260 33.38 -45.55 -2.64
C ASP J 260 31.98 -45.85 -2.13
N VAL J 261 31.82 -45.80 -0.81
CA VAL J 261 30.55 -46.13 -0.16
C VAL J 261 30.01 -44.88 0.51
N TYR J 262 28.76 -44.52 0.19
CA TYR J 262 28.09 -43.39 0.80
C TYR J 262 26.70 -43.80 1.22
N LEU J 263 26.29 -43.40 2.42
CA LEU J 263 24.98 -43.73 2.96
C LEU J 263 24.10 -42.49 2.91
N LEU J 264 22.96 -42.61 2.22
CA LEU J 264 22.04 -41.49 2.06
C LEU J 264 20.86 -41.67 3.01
N PRO J 265 20.67 -40.78 3.98
CA PRO J 265 19.52 -40.92 4.87
C PRO J 265 18.22 -40.66 4.13
N PRO J 266 17.11 -41.26 4.57
CA PRO J 266 15.84 -41.03 3.90
C PRO J 266 15.38 -39.58 4.02
N ALA J 267 14.67 -39.12 3.00
CA ALA J 267 14.19 -37.74 2.98
C ALA J 267 13.10 -37.53 4.03
N ARG J 268 12.95 -36.27 4.43
CA ARG J 268 11.94 -35.92 5.44
C ARG J 268 10.52 -36.05 4.91
N GLU J 269 10.33 -35.98 3.59
CA GLU J 269 8.99 -36.11 3.03
C GLU J 269 8.42 -37.51 3.28
N GLN J 270 9.26 -38.54 3.13
CA GLN J 270 8.79 -39.90 3.37
C GLN J 270 8.57 -40.17 4.85
N LEU J 271 9.38 -39.56 5.72
CA LEU J 271 9.23 -39.78 7.15
C LEU J 271 7.92 -39.22 7.69
N ASN J 272 7.47 -38.08 7.15
CA ASN J 272 6.23 -37.47 7.61
C ASN J 272 5.00 -38.30 7.25
N LEU J 273 5.12 -39.19 6.27
CA LEU J 273 3.97 -40.02 5.90
C LEU J 273 3.71 -41.11 6.93
N ARG J 274 4.74 -41.51 7.69
CA ARG J 274 4.61 -42.54 8.72
C ARG J 274 4.04 -43.83 8.16
N GLU J 275 4.49 -44.21 6.96
CA GLU J 275 4.05 -45.43 6.30
C GLU J 275 5.16 -46.46 6.15
N SER J 276 6.28 -46.07 5.54
CA SER J 276 7.40 -46.97 5.36
C SER J 276 8.68 -46.16 5.17
N ALA J 277 9.79 -46.72 5.62
CA ALA J 277 11.10 -46.09 5.52
C ALA J 277 11.99 -46.89 4.58
N THR J 278 12.74 -46.19 3.74
CA THR J 278 13.64 -46.81 2.78
C THR J 278 15.04 -46.26 2.98
N ILE J 279 16.03 -47.15 3.08
CA ILE J 279 17.43 -46.78 3.22
C ILE J 279 18.17 -47.24 1.98
N THR J 280 18.88 -46.31 1.33
CA THR J 280 19.60 -46.59 0.09
C THR J 280 21.10 -46.53 0.35
N CYS J 281 21.79 -47.61 0.00
CA CYS J 281 23.25 -47.67 0.11
C CYS J 281 23.85 -47.50 -1.28
N LEU J 282 24.70 -46.49 -1.43
CA LEU J 282 25.27 -46.13 -2.73
C LEU J 282 26.73 -46.58 -2.75
N VAL J 283 27.03 -47.57 -3.60
CA VAL J 283 28.37 -48.07 -3.79
C VAL J 283 28.74 -47.81 -5.25
N THR J 284 29.46 -46.73 -5.50
CA THR J 284 29.84 -46.34 -6.85
C THR J 284 31.35 -46.34 -7.00
N GLY J 285 31.81 -46.35 -8.26
CA GLY J 285 33.22 -46.32 -8.56
C GLY J 285 33.93 -47.65 -8.54
N PHE J 286 33.20 -48.75 -8.33
CA PHE J 286 33.81 -50.06 -8.30
C PHE J 286 33.96 -50.64 -9.70
N SER J 287 34.88 -51.59 -9.83
CA SER J 287 35.15 -52.26 -11.10
C SER J 287 35.89 -53.54 -10.82
N PRO J 288 35.53 -54.65 -11.48
CA PRO J 288 34.49 -54.80 -12.51
C PRO J 288 33.09 -54.94 -11.91
N ALA J 289 32.16 -55.50 -12.68
CA ALA J 289 30.78 -55.64 -12.24
C ALA J 289 30.65 -56.84 -11.31
N ASP J 290 29.40 -57.24 -11.02
CA ASP J 290 29.09 -58.37 -10.14
C ASP J 290 29.66 -58.14 -8.73
N VAL J 291 29.16 -57.08 -8.09
CA VAL J 291 29.56 -56.76 -6.73
C VAL J 291 28.57 -57.41 -5.76
N PHE J 292 29.04 -57.64 -4.53
CA PHE J 292 28.26 -58.31 -3.50
C PHE J 292 27.90 -57.29 -2.42
N VAL J 293 26.61 -56.92 -2.38
CA VAL J 293 26.10 -55.97 -1.38
C VAL J 293 24.98 -56.66 -0.62
N GLN J 294 25.07 -56.64 0.71
CA GLN J 294 24.07 -57.23 1.57
C GLN J 294 23.85 -56.33 2.78
N TRP J 295 22.81 -56.65 3.55
CA TRP J 295 22.44 -55.90 4.74
C TRP J 295 22.45 -56.81 5.96
N MET J 296 22.97 -56.28 7.06
CA MET J 296 23.01 -57.01 8.33
C MET J 296 22.47 -56.13 9.44
N GLN J 297 21.81 -56.77 10.41
CA GLN J 297 21.22 -56.08 11.55
C GLN J 297 21.97 -56.53 12.81
N ARG J 298 22.99 -55.76 13.19
CA ARG J 298 23.79 -56.01 14.38
C ARG J 298 24.38 -57.42 14.36
N GLY J 299 25.20 -57.67 13.35
CA GLY J 299 25.85 -58.97 13.22
C GLY J 299 24.93 -60.09 12.81
N GLN J 300 23.77 -59.78 12.24
CA GLN J 300 22.81 -60.79 11.79
C GLN J 300 22.36 -60.44 10.37
N PRO J 301 22.72 -61.24 9.37
CA PRO J 301 22.32 -60.92 7.98
C PRO J 301 20.81 -61.02 7.82
N LEU J 302 20.24 -60.05 7.12
CA LEU J 302 18.80 -60.03 6.87
C LEU J 302 18.44 -61.07 5.81
N SER J 303 17.16 -61.41 5.78
CA SER J 303 16.67 -62.37 4.80
C SER J 303 16.80 -61.80 3.39
N PRO J 304 17.17 -62.62 2.40
CA PRO J 304 17.30 -62.12 1.03
C PRO J 304 15.98 -61.64 0.43
N GLU J 305 14.85 -62.04 1.00
CA GLU J 305 13.55 -61.63 0.47
C GLU J 305 13.18 -60.19 0.81
N LYS J 306 13.97 -59.53 1.67
CA LYS J 306 13.69 -58.15 2.08
C LYS J 306 14.46 -57.14 1.24
N TYR J 307 15.78 -57.31 1.11
CA TYR J 307 16.61 -56.39 0.34
C TYR J 307 16.93 -56.98 -1.02
N VAL J 308 17.05 -56.11 -2.02
CA VAL J 308 17.35 -56.50 -3.39
C VAL J 308 18.51 -55.65 -3.89
N THR J 309 19.53 -56.32 -4.44
CA THR J 309 20.68 -55.63 -5.00
C THR J 309 20.45 -55.36 -6.48
N SER J 310 20.77 -54.13 -6.90
CA SER J 310 20.58 -53.72 -8.29
C SER J 310 21.71 -54.27 -9.15
N ALA J 311 21.75 -53.84 -10.41
CA ALA J 311 22.77 -54.31 -11.34
C ALA J 311 23.83 -53.24 -11.58
N PRO J 312 25.09 -53.63 -11.75
CA PRO J 312 26.15 -52.64 -11.98
C PRO J 312 26.07 -52.02 -13.37
N MET J 313 25.69 -50.73 -13.42
CA MET J 313 25.61 -50.01 -14.68
C MET J 313 26.81 -49.10 -14.85
N PRO J 314 27.29 -48.90 -16.08
CA PRO J 314 28.43 -48.00 -16.28
C PRO J 314 28.09 -46.56 -15.93
N GLU J 315 29.07 -45.87 -15.35
CA GLU J 315 28.88 -44.48 -14.99
C GLU J 315 28.97 -43.61 -16.25
N PRO J 316 28.00 -42.72 -16.48
CA PRO J 316 28.03 -41.91 -17.71
C PRO J 316 29.26 -41.02 -17.84
N GLN J 317 29.79 -40.51 -16.72
CA GLN J 317 30.95 -39.63 -16.77
C GLN J 317 32.28 -40.35 -16.54
N ALA J 318 32.25 -41.55 -15.94
CA ALA J 318 33.51 -42.24 -15.71
C ALA J 318 33.90 -43.05 -16.94
N PRO J 319 35.21 -43.21 -17.20
CA PRO J 319 35.64 -43.98 -18.37
C PRO J 319 35.32 -45.46 -18.26
N GLY J 320 35.66 -46.08 -17.14
CA GLY J 320 35.46 -47.51 -16.99
C GLY J 320 34.94 -47.94 -15.64
N ARG J 321 34.40 -47.00 -14.87
CA ARG J 321 33.86 -47.31 -13.55
C ARG J 321 32.38 -47.67 -13.66
N TYR J 322 31.80 -48.12 -12.54
CA TYR J 322 30.41 -48.54 -12.49
C TYR J 322 29.80 -48.01 -11.20
N PHE J 323 28.50 -48.30 -11.02
CA PHE J 323 27.80 -47.92 -9.80
C PHE J 323 26.68 -48.93 -9.56
N ALA J 324 26.23 -48.99 -8.30
CA ALA J 324 25.17 -49.91 -7.91
C ALA J 324 24.39 -49.31 -6.76
N HIS J 325 23.16 -49.79 -6.59
CA HIS J 325 22.26 -49.31 -5.55
C HIS J 325 21.72 -50.50 -4.77
N SER J 326 21.33 -50.23 -3.53
CA SER J 326 20.77 -51.26 -2.66
C SER J 326 19.78 -50.60 -1.72
N ILE J 327 18.50 -50.99 -1.81
CA ILE J 327 17.45 -50.44 -0.99
C ILE J 327 17.02 -51.47 0.04
N LEU J 328 16.55 -50.98 1.18
CA LEU J 328 16.10 -51.83 2.28
C LEU J 328 14.72 -51.37 2.73
N THR J 329 13.78 -52.31 2.83
CA THR J 329 12.40 -52.00 3.22
C THR J 329 12.25 -52.27 4.71
N VAL J 330 12.38 -51.20 5.50
CA VAL J 330 12.25 -51.27 6.95
C VAL J 330 10.98 -50.53 7.36
N SER J 331 10.29 -51.06 8.36
CA SER J 331 9.09 -50.41 8.87
C SER J 331 9.44 -49.08 9.52
N GLU J 332 8.54 -48.10 9.38
CA GLU J 332 8.78 -46.79 9.97
C GLU J 332 8.82 -46.84 11.49
N GLU J 333 8.06 -47.76 12.09
CA GLU J 333 8.09 -47.91 13.55
C GLU J 333 9.45 -48.40 14.02
N GLU J 334 10.04 -49.36 13.30
CA GLU J 334 11.35 -49.89 13.66
C GLU J 334 12.49 -48.94 13.30
N TRP J 335 12.24 -47.95 12.42
CA TRP J 335 13.28 -47.01 12.03
C TRP J 335 13.55 -45.97 13.11
N ASN J 336 12.64 -45.79 14.07
CA ASN J 336 12.84 -44.82 15.12
C ASN J 336 14.00 -45.20 16.03
N THR J 337 14.27 -46.50 16.18
CA THR J 337 15.37 -46.94 17.03
C THR J 337 16.71 -46.86 16.28
N GLY J 338 16.82 -47.58 15.17
CA GLY J 338 18.04 -47.56 14.37
C GLY J 338 19.25 -48.06 15.12
N GLU J 339 19.27 -49.36 15.45
CA GLU J 339 20.38 -49.93 16.20
C GLU J 339 21.69 -49.82 15.43
N THR J 340 21.79 -50.50 14.29
CA THR J 340 22.99 -50.44 13.46
C THR J 340 22.69 -49.89 12.07
N TYR J 341 21.76 -50.52 11.34
CA TYR J 341 21.45 -50.14 9.96
C TYR J 341 22.71 -49.97 9.12
N THR J 342 23.54 -51.01 9.13
CA THR J 342 24.83 -50.97 8.47
C THR J 342 24.76 -51.59 7.07
N CYS J 343 25.57 -51.05 6.17
CA CYS J 343 25.68 -51.53 4.79
C CYS J 343 27.08 -52.10 4.59
N VAL J 344 27.15 -53.35 4.15
CA VAL J 344 28.41 -54.05 3.91
C VAL J 344 28.48 -54.43 2.44
N VAL J 345 29.60 -54.14 1.80
CA VAL J 345 29.82 -54.43 0.39
C VAL J 345 31.15 -55.17 0.26
N ALA J 346 31.15 -56.27 -0.48
CA ALA J 346 32.35 -57.08 -0.69
C ALA J 346 32.89 -56.83 -2.09
N HIS J 347 34.14 -56.39 -2.16
CA HIS J 347 34.81 -56.12 -3.43
C HIS J 347 36.22 -56.69 -3.37
N GLU J 348 36.76 -57.02 -4.55
CA GLU J 348 38.06 -57.65 -4.65
C GLU J 348 39.22 -56.66 -4.62
N ALA J 349 38.96 -55.36 -4.74
CA ALA J 349 40.00 -54.35 -4.72
C ALA J 349 40.24 -53.77 -3.33
N LEU J 350 39.43 -54.15 -2.35
CA LEU J 350 39.60 -53.67 -0.99
C LEU J 350 40.73 -54.44 -0.29
N PRO J 351 41.38 -53.81 0.70
CA PRO J 351 42.41 -54.55 1.45
C PRO J 351 41.86 -55.76 2.20
N ASN J 352 40.81 -55.56 2.98
CA ASN J 352 40.16 -56.64 3.71
C ASN J 352 38.94 -57.20 2.99
N ARG J 353 38.64 -56.70 1.78
CA ARG J 353 37.55 -57.17 0.94
C ARG J 353 36.19 -56.90 1.57
N VAL J 354 36.16 -56.24 2.73
CA VAL J 354 34.92 -55.89 3.41
C VAL J 354 35.00 -54.44 3.87
N THR J 355 33.99 -53.65 3.52
CA THR J 355 33.88 -52.27 3.99
C THR J 355 32.58 -52.12 4.76
N GLU J 356 32.68 -51.59 5.98
CA GLU J 356 31.53 -51.44 6.87
C GLU J 356 31.25 -49.96 7.10
N ARG J 357 30.01 -49.54 6.84
CA ARG J 357 29.55 -48.20 7.13
C ARG J 357 28.24 -48.29 7.91
N THR J 358 28.02 -47.32 8.79
CA THR J 358 26.86 -47.32 9.67
C THR J 358 26.13 -46.00 9.60
N VAL J 359 24.82 -46.04 9.82
CA VAL J 359 23.98 -44.86 9.82
C VAL J 359 22.82 -45.09 10.79
N ASP J 360 22.45 -44.04 11.52
CA ASP J 360 21.35 -44.13 12.47
C ASP J 360 20.37 -42.99 12.28
N LYS J 361 19.44 -42.83 13.22
CA LYS J 361 18.44 -41.76 13.10
C LYS J 361 19.09 -40.38 13.14
N SER J 362 20.20 -40.24 13.88
CA SER J 362 20.92 -38.99 14.00
C SER J 362 22.36 -39.23 13.55
N THR J 363 22.61 -39.08 12.26
CA THR J 363 23.94 -39.28 11.68
C THR J 363 24.53 -38.00 11.11
N GLY J 364 23.79 -37.32 10.23
CA GLY J 364 24.25 -36.09 9.64
C GLY J 364 23.70 -34.81 10.25
N LYS J 365 23.04 -34.91 11.40
CA LYS J 365 22.50 -33.72 12.05
C LYS J 365 23.61 -32.90 12.67
N PRO J 366 23.75 -31.63 12.32
CA PRO J 366 24.80 -30.79 12.91
C PRO J 366 24.39 -30.32 14.31
N THR J 367 25.26 -29.54 14.93
CA THR J 367 25.00 -29.01 16.26
C THR J 367 23.98 -27.89 16.18
N LEU J 368 22.96 -27.96 17.04
CA LEU J 368 21.89 -26.97 17.06
C LEU J 368 22.01 -26.01 18.22
N TYR J 369 22.18 -26.52 19.44
CA TYR J 369 22.25 -25.67 20.64
C TYR J 369 23.72 -25.27 20.89
N ASN J 370 24.22 -24.43 19.98
CA ASN J 370 25.59 -23.93 20.07
C ASN J 370 25.63 -22.72 21.00
N VAL J 371 25.46 -22.99 22.29
CA VAL J 371 25.42 -21.94 23.30
C VAL J 371 26.85 -21.54 23.64
N SER J 372 27.26 -20.35 23.20
CA SER J 372 28.60 -19.84 23.47
C SER J 372 28.56 -18.92 24.69
N LEU J 373 28.27 -19.53 25.84
CA LEU J 373 28.20 -18.78 27.08
C LEU J 373 29.61 -18.38 27.54
N VAL J 374 29.70 -17.18 28.09
CA VAL J 374 30.97 -16.63 28.56
C VAL J 374 30.74 -16.01 29.94
N MET J 375 31.67 -16.28 30.85
CA MET J 375 31.58 -15.74 32.21
C MET J 375 32.73 -14.78 32.48
N ILE K 152 67.65 -85.12 17.97
CA ILE K 152 66.91 -84.66 16.81
C ILE K 152 65.49 -84.27 17.21
N ARG K 153 65.24 -82.96 17.31
CA ARG K 153 63.93 -82.43 17.67
C ARG K 153 63.29 -81.80 16.44
N VAL K 154 61.98 -82.04 16.28
CA VAL K 154 61.20 -81.49 15.19
C VAL K 154 60.07 -80.66 15.75
N PHE K 155 59.93 -79.43 15.26
CA PHE K 155 58.91 -78.50 15.72
C PHE K 155 57.93 -78.23 14.60
N ALA K 156 56.64 -78.41 14.89
CA ALA K 156 55.57 -78.17 13.92
C ALA K 156 54.89 -76.85 14.22
N ILE K 157 54.84 -75.98 13.22
CA ILE K 157 54.21 -74.66 13.36
C ILE K 157 53.07 -74.54 12.36
N PRO K 158 51.84 -74.89 12.74
CA PRO K 158 50.73 -74.73 11.81
C PRO K 158 50.46 -73.26 11.52
N PRO K 159 50.00 -72.93 10.32
CA PRO K 159 49.71 -71.52 10.00
C PRO K 159 48.52 -71.01 10.80
N SER K 160 48.68 -69.83 11.40
CA SER K 160 47.63 -69.24 12.19
C SER K 160 46.62 -68.53 11.29
N PHE K 161 45.48 -68.17 11.88
CA PHE K 161 44.43 -67.48 11.13
C PHE K 161 44.89 -66.08 10.72
N ALA K 162 45.65 -65.42 11.59
CA ALA K 162 46.11 -64.06 11.28
C ALA K 162 47.05 -64.05 10.08
N SER K 163 47.96 -65.02 10.00
CA SER K 163 48.96 -65.03 8.93
C SER K 163 48.34 -65.37 7.57
N ILE K 164 47.24 -66.12 7.57
CA ILE K 164 46.64 -66.58 6.31
C ILE K 164 45.57 -65.61 5.85
N PHE K 165 45.48 -64.45 6.50
CA PHE K 165 44.49 -63.44 6.17
C PHE K 165 45.07 -62.23 5.47
N LEU K 166 46.15 -61.66 6.01
CA LEU K 166 46.69 -60.42 5.44
C LEU K 166 47.43 -60.65 4.12
N THR K 167 47.80 -61.90 3.81
CA THR K 167 48.52 -62.19 2.59
C THR K 167 47.80 -63.16 1.66
N LYS K 168 46.85 -63.95 2.15
CA LYS K 168 46.14 -64.94 1.35
C LYS K 168 47.11 -65.91 0.67
N SER K 169 48.17 -66.26 1.39
CA SER K 169 49.24 -67.12 0.91
C SER K 169 49.55 -68.21 1.92
N THR K 170 48.51 -68.88 2.39
CA THR K 170 48.64 -69.90 3.43
C THR K 170 49.69 -70.95 3.04
N LYS K 171 50.60 -71.24 3.97
CA LYS K 171 51.71 -72.14 3.71
C LYS K 171 52.10 -72.80 5.03
N LEU K 172 51.77 -74.08 5.16
CA LEU K 172 52.14 -74.83 6.36
C LEU K 172 53.57 -75.32 6.24
N THR K 173 54.32 -75.23 7.33
CA THR K 173 55.74 -75.56 7.34
C THR K 173 56.06 -76.42 8.56
N CYS K 174 57.15 -77.18 8.45
CA CYS K 174 57.67 -77.98 9.55
C CYS K 174 59.14 -77.64 9.76
N LEU K 175 59.53 -77.54 11.02
CA LEU K 175 60.89 -77.15 11.39
C LEU K 175 61.56 -78.30 12.15
N VAL K 176 62.84 -78.51 11.86
CA VAL K 176 63.64 -79.57 12.48
C VAL K 176 64.92 -78.94 13.02
N THR K 177 65.25 -79.28 14.27
CA THR K 177 66.43 -78.77 14.94
C THR K 177 67.31 -79.95 15.38
N ASP K 178 68.43 -79.61 16.03
CA ASP K 178 69.39 -80.60 16.51
C ASP K 178 69.88 -81.50 15.39
N LEU K 179 70.22 -80.90 14.24
CA LEU K 179 70.71 -81.63 13.09
C LEU K 179 72.15 -81.24 12.79
N THR K 180 72.91 -82.21 12.28
CA THR K 180 74.30 -81.95 11.92
C THR K 180 74.40 -81.01 10.73
N THR K 181 75.51 -80.27 10.67
CA THR K 181 75.71 -79.27 9.62
C THR K 181 76.24 -79.95 8.36
N TYR K 182 75.33 -80.64 7.68
CA TYR K 182 75.63 -81.31 6.42
C TYR K 182 74.62 -80.89 5.37
N ASP K 183 75.06 -80.89 4.11
CA ASP K 183 74.23 -80.48 2.99
C ASP K 183 73.35 -81.66 2.55
N SER K 184 72.69 -81.50 1.39
CA SER K 184 71.81 -82.52 0.81
C SER K 184 70.67 -82.86 1.77
N VAL K 185 69.88 -81.85 2.11
CA VAL K 185 68.71 -82.01 2.94
C VAL K 185 67.48 -82.16 2.05
N THR K 186 66.68 -83.19 2.31
CA THR K 186 65.50 -83.49 1.51
C THR K 186 64.29 -83.60 2.43
N ILE K 187 63.35 -82.68 2.28
CA ILE K 187 62.10 -82.69 3.03
C ILE K 187 60.95 -82.68 2.03
N SER K 188 60.10 -83.69 2.10
CA SER K 188 58.97 -83.84 1.18
C SER K 188 57.67 -83.91 1.97
N TRP K 189 56.69 -83.09 1.56
CA TRP K 189 55.36 -83.15 2.14
C TRP K 189 54.52 -84.19 1.40
N THR K 190 53.52 -84.72 2.11
CA THR K 190 52.62 -85.71 1.53
C THR K 190 51.23 -85.52 2.11
N ARG K 191 50.23 -85.92 1.34
CA ARG K 191 48.84 -85.83 1.76
C ARG K 191 48.42 -87.14 2.44
N GLN K 192 47.13 -87.27 2.72
CA GLN K 192 46.64 -88.50 3.34
C GLN K 192 46.75 -89.69 2.39
N ASN K 193 46.45 -89.47 1.10
CA ASN K 193 46.53 -90.52 0.10
C ASN K 193 47.90 -90.61 -0.57
N GLY K 194 48.78 -89.64 -0.35
CA GLY K 194 50.10 -89.68 -0.93
C GLY K 194 50.23 -88.94 -2.25
N GLU K 195 49.77 -87.69 -2.29
CA GLU K 195 49.83 -86.89 -3.49
C GLU K 195 51.21 -86.24 -3.62
N ALA K 196 51.36 -85.34 -4.59
CA ALA K 196 52.62 -84.65 -4.83
C ALA K 196 52.47 -83.17 -4.50
N VAL K 197 53.54 -82.59 -3.96
CA VAL K 197 53.54 -81.20 -3.53
C VAL K 197 54.68 -80.47 -4.24
N LYS K 198 54.69 -79.15 -4.08
CA LYS K 198 55.74 -78.33 -4.68
C LYS K 198 57.04 -78.48 -3.90
N THR K 199 58.15 -78.22 -4.57
CA THR K 199 59.46 -78.31 -3.96
C THR K 199 59.71 -77.11 -3.05
N HIS K 200 60.93 -77.01 -2.52
CA HIS K 200 61.29 -75.93 -1.62
C HIS K 200 62.73 -75.54 -1.84
N THR K 201 63.07 -74.33 -1.40
CA THR K 201 64.42 -73.80 -1.53
C THR K 201 64.67 -72.85 -0.36
N ASN K 202 65.73 -72.05 -0.46
CA ASN K 202 66.13 -71.11 0.60
C ASN K 202 66.36 -71.84 1.92
N ILE K 203 67.33 -72.75 1.91
CA ILE K 203 67.68 -73.51 3.10
C ILE K 203 68.43 -72.60 4.07
N SER K 204 68.03 -72.65 5.34
CA SER K 204 68.67 -71.82 6.36
C SER K 204 70.11 -72.26 6.59
N GLU K 205 70.94 -71.31 7.01
CA GLU K 205 72.34 -71.58 7.26
C GLU K 205 72.53 -72.33 8.58
N SER K 206 73.76 -72.79 8.80
CA SER K 206 74.07 -73.53 10.01
C SER K 206 74.13 -72.60 11.22
N HIS K 207 73.83 -73.17 12.39
CA HIS K 207 73.85 -72.41 13.63
C HIS K 207 75.28 -72.20 14.10
N PRO K 208 75.54 -71.11 14.86
CA PRO K 208 76.89 -70.90 15.40
C PRO K 208 77.33 -71.98 16.37
N ASN K 209 76.40 -72.75 16.94
CA ASN K 209 76.72 -73.80 17.90
C ASN K 209 76.89 -75.17 17.26
N ALA K 210 77.38 -75.22 16.02
CA ALA K 210 77.57 -76.46 15.27
C ALA K 210 76.26 -77.25 15.15
N THR K 211 75.18 -76.54 14.90
CA THR K 211 73.86 -77.12 14.69
C THR K 211 73.34 -76.72 13.32
N PHE K 212 72.18 -77.25 12.95
CA PHE K 212 71.58 -76.96 11.66
C PHE K 212 70.07 -77.02 11.79
N SER K 213 69.39 -76.30 10.90
CA SER K 213 67.94 -76.24 10.87
C SER K 213 67.46 -76.20 9.42
N ALA K 214 66.41 -76.96 9.13
CA ALA K 214 65.84 -77.04 7.79
C ALA K 214 64.35 -76.73 7.85
N VAL K 215 63.85 -76.13 6.77
CA VAL K 215 62.45 -75.76 6.65
C VAL K 215 61.92 -76.23 5.30
N GLY K 216 60.70 -76.74 5.29
CA GLY K 216 60.05 -77.22 4.08
C GLY K 216 58.92 -76.30 3.67
N GLU K 217 58.80 -76.07 2.36
CA GLU K 217 57.81 -75.18 1.80
C GLU K 217 56.82 -75.99 0.95
N ALA K 218 55.53 -75.74 1.15
CA ALA K 218 54.48 -76.41 0.40
C ALA K 218 53.35 -75.42 0.15
N SER K 219 52.29 -75.90 -0.50
CA SER K 219 51.14 -75.06 -0.81
C SER K 219 49.89 -75.92 -0.85
N ILE K 220 48.84 -75.46 -0.18
CA ILE K 220 47.56 -76.15 -0.12
C ILE K 220 46.45 -75.14 -0.41
N CYS K 221 45.21 -75.63 -0.40
CA CYS K 221 44.04 -74.82 -0.62
C CYS K 221 43.41 -74.39 0.71
N GLU K 222 42.66 -73.30 0.67
CA GLU K 222 41.98 -72.82 1.87
C GLU K 222 40.93 -73.82 2.34
N ASP K 223 40.17 -74.39 1.41
CA ASP K 223 39.18 -75.39 1.79
C ASP K 223 39.82 -76.69 2.25
N ASP K 224 41.04 -76.97 1.78
CA ASP K 224 41.73 -78.19 2.18
C ASP K 224 42.03 -78.18 3.68
N TRP K 225 42.46 -77.03 4.20
CA TRP K 225 42.75 -76.94 5.63
C TRP K 225 41.49 -77.16 6.47
N ASN K 226 40.36 -76.60 6.04
CA ASN K 226 39.10 -76.79 6.75
C ASN K 226 38.55 -78.19 6.61
N SER K 227 39.05 -78.99 5.67
CA SER K 227 38.57 -80.35 5.47
C SER K 227 39.07 -81.32 6.55
N GLY K 228 40.02 -80.90 7.38
CA GLY K 228 40.52 -81.77 8.42
C GLY K 228 41.52 -82.80 7.97
N GLU K 229 42.11 -82.64 6.78
CA GLU K 229 43.09 -83.58 6.27
C GLU K 229 44.42 -83.34 6.96
N ARG K 230 44.87 -84.31 7.75
CA ARG K 230 46.11 -84.19 8.52
C ARG K 230 47.30 -84.37 7.58
N PHE K 231 47.92 -83.27 7.20
CA PHE K 231 49.09 -83.32 6.34
C PHE K 231 50.30 -83.86 7.11
N THR K 232 51.14 -84.61 6.42
CA THR K 232 52.31 -85.24 7.03
C THR K 232 53.58 -84.69 6.39
N CYS K 233 54.52 -84.25 7.23
CA CYS K 233 55.82 -83.77 6.78
C CYS K 233 56.89 -84.75 7.23
N THR K 234 57.70 -85.22 6.29
CA THR K 234 58.74 -86.21 6.55
C THR K 234 60.09 -85.62 6.16
N VAL K 235 61.07 -85.76 7.04
CA VAL K 235 62.43 -85.28 6.82
C VAL K 235 63.36 -86.48 6.69
N THR K 236 64.13 -86.52 5.61
CA THR K 236 65.07 -87.61 5.35
C THR K 236 66.46 -87.03 5.16
N HIS K 237 67.44 -87.61 5.83
CA HIS K 237 68.82 -87.18 5.75
C HIS K 237 69.73 -88.40 5.79
N THR K 238 71.03 -88.17 5.74
CA THR K 238 72.03 -89.23 5.68
C THR K 238 72.54 -89.64 7.06
N ASP K 239 71.95 -89.11 8.14
CA ASP K 239 72.41 -89.46 9.48
C ASP K 239 71.26 -89.81 10.42
N LEU K 240 70.02 -89.84 9.96
CA LEU K 240 68.89 -90.18 10.80
C LEU K 240 68.79 -91.70 10.94
N PRO K 241 68.75 -92.24 12.17
CA PRO K 241 68.63 -93.70 12.33
C PRO K 241 67.24 -94.21 11.98
N SER K 242 66.23 -93.37 12.19
CA SER K 242 64.84 -93.70 11.89
C SER K 242 64.15 -92.47 11.33
N PRO K 243 63.16 -92.66 10.46
CA PRO K 243 62.41 -91.52 9.92
C PRO K 243 61.61 -90.82 11.00
N LEU K 244 61.42 -89.52 10.82
CA LEU K 244 60.60 -88.70 11.70
C LEU K 244 59.44 -88.12 10.90
N LYS K 245 58.24 -88.17 11.48
CA LYS K 245 57.05 -87.66 10.82
C LYS K 245 56.11 -87.08 11.86
N GLN K 246 55.33 -86.08 11.43
CA GLN K 246 54.35 -85.44 12.28
C GLN K 246 53.13 -85.07 11.44
N THR K 247 51.96 -85.17 12.05
CA THR K 247 50.69 -84.87 11.38
C THR K 247 50.07 -83.66 12.05
N ILE K 248 49.75 -82.64 11.25
CA ILE K 248 49.14 -81.41 11.74
C ILE K 248 47.81 -81.22 11.02
N SER K 249 46.82 -80.70 11.75
CA SER K 249 45.49 -80.46 11.21
C SER K 249 44.83 -79.37 12.04
N ARG K 250 43.53 -79.18 11.83
CA ARG K 250 42.78 -78.15 12.54
C ARG K 250 42.07 -78.77 13.72
N PRO K 251 42.35 -78.36 14.95
CA PRO K 251 41.66 -78.96 16.11
C PRO K 251 40.20 -78.52 16.19
N LYS K 252 39.35 -79.15 15.40
CA LYS K 252 37.93 -78.82 15.40
C LYS K 252 37.27 -79.30 16.69
N GLY K 253 36.08 -78.76 16.95
CA GLY K 253 35.34 -79.12 18.14
C GLY K 253 35.35 -78.03 19.20
N VAL K 254 35.27 -76.78 18.77
CA VAL K 254 35.27 -75.63 19.68
C VAL K 254 34.13 -74.70 19.27
N ALA K 255 33.67 -73.92 20.24
CA ALA K 255 32.58 -72.99 19.99
C ALA K 255 33.08 -71.76 19.24
N LEU K 256 32.14 -71.00 18.68
CA LEU K 256 32.43 -69.79 17.92
C LEU K 256 31.60 -68.64 18.46
N HIS K 257 32.23 -67.48 18.58
CA HIS K 257 31.55 -66.28 19.07
C HIS K 257 32.01 -65.07 18.26
N ARG K 258 31.13 -64.08 18.16
CA ARG K 258 31.44 -62.87 17.42
C ARG K 258 32.29 -61.94 18.29
N PRO K 259 33.46 -61.52 17.84
CA PRO K 259 34.31 -60.62 18.64
C PRO K 259 33.68 -59.24 18.77
N ASP K 260 33.40 -58.84 20.02
CA ASP K 260 32.84 -57.52 20.29
C ASP K 260 33.98 -56.52 20.33
N VAL K 261 34.31 -55.97 19.17
CA VAL K 261 35.42 -55.04 19.05
C VAL K 261 34.97 -53.64 19.46
N TYR K 262 35.70 -53.03 20.38
CA TYR K 262 35.43 -51.68 20.84
C TYR K 262 36.72 -50.87 20.79
N LEU K 263 36.64 -49.65 20.28
CA LEU K 263 37.78 -48.76 20.18
C LEU K 263 37.73 -47.75 21.33
N LEU K 264 38.84 -47.62 22.06
CA LEU K 264 38.90 -46.76 23.23
C LEU K 264 39.74 -45.53 22.92
N PRO K 265 39.15 -44.33 22.95
CA PRO K 265 39.93 -43.11 22.69
C PRO K 265 40.90 -42.84 23.82
N PRO K 266 41.99 -42.13 23.55
CA PRO K 266 42.95 -41.82 24.61
C PRO K 266 42.35 -40.90 25.67
N ALA K 267 42.84 -41.05 26.89
CA ALA K 267 42.33 -40.28 28.02
C ALA K 267 42.73 -38.81 27.90
N ARG K 268 41.94 -37.96 28.55
CA ARG K 268 42.24 -36.54 28.58
C ARG K 268 43.50 -36.25 29.38
N GLU K 269 43.78 -37.07 30.39
CA GLU K 269 44.98 -36.85 31.21
C GLU K 269 46.25 -36.99 30.38
N GLN K 270 46.30 -37.97 29.49
CA GLN K 270 47.48 -38.15 28.65
C GLN K 270 47.61 -37.02 27.64
N LEU K 271 46.49 -36.45 27.19
CA LEU K 271 46.53 -35.38 26.20
C LEU K 271 46.77 -34.04 26.86
N ASN K 272 47.83 -33.93 27.64
CA ASN K 272 48.21 -32.69 28.29
C ASN K 272 49.65 -32.28 27.99
N LEU K 273 50.57 -33.24 27.90
CA LEU K 273 51.95 -32.93 27.54
C LEU K 273 52.13 -32.71 26.05
N ARG K 274 51.16 -33.12 25.23
CA ARG K 274 51.20 -32.94 23.77
C ARG K 274 52.46 -33.57 23.18
N GLU K 275 52.76 -34.80 23.60
CA GLU K 275 53.93 -35.53 23.13
C GLU K 275 53.57 -36.76 22.31
N SER K 276 52.71 -37.63 22.85
CA SER K 276 52.33 -38.85 22.14
C SER K 276 51.07 -39.42 22.77
N ALA K 277 50.07 -39.72 21.94
CA ALA K 277 48.84 -40.31 22.40
C ALA K 277 48.97 -41.83 22.48
N THR K 278 47.92 -42.48 22.96
CA THR K 278 47.92 -43.96 23.08
C THR K 278 46.50 -44.44 22.80
N ILE K 279 46.29 -44.98 21.62
CA ILE K 279 45.00 -45.54 21.21
C ILE K 279 45.11 -47.06 21.23
N THR K 280 44.16 -47.72 21.89
CA THR K 280 44.17 -49.17 22.05
C THR K 280 42.82 -49.73 21.61
N CYS K 281 42.83 -50.44 20.48
CA CYS K 281 41.62 -51.11 19.99
C CYS K 281 41.43 -52.41 20.79
N LEU K 282 40.26 -52.56 21.39
CA LEU K 282 39.96 -53.69 22.27
C LEU K 282 39.19 -54.75 21.51
N VAL K 283 39.71 -55.98 21.53
CA VAL K 283 39.08 -57.12 20.89
C VAL K 283 38.89 -58.18 21.96
N THR K 284 37.68 -58.28 22.51
CA THR K 284 37.38 -59.24 23.56
C THR K 284 36.11 -60.01 23.22
N GLY K 285 36.06 -61.27 23.65
CA GLY K 285 34.92 -62.11 23.42
C GLY K 285 35.02 -63.06 22.24
N PHE K 286 36.16 -63.07 21.54
CA PHE K 286 36.32 -63.92 20.38
C PHE K 286 36.67 -65.34 20.80
N SER K 287 36.41 -66.29 19.90
CA SER K 287 36.69 -67.69 20.11
C SER K 287 36.73 -68.42 18.77
N PRO K 288 37.78 -69.19 18.48
CA PRO K 288 38.95 -69.48 19.33
C PRO K 288 40.01 -68.38 19.29
N ALA K 289 41.24 -68.71 19.66
CA ALA K 289 42.32 -67.72 19.75
C ALA K 289 42.91 -67.40 18.38
N ASP K 290 44.03 -66.70 18.37
CA ASP K 290 44.74 -66.31 17.14
C ASP K 290 43.87 -65.39 16.28
N VAL K 291 43.55 -64.23 16.85
CA VAL K 291 42.78 -63.21 16.14
C VAL K 291 43.75 -62.25 15.47
N PHE K 292 43.28 -61.57 14.43
CA PHE K 292 44.09 -60.64 13.65
C PHE K 292 43.57 -59.23 13.85
N VAL K 293 44.48 -58.31 14.17
CA VAL K 293 44.16 -56.89 14.35
C VAL K 293 45.11 -56.07 13.48
N GLN K 294 44.56 -55.17 12.69
CA GLN K 294 45.34 -54.33 11.80
C GLN K 294 44.86 -52.88 11.90
N TRP K 295 45.79 -51.95 11.71
CA TRP K 295 45.50 -50.52 11.75
C TRP K 295 45.67 -49.93 10.35
N MET K 296 44.66 -49.20 9.90
CA MET K 296 44.69 -48.54 8.60
C MET K 296 44.34 -47.07 8.77
N GLN K 297 45.14 -46.19 8.17
CA GLN K 297 44.93 -44.75 8.23
C GLN K 297 44.35 -44.28 6.90
N ARG K 298 43.06 -43.96 6.91
CA ARG K 298 42.35 -43.47 5.72
C ARG K 298 42.50 -44.44 4.55
N GLY K 299 42.02 -45.67 4.77
CA GLY K 299 42.07 -46.70 3.75
C GLY K 299 43.41 -47.38 3.65
N GLN K 300 44.47 -46.61 3.43
CA GLN K 300 45.80 -47.19 3.29
C GLN K 300 46.25 -47.79 4.62
N PRO K 301 46.72 -49.03 4.63
CA PRO K 301 47.17 -49.64 5.89
C PRO K 301 48.43 -48.99 6.41
N LEU K 302 48.60 -49.04 7.74
CA LEU K 302 49.77 -48.48 8.38
C LEU K 302 50.95 -49.45 8.29
N SER K 303 52.12 -48.97 8.67
CA SER K 303 53.31 -49.80 8.65
C SER K 303 53.20 -50.92 9.69
N PRO K 304 53.74 -52.10 9.38
CA PRO K 304 53.66 -53.22 10.34
C PRO K 304 54.57 -53.05 11.54
N GLU K 305 55.25 -51.90 11.62
CA GLU K 305 56.17 -51.60 12.72
C GLU K 305 55.67 -50.42 13.55
N LYS K 306 54.35 -50.26 13.64
CA LYS K 306 53.75 -49.20 14.44
C LYS K 306 52.80 -49.70 15.51
N TYR K 307 52.57 -51.01 15.58
CA TYR K 307 51.70 -51.58 16.60
C TYR K 307 52.18 -52.97 16.94
N VAL K 308 51.91 -53.39 18.18
CA VAL K 308 52.30 -54.71 18.68
C VAL K 308 51.04 -55.41 19.18
N THR K 309 50.75 -56.57 18.60
CA THR K 309 49.60 -57.36 19.01
C THR K 309 49.95 -58.22 20.20
N SER K 310 49.10 -58.20 21.23
CA SER K 310 49.34 -58.98 22.43
C SER K 310 48.91 -60.42 22.20
N ALA K 311 48.95 -61.25 23.26
CA ALA K 311 48.57 -62.64 23.16
C ALA K 311 47.21 -62.88 23.82
N PRO K 312 46.35 -63.68 23.21
CA PRO K 312 45.04 -63.94 23.81
C PRO K 312 45.16 -64.75 25.09
N MET K 313 44.33 -64.40 26.06
CA MET K 313 44.26 -65.09 27.34
C MET K 313 42.81 -65.35 27.72
N PRO K 314 42.54 -66.42 28.45
CA PRO K 314 41.16 -66.70 28.85
C PRO K 314 40.62 -65.60 29.77
N GLU K 315 39.33 -65.30 29.60
CA GLU K 315 38.69 -64.29 30.43
C GLU K 315 38.50 -64.82 31.86
N PRO K 316 38.52 -63.93 32.85
CA PRO K 316 38.34 -64.40 34.24
C PRO K 316 36.97 -65.00 34.50
N GLN K 317 35.91 -64.38 33.97
CA GLN K 317 34.55 -64.89 34.20
C GLN K 317 34.11 -65.85 33.10
N ALA K 318 34.49 -65.61 31.85
CA ALA K 318 34.10 -66.48 30.74
C ALA K 318 35.18 -67.52 30.52
N PRO K 319 34.88 -68.81 30.70
CA PRO K 319 35.91 -69.84 30.48
C PRO K 319 36.33 -69.98 29.02
N GLY K 320 35.36 -70.05 28.11
CA GLY K 320 35.62 -70.29 26.72
C GLY K 320 35.89 -69.08 25.87
N ARG K 321 35.92 -67.88 26.45
CA ARG K 321 36.18 -66.65 25.71
C ARG K 321 37.61 -66.17 25.97
N TYR K 322 38.05 -65.24 25.13
CA TYR K 322 39.39 -64.69 25.22
C TYR K 322 39.33 -63.19 24.96
N PHE K 323 40.48 -62.53 25.05
CA PHE K 323 40.58 -61.11 24.79
C PHE K 323 41.95 -60.80 24.19
N ALA K 324 41.98 -59.76 23.37
CA ALA K 324 43.21 -59.33 22.71
C ALA K 324 43.35 -57.81 22.81
N HIS K 325 44.60 -57.34 22.76
CA HIS K 325 44.90 -55.93 22.86
C HIS K 325 45.88 -55.53 21.76
N SER K 326 45.76 -54.28 21.33
CA SER K 326 46.66 -53.74 20.30
C SER K 326 46.68 -52.22 20.45
N ILE K 327 47.88 -51.67 20.60
CA ILE K 327 48.05 -50.24 20.86
C ILE K 327 48.74 -49.59 19.66
N LEU K 328 48.25 -48.40 19.30
CA LEU K 328 48.85 -47.59 18.24
C LEU K 328 49.37 -46.30 18.83
N THR K 329 50.61 -45.96 18.52
CA THR K 329 51.25 -44.76 19.04
C THR K 329 51.17 -43.64 17.99
N VAL K 330 50.51 -42.55 18.35
CA VAL K 330 50.36 -41.39 17.48
C VAL K 330 50.70 -40.13 18.27
N SER K 331 51.02 -39.07 17.55
CA SER K 331 51.34 -37.79 18.16
C SER K 331 50.08 -36.95 18.37
N GLU K 332 50.24 -35.85 19.10
CA GLU K 332 49.11 -35.00 19.41
C GLU K 332 48.61 -34.24 18.19
N GLU K 333 49.49 -34.01 17.20
CA GLU K 333 49.10 -33.23 16.03
C GLU K 333 48.09 -33.98 15.16
N GLU K 334 48.17 -35.31 15.10
CA GLU K 334 47.21 -36.08 14.32
C GLU K 334 45.84 -36.11 14.97
N TRP K 335 45.74 -35.78 16.27
CA TRP K 335 44.45 -35.79 16.95
C TRP K 335 43.53 -34.68 16.47
N ASN K 336 44.08 -33.66 15.80
CA ASN K 336 43.26 -32.55 15.31
C ASN K 336 42.40 -32.92 14.11
N THR K 337 42.64 -34.07 13.49
CA THR K 337 41.84 -34.54 12.36
C THR K 337 41.09 -35.83 12.68
N GLY K 338 41.80 -36.86 13.13
CA GLY K 338 41.15 -38.08 13.55
C GLY K 338 41.45 -39.29 12.68
N GLU K 339 41.46 -39.09 11.36
CA GLU K 339 41.74 -40.14 10.38
C GLU K 339 40.78 -41.33 10.49
N THR K 340 39.69 -41.19 11.25
CA THR K 340 38.65 -42.19 11.46
C THR K 340 39.15 -43.40 12.26
N TYR K 341 40.45 -43.42 12.56
CA TYR K 341 41.08 -44.43 13.43
C TYR K 341 40.53 -45.83 13.16
N THR K 342 40.68 -46.27 11.91
CA THR K 342 40.13 -47.56 11.50
C THR K 342 40.85 -48.70 12.21
N CYS K 343 40.08 -49.63 12.77
CA CYS K 343 40.61 -50.83 13.42
C CYS K 343 39.90 -52.03 12.82
N VAL K 344 40.54 -52.70 11.87
CA VAL K 344 39.98 -53.86 11.20
C VAL K 344 40.41 -55.12 11.94
N VAL K 345 39.44 -55.98 12.26
CA VAL K 345 39.68 -57.22 12.99
C VAL K 345 39.14 -58.38 12.17
N ALA K 346 39.94 -59.41 11.99
CA ALA K 346 39.57 -60.60 11.23
C ALA K 346 39.33 -61.76 12.19
N HIS K 347 38.18 -62.42 12.05
CA HIS K 347 37.83 -63.55 12.89
C HIS K 347 37.10 -64.59 12.06
N GLU K 348 37.16 -65.84 12.51
CA GLU K 348 36.60 -66.97 11.79
C GLU K 348 35.17 -67.31 12.25
N ALA K 349 34.48 -66.38 12.90
CA ALA K 349 33.12 -66.62 13.35
C ALA K 349 32.15 -65.53 12.89
N LEU K 350 32.57 -64.65 11.99
CA LEU K 350 31.73 -63.58 11.49
C LEU K 350 31.19 -63.93 10.10
N PRO K 351 30.00 -63.45 9.74
CA PRO K 351 29.48 -63.71 8.39
C PRO K 351 30.37 -63.15 7.30
N ASN K 352 31.02 -62.01 7.53
CA ASN K 352 31.95 -61.43 6.58
C ASN K 352 33.40 -61.62 6.99
N ARG K 353 33.65 -62.19 8.18
CA ARG K 353 34.99 -62.50 8.67
C ARG K 353 35.84 -61.26 8.88
N VAL K 354 35.26 -60.08 8.67
CA VAL K 354 35.97 -58.81 8.83
C VAL K 354 35.05 -57.84 9.55
N THR K 355 35.51 -57.28 10.67
CA THR K 355 34.78 -56.25 11.39
C THR K 355 35.68 -55.05 11.60
N GLU K 356 35.08 -53.87 11.69
CA GLU K 356 35.83 -52.64 11.85
C GLU K 356 34.98 -51.60 12.57
N ARG K 357 35.65 -50.72 13.31
CA ARG K 357 35.02 -49.61 14.00
C ARG K 357 35.77 -48.33 13.67
N THR K 358 35.06 -47.20 13.78
CA THR K 358 35.63 -45.91 13.46
C THR K 358 35.13 -44.86 14.43
N VAL K 359 36.07 -44.04 14.93
CA VAL K 359 35.76 -42.93 15.83
C VAL K 359 36.53 -41.71 15.35
N ASP K 360 36.18 -40.55 15.92
CA ASP K 360 36.85 -39.30 15.59
C ASP K 360 37.07 -38.54 16.89
N LYS K 361 37.58 -37.31 16.77
CA LYS K 361 37.78 -36.48 17.96
C LYS K 361 36.46 -36.10 18.62
N SER K 362 35.41 -35.92 17.84
CA SER K 362 34.08 -35.60 18.37
C SER K 362 33.27 -36.87 18.58
N THR K 363 33.84 -37.78 19.37
CA THR K 363 33.20 -39.06 19.68
C THR K 363 32.52 -39.05 21.04
N GLY K 364 33.20 -38.56 22.07
CA GLY K 364 32.60 -38.46 23.39
C GLY K 364 31.67 -37.30 23.59
N LYS K 365 31.63 -36.36 22.65
CA LYS K 365 30.73 -35.23 22.75
C LYS K 365 29.30 -35.68 22.46
N PRO K 366 28.30 -35.00 23.06
CA PRO K 366 26.90 -35.35 22.79
C PRO K 366 26.45 -35.02 21.38
N THR K 367 27.29 -34.36 20.58
CA THR K 367 27.06 -34.04 19.16
C THR K 367 25.73 -33.32 18.92
N LEU K 368 25.12 -32.82 19.99
CA LEU K 368 23.87 -32.08 19.90
C LEU K 368 24.02 -30.61 20.29
N TYR K 369 24.60 -30.34 21.45
CA TYR K 369 24.82 -28.98 21.92
C TYR K 369 26.31 -28.72 22.00
N ASN K 370 26.77 -27.67 21.34
CA ASN K 370 28.19 -27.28 21.35
C ASN K 370 28.42 -26.18 22.37
N VAL K 371 28.21 -26.54 23.64
CA VAL K 371 28.38 -25.61 24.74
C VAL K 371 29.86 -25.49 25.04
N SER K 372 30.42 -24.31 24.80
CA SER K 372 31.83 -24.03 25.03
C SER K 372 31.97 -23.22 26.32
N LEU K 373 33.20 -22.76 26.59
CA LEU K 373 33.47 -21.96 27.79
C LEU K 373 34.60 -21.00 27.48
N VAL K 374 34.31 -19.71 27.50
CA VAL K 374 35.29 -18.67 27.22
C VAL K 374 35.44 -17.80 28.47
N MET K 375 36.62 -17.21 28.62
CA MET K 375 36.92 -16.35 29.76
C MET K 375 36.85 -14.87 29.36
N ILE L 152 72.26 -81.91 31.70
CA ILE L 152 73.13 -81.44 32.77
C ILE L 152 73.09 -79.93 32.87
N ARG L 153 71.88 -79.37 32.89
CA ARG L 153 71.67 -77.94 32.99
C ARG L 153 70.78 -77.62 34.19
N VAL L 154 71.08 -76.49 34.83
CA VAL L 154 70.34 -76.04 36.01
C VAL L 154 69.83 -74.63 35.74
N PHE L 155 68.52 -74.43 35.88
CA PHE L 155 67.90 -73.13 35.68
C PHE L 155 67.23 -72.69 36.97
N ALA L 156 67.45 -71.43 37.34
CA ALA L 156 66.89 -70.86 38.56
C ALA L 156 65.78 -69.87 38.21
N ILE L 157 64.91 -69.64 39.19
CA ILE L 157 63.80 -68.70 39.04
C ILE L 157 63.91 -67.64 40.12
N PRO L 158 64.60 -66.53 39.87
CA PRO L 158 64.71 -65.49 40.89
C PRO L 158 63.36 -64.85 41.16
N PRO L 159 63.11 -64.41 42.39
CA PRO L 159 61.82 -63.78 42.71
C PRO L 159 61.70 -62.42 42.03
N SER L 160 60.57 -62.19 41.38
CA SER L 160 60.32 -60.92 40.71
C SER L 160 59.82 -59.88 41.70
N PHE L 161 59.74 -58.63 41.23
CA PHE L 161 59.25 -57.55 42.08
C PHE L 161 57.77 -57.72 42.40
N ALA L 162 56.99 -58.28 41.47
CA ALA L 162 55.57 -58.48 41.72
C ALA L 162 55.34 -59.47 42.85
N SER L 163 56.14 -60.55 42.91
CA SER L 163 55.96 -61.54 43.95
C SER L 163 56.35 -61.00 45.32
N ILE L 164 57.39 -60.16 45.38
CA ILE L 164 57.82 -59.60 46.66
C ILE L 164 56.74 -58.69 47.24
N PHE L 165 56.15 -57.84 46.40
CA PHE L 165 55.13 -56.91 46.89
C PHE L 165 53.83 -57.62 47.21
N LEU L 166 53.57 -58.76 46.57
CA LEU L 166 52.29 -59.44 46.75
C LEU L 166 52.15 -60.01 48.16
N THR L 167 53.17 -60.73 48.63
CA THR L 167 53.09 -61.43 49.91
C THR L 167 54.14 -61.01 50.92
N LYS L 168 55.20 -60.31 50.51
CA LYS L 168 56.31 -59.93 51.39
C LYS L 168 56.97 -61.15 52.03
N SER L 169 56.97 -62.27 51.31
CA SER L 169 57.56 -63.52 51.77
C SER L 169 58.41 -64.13 50.66
N THR L 170 59.28 -63.31 50.06
CA THR L 170 60.10 -63.75 48.94
C THR L 170 61.02 -64.88 49.36
N LYS L 171 61.18 -65.85 48.47
CA LYS L 171 62.03 -67.02 48.71
C LYS L 171 62.85 -67.30 47.47
N LEU L 172 63.96 -68.01 47.66
CA LEU L 172 64.86 -68.37 46.58
C LEU L 172 64.64 -69.83 46.21
N THR L 173 64.40 -70.08 44.91
CA THR L 173 64.11 -71.41 44.43
C THR L 173 64.89 -71.65 43.14
N CYS L 174 65.52 -72.82 43.03
CA CYS L 174 66.23 -73.23 41.83
C CYS L 174 65.81 -74.65 41.47
N LEU L 175 65.82 -74.95 40.17
CA LEU L 175 65.38 -76.23 39.66
C LEU L 175 66.47 -76.88 38.82
N VAL L 176 66.50 -78.20 38.84
CA VAL L 176 67.47 -78.99 38.09
C VAL L 176 66.72 -79.84 37.06
N THR L 177 67.24 -79.88 35.84
CA THR L 177 66.60 -80.62 34.75
C THR L 177 67.66 -81.35 33.96
N ASP L 178 67.20 -82.22 33.06
CA ASP L 178 68.05 -82.99 32.14
C ASP L 178 68.94 -83.99 32.89
N LEU L 179 68.61 -84.32 34.13
CA LEU L 179 69.34 -85.31 34.90
C LEU L 179 68.53 -86.60 35.01
N THR L 180 69.22 -87.73 34.91
CA THR L 180 68.56 -89.02 35.04
C THR L 180 67.99 -89.19 36.46
N THR L 181 66.81 -89.81 36.54
CA THR L 181 66.14 -89.97 37.81
C THR L 181 66.92 -90.90 38.73
N TYR L 182 67.14 -90.44 39.96
CA TYR L 182 67.85 -91.22 40.97
C TYR L 182 67.30 -90.82 42.34
N ASP L 183 68.01 -91.19 43.40
CA ASP L 183 67.62 -90.89 44.77
C ASP L 183 68.81 -90.31 45.52
N SER L 184 68.60 -90.01 46.80
CA SER L 184 69.63 -89.45 47.67
C SER L 184 70.21 -88.16 47.10
N VAL L 185 69.34 -87.31 46.57
CA VAL L 185 69.74 -86.02 46.02
C VAL L 185 69.59 -84.96 47.10
N THR L 186 70.65 -84.18 47.31
CA THR L 186 70.67 -83.14 48.34
C THR L 186 71.02 -81.81 47.71
N ILE L 187 70.23 -80.78 48.03
CA ILE L 187 70.45 -79.44 47.53
C ILE L 187 70.72 -78.53 48.71
N SER L 188 71.81 -77.77 48.64
CA SER L 188 72.22 -76.87 49.71
C SER L 188 72.57 -75.51 49.10
N TRP L 189 71.77 -74.51 49.41
CA TRP L 189 72.04 -73.16 48.91
C TRP L 189 73.30 -72.59 49.56
N THR L 190 74.10 -71.89 48.76
CA THR L 190 75.32 -71.26 49.24
C THR L 190 75.35 -69.81 48.76
N ARG L 191 75.62 -68.90 49.69
CA ARG L 191 75.68 -67.47 49.36
C ARG L 191 77.05 -67.14 48.80
N GLN L 192 77.30 -65.85 48.56
CA GLN L 192 78.60 -65.43 48.04
C GLN L 192 79.71 -65.69 49.07
N ASN L 193 79.44 -65.42 50.34
CA ASN L 193 80.42 -65.62 51.39
C ASN L 193 80.40 -67.02 51.98
N GLY L 194 79.45 -67.86 51.57
CA GLY L 194 79.43 -69.25 52.00
C GLY L 194 78.77 -69.53 53.33
N GLU L 195 78.11 -68.55 53.94
CA GLU L 195 77.44 -68.80 55.21
C GLU L 195 76.19 -69.65 55.01
N ALA L 196 75.66 -70.14 56.12
CA ALA L 196 74.50 -71.02 56.08
C ALA L 196 73.25 -70.25 55.68
N VAL L 197 72.22 -71.00 55.26
CA VAL L 197 70.98 -70.47 54.79
C VAL L 197 69.83 -71.13 55.56
N LYS L 198 68.60 -70.76 55.19
CA LYS L 198 67.42 -71.31 55.84
C LYS L 198 67.28 -72.80 55.54
N THR L 199 66.73 -73.53 56.51
CA THR L 199 66.57 -74.98 56.39
C THR L 199 65.57 -75.29 55.28
N HIS L 200 66.06 -75.83 54.17
CA HIS L 200 65.22 -76.17 53.04
C HIS L 200 64.47 -77.48 53.31
N THR L 201 63.16 -77.47 53.08
CA THR L 201 62.34 -78.66 53.25
C THR L 201 61.39 -78.84 52.07
N ASN L 202 60.50 -79.82 52.17
CA ASN L 202 59.47 -80.08 51.15
C ASN L 202 60.10 -80.34 49.79
N ILE L 203 60.84 -81.45 49.71
CA ILE L 203 61.47 -81.84 48.46
C ILE L 203 60.41 -82.26 47.45
N SER L 204 60.64 -81.95 46.18
CA SER L 204 59.71 -82.27 45.11
C SER L 204 59.94 -83.70 44.63
N GLU L 205 59.29 -84.06 43.53
CA GLU L 205 59.40 -85.39 42.94
C GLU L 205 60.01 -85.28 41.55
N SER L 206 60.16 -86.43 40.90
CA SER L 206 60.75 -86.49 39.57
C SER L 206 59.71 -86.15 38.51
N HIS L 207 60.18 -85.55 37.41
CA HIS L 207 59.30 -85.21 36.31
C HIS L 207 58.84 -86.47 35.58
N PRO L 208 57.67 -86.44 34.95
CA PRO L 208 57.16 -87.62 34.24
C PRO L 208 57.79 -87.87 32.89
N ASN L 209 58.91 -87.21 32.56
CA ASN L 209 59.58 -87.38 31.28
C ASN L 209 60.96 -88.01 31.46
N ALA L 210 61.04 -89.02 32.32
CA ALA L 210 62.27 -89.77 32.57
C ALA L 210 63.41 -88.88 33.04
N THR L 211 63.09 -87.84 33.81
CA THR L 211 64.07 -86.94 34.37
C THR L 211 63.80 -86.77 35.86
N PHE L 212 64.63 -85.96 36.52
CA PHE L 212 64.51 -85.68 37.93
C PHE L 212 64.64 -84.20 38.19
N SER L 213 63.92 -83.71 39.20
CA SER L 213 63.93 -82.31 39.57
C SER L 213 64.04 -82.18 41.08
N ALA L 214 64.67 -81.09 41.52
CA ALA L 214 64.84 -80.81 42.94
C ALA L 214 64.50 -79.35 43.20
N VAL L 215 63.94 -79.08 44.38
CA VAL L 215 63.50 -77.75 44.76
C VAL L 215 64.23 -77.34 46.03
N GLY L 216 64.67 -76.10 46.08
CA GLY L 216 65.34 -75.57 47.26
C GLY L 216 64.64 -74.33 47.77
N GLU L 217 64.59 -74.21 49.10
CA GLU L 217 63.91 -73.12 49.76
C GLU L 217 64.90 -72.30 50.59
N ALA L 218 64.63 -71.00 50.71
CA ALA L 218 65.47 -70.10 51.48
C ALA L 218 64.63 -68.94 51.97
N SER L 219 65.14 -68.25 52.98
CA SER L 219 64.46 -67.09 53.58
C SER L 219 65.51 -65.99 53.75
N ILE L 220 65.63 -65.13 52.73
CA ILE L 220 66.59 -64.04 52.72
C ILE L 220 65.84 -62.74 52.47
N CYS L 221 66.10 -61.73 53.29
CA CYS L 221 65.46 -60.43 53.13
C CYS L 221 66.16 -59.65 52.01
N GLU L 222 65.82 -58.37 51.88
CA GLU L 222 66.29 -57.55 50.76
C GLU L 222 67.60 -56.82 51.05
N ASP L 223 68.25 -57.11 52.17
CA ASP L 223 69.48 -56.39 52.51
C ASP L 223 70.58 -56.65 51.48
N ASP L 224 70.70 -57.89 51.00
CA ASP L 224 71.72 -58.24 50.03
C ASP L 224 71.18 -58.46 48.63
N TRP L 225 69.88 -58.72 48.48
CA TRP L 225 69.31 -58.97 47.15
C TRP L 225 69.41 -57.72 46.27
N ASN L 226 69.17 -56.54 46.85
CA ASN L 226 69.24 -55.31 46.07
C ASN L 226 70.68 -54.91 45.76
N SER L 227 71.65 -55.45 46.50
CA SER L 227 73.05 -55.12 46.28
C SER L 227 73.74 -56.06 45.28
N GLY L 228 73.05 -57.10 44.82
CA GLY L 228 73.62 -58.02 43.86
C GLY L 228 74.32 -59.21 44.50
N GLU L 229 73.61 -59.91 45.39
CA GLU L 229 74.17 -61.07 46.06
C GLU L 229 74.05 -62.29 45.15
N ARG L 230 75.18 -62.93 44.85
CA ARG L 230 75.21 -64.06 43.93
C ARG L 230 74.84 -65.32 44.70
N PHE L 231 73.53 -65.57 44.80
CA PHE L 231 73.05 -66.79 45.43
C PHE L 231 73.23 -67.98 44.49
N THR L 232 73.75 -69.08 45.05
CA THR L 232 74.00 -70.29 44.27
C THR L 232 73.48 -71.50 45.04
N CYS L 233 72.80 -72.40 44.32
CA CYS L 233 72.29 -73.63 44.90
C CYS L 233 73.17 -74.77 44.44
N THR L 234 73.69 -75.54 45.40
CA THR L 234 74.57 -76.66 45.09
C THR L 234 73.75 -77.90 44.77
N VAL L 235 74.05 -78.54 43.64
CA VAL L 235 73.36 -79.75 43.21
C VAL L 235 74.37 -80.90 43.20
N THR L 236 74.02 -81.98 43.88
CA THR L 236 74.86 -83.17 43.95
C THR L 236 74.09 -84.35 43.39
N HIS L 237 74.63 -84.98 42.35
CA HIS L 237 74.01 -86.12 41.69
C HIS L 237 74.96 -87.31 41.73
N THR L 238 74.48 -88.45 41.27
CA THR L 238 75.28 -89.67 41.24
C THR L 238 76.00 -89.87 39.91
N ASP L 239 75.41 -89.40 38.81
CA ASP L 239 76.06 -89.53 37.51
C ASP L 239 77.35 -88.72 37.45
N LEU L 240 77.32 -87.50 37.99
CA LEU L 240 78.49 -86.63 37.99
C LEU L 240 79.07 -86.54 39.40
N PRO L 241 80.29 -87.02 39.62
CA PRO L 241 80.88 -86.93 40.96
C PRO L 241 81.34 -85.53 41.35
N SER L 242 81.37 -84.60 40.40
CA SER L 242 81.81 -83.23 40.68
C SER L 242 80.61 -82.30 40.71
N PRO L 243 80.24 -81.74 41.86
CA PRO L 243 79.11 -80.81 41.91
C PRO L 243 79.35 -79.58 41.04
N LEU L 244 78.26 -79.09 40.45
CA LEU L 244 78.31 -77.93 39.57
C LEU L 244 77.52 -76.79 40.21
N LYS L 245 78.12 -75.61 40.26
CA LYS L 245 77.52 -74.44 40.89
C LYS L 245 77.05 -73.48 39.79
N GLN L 246 75.77 -73.13 39.84
CA GLN L 246 75.17 -72.18 38.90
C GLN L 246 74.77 -70.93 39.68
N THR L 247 75.48 -69.83 39.45
CA THR L 247 75.22 -68.59 40.14
C THR L 247 74.23 -67.72 39.36
N ILE L 248 73.49 -66.89 40.09
CA ILE L 248 72.53 -65.97 39.51
C ILE L 248 72.75 -64.60 40.12
N SER L 249 72.23 -63.58 39.43
CA SER L 249 72.39 -62.19 39.88
C SER L 249 71.14 -61.42 39.46
N ARG L 250 71.23 -60.09 39.54
CA ARG L 250 70.12 -59.20 39.19
C ARG L 250 70.53 -58.35 38.00
N PRO L 251 70.11 -58.70 36.77
CA PRO L 251 70.42 -57.96 35.55
C PRO L 251 69.89 -56.52 35.59
N ALA L 255 68.68 -49.10 32.39
CA ALA L 255 67.90 -47.87 32.35
C ALA L 255 66.59 -48.02 33.10
N LEU L 256 66.26 -47.04 33.93
CA LEU L 256 65.04 -47.05 34.73
C LEU L 256 64.17 -45.88 34.30
N HIS L 257 62.92 -46.18 33.95
CA HIS L 257 61.96 -45.17 33.51
C HIS L 257 60.68 -45.29 34.34
N ARG L 258 60.00 -44.15 34.51
CA ARG L 258 58.76 -44.12 35.28
C ARG L 258 57.56 -44.31 34.37
N PRO L 259 56.71 -45.28 34.64
CA PRO L 259 55.52 -45.47 33.79
C PRO L 259 54.51 -44.34 33.97
N ASP L 260 53.70 -44.15 32.94
CA ASP L 260 52.65 -43.13 32.92
C ASP L 260 51.31 -43.85 32.83
N VAL L 261 50.68 -44.09 33.98
CA VAL L 261 49.43 -44.82 34.04
C VAL L 261 48.29 -43.89 33.67
N TYR L 262 47.47 -44.30 32.69
CA TYR L 262 46.31 -43.54 32.28
C TYR L 262 45.10 -44.47 32.25
N LEU L 263 44.02 -44.07 32.90
CA LEU L 263 42.79 -44.84 32.91
C LEU L 263 41.89 -44.42 31.76
N LEU L 264 41.06 -45.35 31.30
CA LEU L 264 40.19 -45.13 30.16
C LEU L 264 38.75 -45.47 30.54
N PRO L 265 37.81 -44.55 30.36
CA PRO L 265 36.40 -44.85 30.64
C PRO L 265 35.86 -45.86 29.66
N PRO L 266 34.83 -46.62 30.03
CA PRO L 266 34.25 -47.60 29.10
C PRO L 266 33.66 -46.92 27.87
N ALA L 267 33.75 -47.62 26.74
CA ALA L 267 33.28 -47.08 25.48
C ALA L 267 31.76 -46.92 25.49
N ARG L 268 31.28 -45.91 24.76
CA ARG L 268 29.85 -45.66 24.68
C ARG L 268 29.13 -46.79 23.95
N GLU L 269 29.77 -47.39 22.95
CA GLU L 269 29.14 -48.50 22.22
C GLU L 269 28.97 -49.73 23.10
N GLN L 270 29.90 -49.97 24.02
CA GLN L 270 29.79 -51.13 24.90
C GLN L 270 28.69 -50.95 25.95
N LEU L 271 28.42 -49.70 26.35
CA LEU L 271 27.40 -49.42 27.36
C LEU L 271 26.01 -49.32 26.74
N ASN L 272 25.62 -50.36 26.01
CA ASN L 272 24.30 -50.43 25.38
C ASN L 272 23.48 -51.61 25.86
N LEU L 273 24.10 -52.78 26.03
CA LEU L 273 23.38 -53.95 26.51
C LEU L 273 23.12 -53.90 28.02
N ARG L 274 23.82 -53.03 28.75
CA ARG L 274 23.64 -52.88 30.19
C ARG L 274 23.84 -54.21 30.92
N GLU L 275 24.87 -54.95 30.54
CA GLU L 275 25.16 -56.24 31.15
C GLU L 275 26.59 -56.40 31.65
N SER L 276 27.56 -55.67 31.09
CA SER L 276 28.94 -55.78 31.53
C SER L 276 29.67 -54.50 31.19
N ALA L 277 30.76 -54.24 31.94
CA ALA L 277 31.61 -53.08 31.72
C ALA L 277 33.06 -53.53 31.73
N THR L 278 33.88 -52.84 30.94
CA THR L 278 35.30 -53.18 30.80
C THR L 278 36.13 -51.94 31.13
N ILE L 279 36.89 -52.00 32.21
CA ILE L 279 37.81 -50.94 32.61
C ILE L 279 39.23 -51.44 32.38
N THR L 280 40.06 -50.60 31.76
CA THR L 280 41.42 -50.96 31.39
C THR L 280 42.41 -50.09 32.17
N CYS L 281 43.12 -50.71 33.11
CA CYS L 281 44.18 -50.04 33.87
C CYS L 281 45.46 -50.08 33.02
N LEU L 282 45.60 -49.09 32.15
CA LEU L 282 46.71 -49.06 31.21
C LEU L 282 47.96 -48.53 31.90
N VAL L 283 49.03 -49.32 31.88
CA VAL L 283 50.30 -48.96 32.49
C VAL L 283 51.36 -49.05 31.40
N THR L 284 51.81 -47.90 30.90
CA THR L 284 52.80 -47.84 29.83
C THR L 284 53.99 -47.01 30.29
N GLY L 285 55.19 -47.49 29.96
CA GLY L 285 56.42 -46.76 30.24
C GLY L 285 57.28 -47.34 31.34
N PHE L 286 56.91 -48.49 31.92
CA PHE L 286 57.70 -49.07 33.00
C PHE L 286 58.91 -49.80 32.44
N SER L 287 59.93 -49.93 33.30
CA SER L 287 61.16 -50.63 32.97
C SER L 287 61.87 -51.04 34.25
N PRO L 288 62.20 -52.34 34.41
CA PRO L 288 61.97 -53.44 33.48
C PRO L 288 60.55 -53.98 33.53
N ALA L 289 60.33 -55.18 33.02
CA ALA L 289 58.99 -55.76 32.93
C ALA L 289 58.62 -56.42 34.25
N ASP L 290 57.54 -57.21 34.23
CA ASP L 290 57.04 -57.95 35.39
C ASP L 290 56.65 -57.00 36.52
N VAL L 291 55.71 -56.12 36.22
CA VAL L 291 55.15 -55.21 37.20
C VAL L 291 53.92 -55.86 37.83
N PHE L 292 53.51 -55.33 38.98
CA PHE L 292 52.36 -55.84 39.73
C PHE L 292 51.22 -54.84 39.63
N VAL L 293 50.10 -55.29 39.09
CA VAL L 293 48.90 -54.47 38.94
C VAL L 293 47.75 -55.19 39.65
N GLN L 294 47.05 -54.46 40.52
CA GLN L 294 45.89 -55.01 41.24
C GLN L 294 44.78 -53.97 41.22
N TRP L 295 43.63 -54.36 41.75
CA TRP L 295 42.44 -53.51 41.78
C TRP L 295 41.95 -53.39 43.22
N MET L 296 41.71 -52.16 43.66
CA MET L 296 41.20 -51.89 45.00
C MET L 296 39.89 -51.11 44.87
N GLN L 297 38.88 -51.55 45.60
CA GLN L 297 37.57 -50.91 45.61
C GLN L 297 37.30 -50.36 47.00
N ARG L 298 37.20 -49.04 47.11
CA ARG L 298 36.97 -48.36 48.39
C ARG L 298 38.02 -48.75 49.43
N GLY L 299 39.27 -48.88 48.98
CA GLY L 299 40.37 -49.25 49.83
C GLY L 299 40.58 -50.75 49.96
N GLN L 300 39.52 -51.54 49.89
CA GLN L 300 39.62 -52.98 50.01
C GLN L 300 39.98 -53.58 48.66
N PRO L 301 41.09 -54.30 48.53
CA PRO L 301 41.46 -54.89 47.24
C PRO L 301 40.46 -55.95 46.81
N LEU L 302 40.28 -56.05 45.49
CA LEU L 302 39.38 -57.04 44.92
C LEU L 302 40.06 -58.40 44.86
N SER L 303 39.24 -59.44 44.65
CA SER L 303 39.75 -60.79 44.55
C SER L 303 40.61 -60.94 43.29
N PRO L 304 41.68 -61.74 43.35
CA PRO L 304 42.54 -61.91 42.18
C PRO L 304 41.90 -62.67 41.03
N GLU L 305 40.70 -63.21 41.21
CA GLU L 305 40.04 -64.00 40.17
C GLU L 305 39.12 -63.15 39.30
N LYS L 306 39.06 -61.84 39.51
CA LYS L 306 38.20 -60.97 38.73
C LYS L 306 38.98 -60.10 37.75
N TYR L 307 40.29 -60.30 37.63
CA TYR L 307 41.09 -59.54 36.69
C TYR L 307 42.31 -60.35 36.28
N VAL L 308 42.79 -60.10 35.07
CA VAL L 308 43.96 -60.78 34.53
C VAL L 308 44.93 -59.71 34.01
N THR L 309 46.21 -60.09 33.97
CA THR L 309 47.26 -59.19 33.50
C THR L 309 48.16 -59.97 32.53
N SER L 310 48.30 -59.45 31.32
CA SER L 310 49.13 -60.11 30.32
C SER L 310 50.60 -59.80 30.55
N ALA L 311 51.46 -60.48 29.79
CA ALA L 311 52.90 -60.28 29.91
C ALA L 311 53.31 -58.99 29.20
N PRO L 312 54.23 -58.22 29.77
CA PRO L 312 54.69 -57.00 29.12
C PRO L 312 55.41 -57.29 27.81
N MET L 313 55.27 -56.36 26.86
CA MET L 313 55.90 -56.46 25.57
C MET L 313 56.57 -55.14 25.21
N PRO L 314 57.65 -55.18 24.42
CA PRO L 314 58.29 -53.93 24.01
C PRO L 314 57.40 -53.09 23.11
N GLU L 315 57.50 -51.77 23.26
CA GLU L 315 56.73 -50.87 22.42
C GLU L 315 57.34 -50.84 21.00
N PRO L 316 56.51 -50.59 19.99
CA PRO L 316 57.05 -50.57 18.61
C PRO L 316 58.05 -49.45 18.37
N GLN L 317 57.79 -48.25 18.89
CA GLN L 317 58.68 -47.12 18.67
C GLN L 317 59.67 -46.94 19.81
N ALA L 318 59.25 -47.16 21.05
CA ALA L 318 60.15 -46.97 22.19
C ALA L 318 61.19 -48.08 22.21
N PRO L 319 62.48 -47.73 22.30
CA PRO L 319 63.53 -48.77 22.30
C PRO L 319 63.51 -49.63 23.56
N GLY L 320 63.46 -48.99 24.73
CA GLY L 320 63.55 -49.72 25.98
C GLY L 320 62.42 -49.46 26.94
N ARG L 321 61.21 -49.28 26.43
CA ARG L 321 60.02 -49.06 27.24
C ARG L 321 58.99 -50.14 26.93
N TYR L 322 58.30 -50.61 27.96
CA TYR L 322 57.32 -51.68 27.83
C TYR L 322 55.91 -51.15 28.11
N PHE L 323 54.94 -52.05 28.03
CA PHE L 323 53.55 -51.71 28.32
C PHE L 323 52.84 -52.94 28.84
N ALA L 324 51.72 -52.71 29.52
CA ALA L 324 50.93 -53.80 30.09
C ALA L 324 49.46 -53.42 30.04
N HIS L 325 48.60 -54.39 30.34
CA HIS L 325 47.17 -54.19 30.32
C HIS L 325 46.53 -54.95 31.48
N SER L 326 45.36 -54.46 31.90
CA SER L 326 44.62 -55.10 32.98
C SER L 326 43.14 -54.75 32.79
N ILE L 327 42.29 -55.77 32.68
CA ILE L 327 40.87 -55.59 32.42
C ILE L 327 40.07 -56.10 33.61
N LEU L 328 39.03 -55.35 33.98
CA LEU L 328 38.14 -55.72 35.06
C LEU L 328 36.73 -55.87 34.50
N THR L 329 36.10 -57.01 34.77
CA THR L 329 34.76 -57.31 34.27
C THR L 329 33.75 -57.06 35.39
N VAL L 330 32.94 -56.01 35.24
CA VAL L 330 31.92 -55.65 36.21
C VAL L 330 30.64 -55.31 35.47
N SER L 331 29.53 -55.35 36.20
CA SER L 331 28.23 -55.04 35.61
C SER L 331 28.09 -53.53 35.36
N GLU L 332 27.20 -53.19 34.43
CA GLU L 332 26.98 -51.79 34.11
C GLU L 332 26.26 -51.05 35.22
N GLU L 333 25.40 -51.74 35.97
CA GLU L 333 24.65 -51.09 37.04
C GLU L 333 25.57 -50.56 38.12
N GLU L 334 26.59 -51.34 38.49
CA GLU L 334 27.52 -50.91 39.53
C GLU L 334 28.30 -49.66 39.10
N TRP L 335 28.71 -49.61 37.83
CA TRP L 335 29.49 -48.48 37.34
C TRP L 335 28.72 -47.17 37.38
N ASN L 336 27.39 -47.23 37.42
CA ASN L 336 26.56 -46.03 37.49
C ASN L 336 26.24 -45.60 38.92
N THR L 337 26.73 -46.33 39.91
CA THR L 337 26.51 -46.02 41.32
C THR L 337 27.82 -46.02 42.09
N GLY L 338 28.83 -45.36 41.52
CA GLY L 338 30.15 -45.30 42.12
C GLY L 338 31.08 -46.35 41.52
N GLU L 339 31.70 -47.16 42.38
CA GLU L 339 32.59 -48.24 41.99
C GLU L 339 33.75 -47.69 41.14
N THR L 340 34.57 -46.86 41.78
CA THR L 340 35.69 -46.22 41.10
C THR L 340 36.68 -47.26 40.58
N TYR L 341 36.93 -48.31 41.36
CA TYR L 341 37.85 -49.38 40.97
C TYR L 341 39.26 -48.84 40.72
N THR L 342 39.84 -48.28 41.78
CA THR L 342 41.18 -47.73 41.69
C THR L 342 42.21 -48.85 41.58
N CYS L 343 43.11 -48.72 40.61
CA CYS L 343 44.18 -49.69 40.41
C CYS L 343 45.53 -49.05 40.76
N VAL L 344 46.37 -49.81 41.45
CA VAL L 344 47.68 -49.35 41.88
C VAL L 344 48.74 -50.25 41.26
N VAL L 345 49.73 -49.63 40.62
CA VAL L 345 50.84 -50.35 40.00
C VAL L 345 52.04 -50.27 40.93
N ALA L 346 52.83 -51.34 40.96
CA ALA L 346 54.02 -51.42 41.79
C ALA L 346 55.23 -51.54 40.88
N HIS L 347 56.17 -50.60 41.02
CA HIS L 347 57.38 -50.58 40.20
C HIS L 347 58.57 -50.27 41.10
N GLU L 348 59.68 -50.96 40.85
CA GLU L 348 60.89 -50.77 41.65
C GLU L 348 61.64 -49.50 41.28
N ALA L 349 61.42 -48.95 40.10
CA ALA L 349 62.11 -47.74 39.66
C ALA L 349 61.42 -46.45 40.11
N LEU L 350 60.21 -46.54 40.63
CA LEU L 350 59.50 -45.35 41.09
C LEU L 350 60.06 -44.89 42.44
N PRO L 351 60.04 -43.58 42.70
CA PRO L 351 60.49 -43.10 44.03
C PRO L 351 59.65 -43.63 45.17
N ASN L 352 58.32 -43.50 45.08
CA ASN L 352 57.43 -44.02 46.10
C ASN L 352 57.01 -45.46 45.83
N ARG L 353 57.32 -45.99 44.64
CA ARG L 353 57.02 -47.38 44.27
C ARG L 353 55.53 -47.67 44.26
N VAL L 354 54.70 -46.65 44.45
CA VAL L 354 53.25 -46.80 44.46
C VAL L 354 52.65 -45.68 43.61
N THR L 355 51.85 -46.04 42.62
CA THR L 355 51.14 -45.07 41.80
C THR L 355 49.71 -45.55 41.60
N GLU L 356 48.74 -44.71 41.94
CA GLU L 356 47.33 -45.05 41.83
C GLU L 356 46.54 -43.86 41.33
N ARG L 357 45.58 -44.12 40.46
CA ARG L 357 44.68 -43.10 39.96
C ARG L 357 43.26 -43.64 39.97
N THR L 358 42.29 -42.74 40.05
CA THR L 358 40.88 -43.10 40.17
C THR L 358 40.06 -42.33 39.15
N VAL L 359 39.00 -42.98 38.67
CA VAL L 359 38.06 -42.39 37.71
C VAL L 359 36.64 -42.69 38.16
N ASP L 360 35.73 -41.76 37.93
CA ASP L 360 34.33 -41.89 38.30
C ASP L 360 33.48 -41.86 37.03
N LYS L 361 32.16 -41.83 37.23
CA LYS L 361 31.24 -41.78 36.09
C LYS L 361 31.41 -40.48 35.30
N SER L 362 31.60 -39.36 35.99
CA SER L 362 31.73 -38.05 35.34
C SER L 362 33.20 -37.73 35.11
N THR L 363 33.79 -38.42 34.14
CA THR L 363 35.16 -38.18 33.73
C THR L 363 35.26 -37.33 32.47
N GLY L 364 34.13 -36.87 31.94
CA GLY L 364 34.15 -36.01 30.76
C GLY L 364 33.68 -34.60 31.07
N LYS L 365 32.87 -34.46 32.12
CA LYS L 365 32.39 -33.15 32.52
C LYS L 365 33.51 -32.36 33.18
N PRO L 366 33.79 -31.14 32.74
CA PRO L 366 34.82 -30.32 33.40
C PRO L 366 34.38 -29.76 34.73
N THR L 367 33.22 -30.21 35.22
CA THR L 367 32.57 -29.79 36.46
C THR L 367 32.07 -28.35 36.42
N LEU L 368 32.20 -27.66 35.29
CA LEU L 368 31.69 -26.29 35.16
C LEU L 368 30.22 -26.28 34.74
N TYR L 369 29.90 -26.96 33.65
CA TYR L 369 28.56 -26.98 33.10
C TYR L 369 27.94 -28.37 33.24
N ASN L 370 26.61 -28.40 33.27
CA ASN L 370 25.85 -29.65 33.35
C ASN L 370 24.56 -29.44 32.56
N VAL L 371 24.57 -29.85 31.29
CA VAL L 371 23.45 -29.67 30.38
C VAL L 371 22.80 -31.02 30.12
N SER L 372 21.47 -31.06 30.23
CA SER L 372 20.70 -32.27 29.96
C SER L 372 19.50 -31.90 29.11
N LEU L 373 18.95 -32.91 28.42
CA LEU L 373 17.83 -32.74 27.51
C LEU L 373 16.59 -33.37 28.15
N VAL L 374 15.72 -32.52 28.67
CA VAL L 374 14.46 -32.97 29.29
C VAL L 374 13.31 -32.55 28.39
N MET L 375 12.24 -33.33 28.43
CA MET L 375 11.06 -33.05 27.62
C MET L 375 10.02 -32.27 28.43
N ILE M 152 77.45 -39.97 82.10
CA ILE M 152 77.06 -41.36 82.32
C ILE M 152 75.62 -41.57 81.87
N ARG M 153 75.32 -41.13 80.66
CA ARG M 153 73.98 -41.26 80.08
C ARG M 153 74.08 -42.01 78.75
N VAL M 154 73.23 -43.00 78.58
CA VAL M 154 73.19 -43.81 77.36
C VAL M 154 71.78 -43.79 76.80
N PHE M 155 71.66 -43.57 75.49
CA PHE M 155 70.37 -43.52 74.82
C PHE M 155 70.48 -44.20 73.47
N ALA M 156 69.33 -44.55 72.91
CA ALA M 156 69.24 -45.17 71.60
C ALA M 156 68.17 -44.48 70.78
N ILE M 157 68.36 -44.49 69.47
CA ILE M 157 67.45 -43.87 68.52
C ILE M 157 66.93 -44.96 67.58
N PRO M 158 65.77 -45.55 67.88
CA PRO M 158 65.20 -46.57 66.99
C PRO M 158 64.73 -45.94 65.69
N PRO M 159 65.00 -46.58 64.55
CA PRO M 159 64.54 -46.02 63.28
C PRO M 159 63.03 -46.10 63.13
N SER M 160 62.38 -44.94 63.08
CA SER M 160 60.93 -44.88 62.94
C SER M 160 60.54 -45.09 61.47
N PHE M 161 59.23 -45.15 61.22
CA PHE M 161 58.76 -45.40 59.86
C PHE M 161 59.05 -44.22 58.94
N ALA M 162 59.12 -43.01 59.48
CA ALA M 162 59.40 -41.83 58.66
C ALA M 162 60.81 -41.84 58.09
N SER M 163 61.75 -42.53 58.74
CA SER M 163 63.13 -42.59 58.28
C SER M 163 63.43 -43.85 57.47
N ILE M 164 62.82 -44.98 57.81
CA ILE M 164 63.05 -46.21 57.07
C ILE M 164 62.49 -46.11 55.66
N PHE M 165 61.30 -45.51 55.52
CA PHE M 165 60.64 -45.43 54.22
C PHE M 165 61.32 -44.49 53.25
N LEU M 166 62.25 -43.66 53.71
CA LEU M 166 62.91 -42.71 52.81
C LEU M 166 63.72 -43.43 51.74
N THR M 167 64.52 -44.43 52.14
CA THR M 167 65.38 -45.13 51.19
C THR M 167 65.43 -46.63 51.40
N LYS M 168 64.61 -47.20 52.29
CA LYS M 168 64.66 -48.62 52.64
C LYS M 168 66.05 -49.01 53.11
N SER M 169 66.66 -48.17 53.93
CA SER M 169 68.03 -48.31 54.42
C SER M 169 68.08 -48.12 55.92
N THR M 170 67.18 -48.80 56.63
CA THR M 170 67.12 -48.68 58.08
C THR M 170 68.45 -49.03 58.71
N LYS M 171 68.87 -48.21 59.68
CA LYS M 171 70.18 -48.35 60.29
C LYS M 171 70.12 -47.86 61.73
N LEU M 172 70.44 -48.74 62.67
CA LEU M 172 70.45 -48.37 64.08
C LEU M 172 71.56 -47.37 64.37
N THR M 173 71.28 -46.42 65.25
CA THR M 173 72.25 -45.39 65.63
C THR M 173 72.15 -45.15 67.12
N CYS M 174 73.21 -45.50 67.84
CA CYS M 174 73.26 -45.27 69.28
C CYS M 174 73.73 -43.85 69.57
N LEU M 175 73.32 -43.33 70.73
CA LEU M 175 73.65 -41.97 71.13
C LEU M 175 74.03 -41.97 72.61
N VAL M 176 75.31 -41.78 72.89
CA VAL M 176 75.83 -41.75 74.25
C VAL M 176 76.48 -40.39 74.45
N THR M 177 75.74 -39.46 75.04
CA THR M 177 76.21 -38.11 75.31
C THR M 177 76.42 -37.93 76.81
N ASP M 178 76.77 -36.69 77.19
CA ASP M 178 77.03 -36.33 78.58
C ASP M 178 78.13 -37.20 79.19
N LEU M 179 79.19 -37.42 78.42
CA LEU M 179 80.35 -38.18 78.87
C LEU M 179 81.59 -37.29 78.81
N THR M 180 82.68 -37.80 79.39
CA THR M 180 83.93 -37.07 79.42
C THR M 180 84.59 -37.09 78.04
N THR M 181 85.23 -35.99 77.68
CA THR M 181 85.86 -35.84 76.36
C THR M 181 87.14 -36.67 76.33
N TYR M 182 87.07 -37.84 75.69
CA TYR M 182 88.23 -38.71 75.53
C TYR M 182 88.20 -39.32 74.13
N ASP M 183 89.33 -39.87 73.72
CA ASP M 183 89.48 -40.49 72.42
C ASP M 183 89.65 -42.00 72.58
N SER M 184 89.68 -42.69 71.43
CA SER M 184 89.83 -44.14 71.37
C SER M 184 88.73 -44.84 72.18
N VAL M 185 87.49 -44.62 71.75
CA VAL M 185 86.31 -45.20 72.39
C VAL M 185 85.76 -46.29 71.47
N THR M 186 85.55 -47.48 72.04
CA THR M 186 85.07 -48.63 71.29
C THR M 186 83.57 -48.78 71.50
N ILE M 187 82.83 -48.83 70.39
CA ILE M 187 81.38 -49.00 70.41
C ILE M 187 81.03 -50.26 69.64
N SER M 188 80.21 -51.12 70.23
CA SER M 188 79.84 -52.39 69.63
C SER M 188 78.35 -52.62 69.80
N TRP M 189 77.79 -53.45 68.93
CA TRP M 189 76.38 -53.81 68.96
C TRP M 189 76.24 -55.32 69.17
N THR M 190 75.27 -55.70 70.01
CA THR M 190 75.00 -57.09 70.31
C THR M 190 73.51 -57.36 70.16
N ARG M 191 73.19 -58.55 69.67
CA ARG M 191 71.82 -58.96 69.48
C ARG M 191 71.30 -59.66 70.73
N GLN M 192 70.07 -60.16 70.69
CA GLN M 192 69.50 -60.87 71.83
C GLN M 192 70.26 -62.16 72.11
N ASN M 193 70.65 -62.89 71.07
CA ASN M 193 71.37 -64.14 71.21
C ASN M 193 72.87 -63.97 71.11
N GLY M 194 73.36 -62.73 71.03
CA GLY M 194 74.78 -62.48 70.92
C GLY M 194 75.37 -62.67 69.54
N GLU M 195 74.54 -62.78 68.51
CA GLU M 195 75.04 -62.96 67.15
C GLU M 195 75.79 -61.73 66.69
N ALA M 196 76.84 -61.94 65.90
CA ALA M 196 77.66 -60.85 65.40
C ALA M 196 76.86 -59.95 64.46
N VAL M 197 77.25 -58.68 64.40
CA VAL M 197 76.56 -57.69 63.57
C VAL M 197 77.52 -57.17 62.51
N LYS M 198 77.02 -56.27 61.66
CA LYS M 198 77.83 -55.72 60.58
C LYS M 198 78.95 -54.85 61.14
N THR M 199 79.94 -54.58 60.30
CA THR M 199 81.11 -53.80 60.69
C THR M 199 80.72 -52.33 60.81
N HIS M 200 80.44 -51.90 62.03
CA HIS M 200 80.09 -50.50 62.27
C HIS M 200 81.27 -49.58 62.03
N THR M 201 81.01 -48.43 61.42
CA THR M 201 82.04 -47.46 61.12
C THR M 201 81.45 -46.07 61.26
N ASN M 202 82.19 -45.06 60.78
CA ASN M 202 81.77 -43.66 60.82
C ASN M 202 81.50 -43.21 62.26
N ILE M 203 82.56 -43.24 63.07
CA ILE M 203 82.46 -42.81 64.46
C ILE M 203 82.39 -41.28 64.50
N SER M 204 81.56 -40.77 65.40
CA SER M 204 81.39 -39.33 65.55
C SER M 204 82.53 -38.76 66.38
N GLU M 205 82.44 -37.47 66.71
CA GLU M 205 83.48 -36.81 67.49
C GLU M 205 82.88 -36.13 68.71
N SER M 206 83.71 -35.38 69.44
CA SER M 206 83.26 -34.68 70.64
C SER M 206 82.74 -33.29 70.29
N HIS M 207 81.90 -32.74 71.20
CA HIS M 207 81.31 -31.43 71.04
C HIS M 207 82.24 -30.35 71.60
N PRO M 208 82.13 -29.12 71.10
CA PRO M 208 82.97 -28.03 71.64
C PRO M 208 82.65 -27.66 73.08
N ASN M 209 81.55 -28.17 73.64
CA ASN M 209 81.16 -27.87 75.01
C ASN M 209 81.64 -28.91 76.02
N ALA M 210 82.81 -29.50 75.77
CA ALA M 210 83.39 -30.53 76.64
C ALA M 210 82.44 -31.71 76.81
N THR M 211 81.77 -32.08 75.72
CA THR M 211 80.85 -33.21 75.71
C THR M 211 81.24 -34.15 74.57
N PHE M 212 81.21 -35.46 74.86
CA PHE M 212 81.56 -36.48 73.90
C PHE M 212 80.33 -37.28 73.51
N SER M 213 80.23 -37.61 72.23
CA SER M 213 79.09 -38.36 71.71
C SER M 213 79.61 -39.44 70.76
N ALA M 214 79.32 -40.70 71.09
CA ALA M 214 79.72 -41.84 70.28
C ALA M 214 78.50 -42.41 69.57
N VAL M 215 78.61 -42.60 68.26
CA VAL M 215 77.51 -43.09 67.43
C VAL M 215 77.95 -44.39 66.77
N GLY M 216 77.12 -45.42 66.92
CA GLY M 216 77.38 -46.69 66.27
C GLY M 216 76.32 -47.03 65.24
N GLU M 217 76.71 -47.15 63.99
CA GLU M 217 75.78 -47.35 62.89
C GLU M 217 75.91 -48.78 62.35
N ALA M 218 74.78 -49.48 62.30
CA ALA M 218 74.73 -50.83 61.75
C ALA M 218 73.50 -50.94 60.86
N SER M 219 73.68 -51.44 59.65
CA SER M 219 72.61 -51.54 58.66
C SER M 219 72.03 -52.94 58.64
N ILE M 220 70.69 -53.02 58.67
CA ILE M 220 69.97 -54.28 58.62
C ILE M 220 68.82 -54.13 57.62
N CYS M 221 68.03 -55.20 57.48
CA CYS M 221 66.87 -55.19 56.61
C CYS M 221 65.59 -55.08 57.45
N GLU M 222 64.49 -54.73 56.77
CA GLU M 222 63.23 -54.52 57.47
C GLU M 222 62.71 -55.81 58.11
N ASP M 223 63.07 -56.97 57.54
CA ASP M 223 62.62 -58.24 58.12
C ASP M 223 63.21 -58.45 59.50
N ASP M 224 64.49 -58.14 59.68
CA ASP M 224 65.13 -58.32 60.99
C ASP M 224 64.54 -57.37 62.02
N TRP M 225 64.26 -56.12 61.64
CA TRP M 225 63.72 -55.16 62.59
C TRP M 225 62.29 -55.52 63.01
N ASN M 226 61.50 -56.07 62.09
CA ASN M 226 60.13 -56.44 62.40
C ASN M 226 60.02 -57.81 63.06
N SER M 227 61.11 -58.58 63.10
CA SER M 227 61.06 -59.90 63.73
C SER M 227 60.92 -59.77 65.24
N GLY M 228 61.62 -58.83 65.85
CA GLY M 228 61.56 -58.63 67.28
C GLY M 228 62.89 -58.81 67.98
N GLU M 229 63.99 -58.63 67.23
CA GLU M 229 65.32 -58.79 67.79
C GLU M 229 65.67 -57.58 68.64
N ARG M 230 66.00 -57.83 69.91
CA ARG M 230 66.31 -56.76 70.86
C ARG M 230 67.80 -56.45 70.78
N PHE M 231 68.14 -55.35 70.12
CA PHE M 231 69.52 -54.91 70.04
C PHE M 231 69.96 -54.25 71.34
N THR M 232 71.28 -54.14 71.52
CA THR M 232 71.86 -53.55 72.71
C THR M 232 73.08 -52.74 72.34
N CYS M 233 73.12 -51.49 72.80
CA CYS M 233 74.27 -50.61 72.58
C CYS M 233 75.24 -50.76 73.74
N THR M 234 76.46 -51.20 73.44
CA THR M 234 77.48 -51.45 74.44
C THR M 234 78.62 -50.46 74.29
N VAL M 235 79.01 -49.83 75.39
CA VAL M 235 80.10 -48.85 75.41
C VAL M 235 81.17 -49.35 76.35
N THR M 236 82.41 -49.41 75.86
CA THR M 236 83.55 -49.84 76.65
C THR M 236 84.65 -48.79 76.56
N HIS M 237 85.17 -48.36 77.71
CA HIS M 237 86.23 -47.38 77.74
C HIS M 237 87.00 -47.54 79.05
N THR M 238 88.18 -46.92 79.10
CA THR M 238 89.04 -47.05 80.28
C THR M 238 88.39 -46.45 81.52
N ASP M 239 87.75 -45.28 81.37
CA ASP M 239 87.17 -44.61 82.53
C ASP M 239 85.91 -45.31 83.02
N LEU M 240 85.26 -46.12 82.20
CA LEU M 240 84.07 -46.84 82.64
C LEU M 240 84.47 -47.96 83.59
N PRO M 241 83.91 -48.01 84.80
CA PRO M 241 84.26 -49.08 85.74
C PRO M 241 83.80 -50.46 85.26
N SER M 242 82.54 -50.56 84.84
CA SER M 242 81.97 -51.80 84.36
C SER M 242 81.24 -51.56 83.05
N PRO M 243 81.22 -52.55 82.15
CA PRO M 243 80.50 -52.38 80.89
C PRO M 243 78.99 -52.30 81.13
N LEU M 244 78.37 -51.28 80.56
CA LEU M 244 76.94 -51.06 80.68
C LEU M 244 76.23 -51.52 79.41
N LYS M 245 74.94 -51.81 79.55
CA LYS M 245 74.11 -52.26 78.46
C LYS M 245 72.80 -51.48 78.44
N GLN M 246 72.28 -51.25 77.23
CA GLN M 246 71.02 -50.55 77.04
C GLN M 246 70.26 -51.25 75.93
N THR M 247 69.14 -51.88 76.25
CA THR M 247 68.35 -52.61 75.27
C THR M 247 67.45 -51.67 74.49
N ILE M 248 67.11 -52.07 73.27
CA ILE M 248 66.22 -51.31 72.40
C ILE M 248 65.54 -52.27 71.44
N SER M 249 64.23 -52.15 71.31
CA SER M 249 63.45 -53.02 70.44
C SER M 249 62.24 -52.24 69.93
N ARG M 250 61.30 -52.95 69.32
CA ARG M 250 60.08 -52.36 68.80
C ARG M 250 58.94 -52.61 69.77
N PRO M 251 58.32 -51.58 70.34
CA PRO M 251 57.23 -51.80 71.30
C PRO M 251 55.96 -52.33 70.63
N LYS M 252 55.95 -53.63 70.33
CA LYS M 252 54.78 -54.25 69.73
C LYS M 252 53.63 -54.34 70.74
N GLY M 253 52.41 -54.33 70.22
CA GLY M 253 51.23 -54.41 71.07
C GLY M 253 50.42 -53.14 71.08
N VAL M 254 50.41 -52.42 69.95
CA VAL M 254 49.66 -51.17 69.83
C VAL M 254 48.53 -51.36 68.82
N ALA M 255 47.69 -50.34 68.66
CA ALA M 255 46.57 -50.40 67.75
C ALA M 255 47.06 -50.31 66.31
N LEU M 256 46.13 -50.53 65.37
CA LEU M 256 46.47 -50.50 63.94
C LEU M 256 45.25 -49.95 63.20
N HIS M 257 45.28 -48.65 62.91
CA HIS M 257 44.20 -47.97 62.21
C HIS M 257 44.74 -47.29 60.95
N ARG M 258 44.01 -47.43 59.86
CA ARG M 258 44.45 -46.81 58.60
C ARG M 258 44.30 -45.30 58.67
N PRO M 259 45.28 -44.55 58.17
CA PRO M 259 45.17 -43.08 58.18
C PRO M 259 44.05 -42.59 57.27
N ASP M 260 43.47 -41.46 57.67
CA ASP M 260 42.42 -40.79 56.90
C ASP M 260 43.01 -39.49 56.36
N VAL M 261 43.54 -39.54 55.14
CA VAL M 261 44.21 -38.41 54.53
C VAL M 261 43.18 -37.53 53.85
N TYR M 262 43.15 -36.25 54.23
CA TYR M 262 42.28 -35.26 53.61
C TYR M 262 43.13 -34.09 53.12
N LEU M 263 42.85 -33.62 51.90
CA LEU M 263 43.59 -32.52 51.30
C LEU M 263 42.66 -31.31 51.23
N LEU M 264 42.90 -30.34 52.11
CA LEU M 264 42.05 -29.16 52.19
C LEU M 264 42.48 -28.13 51.15
N PRO M 265 41.58 -27.68 50.28
CA PRO M 265 41.93 -26.65 49.30
C PRO M 265 42.20 -25.32 49.99
N PRO M 266 42.99 -24.44 49.37
CA PRO M 266 43.27 -23.14 49.98
C PRO M 266 42.02 -22.30 50.11
N ALA M 267 42.00 -21.46 51.14
CA ALA M 267 40.85 -20.61 51.41
C ALA M 267 40.74 -19.50 50.38
N ARG M 268 39.51 -18.99 50.22
CA ARG M 268 39.27 -17.89 49.29
C ARG M 268 40.00 -16.63 49.73
N GLU M 269 40.03 -16.35 51.04
CA GLU M 269 40.70 -15.15 51.54
C GLU M 269 42.20 -15.20 51.31
N GLN M 270 42.79 -16.40 51.31
CA GLN M 270 44.22 -16.51 51.06
C GLN M 270 44.59 -16.05 49.66
N LEU M 271 43.77 -16.41 48.67
CA LEU M 271 44.05 -16.07 47.27
C LEU M 271 43.45 -14.71 46.90
N ASN M 272 43.77 -13.68 47.67
CA ASN M 272 43.31 -12.33 47.39
C ASN M 272 44.47 -11.35 47.32
N LEU M 273 45.54 -11.63 48.05
CA LEU M 273 46.71 -10.76 48.07
C LEU M 273 47.69 -11.02 46.93
N ARG M 274 47.51 -12.12 46.20
CA ARG M 274 48.38 -12.47 45.08
C ARG M 274 49.85 -12.52 45.50
N GLU M 275 50.10 -13.08 46.68
CA GLU M 275 51.46 -13.17 47.23
C GLU M 275 51.92 -14.62 47.34
N SER M 276 51.17 -15.47 48.02
CA SER M 276 51.56 -16.87 48.21
C SER M 276 50.30 -17.68 48.51
N ALA M 277 50.48 -19.00 48.59
CA ALA M 277 49.39 -19.91 48.92
C ALA M 277 49.96 -21.08 49.69
N THR M 278 49.34 -21.39 50.83
CA THR M 278 49.80 -22.45 51.73
C THR M 278 48.77 -23.57 51.75
N ILE M 279 48.97 -24.58 50.92
CA ILE M 279 48.11 -25.77 50.93
C ILE M 279 48.61 -26.72 52.00
N THR M 280 47.70 -27.15 52.87
CA THR M 280 48.04 -28.00 54.01
C THR M 280 47.28 -29.31 53.89
N CYS M 281 48.03 -30.41 53.76
CA CYS M 281 47.43 -31.75 53.75
C CYS M 281 47.12 -32.17 55.18
N LEU M 282 45.92 -32.72 55.40
CA LEU M 282 45.44 -33.10 56.72
C LEU M 282 45.41 -34.62 56.82
N VAL M 283 46.32 -35.19 57.60
CA VAL M 283 46.37 -36.61 57.86
C VAL M 283 46.02 -36.82 59.33
N THR M 284 44.85 -37.40 59.58
CA THR M 284 44.36 -37.62 60.94
C THR M 284 43.74 -39.01 61.04
N GLY M 285 43.57 -39.46 62.29
CA GLY M 285 42.95 -40.74 62.54
C GLY M 285 43.82 -41.94 62.22
N PHE M 286 45.12 -41.85 62.45
CA PHE M 286 46.04 -42.96 62.20
C PHE M 286 46.57 -43.52 63.50
N SER M 287 47.09 -44.74 63.42
CA SER M 287 47.69 -45.42 64.57
C SER M 287 48.62 -46.52 64.08
N PRO M 288 49.90 -46.52 64.51
CA PRO M 288 50.53 -45.59 65.46
C PRO M 288 50.88 -44.24 64.85
N ALA M 289 51.64 -43.42 65.57
CA ALA M 289 51.97 -42.07 65.17
C ALA M 289 53.18 -42.06 64.24
N ASP M 290 53.75 -40.87 64.01
CA ASP M 290 54.93 -40.68 63.19
C ASP M 290 54.69 -41.13 61.75
N VAL M 291 53.75 -40.46 61.09
CA VAL M 291 53.53 -40.67 59.67
C VAL M 291 54.50 -39.83 58.85
N PHE M 292 54.64 -40.19 57.58
CA PHE M 292 55.51 -39.48 56.65
C PHE M 292 54.69 -39.01 55.46
N VAL M 293 54.76 -37.72 55.16
CA VAL M 293 54.07 -37.13 54.02
C VAL M 293 55.07 -36.28 53.24
N GLN M 294 54.79 -36.13 51.95
CA GLN M 294 55.64 -35.32 51.08
C GLN M 294 54.82 -34.90 49.86
N TRP M 295 55.34 -33.92 49.13
CA TRP M 295 54.66 -33.36 47.97
C TRP M 295 55.46 -33.66 46.72
N MET M 296 54.79 -34.17 45.69
CA MET M 296 55.41 -34.49 44.41
C MET M 296 54.66 -33.78 43.30
N GLN M 297 55.41 -33.10 42.42
CA GLN M 297 54.84 -32.37 41.29
C GLN M 297 54.94 -33.25 40.05
N ARG M 298 53.81 -33.86 39.68
CA ARG M 298 53.73 -34.73 38.50
C ARG M 298 54.76 -35.84 38.55
N GLY M 299 54.92 -36.45 39.73
CA GLY M 299 55.87 -37.52 39.93
C GLY M 299 57.26 -37.08 40.34
N GLN M 300 57.53 -35.77 40.37
CA GLN M 300 58.83 -35.28 40.80
C GLN M 300 58.72 -34.74 42.22
N PRO M 301 59.35 -35.38 43.21
CA PRO M 301 59.25 -34.88 44.58
C PRO M 301 59.89 -33.51 44.72
N LEU M 302 59.28 -32.67 45.55
CA LEU M 302 59.80 -31.35 45.82
C LEU M 302 60.94 -31.42 46.85
N SER M 303 61.67 -30.31 46.97
CA SER M 303 62.76 -30.26 47.92
C SER M 303 62.22 -30.32 49.35
N PRO M 304 62.96 -30.98 50.25
CA PRO M 304 62.49 -31.09 51.64
C PRO M 304 62.40 -29.76 52.37
N GLU M 305 63.08 -28.72 51.89
CA GLU M 305 63.05 -27.44 52.57
C GLU M 305 61.70 -26.75 52.44
N LYS M 306 60.98 -27.00 51.35
CA LYS M 306 59.73 -26.29 51.11
C LYS M 306 58.65 -26.72 52.10
N TYR M 307 58.49 -28.02 52.31
CA TYR M 307 57.47 -28.55 53.20
C TYR M 307 58.07 -28.90 54.56
N VAL M 308 57.27 -28.68 55.61
CA VAL M 308 57.68 -28.98 56.98
C VAL M 308 56.61 -29.87 57.61
N THR M 309 57.04 -30.95 58.24
CA THR M 309 56.13 -31.89 58.89
C THR M 309 56.02 -31.55 60.37
N SER M 310 54.78 -31.45 60.86
CA SER M 310 54.54 -31.10 62.25
C SER M 310 54.72 -32.35 63.12
N ALA M 311 54.33 -32.25 64.40
CA ALA M 311 54.47 -33.37 65.31
C ALA M 311 53.15 -34.10 65.47
N PRO M 312 53.18 -35.43 65.61
CA PRO M 312 51.93 -36.20 65.76
C PRO M 312 51.30 -36.01 67.13
N MET M 313 50.65 -34.87 67.35
CA MET M 313 49.99 -34.63 68.62
C MET M 313 48.74 -35.49 68.73
N PRO M 314 48.50 -36.12 69.89
CA PRO M 314 47.33 -36.99 70.03
C PRO M 314 46.02 -36.22 69.85
N GLU M 315 45.06 -36.86 69.19
CA GLU M 315 43.75 -36.27 69.01
C GLU M 315 42.95 -36.33 70.31
N PRO M 316 42.30 -35.24 70.71
CA PRO M 316 41.53 -35.26 71.96
C PRO M 316 40.33 -36.18 71.90
N GLN M 317 39.51 -36.05 70.84
CA GLN M 317 38.32 -36.88 70.72
C GLN M 317 38.68 -38.35 70.51
N ALA M 318 39.68 -38.62 69.69
CA ALA M 318 40.07 -40.00 69.42
C ALA M 318 40.77 -40.60 70.64
N PRO M 319 40.53 -41.87 70.95
CA PRO M 319 41.18 -42.46 72.14
C PRO M 319 42.66 -42.71 71.93
N GLY M 320 43.07 -43.22 70.78
CA GLY M 320 44.46 -43.55 70.54
C GLY M 320 45.02 -43.05 69.23
N ARG M 321 44.19 -42.37 68.43
CA ARG M 321 44.62 -41.87 67.14
C ARG M 321 45.28 -40.51 67.28
N TYR M 322 46.07 -40.16 66.27
CA TYR M 322 46.84 -38.92 66.26
C TYR M 322 46.49 -38.11 65.01
N PHE M 323 47.16 -36.97 64.85
CA PHE M 323 46.99 -36.12 63.68
C PHE M 323 48.28 -35.34 63.44
N ALA M 324 48.42 -34.84 62.22
CA ALA M 324 49.60 -34.08 61.84
C ALA M 324 49.23 -33.10 60.74
N HIS M 325 50.17 -32.20 60.43
CA HIS M 325 49.95 -31.18 59.42
C HIS M 325 51.23 -30.97 58.63
N SER M 326 51.08 -30.51 57.39
CA SER M 326 52.23 -30.21 56.53
C SER M 326 51.79 -29.19 55.50
N ILE M 327 52.48 -28.05 55.45
CA ILE M 327 52.11 -26.95 54.57
C ILE M 327 53.14 -26.82 53.45
N LEU M 328 52.70 -26.29 52.32
CA LEU M 328 53.55 -26.03 51.17
C LEU M 328 53.37 -24.57 50.77
N THR M 329 54.41 -23.77 51.00
CA THR M 329 54.36 -22.33 50.72
C THR M 329 54.74 -22.11 49.25
N VAL M 330 53.73 -21.94 48.40
CA VAL M 330 53.94 -21.68 46.98
C VAL M 330 53.22 -20.40 46.61
N SER M 331 53.63 -19.81 45.50
CA SER M 331 53.05 -18.55 45.05
C SER M 331 51.62 -18.77 44.56
N GLU M 332 50.83 -17.69 44.61
CA GLU M 332 49.43 -17.76 44.19
C GLU M 332 49.33 -18.04 42.69
N GLU M 333 50.18 -17.40 41.89
CA GLU M 333 50.12 -17.59 40.44
C GLU M 333 50.54 -19.00 40.01
N GLU M 334 51.30 -19.70 40.86
CA GLU M 334 51.73 -21.05 40.50
C GLU M 334 50.57 -22.04 40.48
N TRP M 335 49.51 -21.77 41.26
CA TRP M 335 48.37 -22.66 41.38
C TRP M 335 47.30 -22.39 40.33
N ASN M 336 47.66 -21.80 39.20
CA ASN M 336 46.72 -21.51 38.13
C ASN M 336 47.02 -22.26 36.84
N THR M 337 48.09 -23.06 36.81
CA THR M 337 48.48 -23.84 35.63
C THR M 337 48.68 -25.30 36.02
N GLY M 338 47.73 -25.84 36.79
CA GLY M 338 47.82 -27.21 37.25
C GLY M 338 48.20 -27.31 38.71
N GLU M 339 49.39 -27.86 38.98
CA GLU M 339 49.94 -27.98 40.33
C GLU M 339 48.97 -28.75 41.24
N THR M 340 48.78 -30.02 40.88
CA THR M 340 47.87 -30.88 41.64
C THR M 340 48.32 -31.02 43.09
N TYR M 341 49.62 -31.17 43.32
CA TYR M 341 50.20 -31.29 44.66
C TYR M 341 49.61 -32.49 45.41
N THR M 342 49.86 -33.68 44.88
CA THR M 342 49.39 -34.90 45.50
C THR M 342 50.04 -35.09 46.87
N CYS M 343 49.25 -35.58 47.83
CA CYS M 343 49.70 -35.79 49.20
C CYS M 343 49.86 -37.30 49.42
N VAL M 344 51.08 -37.79 49.25
CA VAL M 344 51.38 -39.20 49.44
C VAL M 344 51.72 -39.45 50.90
N VAL M 345 50.96 -40.31 51.56
CA VAL M 345 51.17 -40.64 52.96
C VAL M 345 51.98 -41.93 53.04
N ALA M 346 52.64 -42.12 54.18
CA ALA M 346 53.43 -43.33 54.43
C ALA M 346 53.13 -43.80 55.84
N HIS M 347 52.56 -45.00 55.94
CA HIS M 347 52.22 -45.57 57.24
C HIS M 347 52.19 -47.09 57.11
N GLU M 348 52.25 -47.77 58.26
CA GLU M 348 52.31 -49.23 58.31
C GLU M 348 50.95 -49.85 58.60
N ALA M 349 49.86 -49.25 58.11
CA ALA M 349 48.53 -49.80 58.27
C ALA M 349 47.77 -49.98 56.96
N LEU M 350 48.09 -49.23 55.92
CA LEU M 350 47.43 -49.39 54.63
C LEU M 350 47.92 -50.65 53.94
N PRO M 351 47.08 -51.27 53.10
CA PRO M 351 47.55 -52.45 52.35
C PRO M 351 48.75 -52.16 51.48
N ASN M 352 48.78 -51.00 50.82
CA ASN M 352 49.90 -50.58 50.00
C ASN M 352 50.80 -49.56 50.69
N ARG M 353 50.46 -49.16 51.91
CA ARG M 353 51.22 -48.23 52.74
C ARG M 353 51.31 -46.83 52.14
N VAL M 354 50.68 -46.59 50.99
CA VAL M 354 50.70 -45.29 50.33
C VAL M 354 49.30 -44.96 49.85
N THR M 355 48.81 -43.78 50.21
CA THR M 355 47.52 -43.28 49.74
C THR M 355 47.68 -41.81 49.36
N GLU M 356 47.24 -41.46 48.14
CA GLU M 356 47.38 -40.11 47.62
C GLU M 356 46.04 -39.61 47.12
N ARG M 357 45.91 -38.28 47.10
CA ARG M 357 44.71 -37.61 46.62
C ARG M 357 45.10 -36.58 45.56
N THR M 358 44.20 -36.35 44.62
CA THR M 358 44.42 -35.42 43.52
C THR M 358 43.32 -34.37 43.51
N VAL M 359 43.72 -33.10 43.43
CA VAL M 359 42.78 -31.99 43.37
C VAL M 359 43.22 -31.04 42.25
N ASP M 360 42.24 -30.51 41.53
CA ASP M 360 42.49 -29.55 40.46
C ASP M 360 42.19 -28.14 40.95
N LYS M 361 42.29 -27.17 40.04
CA LYS M 361 41.99 -25.79 40.38
C LYS M 361 40.52 -25.63 40.78
N SER M 362 39.62 -26.27 40.03
CA SER M 362 38.19 -26.22 40.34
C SER M 362 37.80 -27.48 41.11
N THR M 363 38.22 -27.51 42.38
CA THR M 363 37.95 -28.63 43.27
C THR M 363 36.94 -28.30 44.35
N GLY M 364 37.17 -27.23 45.11
CA GLY M 364 36.27 -26.83 46.17
C GLY M 364 35.10 -25.98 45.74
N LYS M 365 35.00 -25.66 44.44
CA LYS M 365 33.89 -24.86 43.94
C LYS M 365 32.79 -25.75 43.39
N PRO M 366 31.54 -25.35 43.52
CA PRO M 366 30.42 -26.13 42.99
C PRO M 366 30.29 -25.93 41.49
N THR M 367 29.26 -26.53 40.91
CA THR M 367 28.99 -26.41 39.48
C THR M 367 28.32 -25.07 39.20
N LEU M 368 28.93 -24.28 38.31
CA LEU M 368 28.38 -22.96 38.00
C LEU M 368 27.16 -23.07 37.07
N TYR M 369 27.36 -23.65 35.90
CA TYR M 369 26.27 -23.76 34.93
C TYR M 369 25.43 -25.01 35.20
N ASN M 370 24.12 -24.82 35.27
CA ASN M 370 23.16 -25.89 35.54
C ASN M 370 21.99 -25.77 34.57
N VAL M 371 22.28 -25.33 33.34
CA VAL M 371 21.23 -25.02 32.38
C VAL M 371 20.54 -26.30 31.93
N SER M 372 19.22 -26.24 31.79
CA SER M 372 18.40 -27.37 31.37
C SER M 372 17.69 -26.98 30.08
N LEU M 373 18.03 -27.66 28.98
CA LEU M 373 17.45 -27.36 27.68
C LEU M 373 16.21 -28.23 27.47
N VAL M 374 15.08 -27.59 27.20
CA VAL M 374 13.81 -28.26 27.00
C VAL M 374 13.49 -28.23 25.51
N MET M 375 13.16 -29.39 24.95
CA MET M 375 12.82 -29.49 23.54
C MET M 375 11.67 -30.47 23.32
N ILE N 152 73.27 -28.96 91.04
CA ILE N 152 72.18 -28.11 91.51
C ILE N 152 71.84 -27.08 90.44
N ARG N 153 70.59 -27.12 89.97
CA ARG N 153 70.12 -26.20 88.93
C ARG N 153 68.77 -25.63 89.34
N VAL N 154 68.54 -24.38 88.95
CA VAL N 154 67.30 -23.67 89.24
C VAL N 154 66.67 -23.25 87.92
N PHE N 155 65.40 -23.60 87.74
CA PHE N 155 64.65 -23.27 86.53
C PHE N 155 63.60 -22.21 86.84
N ALA N 156 63.49 -21.23 85.95
CA ALA N 156 62.50 -20.16 86.08
C ALA N 156 61.71 -20.10 84.79
N ILE N 157 60.39 -20.17 84.89
CA ILE N 157 59.50 -20.19 83.73
C ILE N 157 58.85 -18.80 83.64
N PRO N 158 59.15 -18.01 82.61
CA PRO N 158 58.47 -16.72 82.46
C PRO N 158 57.01 -16.93 82.12
N PRO N 159 56.15 -15.97 82.48
CA PRO N 159 54.71 -16.13 82.18
C PRO N 159 54.47 -16.03 80.67
N SER N 160 53.94 -17.10 80.10
CA SER N 160 53.66 -17.14 78.67
C SER N 160 52.47 -16.25 78.34
N PHE N 161 52.45 -15.74 77.10
CA PHE N 161 51.37 -14.87 76.67
C PHE N 161 50.05 -15.62 76.59
N ALA N 162 50.10 -16.95 76.41
CA ALA N 162 48.87 -17.74 76.33
C ALA N 162 48.10 -17.76 77.64
N SER N 163 48.77 -17.49 78.77
CA SER N 163 48.12 -17.47 80.07
C SER N 163 47.81 -16.07 80.58
N ILE N 164 48.50 -15.05 80.07
CA ILE N 164 48.26 -13.68 80.53
C ILE N 164 46.86 -13.24 80.13
N PHE N 165 46.44 -13.52 78.89
CA PHE N 165 45.15 -13.08 78.40
C PHE N 165 44.03 -14.05 78.75
N LEU N 166 44.28 -15.36 78.68
CA LEU N 166 43.23 -16.34 78.94
C LEU N 166 42.74 -16.26 80.38
N THR N 167 43.67 -16.15 81.33
CA THR N 167 43.31 -16.15 82.75
C THR N 167 43.17 -14.75 83.33
N LYS N 168 43.83 -13.76 82.73
CA LYS N 168 43.89 -12.40 83.24
C LYS N 168 44.48 -12.33 84.65
N SER N 169 45.25 -13.34 85.03
CA SER N 169 45.88 -13.42 86.34
C SER N 169 47.35 -13.82 86.18
N THR N 170 48.05 -13.13 85.28
CA THR N 170 49.44 -13.45 84.98
C THR N 170 50.29 -13.43 86.25
N LYS N 171 51.11 -14.47 86.41
CA LYS N 171 51.91 -14.63 87.63
C LYS N 171 53.15 -15.42 87.30
N LEU N 172 54.32 -14.81 87.48
CA LEU N 172 55.59 -15.47 87.21
C LEU N 172 56.00 -16.32 88.40
N THR N 173 56.56 -17.49 88.12
CA THR N 173 56.95 -18.44 89.15
C THR N 173 58.37 -18.94 88.90
N CYS N 174 59.17 -18.98 89.96
CA CYS N 174 60.53 -19.50 89.91
C CYS N 174 60.70 -20.53 91.02
N LEU N 175 61.21 -21.70 90.67
CA LEU N 175 61.33 -22.81 91.61
C LEU N 175 62.74 -23.38 91.55
N VAL N 176 63.23 -23.82 92.71
CA VAL N 176 64.55 -24.44 92.84
C VAL N 176 64.40 -25.95 92.70
N THR N 177 65.34 -26.58 91.99
CA THR N 177 65.33 -28.01 91.75
C THR N 177 66.67 -28.61 92.16
N ASP N 178 66.71 -29.95 92.17
CA ASP N 178 67.92 -30.70 92.50
C ASP N 178 68.47 -30.34 93.88
N LEU N 179 67.56 -30.18 94.85
CA LEU N 179 67.93 -29.91 96.23
C LEU N 179 67.62 -31.12 97.10
N THR N 180 68.45 -31.35 98.10
CA THR N 180 68.25 -32.47 99.00
C THR N 180 67.03 -32.24 99.89
N THR N 181 66.53 -33.34 100.48
CA THR N 181 65.33 -33.30 101.31
C THR N 181 65.69 -32.73 102.68
N TYR N 182 65.80 -31.41 102.72
CA TYR N 182 66.08 -30.68 103.96
C TYR N 182 64.96 -29.67 104.21
N ASP N 183 65.12 -28.89 105.27
CA ASP N 183 64.15 -27.88 105.67
C ASP N 183 64.80 -26.49 105.61
N SER N 184 64.07 -25.48 106.06
CA SER N 184 64.52 -24.09 106.09
C SER N 184 64.93 -23.61 104.70
N VAL N 185 63.96 -23.67 103.78
CA VAL N 185 64.14 -23.23 102.40
C VAL N 185 63.30 -21.98 102.20
N THR N 186 63.96 -20.85 101.96
CA THR N 186 63.29 -19.58 101.75
C THR N 186 63.33 -19.20 100.27
N ILE N 187 62.19 -18.80 99.74
CA ILE N 187 62.05 -18.39 98.33
C ILE N 187 61.53 -16.97 98.32
N SER N 188 62.39 -16.02 97.94
CA SER N 188 62.04 -14.62 97.91
C SER N 188 62.29 -14.05 96.51
N TRP N 189 61.64 -12.93 96.23
CA TRP N 189 61.77 -12.24 94.95
C TRP N 189 62.43 -10.88 95.18
N THR N 190 63.31 -10.49 94.25
CA THR N 190 64.00 -9.21 94.30
C THR N 190 63.92 -8.56 92.93
N ARG N 191 63.54 -7.29 92.90
CA ARG N 191 63.46 -6.53 91.65
C ARG N 191 64.80 -5.84 91.39
N GLN N 192 64.83 -4.95 90.40
CA GLN N 192 66.06 -4.23 90.07
C GLN N 192 66.49 -3.34 91.24
N ASN N 193 65.54 -2.66 91.87
CA ASN N 193 65.83 -1.79 93.00
C ASN N 193 65.68 -2.46 94.35
N GLY N 194 64.96 -3.57 94.41
CA GLY N 194 64.79 -4.29 95.67
C GLY N 194 63.69 -3.75 96.55
N GLU N 195 62.52 -3.48 95.97
CA GLU N 195 61.39 -2.96 96.73
C GLU N 195 60.56 -4.11 97.29
N ALA N 196 59.39 -3.79 97.84
CA ALA N 196 58.52 -4.82 98.42
C ALA N 196 57.98 -5.75 97.35
N VAL N 197 57.85 -7.03 97.71
CA VAL N 197 57.34 -8.06 96.82
C VAL N 197 56.21 -8.80 97.52
N LYS N 198 55.69 -9.82 96.86
CA LYS N 198 54.57 -10.61 97.37
C LYS N 198 55.09 -11.93 97.93
N THR N 199 54.58 -12.30 99.10
CA THR N 199 54.98 -13.55 99.74
C THR N 199 54.47 -14.75 98.96
N HIS N 200 55.24 -15.82 98.98
CA HIS N 200 54.88 -17.03 98.26
C HIS N 200 53.85 -17.84 99.03
N THR N 201 53.02 -18.58 98.29
CA THR N 201 51.98 -19.42 98.87
C THR N 201 51.93 -20.74 98.10
N ASN N 202 51.09 -21.65 98.56
CA ASN N 202 50.87 -22.95 97.92
C ASN N 202 52.18 -23.73 97.80
N ILE N 203 52.74 -24.08 98.96
CA ILE N 203 53.98 -24.85 99.00
C ILE N 203 53.70 -26.27 98.50
N SER N 204 54.54 -26.74 97.59
CA SER N 204 54.38 -28.06 97.01
C SER N 204 55.07 -29.12 97.87
N GLU N 205 54.71 -30.38 97.62
CA GLU N 205 55.27 -31.50 98.34
C GLU N 205 56.57 -31.96 97.67
N SER N 206 57.24 -32.93 98.29
CA SER N 206 58.49 -33.44 97.75
C SER N 206 58.23 -34.35 96.55
N HIS N 207 59.18 -34.35 95.62
CA HIS N 207 59.06 -35.19 94.45
C HIS N 207 59.33 -36.66 94.81
N PRO N 208 58.75 -37.60 94.05
CA PRO N 208 58.93 -39.02 94.37
C PRO N 208 60.34 -39.55 94.17
N ASN N 209 61.28 -38.75 93.66
CA ASN N 209 62.64 -39.19 93.40
C ASN N 209 63.62 -38.66 94.46
N ALA N 210 63.15 -38.60 95.71
CA ALA N 210 63.99 -38.28 96.86
C ALA N 210 64.64 -36.90 96.75
N THR N 211 63.90 -35.94 96.22
CA THR N 211 64.33 -34.55 96.17
C THR N 211 63.22 -33.66 96.69
N PHE N 212 63.57 -32.40 96.98
CA PHE N 212 62.63 -31.42 97.51
C PHE N 212 62.71 -30.15 96.68
N SER N 213 61.55 -29.56 96.41
CA SER N 213 61.46 -28.34 95.62
C SER N 213 60.44 -27.41 96.25
N ALA N 214 60.59 -26.11 95.97
CA ALA N 214 59.68 -25.09 96.45
C ALA N 214 59.38 -24.12 95.33
N VAL N 215 58.11 -23.76 95.19
CA VAL N 215 57.66 -22.87 94.12
C VAL N 215 57.40 -21.49 94.69
N GLY N 216 58.02 -20.48 94.10
CA GLY N 216 57.85 -19.11 94.55
C GLY N 216 57.24 -18.23 93.48
N GLU N 217 56.11 -17.61 93.79
CA GLU N 217 55.38 -16.78 92.83
C GLU N 217 55.23 -15.36 93.36
N ALA N 218 55.13 -14.41 92.43
CA ALA N 218 54.97 -13.01 92.77
C ALA N 218 53.99 -12.37 91.78
N SER N 219 53.41 -11.26 92.20
CA SER N 219 52.44 -10.52 91.39
C SER N 219 53.05 -9.18 90.99
N ILE N 220 53.08 -8.90 89.69
CA ILE N 220 53.62 -7.68 89.14
C ILE N 220 52.62 -7.09 88.16
N CYS N 221 52.94 -5.89 87.66
CA CYS N 221 52.09 -5.20 86.70
C CYS N 221 52.50 -5.57 85.27
N GLU N 222 51.53 -5.51 84.36
CA GLU N 222 51.81 -5.84 82.97
C GLU N 222 52.62 -4.75 82.29
N ASP N 223 52.51 -3.50 82.75
CA ASP N 223 53.25 -2.41 82.14
C ASP N 223 54.75 -2.57 82.35
N ASP N 224 55.16 -3.04 83.53
CA ASP N 224 56.58 -3.20 83.83
C ASP N 224 57.21 -4.36 83.07
N TRP N 225 56.40 -5.34 82.66
CA TRP N 225 56.95 -6.49 81.94
C TRP N 225 57.49 -6.10 80.57
N ASN N 226 56.77 -5.22 79.86
CA ASN N 226 57.21 -4.78 78.54
C ASN N 226 58.25 -3.66 78.61
N SER N 227 58.51 -3.11 79.80
CA SER N 227 59.50 -2.05 79.96
C SER N 227 60.91 -2.58 80.13
N GLY N 228 61.10 -3.90 80.13
CA GLY N 228 62.41 -4.48 80.29
C GLY N 228 62.89 -4.62 81.72
N GLU N 229 62.02 -4.42 82.71
CA GLU N 229 62.42 -4.54 84.10
C GLU N 229 62.72 -6.01 84.43
N ARG N 230 63.84 -6.24 85.10
CA ARG N 230 64.26 -7.59 85.45
C ARG N 230 63.65 -8.01 86.78
N PHE N 231 63.41 -9.32 86.90
CA PHE N 231 62.86 -9.90 88.13
C PHE N 231 63.67 -11.15 88.45
N THR N 232 64.40 -11.11 89.56
CA THR N 232 65.30 -12.18 89.96
C THR N 232 64.84 -12.78 91.28
N CYS N 233 64.76 -14.11 91.33
CA CYS N 233 64.41 -14.82 92.56
C CYS N 233 65.69 -15.23 93.29
N THR N 234 65.76 -14.89 94.57
CA THR N 234 66.93 -15.18 95.39
C THR N 234 66.58 -16.26 96.42
N VAL N 235 67.35 -17.33 96.44
CA VAL N 235 67.16 -18.43 97.37
C VAL N 235 68.48 -18.70 98.08
N THR N 236 68.49 -18.57 99.41
CA THR N 236 69.67 -18.81 100.22
C THR N 236 69.57 -20.21 100.82
N HIS N 237 70.37 -21.12 100.28
CA HIS N 237 70.38 -22.51 100.73
C HIS N 237 71.55 -22.75 101.68
N THR N 238 71.33 -23.62 102.66
CA THR N 238 72.33 -23.88 103.69
C THR N 238 73.44 -24.82 103.20
N ASP N 239 73.24 -25.52 102.09
CA ASP N 239 74.23 -26.43 101.55
C ASP N 239 75.18 -25.77 100.56
N LEU N 240 74.96 -24.49 100.24
CA LEU N 240 75.81 -23.77 99.30
C LEU N 240 76.26 -22.47 99.95
N PRO N 241 77.57 -22.20 100.01
CA PRO N 241 78.04 -20.93 100.60
C PRO N 241 77.60 -19.70 99.83
N SER N 242 77.27 -19.84 98.54
CA SER N 242 76.85 -18.71 97.72
C SER N 242 75.39 -18.88 97.31
N PRO N 243 74.59 -17.82 97.41
CA PRO N 243 73.18 -17.93 96.99
C PRO N 243 73.05 -18.13 95.49
N LEU N 244 71.87 -18.55 95.07
CA LEU N 244 71.55 -18.79 93.67
C LEU N 244 70.52 -17.77 93.22
N LYS N 245 70.80 -17.10 92.10
CA LYS N 245 69.93 -16.05 91.58
C LYS N 245 69.73 -16.28 90.09
N GLN N 246 68.47 -16.42 89.68
CA GLN N 246 68.10 -16.58 88.28
C GLN N 246 67.31 -15.37 87.83
N THR N 247 67.75 -14.76 86.72
CA THR N 247 67.16 -13.55 86.19
C THR N 247 66.44 -13.85 84.89
N ILE N 248 65.17 -13.46 84.81
CA ILE N 248 64.35 -13.65 83.61
C ILE N 248 63.79 -12.29 83.20
N SER N 249 63.88 -11.98 81.91
CA SER N 249 63.41 -10.70 81.39
C SER N 249 63.15 -10.86 79.90
N ARG N 250 62.77 -9.76 79.26
CA ARG N 250 62.48 -9.74 77.83
C ARG N 250 63.27 -8.62 77.17
N PRO N 251 63.65 -8.80 75.90
CA PRO N 251 64.39 -7.78 75.13
C PRO N 251 63.61 -6.49 74.98
N VAL N 254 64.11 -8.11 68.34
CA VAL N 254 63.48 -8.86 67.26
C VAL N 254 62.46 -8.00 66.54
N ALA N 255 62.03 -8.47 65.36
CA ALA N 255 61.05 -7.74 64.58
C ALA N 255 59.63 -8.02 65.09
N LEU N 256 58.68 -7.23 64.61
CA LEU N 256 57.28 -7.36 64.99
C LEU N 256 56.43 -7.50 63.73
N HIS N 257 55.55 -8.50 63.72
CA HIS N 257 54.67 -8.76 62.60
C HIS N 257 53.30 -9.16 63.12
N ARG N 258 52.29 -9.05 62.25
CA ARG N 258 50.93 -9.39 62.63
C ARG N 258 50.52 -10.74 62.03
N PRO N 259 49.73 -11.52 62.74
CA PRO N 259 49.29 -12.82 62.21
C PRO N 259 48.33 -12.66 61.05
N ASP N 260 48.28 -13.71 60.24
CA ASP N 260 47.37 -13.80 59.08
C ASP N 260 46.39 -14.93 59.36
N VAL N 261 45.24 -14.58 59.93
CA VAL N 261 44.26 -15.57 60.36
C VAL N 261 43.40 -15.98 59.17
N TYR N 262 43.34 -17.28 58.91
CA TYR N 262 42.50 -17.84 57.86
C TYR N 262 41.81 -19.09 58.38
N LEU N 263 40.63 -19.38 57.81
CA LEU N 263 39.84 -20.54 58.18
C LEU N 263 39.56 -21.38 56.94
N LEU N 264 39.64 -22.70 57.09
CA LEU N 264 39.44 -23.62 55.99
C LEU N 264 38.13 -24.36 56.15
N PRO N 265 37.17 -24.20 55.24
CA PRO N 265 35.92 -24.94 55.34
C PRO N 265 36.15 -26.42 55.12
N PRO N 266 35.28 -27.29 55.66
CA PRO N 266 35.47 -28.73 55.48
C PRO N 266 35.41 -29.12 54.01
N ALA N 267 36.21 -30.11 53.65
CA ALA N 267 36.30 -30.55 52.26
C ALA N 267 35.04 -31.30 51.84
N ARG N 268 34.79 -31.30 50.54
CA ARG N 268 33.62 -32.00 50.00
C ARG N 268 33.74 -33.50 50.21
N GLU N 269 34.94 -34.06 50.05
CA GLU N 269 35.14 -35.49 50.22
C GLU N 269 35.26 -35.90 51.68
N GLN N 270 35.30 -34.94 52.61
CA GLN N 270 35.38 -35.26 54.03
C GLN N 270 34.01 -35.42 54.67
N LEU N 271 33.01 -34.68 54.19
CA LEU N 271 31.65 -34.76 54.73
C LEU N 271 30.81 -35.82 54.04
N ASN N 272 31.32 -37.05 54.01
CA ASN N 272 30.61 -38.17 53.40
C ASN N 272 30.36 -39.33 54.35
N LEU N 273 31.23 -39.54 55.34
CA LEU N 273 31.04 -40.61 56.30
C LEU N 273 29.98 -40.27 57.36
N ARG N 274 29.62 -39.00 57.48
CA ARG N 274 28.62 -38.55 58.45
C ARG N 274 29.02 -38.95 59.88
N GLU N 275 30.30 -38.82 60.19
CA GLU N 275 30.84 -39.17 61.50
C GLU N 275 31.36 -37.97 62.26
N SER N 276 32.25 -37.18 61.66
CA SER N 276 32.81 -36.01 62.33
C SER N 276 33.32 -35.04 61.28
N ALA N 277 33.49 -33.79 61.71
CA ALA N 277 34.00 -32.74 60.85
C ALA N 277 35.16 -32.04 61.55
N THR N 278 36.26 -31.85 60.83
CA THR N 278 37.47 -31.24 61.38
C THR N 278 37.65 -29.87 60.73
N ILE N 279 37.36 -28.81 61.48
CA ILE N 279 37.53 -27.44 61.02
C ILE N 279 38.92 -26.96 61.45
N THR N 280 39.68 -26.43 60.49
CA THR N 280 41.04 -25.99 60.72
C THR N 280 41.14 -24.48 60.53
N CYS N 281 41.75 -23.80 61.50
CA CYS N 281 41.97 -22.36 61.46
C CYS N 281 43.46 -22.12 61.34
N LEU N 282 43.93 -21.97 60.09
CA LEU N 282 45.36 -21.81 59.82
C LEU N 282 45.77 -20.37 60.13
N VAL N 283 46.31 -20.17 61.33
CA VAL N 283 46.83 -18.87 61.75
C VAL N 283 48.33 -18.92 61.49
N THR N 284 48.74 -18.50 60.29
CA THR N 284 50.12 -18.53 59.87
C THR N 284 50.67 -17.12 59.71
N GLY N 285 52.00 -17.03 59.61
CA GLY N 285 52.66 -15.76 59.41
C GLY N 285 52.56 -14.82 60.60
N PHE N 286 53.15 -15.21 61.73
CA PHE N 286 53.15 -14.37 62.92
C PHE N 286 54.50 -14.50 63.61
N SER N 287 54.82 -13.49 64.42
CA SER N 287 56.07 -13.48 65.17
C SER N 287 55.89 -12.58 66.39
N PRO N 288 56.42 -12.98 67.56
CA PRO N 288 57.18 -14.21 67.83
C PRO N 288 56.27 -15.41 68.10
N ALA N 289 56.81 -16.45 68.71
CA ALA N 289 56.04 -17.67 69.00
C ALA N 289 55.21 -17.47 70.27
N ASP N 290 54.74 -18.58 70.84
CA ASP N 290 53.92 -18.60 72.05
C ASP N 290 52.64 -17.78 71.85
N VAL N 291 51.84 -18.25 70.90
CA VAL N 291 50.54 -17.66 70.58
C VAL N 291 49.45 -18.56 71.12
N PHE N 292 48.31 -17.96 71.45
CA PHE N 292 47.17 -18.67 72.01
C PHE N 292 46.02 -18.67 71.01
N VAL N 293 45.48 -19.85 70.73
CA VAL N 293 44.37 -20.02 69.81
C VAL N 293 43.27 -20.80 70.52
N GLN N 294 42.05 -20.27 70.49
CA GLN N 294 40.90 -20.90 71.13
C GLN N 294 39.70 -20.84 70.19
N TRP N 295 38.68 -21.62 70.51
CA TRP N 295 37.48 -21.72 69.71
C TRP N 295 36.26 -21.37 70.56
N MET N 296 35.38 -20.54 70.01
CA MET N 296 34.14 -20.16 70.67
C MET N 296 32.95 -20.65 69.86
N GLN N 297 31.78 -20.63 70.50
CA GLN N 297 30.54 -21.08 69.87
C GLN N 297 29.45 -20.05 70.21
N ARG N 298 29.22 -19.12 69.27
CA ARG N 298 28.22 -18.07 69.43
C ARG N 298 28.45 -17.27 70.72
N GLY N 299 29.72 -16.97 71.01
CA GLY N 299 30.08 -16.23 72.19
C GLY N 299 30.38 -17.08 73.41
N GLN N 300 30.13 -18.40 73.34
CA GLN N 300 30.41 -19.28 74.46
C GLN N 300 31.74 -19.99 74.22
N PRO N 301 32.76 -19.76 75.05
CA PRO N 301 34.04 -20.45 74.84
C PRO N 301 33.91 -21.95 75.06
N LEU N 302 34.58 -22.71 74.19
CA LEU N 302 34.56 -24.16 74.28
C LEU N 302 35.54 -24.63 75.35
N SER N 303 35.33 -25.87 75.80
CA SER N 303 36.20 -26.45 76.81
C SER N 303 37.56 -26.80 76.21
N PRO N 304 38.64 -26.68 76.99
CA PRO N 304 39.98 -27.01 76.47
C PRO N 304 40.14 -28.47 76.08
N GLU N 305 39.28 -29.36 76.57
CA GLU N 305 39.37 -30.78 76.23
C GLU N 305 38.86 -31.06 74.83
N LYS N 306 38.06 -30.16 74.25
CA LYS N 306 37.46 -30.40 72.94
C LYS N 306 38.39 -30.00 71.80
N TYR N 307 39.05 -28.84 71.92
CA TYR N 307 39.97 -28.36 70.89
C TYR N 307 41.39 -28.36 71.43
N VAL N 308 42.34 -28.74 70.58
CA VAL N 308 43.75 -28.78 70.93
C VAL N 308 44.54 -28.04 69.85
N THR N 309 45.42 -27.15 70.28
CA THR N 309 46.24 -26.37 69.36
C THR N 309 47.57 -27.06 69.12
N SER N 310 48.22 -26.69 68.01
CA SER N 310 49.48 -27.28 67.62
C SER N 310 50.63 -26.50 68.26
N ALA N 311 51.85 -26.77 67.81
CA ALA N 311 53.04 -26.13 68.35
C ALA N 311 53.60 -25.11 67.37
N PRO N 312 54.22 -24.03 67.87
CA PRO N 312 54.77 -23.02 66.96
C PRO N 312 55.96 -23.53 66.16
N MET N 313 55.81 -23.60 64.84
CA MET N 313 56.86 -24.04 63.94
C MET N 313 57.29 -22.89 63.06
N PRO N 314 58.60 -22.65 62.90
CA PRO N 314 59.06 -21.57 62.03
C PRO N 314 58.66 -21.81 60.58
N GLU N 315 58.34 -20.72 59.88
CA GLU N 315 57.96 -20.82 58.48
C GLU N 315 59.19 -21.15 57.64
N PRO N 316 59.13 -22.16 56.75
CA PRO N 316 60.30 -22.51 55.95
C PRO N 316 60.67 -21.44 54.93
N GLN N 317 59.68 -20.92 54.21
CA GLN N 317 59.96 -19.93 53.19
C GLN N 317 60.32 -18.58 53.81
N ALA N 318 59.58 -18.15 54.81
CA ALA N 318 59.85 -16.86 55.44
C ALA N 318 61.11 -16.96 56.31
N PRO N 319 61.91 -15.90 56.38
CA PRO N 319 63.13 -15.94 57.19
C PRO N 319 62.87 -16.04 58.69
N GLY N 320 62.01 -15.16 59.21
CA GLY N 320 61.79 -15.09 60.64
C GLY N 320 60.34 -15.11 61.06
N ARG N 321 59.50 -15.87 60.37
CA ARG N 321 58.09 -16.00 60.71
C ARG N 321 57.81 -17.42 61.20
N TYR N 322 56.60 -17.59 61.74
CA TYR N 322 56.17 -18.87 62.30
C TYR N 322 54.77 -19.19 61.80
N PHE N 323 54.30 -20.38 62.16
CA PHE N 323 52.95 -20.81 61.84
C PHE N 323 52.51 -21.85 62.85
N ALA N 324 51.20 -22.10 62.89
CA ALA N 324 50.63 -23.05 63.83
C ALA N 324 49.38 -23.67 63.19
N HIS N 325 48.71 -24.53 63.96
CA HIS N 325 47.52 -25.21 63.49
C HIS N 325 46.56 -25.41 64.64
N SER N 326 45.29 -25.63 64.30
CA SER N 326 44.25 -25.86 65.31
C SER N 326 43.10 -26.59 64.64
N ILE N 327 42.60 -27.64 65.29
CA ILE N 327 41.52 -28.45 64.75
C ILE N 327 40.39 -28.52 65.77
N LEU N 328 39.18 -28.77 65.27
CA LEU N 328 37.99 -28.87 66.11
C LEU N 328 37.12 -29.99 65.54
N THR N 329 37.06 -31.12 66.25
CA THR N 329 36.30 -32.28 65.80
C THR N 329 34.86 -32.14 66.30
N VAL N 330 33.93 -31.83 65.38
CA VAL N 330 32.53 -31.66 65.71
C VAL N 330 31.70 -32.57 64.80
N SER N 331 30.43 -32.73 65.17
CA SER N 331 29.54 -33.58 64.40
C SER N 331 29.21 -32.94 63.04
N GLU N 332 29.04 -33.80 62.04
CA GLU N 332 28.72 -33.32 60.69
C GLU N 332 27.36 -32.64 60.65
N GLU N 333 26.38 -33.21 61.36
CA GLU N 333 25.03 -32.65 61.32
C GLU N 333 24.97 -31.27 61.97
N GLU N 334 25.86 -30.99 62.92
CA GLU N 334 25.85 -29.69 63.57
C GLU N 334 26.31 -28.58 62.63
N TRP N 335 27.16 -28.91 61.65
CA TRP N 335 27.68 -27.92 60.72
C TRP N 335 26.65 -27.52 59.66
N ASN N 336 25.61 -28.32 59.47
CA ASN N 336 24.59 -28.02 58.47
C ASN N 336 23.43 -27.20 59.01
N THR N 337 23.47 -26.83 60.28
CA THR N 337 22.42 -26.02 60.89
C THR N 337 22.94 -24.74 61.55
N GLY N 338 24.22 -24.64 61.85
CA GLY N 338 24.77 -23.47 62.50
C GLY N 338 26.19 -23.71 62.97
N GLU N 339 26.50 -23.33 64.21
CA GLU N 339 27.79 -23.55 64.84
C GLU N 339 28.91 -22.94 63.99
N THR N 340 28.85 -21.61 63.88
CA THR N 340 29.82 -20.88 63.07
C THR N 340 31.25 -21.12 63.54
N TYR N 341 31.45 -21.30 64.85
CA TYR N 341 32.75 -21.63 65.42
C TYR N 341 33.79 -20.55 65.08
N THR N 342 33.59 -19.37 65.67
CA THR N 342 34.51 -18.26 65.45
C THR N 342 35.90 -18.61 65.97
N CYS N 343 36.92 -18.33 65.16
CA CYS N 343 38.31 -18.62 65.51
C CYS N 343 38.94 -17.34 66.05
N VAL N 344 39.06 -17.25 67.37
CA VAL N 344 39.63 -16.08 68.03
C VAL N 344 41.03 -16.44 68.51
N VAL N 345 42.03 -15.66 68.07
CA VAL N 345 43.42 -15.86 68.45
C VAL N 345 43.96 -14.54 68.98
N ALA N 346 44.58 -14.59 70.15
CA ALA N 346 45.14 -13.41 70.80
C ALA N 346 46.64 -13.37 70.57
N HIS N 347 47.10 -12.32 69.89
CA HIS N 347 48.52 -12.12 69.63
C HIS N 347 49.01 -10.89 70.37
N GLU N 348 50.32 -10.82 70.56
CA GLU N 348 50.95 -9.76 71.34
C GLU N 348 51.51 -8.63 70.48
N ALA N 349 51.15 -8.60 69.19
CA ALA N 349 51.60 -7.53 68.29
C ALA N 349 50.45 -6.88 67.54
N LEU N 350 49.20 -7.23 67.86
CA LEU N 350 48.05 -6.64 67.20
C LEU N 350 47.76 -5.25 67.76
N PRO N 351 47.18 -4.37 66.95
CA PRO N 351 46.76 -3.05 67.49
C PRO N 351 45.75 -3.15 68.61
N ASN N 352 44.87 -4.14 68.58
CA ASN N 352 43.88 -4.35 69.63
C ASN N 352 44.12 -5.63 70.42
N ARG N 353 45.19 -6.37 70.13
CA ARG N 353 45.64 -7.56 70.84
C ARG N 353 44.72 -8.76 70.66
N VAL N 354 43.56 -8.59 70.02
CA VAL N 354 42.61 -9.68 69.82
C VAL N 354 42.05 -9.60 68.41
N THR N 355 42.07 -10.72 67.69
CA THR N 355 41.44 -10.82 66.38
C THR N 355 40.64 -12.10 66.30
N GLU N 356 39.61 -12.10 65.45
CA GLU N 356 38.75 -13.26 65.32
C GLU N 356 38.06 -13.24 63.96
N ARG N 357 37.95 -14.42 63.35
CA ARG N 357 37.23 -14.58 62.10
C ARG N 357 36.36 -15.83 62.19
N THR N 358 35.30 -15.86 61.39
CA THR N 358 34.37 -16.98 61.43
C THR N 358 33.88 -17.29 60.03
N VAL N 359 33.57 -18.56 59.80
CA VAL N 359 33.02 -19.03 58.53
C VAL N 359 31.88 -20.00 58.83
N ASP N 360 30.86 -19.97 57.98
CA ASP N 360 29.71 -20.84 58.14
C ASP N 360 29.44 -21.65 56.88
N LYS N 361 28.32 -22.36 56.84
CA LYS N 361 27.97 -23.14 55.66
C LYS N 361 27.66 -22.27 54.45
N SER N 362 27.24 -21.03 54.66
CA SER N 362 26.89 -20.12 53.57
C SER N 362 28.09 -19.25 53.21
N THR N 363 29.19 -19.91 52.85
CA THR N 363 30.41 -19.24 52.41
C THR N 363 30.76 -19.53 50.95
N GLY N 364 29.88 -20.24 50.24
CA GLY N 364 30.11 -20.55 48.84
C GLY N 364 28.93 -20.09 48.00
N LYS N 365 28.55 -20.95 47.04
CA LYS N 365 27.47 -20.69 46.10
C LYS N 365 27.66 -19.34 45.41
N PRO N 366 28.65 -19.22 44.52
CA PRO N 366 28.91 -17.92 43.88
C PRO N 366 27.86 -17.56 42.84
N THR N 367 26.63 -17.29 43.29
CA THR N 367 25.51 -16.91 42.44
C THR N 367 25.30 -17.93 41.33
N LEU N 368 24.98 -19.16 41.74
CA LEU N 368 24.77 -20.26 40.79
C LEU N 368 23.49 -19.99 40.00
N TYR N 369 23.65 -19.67 38.72
CA TYR N 369 22.53 -19.36 37.84
C TYR N 369 22.35 -20.48 36.82
N ASN N 370 21.11 -20.93 36.67
CA ASN N 370 20.76 -21.96 35.70
C ASN N 370 19.63 -21.46 34.81
N VAL N 371 19.95 -21.22 33.53
CA VAL N 371 18.94 -20.79 32.57
C VAL N 371 18.11 -22.00 32.14
N SER N 372 16.96 -21.72 31.53
CA SER N 372 16.07 -22.75 31.01
C SER N 372 15.64 -22.34 29.60
N LEU N 373 16.32 -22.88 28.60
CA LEU N 373 16.04 -22.54 27.20
C LEU N 373 15.10 -23.59 26.62
N VAL N 374 13.91 -23.15 26.22
CA VAL N 374 12.91 -24.03 25.62
C VAL N 374 12.55 -23.46 24.24
N MET N 375 12.66 -24.31 23.22
CA MET N 375 12.37 -23.91 21.85
C MET N 375 11.58 -25.01 21.15
N SER N 376 10.61 -24.60 20.34
CA SER N 376 9.80 -25.52 19.52
C SER N 376 9.09 -26.56 20.37
N ASP N 377 8.72 -26.20 21.59
CA ASP N 377 8.02 -27.10 22.51
C ASP N 377 6.64 -26.53 22.81
N THR N 378 5.62 -27.39 22.72
CA THR N 378 4.24 -26.99 22.98
C THR N 378 3.90 -27.38 24.42
N ALA N 379 3.75 -26.37 25.28
CA ALA N 379 3.43 -26.58 26.69
C ALA N 379 2.09 -25.99 27.07
N GLY N 380 1.80 -24.76 26.64
CA GLY N 380 0.54 -24.12 26.96
C GLY N 380 0.47 -23.50 28.34
N THR N 381 1.57 -23.46 29.07
CA THR N 381 1.58 -22.89 30.41
C THR N 381 1.88 -21.39 30.34
N CYS N 382 1.38 -20.67 31.34
CA CYS N 382 1.58 -19.23 31.42
C CYS N 382 2.90 -18.91 32.09
N TYR N 383 3.55 -17.86 31.60
CA TYR N 383 4.84 -17.43 32.14
C TYR N 383 4.75 -16.03 32.74
N ILE O 152 34.97 27.34 93.56
CA ILE O 152 35.69 26.81 94.70
C ILE O 152 35.68 25.28 94.69
N ARG O 153 35.33 24.72 93.53
CA ARG O 153 35.27 23.28 93.35
C ARG O 153 36.35 22.84 92.38
N VAL O 154 36.78 21.58 92.53
CA VAL O 154 37.81 20.98 91.69
C VAL O 154 37.17 19.83 90.93
N PHE O 155 37.20 19.90 89.61
CA PHE O 155 36.64 18.86 88.78
C PHE O 155 37.64 17.71 88.62
N ALA O 156 37.12 16.56 88.19
CA ALA O 156 37.94 15.38 87.96
C ALA O 156 37.35 14.58 86.83
N ILE O 157 38.23 14.04 85.97
CA ILE O 157 37.82 13.25 84.81
C ILE O 157 38.14 11.79 85.11
N PRO O 158 37.14 10.94 85.33
CA PRO O 158 37.42 9.53 85.56
C PRO O 158 37.94 8.88 84.30
N PRO O 159 38.74 7.81 84.42
CA PRO O 159 39.22 7.11 83.22
C PRO O 159 38.08 6.54 82.40
N SER O 160 38.24 6.59 81.09
CA SER O 160 37.22 6.13 80.15
C SER O 160 37.71 4.88 79.42
N PHE O 161 36.80 3.95 79.17
CA PHE O 161 37.16 2.71 78.48
C PHE O 161 37.59 2.96 77.05
N ALA O 162 37.20 4.08 76.45
CA ALA O 162 37.60 4.41 75.09
C ALA O 162 39.02 4.93 75.00
N SER O 163 39.67 5.22 76.14
CA SER O 163 41.04 5.71 76.16
C SER O 163 42.02 4.75 76.81
N ILE O 164 41.58 3.95 77.79
CA ILE O 164 42.47 3.01 78.46
C ILE O 164 42.85 1.83 77.58
N PHE O 165 42.14 1.61 76.49
CA PHE O 165 42.40 0.50 75.57
C PHE O 165 43.03 0.95 74.26
N LEU O 166 42.61 2.09 73.72
CA LEU O 166 43.17 2.57 72.46
C LEU O 166 44.64 2.93 72.60
N THR O 167 45.02 3.57 73.71
CA THR O 167 46.39 4.00 73.92
C THR O 167 47.09 3.28 75.07
N LYS O 168 46.35 2.53 75.90
CA LYS O 168 46.91 1.83 77.05
C LYS O 168 47.66 2.79 77.97
N SER O 169 47.04 3.94 78.22
CA SER O 169 47.62 5.01 79.02
C SER O 169 46.66 5.45 80.12
N THR O 170 46.10 4.47 80.84
CA THR O 170 45.16 4.74 81.92
C THR O 170 45.79 5.62 83.00
N LYS O 171 45.32 6.85 83.13
CA LYS O 171 45.85 7.80 84.10
C LYS O 171 44.72 8.57 84.74
N LEU O 172 44.86 8.87 86.02
CA LEU O 172 43.87 9.65 86.76
C LEU O 172 44.22 11.13 86.66
N THR O 173 43.24 11.95 86.29
CA THR O 173 43.44 13.38 86.09
C THR O 173 42.33 14.16 86.77
N CYS O 174 42.70 15.22 87.49
CA CYS O 174 41.76 16.13 88.11
C CYS O 174 41.95 17.53 87.53
N LEU O 175 40.84 18.21 87.26
CA LEU O 175 40.83 19.53 86.64
C LEU O 175 40.52 20.57 87.70
N VAL O 176 41.49 21.41 88.01
CA VAL O 176 41.33 22.45 89.02
C VAL O 176 40.83 23.71 88.32
N THR O 177 39.58 24.08 88.59
CA THR O 177 38.96 25.26 88.00
C THR O 177 38.25 26.06 89.08
N ASP O 178 37.63 27.17 88.67
CA ASP O 178 36.83 28.05 89.53
C ASP O 178 37.66 28.67 90.65
N LEU O 179 38.98 28.71 90.52
CA LEU O 179 39.86 29.32 91.51
C LEU O 179 40.50 30.57 90.91
N THR O 180 41.39 31.18 91.69
CA THR O 180 42.09 32.39 91.29
C THR O 180 43.52 32.05 90.87
N THR O 181 43.98 32.69 89.80
CA THR O 181 45.32 32.43 89.26
C THR O 181 46.36 33.07 90.18
N TYR O 182 47.09 32.24 90.92
CA TYR O 182 48.15 32.70 91.79
C TYR O 182 49.26 31.65 91.81
N ASP O 183 50.42 32.06 92.32
CA ASP O 183 51.59 31.20 92.38
C ASP O 183 51.54 30.41 93.70
N SER O 184 52.64 29.71 94.01
CA SER O 184 52.76 28.89 95.21
C SER O 184 51.64 27.85 95.30
N VAL O 185 51.34 27.22 94.16
CA VAL O 185 50.30 26.19 94.10
C VAL O 185 50.96 24.83 94.32
N THR O 186 50.31 24.00 95.13
CA THR O 186 50.80 22.67 95.47
C THR O 186 49.79 21.64 94.95
N ILE O 187 50.05 21.10 93.77
CA ILE O 187 49.20 20.09 93.15
C ILE O 187 49.91 18.75 93.22
N SER O 188 49.22 17.74 93.73
CA SER O 188 49.80 16.41 93.88
C SER O 188 48.68 15.39 93.99
N TRP O 189 49.03 14.13 93.79
CA TRP O 189 48.11 13.01 93.91
C TRP O 189 48.45 12.17 95.12
N THR O 190 47.41 11.61 95.74
CA THR O 190 47.56 10.78 96.93
C THR O 190 46.74 9.51 96.77
N ARG O 191 47.16 8.45 97.46
CA ARG O 191 46.48 7.16 97.43
C ARG O 191 45.90 6.85 98.81
N GLN O 192 44.76 6.17 98.81
CA GLN O 192 44.11 5.80 100.07
C GLN O 192 44.98 4.83 100.87
N ASN O 193 45.71 3.94 100.20
CA ASN O 193 46.57 3.00 100.90
C ASN O 193 47.70 3.72 101.63
N GLY O 194 48.26 4.76 101.00
CA GLY O 194 49.32 5.53 101.63
C GLY O 194 50.70 5.17 101.15
N GLU O 195 50.84 4.86 99.86
CA GLU O 195 52.12 4.52 99.27
C GLU O 195 52.69 5.72 98.51
N ALA O 196 53.84 5.51 97.90
CA ALA O 196 54.49 6.58 97.13
C ALA O 196 53.72 6.84 95.84
N VAL O 197 53.52 8.12 95.53
CA VAL O 197 52.78 8.54 94.36
C VAL O 197 53.70 9.38 93.48
N LYS O 198 53.77 9.03 92.19
CA LYS O 198 54.58 9.79 91.25
C LYS O 198 53.90 11.11 90.91
N THR O 199 54.71 12.10 90.59
CA THR O 199 54.20 13.42 90.28
C THR O 199 53.54 13.43 88.89
N HIS O 200 53.06 14.59 88.47
CA HIS O 200 52.38 14.76 87.19
C HIS O 200 53.01 15.91 86.43
N THR O 201 53.27 15.69 85.15
CA THR O 201 53.87 16.69 84.27
C THR O 201 52.76 17.39 83.48
N ASN O 202 53.16 18.20 82.49
CA ASN O 202 52.25 18.94 81.63
C ASN O 202 51.35 19.87 82.44
N ILE O 203 51.98 20.85 83.10
CA ILE O 203 51.25 21.83 83.88
C ILE O 203 50.53 22.79 82.93
N SER O 204 49.26 23.06 83.24
CA SER O 204 48.44 23.92 82.39
C SER O 204 48.87 25.38 82.55
N GLU O 205 48.22 26.25 81.81
CA GLU O 205 48.51 27.69 81.81
C GLU O 205 47.33 28.46 82.39
N SER O 206 47.50 29.77 82.47
CA SER O 206 46.47 30.64 83.01
C SER O 206 45.37 30.88 82.00
N HIS O 207 44.19 31.27 82.51
CA HIS O 207 43.02 31.56 81.69
C HIS O 207 42.90 33.07 81.49
N PRO O 208 42.71 33.55 80.26
CA PRO O 208 42.59 34.99 80.05
C PRO O 208 41.38 35.61 80.73
N ASN O 209 40.40 34.81 81.15
CA ASN O 209 39.20 35.31 81.80
C ASN O 209 39.32 35.37 83.32
N ALA O 210 40.54 35.58 83.84
CA ALA O 210 40.79 35.68 85.28
C ALA O 210 40.34 34.42 86.01
N THR O 211 40.69 33.26 85.45
CA THR O 211 40.35 31.98 86.04
C THR O 211 41.62 31.14 86.15
N PHE O 212 41.60 30.17 87.07
CA PHE O 212 42.71 29.27 87.28
C PHE O 212 42.41 27.91 86.66
N SER O 213 43.41 27.32 86.02
CA SER O 213 43.25 26.04 85.34
C SER O 213 44.52 25.23 85.50
N ALA O 214 44.40 24.02 86.01
CA ALA O 214 45.53 23.11 86.19
C ALA O 214 45.14 21.72 85.71
N VAL O 215 46.15 20.96 85.27
CA VAL O 215 45.94 19.61 84.77
C VAL O 215 47.17 18.78 85.07
N GLY O 216 46.96 17.48 85.28
CA GLY O 216 48.06 16.57 85.58
C GLY O 216 47.62 15.12 85.58
N GLU O 217 48.49 14.24 85.07
CA GLU O 217 48.19 12.82 84.96
C GLU O 217 49.31 12.01 85.59
N ALA O 218 48.94 10.92 86.26
CA ALA O 218 49.89 10.04 86.92
C ALA O 218 49.76 8.64 86.34
N SER O 219 50.89 8.00 86.06
CA SER O 219 50.91 6.67 85.46
C SER O 219 50.78 5.62 86.56
N ILE O 220 49.78 4.75 86.43
CA ILE O 220 49.55 3.65 87.35
C ILE O 220 49.29 2.39 86.55
N CYS O 221 49.05 1.28 87.26
CA CYS O 221 48.74 0.01 86.62
C CYS O 221 47.24 -0.12 86.39
N GLU O 222 46.89 -0.98 85.44
CA GLU O 222 45.48 -1.14 85.06
C GLU O 222 44.70 -1.92 86.11
N ASP O 223 45.37 -2.83 86.84
CA ASP O 223 44.66 -3.66 87.81
C ASP O 223 44.27 -2.89 89.07
N ASP O 224 44.99 -1.81 89.39
CA ASP O 224 44.70 -1.05 90.60
C ASP O 224 43.31 -0.42 90.54
N TRP O 225 42.95 0.14 89.38
CA TRP O 225 41.63 0.75 89.24
C TRP O 225 40.51 -0.27 89.37
N ASN O 226 40.70 -1.46 88.79
CA ASN O 226 39.67 -2.50 88.84
C ASN O 226 39.68 -3.25 90.16
N SER O 227 40.75 -3.14 90.95
CA SER O 227 40.80 -3.82 92.24
C SER O 227 39.80 -3.20 93.23
N GLY O 228 39.72 -1.88 93.26
CA GLY O 228 38.82 -1.20 94.17
C GLY O 228 39.49 -0.10 94.95
N GLU O 229 40.79 0.07 94.77
CA GLU O 229 41.54 1.10 95.47
C GLU O 229 41.15 2.48 94.96
N ARG O 230 40.91 3.40 95.90
CA ARG O 230 40.53 4.76 95.55
C ARG O 230 41.75 5.66 95.43
N PHE O 231 41.59 6.72 94.65
CA PHE O 231 42.65 7.71 94.44
C PHE O 231 42.10 9.09 94.75
N THR O 232 42.84 9.85 95.55
CA THR O 232 42.41 11.17 96.00
C THR O 232 43.35 12.23 95.44
N CYS O 233 42.79 13.24 94.80
CA CYS O 233 43.53 14.38 94.27
C CYS O 233 43.22 15.59 95.14
N THR O 234 44.19 16.01 95.94
CA THR O 234 44.02 17.12 96.87
C THR O 234 44.87 18.30 96.42
N VAL O 235 44.24 19.47 96.28
CA VAL O 235 44.91 20.68 95.84
C VAL O 235 44.68 21.76 96.88
N THR O 236 45.76 22.40 97.33
CA THR O 236 45.69 23.47 98.32
C THR O 236 46.09 24.79 97.67
N HIS O 237 45.33 25.84 97.97
CA HIS O 237 45.56 27.16 97.40
C HIS O 237 45.73 28.17 98.53
N THR O 238 46.44 29.27 98.21
CA THR O 238 46.68 30.31 99.20
C THR O 238 45.37 30.96 99.65
N ASP O 239 44.46 31.20 98.71
CA ASP O 239 43.19 31.85 99.06
C ASP O 239 42.36 30.97 99.98
N LEU O 240 42.33 29.66 99.72
CA LEU O 240 41.55 28.72 100.52
C LEU O 240 42.49 27.74 101.20
N PRO O 241 42.87 27.98 102.46
CA PRO O 241 43.79 27.05 103.14
C PRO O 241 43.20 25.66 103.36
N SER O 242 41.89 25.51 103.32
CA SER O 242 41.27 24.21 103.56
C SER O 242 41.50 23.29 102.36
N PRO O 243 42.12 22.13 102.54
CA PRO O 243 42.31 21.21 101.41
C PRO O 243 40.99 20.70 100.85
N LEU O 244 40.99 20.44 99.55
CA LEU O 244 39.81 19.92 98.86
C LEU O 244 40.10 18.49 98.43
N LYS O 245 39.44 17.53 99.06
CA LYS O 245 39.64 16.12 98.77
C LYS O 245 38.68 15.69 97.66
N GLN O 246 39.23 15.15 96.58
CA GLN O 246 38.45 14.67 95.44
C GLN O 246 38.70 13.17 95.30
N THR O 247 37.72 12.36 95.72
CA THR O 247 37.81 10.91 95.67
C THR O 247 37.04 10.42 94.44
N ILE O 248 37.74 9.74 93.53
CA ILE O 248 37.15 9.21 92.31
C ILE O 248 37.35 7.70 92.29
N SER O 249 36.26 6.96 92.08
CA SER O 249 36.34 5.51 92.00
C SER O 249 35.23 5.00 91.08
N ARG O 250 35.42 3.80 90.56
CA ARG O 250 34.44 3.22 89.67
C ARG O 250 33.21 2.75 90.46
N PRO O 251 32.03 2.75 89.83
CA PRO O 251 30.82 2.35 90.55
C PRO O 251 30.73 0.86 90.78
N LYS O 252 31.38 0.38 91.84
CA LYS O 252 31.31 -1.03 92.22
C LYS O 252 29.88 -1.44 92.55
N GLY O 253 29.29 -2.31 91.73
CA GLY O 253 27.93 -2.76 91.94
C GLY O 253 26.88 -1.73 91.57
N LEU O 256 24.71 -5.69 83.80
CA LEU O 256 25.91 -6.26 83.19
C LEU O 256 25.55 -7.32 82.15
N HIS O 257 25.60 -6.93 80.88
CA HIS O 257 25.27 -7.81 79.78
C HIS O 257 26.34 -7.70 78.71
N ARG O 258 26.21 -8.50 77.65
CA ARG O 258 27.19 -8.47 76.58
C ARG O 258 26.65 -7.73 75.36
N PRO O 259 27.51 -7.02 74.64
CA PRO O 259 27.04 -6.29 73.45
C PRO O 259 26.65 -7.23 72.32
N ASP O 260 25.75 -6.74 71.47
CA ASP O 260 25.28 -7.45 70.28
C ASP O 260 25.60 -6.58 69.08
N VAL O 261 26.79 -6.75 68.52
CA VAL O 261 27.24 -5.92 67.41
C VAL O 261 26.55 -6.36 66.13
N TYR O 262 25.85 -5.43 65.49
CA TYR O 262 25.16 -5.68 64.23
C TYR O 262 25.69 -4.71 63.19
N LEU O 263 26.01 -5.22 62.00
CA LEU O 263 26.55 -4.42 60.91
C LEU O 263 25.54 -4.40 59.77
N LEU O 264 25.15 -3.20 59.35
CA LEU O 264 24.14 -3.03 58.31
C LEU O 264 24.79 -2.60 57.01
N PRO O 265 24.54 -3.31 55.91
CA PRO O 265 25.11 -2.89 54.62
C PRO O 265 24.47 -1.60 54.14
N PRO O 266 25.18 -0.83 53.32
CA PRO O 266 24.60 0.44 52.82
C PRO O 266 23.38 0.19 51.94
N ALA O 267 22.46 1.14 51.96
CA ALA O 267 21.23 1.01 51.20
C ALA O 267 21.49 1.18 49.71
N ARG O 268 20.57 0.66 48.90
CA ARG O 268 20.71 0.75 47.45
C ARG O 268 20.48 2.16 46.94
N GLU O 269 19.67 2.95 47.65
CA GLU O 269 19.41 4.33 47.21
C GLU O 269 20.68 5.17 47.22
N GLN O 270 21.51 5.01 48.25
CA GLN O 270 22.77 5.74 48.30
C GLN O 270 23.70 5.33 47.17
N LEU O 271 23.73 4.03 46.84
CA LEU O 271 24.61 3.56 45.76
C LEU O 271 24.13 4.03 44.39
N ASN O 272 22.83 4.26 44.23
CA ASN O 272 22.31 4.72 42.95
C ASN O 272 22.69 6.16 42.64
N LEU O 273 23.04 6.95 43.66
CA LEU O 273 23.45 8.34 43.44
C LEU O 273 24.86 8.45 42.87
N ARG O 274 25.65 7.38 42.96
CA ARG O 274 27.03 7.37 42.46
C ARG O 274 27.86 8.48 43.06
N GLU O 275 27.66 8.75 44.35
CA GLU O 275 28.39 9.79 45.07
C GLU O 275 29.26 9.23 46.19
N SER O 276 28.67 8.43 47.08
CA SER O 276 29.41 7.87 48.20
C SER O 276 28.63 6.67 48.74
N ALA O 277 29.06 6.15 49.88
CA ALA O 277 28.38 5.03 50.53
C ALA O 277 28.54 5.18 52.03
N THR O 278 27.41 5.16 52.75
CA THR O 278 27.40 5.35 54.20
C THR O 278 27.23 3.99 54.86
N ILE O 279 28.32 3.46 55.40
CA ILE O 279 28.30 2.20 56.14
C ILE O 279 28.15 2.51 57.62
N THR O 280 27.14 1.91 58.25
CA THR O 280 26.84 2.15 59.65
C THR O 280 27.01 0.87 60.44
N CYS O 281 27.41 1.02 61.71
CA CYS O 281 27.60 -0.09 62.63
C CYS O 281 26.69 0.11 63.84
N LEU O 282 25.91 -0.90 64.17
CA LEU O 282 24.93 -0.84 65.24
C LEU O 282 25.38 -1.72 66.40
N VAL O 283 25.55 -1.12 67.57
CA VAL O 283 25.94 -1.84 68.79
C VAL O 283 24.83 -1.60 69.80
N THR O 284 24.03 -2.63 70.07
CA THR O 284 22.91 -2.54 71.00
C THR O 284 23.00 -3.67 72.01
N GLY O 285 22.40 -3.43 73.18
CA GLY O 285 22.34 -4.44 74.23
C GLY O 285 23.55 -4.52 75.11
N PHE O 286 24.39 -3.49 75.16
CA PHE O 286 25.58 -3.48 75.99
C PHE O 286 25.34 -2.70 77.27
N SER O 287 26.15 -3.00 78.28
CA SER O 287 26.08 -2.33 79.57
C SER O 287 27.39 -2.50 80.32
N PRO O 288 27.94 -1.41 80.89
CA PRO O 288 27.41 -0.05 80.91
C PRO O 288 27.75 0.74 79.65
N ALA O 289 27.66 2.07 79.72
CA ALA O 289 27.90 2.94 78.57
C ALA O 289 29.40 3.16 78.39
N ASP O 290 29.75 4.15 77.57
CA ASP O 290 31.14 4.54 77.31
C ASP O 290 31.93 3.40 76.67
N VAL O 291 31.47 3.00 75.49
CA VAL O 291 32.15 1.99 74.68
C VAL O 291 32.90 2.69 73.55
N PHE O 292 33.87 1.99 72.99
CA PHE O 292 34.72 2.52 71.93
C PHE O 292 34.46 1.78 70.62
N VAL O 293 34.43 2.52 69.53
CA VAL O 293 34.19 1.98 68.19
C VAL O 293 35.33 2.41 67.27
N GLN O 294 35.90 1.46 66.54
CA GLN O 294 36.98 1.75 65.61
C GLN O 294 36.76 0.93 64.33
N TRP O 295 37.39 1.41 63.25
CA TRP O 295 37.30 0.77 61.94
C TRP O 295 38.70 0.44 61.47
N MET O 296 39.09 -0.83 61.55
CA MET O 296 40.40 -1.27 61.11
C MET O 296 40.41 -1.51 59.61
N GLN O 297 41.50 -1.11 58.96
CA GLN O 297 41.67 -1.28 57.52
C GLN O 297 42.99 -1.99 57.26
N ARG O 298 42.90 -3.24 56.80
CA ARG O 298 44.05 -4.09 56.49
C ARG O 298 44.93 -4.36 57.70
N GLY O 299 44.46 -4.05 58.91
CA GLY O 299 45.22 -4.22 60.13
C GLY O 299 45.54 -2.91 60.83
N GLN O 300 45.81 -1.86 60.06
CA GLN O 300 46.09 -0.54 60.63
C GLN O 300 44.82 0.29 60.70
N PRO O 301 44.47 0.82 61.87
CA PRO O 301 43.25 1.64 61.96
C PRO O 301 43.37 2.92 61.15
N LEU O 302 42.24 3.38 60.64
CA LEU O 302 42.20 4.59 59.83
C LEU O 302 42.31 5.82 60.71
N SER O 303 42.34 6.99 60.08
CA SER O 303 42.43 8.24 60.81
C SER O 303 41.15 8.50 61.61
N PRO O 304 41.26 9.16 62.76
CA PRO O 304 40.07 9.46 63.57
C PRO O 304 39.11 10.44 62.92
N GLU O 305 39.48 11.08 61.82
CA GLU O 305 38.63 12.04 61.14
C GLU O 305 37.72 11.41 60.09
N LYS O 306 37.86 10.11 59.84
CA LYS O 306 37.00 9.44 58.87
C LYS O 306 35.70 8.98 59.51
N TYR O 307 35.81 8.14 60.54
CA TYR O 307 34.63 7.67 61.26
C TYR O 307 34.38 8.53 62.50
N VAL O 308 33.10 8.59 62.88
CA VAL O 308 32.67 9.37 64.04
C VAL O 308 31.78 8.48 64.90
N THR O 309 32.07 8.45 66.20
CA THR O 309 31.29 7.67 67.16
C THR O 309 30.31 8.59 67.88
N SER O 310 29.05 8.16 67.96
CA SER O 310 28.01 8.97 68.59
C SER O 310 28.11 8.84 70.11
N ALA O 311 27.12 9.38 70.82
CA ALA O 311 27.13 9.35 72.27
C ALA O 311 26.24 8.24 72.80
N PRO O 312 26.61 7.61 73.92
CA PRO O 312 25.77 6.57 74.49
C PRO O 312 24.43 7.10 74.97
N MET O 313 23.42 6.24 74.93
CA MET O 313 22.07 6.61 75.33
C MET O 313 21.33 5.35 75.73
N PRO O 314 20.57 5.36 76.83
CA PRO O 314 19.84 4.14 77.23
C PRO O 314 18.79 3.75 76.20
N GLU O 315 18.59 2.44 76.07
CA GLU O 315 17.61 1.93 75.11
C GLU O 315 16.20 2.26 75.57
N PRO O 316 15.35 2.79 74.68
CA PRO O 316 13.97 3.09 75.09
C PRO O 316 13.18 1.88 75.55
N GLN O 317 13.44 0.70 74.97
CA GLN O 317 12.70 -0.50 75.34
C GLN O 317 13.21 -1.08 76.66
N ALA O 318 14.48 -1.45 76.69
CA ALA O 318 15.08 -2.02 77.90
C ALA O 318 15.75 -0.92 78.71
N PRO O 319 15.28 -0.62 79.92
CA PRO O 319 15.95 0.42 80.72
C PRO O 319 17.39 0.10 81.07
N GLY O 320 17.73 -1.17 81.26
CA GLY O 320 19.07 -1.55 81.64
C GLY O 320 19.98 -1.87 80.48
N ARG O 321 19.77 -1.23 79.34
CA ARG O 321 20.59 -1.42 78.16
C ARG O 321 20.94 -0.06 77.56
N TYR O 322 21.78 -0.08 76.53
CA TYR O 322 22.22 1.14 75.84
C TYR O 322 22.34 0.84 74.35
N PHE O 323 22.61 1.88 73.57
CA PHE O 323 22.82 1.73 72.14
C PHE O 323 23.73 2.86 71.66
N ALA O 324 24.55 2.54 70.67
CA ALA O 324 25.48 3.50 70.08
C ALA O 324 25.38 3.43 68.56
N HIS O 325 26.03 4.38 67.90
CA HIS O 325 26.00 4.45 66.45
C HIS O 325 27.34 4.95 65.93
N SER O 326 27.65 4.56 64.71
CA SER O 326 28.88 4.99 64.05
C SER O 326 28.67 4.89 62.54
N ILE O 327 29.35 5.77 61.80
CA ILE O 327 29.23 5.81 60.35
C ILE O 327 30.63 5.85 59.74
N LEU O 328 30.72 5.39 58.49
CA LEU O 328 31.96 5.40 57.74
C LEU O 328 31.69 5.96 56.35
N THR O 329 32.53 6.90 55.93
CA THR O 329 32.39 7.54 54.62
C THR O 329 33.34 6.88 53.64
N VAL O 330 32.78 6.08 52.73
CA VAL O 330 33.55 5.39 51.70
C VAL O 330 32.83 5.57 50.37
N SER O 331 33.60 5.51 49.29
CA SER O 331 33.03 5.64 47.95
C SER O 331 32.37 4.33 47.52
N GLU O 332 31.47 4.44 46.54
CA GLU O 332 30.78 3.27 46.02
C GLU O 332 31.75 2.31 45.33
N GLU O 333 32.71 2.85 44.57
CA GLU O 333 33.64 2.01 43.83
C GLU O 333 34.51 1.19 44.78
N GLU O 334 35.00 1.80 45.86
CA GLU O 334 35.87 1.09 46.79
C GLU O 334 35.13 0.09 47.67
N TRP O 335 33.80 0.10 47.65
CA TRP O 335 33.05 -0.84 48.49
C TRP O 335 33.08 -2.25 47.94
N ASN O 336 33.17 -2.40 46.61
CA ASN O 336 33.22 -3.71 45.98
C ASN O 336 34.57 -4.00 45.33
N THR O 337 35.61 -3.27 45.73
CA THR O 337 36.93 -3.39 45.12
C THR O 337 38.00 -3.68 46.17
N GLY O 338 37.73 -4.63 47.06
CA GLY O 338 38.74 -5.03 48.03
C GLY O 338 38.25 -5.19 49.45
N GLU O 339 38.81 -4.40 50.36
CA GLU O 339 38.58 -4.58 51.78
C GLU O 339 37.10 -4.41 52.13
N THR O 340 36.66 -5.14 53.16
CA THR O 340 35.27 -5.16 53.58
C THR O 340 34.92 -4.04 54.55
N TYR O 341 35.91 -3.39 55.16
CA TYR O 341 35.69 -2.34 56.14
C TYR O 341 34.88 -2.85 57.33
N THR O 342 35.46 -3.81 58.04
CA THR O 342 34.79 -4.43 59.18
C THR O 342 34.68 -3.44 60.35
N CYS O 343 33.70 -3.70 61.22
CA CYS O 343 33.44 -2.89 62.40
C CYS O 343 33.90 -3.66 63.63
N VAL O 344 34.89 -3.12 64.34
CA VAL O 344 35.44 -3.73 65.55
C VAL O 344 35.24 -2.77 66.70
N VAL O 345 34.65 -3.26 67.79
CA VAL O 345 34.42 -2.44 68.98
C VAL O 345 35.07 -3.13 70.18
N ALA O 346 35.00 -2.50 71.35
CA ALA O 346 35.57 -3.04 72.57
C ALA O 346 34.59 -2.84 73.72
N HIS O 347 34.48 -3.87 74.56
CA HIS O 347 33.59 -3.83 75.72
C HIS O 347 34.32 -4.41 76.93
N GLU O 348 33.90 -4.00 78.11
CA GLU O 348 34.54 -4.40 79.36
C GLU O 348 33.79 -5.54 80.06
N ALA O 349 33.01 -6.33 79.32
CA ALA O 349 32.31 -7.46 79.91
C ALA O 349 32.47 -8.76 79.12
N LEU O 350 32.96 -8.71 77.89
CA LEU O 350 33.15 -9.92 77.12
C LEU O 350 34.32 -10.73 77.67
N PRO O 351 34.31 -12.05 77.47
CA PRO O 351 35.46 -12.86 77.90
C PRO O 351 36.76 -12.45 77.22
N ASN O 352 36.70 -11.94 75.99
CA ASN O 352 37.87 -11.45 75.28
C ASN O 352 37.91 -9.94 75.15
N ARG O 353 36.84 -9.25 75.53
CA ARG O 353 36.78 -7.78 75.56
C ARG O 353 36.89 -7.16 74.18
N VAL O 354 36.97 -7.98 73.14
CA VAL O 354 37.07 -7.50 71.76
C VAL O 354 36.14 -8.34 70.89
N THR O 355 35.31 -7.67 70.09
CA THR O 355 34.43 -8.33 69.15
C THR O 355 34.36 -7.51 67.87
N GLU O 356 34.07 -8.19 66.76
CA GLU O 356 34.02 -7.52 65.47
C GLU O 356 33.10 -8.30 64.53
N ARG O 357 32.46 -7.57 63.63
CA ARG O 357 31.61 -8.13 62.59
C ARG O 357 32.00 -7.53 61.25
N THR O 358 31.71 -8.29 60.19
CA THR O 358 32.06 -7.85 58.84
C THR O 358 30.94 -8.20 57.88
N VAL O 359 30.84 -7.41 56.80
CA VAL O 359 29.90 -7.64 55.72
C VAL O 359 30.64 -7.55 54.40
N ASP O 360 29.94 -7.82 53.31
CA ASP O 360 30.53 -7.80 51.98
C ASP O 360 29.40 -7.72 50.96
N LYS O 361 29.78 -7.76 49.67
CA LYS O 361 28.78 -7.71 48.60
C LYS O 361 27.90 -8.95 48.62
N SER O 362 28.49 -10.11 48.90
CA SER O 362 27.77 -11.38 48.91
C SER O 362 27.79 -12.01 50.30
N THR O 363 27.57 -11.19 51.33
CA THR O 363 27.55 -11.67 52.71
C THR O 363 26.16 -12.11 53.16
N GLY O 364 25.15 -11.99 52.30
CA GLY O 364 23.81 -12.39 52.64
C GLY O 364 23.41 -13.72 52.06
N LYS O 365 22.67 -13.69 50.96
CA LYS O 365 22.22 -14.90 50.29
C LYS O 365 22.83 -14.98 48.89
N PRO O 366 23.06 -16.20 48.39
CA PRO O 366 23.63 -16.31 47.02
C PRO O 366 22.75 -15.71 45.95
N THR O 367 21.43 -15.67 46.16
CA THR O 367 20.47 -15.14 45.20
C THR O 367 20.59 -15.86 43.86
N LEU O 368 20.37 -17.17 43.90
CA LEU O 368 20.45 -17.99 42.70
C LEU O 368 19.33 -17.63 41.72
N TYR O 369 19.67 -17.66 40.43
CA TYR O 369 18.72 -17.32 39.39
C TYR O 369 17.85 -18.52 39.03
N ASN O 370 16.72 -18.24 38.38
CA ASN O 370 15.76 -19.25 37.96
C ASN O 370 15.30 -18.95 36.54
N VAL O 371 16.24 -18.55 35.67
CA VAL O 371 15.89 -17.97 34.39
C VAL O 371 15.14 -18.99 33.52
N SER O 372 14.17 -18.49 32.77
CA SER O 372 13.31 -19.31 31.91
C SER O 372 13.22 -18.66 30.52
N LEU O 373 14.37 -18.27 29.99
CA LEU O 373 14.44 -17.60 28.69
C LEU O 373 13.81 -18.49 27.61
N VAL O 374 12.81 -17.95 26.93
CA VAL O 374 12.06 -18.67 25.90
C VAL O 374 12.37 -18.06 24.55
N MET O 375 12.71 -18.92 23.58
CA MET O 375 12.96 -18.49 22.21
C MET O 375 11.98 -19.10 21.23
N SER O 376 10.97 -19.83 21.70
CA SER O 376 9.98 -20.43 20.82
C SER O 376 8.97 -19.38 20.36
N ASP O 377 8.68 -19.38 19.07
CA ASP O 377 7.74 -18.43 18.49
C ASP O 377 6.30 -18.91 18.50
N THR O 378 6.04 -20.10 19.04
CA THR O 378 4.70 -20.67 19.08
C THR O 378 3.97 -20.41 20.40
N ALA O 379 4.69 -20.40 21.50
CA ALA O 379 4.06 -20.17 22.80
C ALA O 379 3.58 -18.72 22.91
N GLY O 380 2.34 -18.55 23.38
CA GLY O 380 1.76 -17.24 23.53
C GLY O 380 1.94 -16.67 24.92
N THR O 381 1.39 -15.47 25.12
CA THR O 381 1.45 -14.78 26.39
C THR O 381 0.17 -15.00 27.18
N CYS O 382 0.10 -14.38 28.36
CA CYS O 382 -1.07 -14.48 29.23
C CYS O 382 -1.28 -13.13 29.89
N TYR O 383 -2.49 -12.59 29.79
CA TYR O 383 -2.83 -11.31 30.38
C TYR O 383 -2.95 -11.44 31.90
N ILE P 152 21.93 32.44 90.66
CA ILE P 152 21.35 33.40 89.73
C ILE P 152 21.84 33.10 88.32
N ARG P 153 20.90 32.80 87.42
CA ARG P 153 21.23 32.50 86.04
C ARG P 153 20.08 32.97 85.15
N VAL P 154 20.44 33.62 84.03
CA VAL P 154 19.45 34.13 83.07
C VAL P 154 19.77 33.46 81.74
N PHE P 155 19.08 32.36 81.46
CA PHE P 155 19.24 31.62 80.21
C PHE P 155 17.92 31.58 79.47
N ALA P 156 17.96 31.83 78.17
CA ALA P 156 16.79 31.81 77.30
C ALA P 156 16.93 30.68 76.29
N ILE P 157 15.88 29.87 76.16
CA ILE P 157 15.90 28.72 75.26
C ILE P 157 15.26 29.16 73.94
N PRO P 158 16.01 29.15 72.84
CA PRO P 158 15.43 29.52 71.55
C PRO P 158 14.46 28.46 71.07
N PRO P 159 13.51 28.82 70.21
CA PRO P 159 12.55 27.83 69.69
C PRO P 159 13.24 26.86 68.74
N SER P 160 12.53 25.77 68.45
CA SER P 160 13.06 24.70 67.60
C SER P 160 12.02 24.34 66.55
N PHE P 161 12.52 23.79 65.43
CA PHE P 161 11.64 23.37 64.34
C PHE P 161 10.80 22.16 64.71
N ALA P 162 11.21 21.39 65.72
CA ALA P 162 10.47 20.20 66.11
C ALA P 162 9.08 20.52 66.64
N SER P 163 8.84 21.76 67.07
CA SER P 163 7.53 22.16 67.55
C SER P 163 6.72 22.92 66.50
N ILE P 164 7.38 23.60 65.57
CA ILE P 164 6.66 24.33 64.53
C ILE P 164 5.90 23.38 63.63
N PHE P 165 6.54 22.29 63.21
CA PHE P 165 5.87 21.31 62.36
C PHE P 165 4.79 20.55 63.12
N LEU P 166 5.06 20.22 64.38
CA LEU P 166 4.12 19.40 65.15
C LEU P 166 2.91 20.21 65.60
N THR P 167 3.12 21.45 66.04
CA THR P 167 2.05 22.24 66.65
C THR P 167 1.87 23.63 66.07
N LYS P 168 2.88 24.20 65.40
CA LYS P 168 2.83 25.56 64.87
C LYS P 168 2.53 26.56 66.00
N SER P 169 3.19 26.37 67.14
CA SER P 169 3.03 27.21 68.32
C SER P 169 4.39 27.62 68.87
N THR P 170 5.26 28.11 67.98
CA THR P 170 6.59 28.54 68.38
C THR P 170 6.49 29.66 69.42
N LYS P 171 7.34 29.56 70.45
CA LYS P 171 7.32 30.50 71.55
C LYS P 171 8.73 30.66 72.11
N LEU P 172 9.10 31.91 72.41
CA LEU P 172 10.39 32.21 73.01
C LEU P 172 10.22 32.37 74.51
N THR P 173 11.03 31.63 75.28
CA THR P 173 10.93 31.63 76.73
C THR P 173 12.31 31.86 77.33
N CYS P 174 12.36 32.71 78.37
CA CYS P 174 13.58 32.97 79.12
C CYS P 174 13.37 32.50 80.55
N LEU P 175 14.25 31.62 81.02
CA LEU P 175 14.14 31.03 82.35
C LEU P 175 15.11 31.73 83.30
N VAL P 176 14.59 32.28 84.37
CA VAL P 176 15.38 32.94 85.41
C VAL P 176 15.23 32.11 86.68
N THR P 177 16.22 31.29 86.98
CA THR P 177 16.21 30.40 88.13
C THR P 177 17.38 30.71 89.05
N ASP P 178 17.35 30.12 90.23
CA ASP P 178 18.38 30.28 91.27
C ASP P 178 18.48 31.72 91.78
N LEU P 179 17.41 32.50 91.61
CA LEU P 179 17.38 33.86 92.14
C LEU P 179 16.87 33.85 93.58
N THR P 180 16.80 35.04 94.17
CA THR P 180 16.29 35.16 95.53
C THR P 180 14.77 34.95 95.56
N THR P 181 14.29 34.36 96.65
CA THR P 181 12.87 34.04 96.79
C THR P 181 12.13 35.32 97.14
N TYR P 182 11.69 36.04 96.11
CA TYR P 182 10.92 37.26 96.28
C TYR P 182 9.86 37.34 95.20
N ASP P 183 8.81 38.10 95.48
CA ASP P 183 7.69 38.27 94.57
C ASP P 183 7.95 39.48 93.67
N SER P 184 6.91 39.94 92.96
CA SER P 184 6.99 41.08 92.05
C SER P 184 8.05 40.85 90.97
N VAL P 185 7.99 39.68 90.35
CA VAL P 185 8.88 39.31 89.25
C VAL P 185 8.02 39.24 88.00
N THR P 186 8.09 40.28 87.18
CA THR P 186 7.28 40.37 85.95
C THR P 186 8.15 40.08 84.74
N ILE P 187 7.70 39.16 83.89
CA ILE P 187 8.41 38.82 82.66
C ILE P 187 8.02 39.83 81.58
N SER P 188 9.01 40.34 80.87
CA SER P 188 8.76 41.34 79.83
C SER P 188 9.70 41.09 78.65
N TRP P 189 9.13 41.10 77.46
CA TRP P 189 9.89 40.95 76.22
C TRP P 189 9.86 42.25 75.45
N THR P 190 11.04 42.77 75.11
CA THR P 190 11.18 44.02 74.37
C THR P 190 11.74 43.70 72.99
N ARG P 191 11.04 44.12 71.95
CA ARG P 191 11.47 43.89 70.58
C ARG P 191 12.31 45.07 70.09
N GLN P 192 12.84 44.96 68.87
CA GLN P 192 13.60 46.05 68.28
C GLN P 192 12.71 47.20 67.83
N ASN P 193 11.50 46.89 67.35
CA ASN P 193 10.58 47.94 66.92
C ASN P 193 9.79 48.51 68.09
N GLY P 194 9.41 47.67 69.04
CA GLY P 194 8.70 48.14 70.22
C GLY P 194 7.29 47.60 70.36
N GLU P 195 7.03 46.40 69.83
CA GLU P 195 5.73 45.77 69.96
C GLU P 195 5.69 44.89 71.21
N ALA P 196 4.57 44.94 71.91
CA ALA P 196 4.40 44.18 73.15
C ALA P 196 4.10 42.71 72.81
N VAL P 197 3.87 41.92 73.87
CA VAL P 197 3.59 40.50 73.72
C VAL P 197 2.23 40.18 74.34
N LYS P 198 1.84 38.91 74.30
CA LYS P 198 0.55 38.48 74.83
C LYS P 198 0.62 38.39 76.36
N THR P 199 -0.45 37.88 76.97
CA THR P 199 -0.52 37.78 78.42
C THR P 199 0.17 36.50 78.86
N HIS P 200 1.26 36.65 79.61
CA HIS P 200 2.02 35.51 80.12
C HIS P 200 1.43 35.05 81.45
N THR P 201 1.14 33.75 81.54
CA THR P 201 0.56 33.16 82.74
C THR P 201 1.23 31.82 82.99
N ASN P 202 0.64 31.03 83.89
CA ASN P 202 1.12 29.69 84.24
C ASN P 202 2.57 29.74 84.74
N ILE P 203 2.75 30.46 85.85
CA ILE P 203 4.08 30.57 86.45
C ILE P 203 4.45 29.25 87.13
N SER P 204 5.74 29.12 87.44
CA SER P 204 6.27 27.93 88.07
C SER P 204 6.45 28.15 89.57
N GLU P 205 6.45 27.04 90.31
CA GLU P 205 6.60 27.08 91.75
C GLU P 205 8.07 27.23 92.13
N SER P 206 8.32 27.42 93.43
CA SER P 206 9.69 27.58 93.91
C SER P 206 10.41 26.23 93.91
N HIS P 207 11.72 26.29 93.66
CA HIS P 207 12.53 25.10 93.67
C HIS P 207 12.71 24.57 95.08
N PRO P 208 12.98 23.28 95.24
CA PRO P 208 13.23 22.73 96.59
C PRO P 208 14.44 23.32 97.27
N ASN P 209 15.36 23.93 96.52
CA ASN P 209 16.58 24.52 97.08
C ASN P 209 16.37 25.97 97.52
N ALA P 210 15.14 26.35 97.84
CA ALA P 210 14.81 27.69 98.34
C ALA P 210 15.21 28.79 97.35
N THR P 211 14.81 28.60 96.10
CA THR P 211 15.01 29.58 95.04
C THR P 211 13.72 29.76 94.26
N PHE P 212 13.50 30.98 93.78
CA PHE P 212 12.30 31.32 93.04
C PHE P 212 12.52 31.11 91.54
N SER P 213 11.50 30.59 90.87
CA SER P 213 11.56 30.33 89.44
C SER P 213 10.44 31.10 88.74
N ALA P 214 10.77 31.72 87.61
CA ALA P 214 9.80 32.48 86.83
C ALA P 214 9.86 32.03 85.38
N VAL P 215 8.70 32.04 84.72
CA VAL P 215 8.57 31.63 83.33
C VAL P 215 7.60 32.57 82.63
N GLY P 216 7.90 32.90 81.37
CA GLY P 216 7.06 33.77 80.60
C GLY P 216 6.71 33.15 79.25
N GLU P 217 5.73 33.74 78.60
CA GLU P 217 5.24 33.27 77.31
C GLU P 217 5.21 34.41 76.31
N ALA P 218 5.50 34.08 75.05
CA ALA P 218 5.48 35.08 73.98
C ALA P 218 5.14 34.33 72.69
N SER P 219 3.87 34.44 72.27
CA SER P 219 3.39 33.75 71.08
C SER P 219 3.53 34.68 69.87
N ILE P 220 4.48 34.36 69.00
CA ILE P 220 4.71 35.13 67.79
C ILE P 220 4.38 34.27 66.58
N CYS P 221 4.35 34.90 65.41
CA CYS P 221 4.07 34.19 64.18
C CYS P 221 5.33 33.49 63.66
N GLU P 222 5.13 32.59 62.69
CA GLU P 222 6.24 31.87 62.11
C GLU P 222 7.17 32.80 61.33
N ASP P 223 6.60 33.77 60.61
CA ASP P 223 7.40 34.68 59.80
C ASP P 223 8.13 35.72 60.65
N ASP P 224 7.83 35.82 61.95
CA ASP P 224 8.49 36.77 62.82
C ASP P 224 9.77 36.25 63.44
N TRP P 225 10.16 35.02 63.13
CA TRP P 225 11.39 34.42 63.65
C TRP P 225 12.40 34.10 62.55
N ASN P 226 11.94 33.66 61.38
CA ASN P 226 12.85 33.30 60.30
C ASN P 226 13.39 34.50 59.55
N SER P 227 12.87 35.70 59.79
CA SER P 227 13.31 36.92 59.11
C SER P 227 14.29 37.73 59.94
N GLY P 228 14.87 37.14 60.98
CA GLY P 228 15.90 37.81 61.75
C GLY P 228 15.43 38.85 62.73
N GLU P 229 14.16 38.80 63.16
CA GLU P 229 13.66 39.73 64.17
C GLU P 229 14.21 39.34 65.53
N ARG P 230 15.15 40.13 66.05
CA ARG P 230 15.74 39.84 67.34
C ARG P 230 14.75 40.17 68.46
N PHE P 231 14.81 39.38 69.53
CA PHE P 231 13.98 39.58 70.71
C PHE P 231 14.87 39.67 71.94
N THR P 232 14.47 40.53 72.87
CA THR P 232 15.22 40.76 74.11
C THR P 232 14.26 40.60 75.29
N CYS P 233 14.54 39.61 76.14
CA CYS P 233 13.75 39.39 77.35
C CYS P 233 14.44 40.04 78.54
N THR P 234 13.68 40.86 79.26
CA THR P 234 14.20 41.58 80.42
C THR P 234 13.34 41.28 81.64
N VAL P 235 14.00 41.14 82.79
CA VAL P 235 13.32 40.86 84.05
C VAL P 235 13.84 41.84 85.10
N THR P 236 13.00 42.08 86.11
CA THR P 236 13.34 42.97 87.22
C THR P 236 13.29 42.19 88.52
N HIS P 237 14.36 42.30 89.31
CA HIS P 237 14.47 41.62 90.59
C HIS P 237 14.96 42.61 91.64
N THR P 238 15.06 42.15 92.88
CA THR P 238 15.47 42.99 93.99
C THR P 238 16.98 43.07 94.14
N ASP P 239 17.70 41.96 93.88
CA ASP P 239 19.14 41.96 94.04
C ASP P 239 19.82 42.83 92.99
N LEU P 240 19.31 42.81 91.76
CA LEU P 240 19.91 43.58 90.68
C LEU P 240 19.28 44.97 90.62
N PRO P 241 20.04 46.05 90.83
CA PRO P 241 19.44 47.39 90.72
C PRO P 241 18.90 47.70 89.35
N SER P 242 19.50 47.17 88.29
CA SER P 242 19.05 47.40 86.93
C SER P 242 18.56 46.10 86.29
N PRO P 243 17.56 46.18 85.41
CA PRO P 243 17.08 44.96 84.76
C PRO P 243 18.15 44.33 83.88
N LEU P 244 18.09 43.01 83.78
CA LEU P 244 19.03 42.23 82.97
C LEU P 244 18.34 41.81 81.69
N LYS P 245 18.97 42.11 80.55
CA LYS P 245 18.42 41.81 79.24
C LYS P 245 19.24 40.73 78.56
N GLN P 246 18.55 39.79 77.92
CA GLN P 246 19.19 38.71 77.18
C GLN P 246 18.63 38.71 75.76
N THR P 247 19.53 38.66 74.77
CA THR P 247 19.16 38.70 73.36
C THR P 247 19.36 37.32 72.73
N ILE P 248 18.36 36.87 71.98
CA ILE P 248 18.42 35.60 71.28
C ILE P 248 17.87 35.80 69.87
N SER P 249 18.51 35.18 68.89
CA SER P 249 18.11 35.30 67.50
C SER P 249 18.56 34.05 66.74
N ARG P 250 18.31 34.05 65.43
CA ARG P 250 18.69 32.93 64.58
C ARG P 250 19.92 33.30 63.77
N PRO P 251 21.06 32.63 63.97
CA PRO P 251 22.29 32.90 63.23
C PRO P 251 22.15 32.70 61.72
N LEU P 256 21.05 26.12 52.57
CA LEU P 256 20.35 24.92 52.99
C LEU P 256 20.45 23.83 51.92
N HIS P 257 20.30 22.58 52.36
CA HIS P 257 20.38 21.42 51.48
C HIS P 257 19.21 20.49 51.76
N ARG P 258 18.82 19.74 50.73
CA ARG P 258 17.71 18.81 50.87
C ARG P 258 18.13 17.61 51.72
N PRO P 259 17.24 17.10 52.59
CA PRO P 259 17.60 15.95 53.43
C PRO P 259 17.54 14.64 52.62
N ASP P 260 18.55 13.81 52.80
CA ASP P 260 18.62 12.50 52.15
C ASP P 260 18.13 11.45 53.16
N VAL P 261 16.96 10.88 52.91
CA VAL P 261 16.32 9.93 53.81
C VAL P 261 16.51 8.52 53.26
N TYR P 262 17.01 7.62 54.09
CA TYR P 262 17.19 6.23 53.73
C TYR P 262 16.64 5.33 54.82
N LEU P 263 16.20 4.14 54.44
CA LEU P 263 15.68 3.14 55.37
C LEU P 263 16.57 1.90 55.28
N LEU P 264 17.06 1.46 56.43
CA LEU P 264 17.97 0.32 56.50
C LEU P 264 17.29 -0.88 57.11
N PRO P 265 17.04 -1.95 56.37
CA PRO P 265 16.43 -3.15 56.95
C PRO P 265 17.39 -3.84 57.90
N PRO P 266 16.87 -4.57 58.89
CA PRO P 266 17.75 -5.28 59.81
C PRO P 266 18.54 -6.38 59.12
N ALA P 267 19.74 -6.63 59.62
CA ALA P 267 20.61 -7.64 59.04
C ALA P 267 20.11 -9.05 59.39
N ARG P 268 20.58 -10.02 58.61
CA ARG P 268 20.20 -11.41 58.85
C ARG P 268 20.77 -11.93 60.16
N GLU P 269 21.92 -11.41 60.60
CA GLU P 269 22.50 -11.85 61.86
C GLU P 269 21.63 -11.45 63.04
N GLN P 270 21.01 -10.26 62.96
CA GLN P 270 20.16 -9.81 64.05
C GLN P 270 18.91 -10.66 64.18
N LEU P 271 18.35 -11.11 63.05
CA LEU P 271 17.13 -11.90 63.05
C LEU P 271 17.43 -13.39 63.26
N ASN P 272 18.13 -13.67 64.35
CA ASN P 272 18.48 -15.03 64.74
C ASN P 272 18.17 -15.37 66.19
N LEU P 273 18.10 -14.39 67.09
CA LEU P 273 17.80 -14.66 68.48
C LEU P 273 16.31 -14.80 68.75
N ARG P 274 15.46 -14.39 67.80
CA ARG P 274 13.99 -14.50 67.94
C ARG P 274 13.50 -13.78 69.19
N GLU P 275 14.12 -12.64 69.52
CA GLU P 275 13.77 -11.86 70.68
C GLU P 275 13.18 -10.50 70.31
N SER P 276 13.89 -9.71 69.52
CA SER P 276 13.42 -8.38 69.14
C SER P 276 14.13 -7.93 67.88
N ALA P 277 13.42 -7.21 67.02
CA ALA P 277 13.97 -6.66 65.79
C ALA P 277 13.94 -5.14 65.86
N THR P 278 15.05 -4.51 65.51
CA THR P 278 15.19 -3.06 65.56
C THR P 278 15.29 -2.53 64.14
N ILE P 279 14.40 -1.60 63.80
CA ILE P 279 14.40 -0.94 62.49
C ILE P 279 15.08 0.40 62.66
N THR P 280 16.13 0.64 61.87
CA THR P 280 16.93 1.87 61.96
C THR P 280 16.78 2.65 60.65
N CYS P 281 16.12 3.80 60.74
CA CYS P 281 16.02 4.70 59.60
C CYS P 281 17.24 5.61 59.56
N LEU P 282 17.44 6.25 58.41
CA LEU P 282 18.63 7.07 58.19
C LEU P 282 18.22 8.36 57.48
N VAL P 283 18.44 9.50 58.13
CA VAL P 283 18.20 10.81 57.55
C VAL P 283 19.50 11.59 57.68
N THR P 284 20.31 11.59 56.63
CA THR P 284 21.60 12.25 56.62
C THR P 284 21.66 13.28 55.49
N GLY P 285 22.73 14.06 55.49
CA GLY P 285 22.96 15.05 54.46
C GLY P 285 21.95 16.19 54.45
N PHE P 286 21.58 16.71 55.62
CA PHE P 286 20.66 17.81 55.73
C PHE P 286 21.31 18.98 56.47
N SER P 287 20.80 20.18 56.20
CA SER P 287 21.29 21.38 56.84
C SER P 287 20.16 22.41 56.87
N PRO P 288 20.01 23.16 57.97
CA PRO P 288 20.83 23.15 59.19
C PRO P 288 20.44 22.04 60.16
N ALA P 289 20.82 22.17 61.43
CA ALA P 289 20.55 21.16 62.44
C ALA P 289 19.11 21.32 62.95
N ASP P 290 18.80 20.64 64.04
CA ASP P 290 17.47 20.68 64.68
C ASP P 290 16.38 20.18 63.72
N VAL P 291 16.51 18.93 63.33
CA VAL P 291 15.54 18.27 62.48
C VAL P 291 14.58 17.47 63.35
N PHE P 292 13.40 17.19 62.81
CA PHE P 292 12.37 16.44 63.52
C PHE P 292 12.11 15.13 62.79
N VAL P 293 12.12 14.02 63.55
CA VAL P 293 11.88 12.69 63.01
C VAL P 293 10.74 12.05 63.79
N GLN P 294 9.76 11.51 63.08
CA GLN P 294 8.61 10.87 63.70
C GLN P 294 8.33 9.55 62.99
N TRP P 295 7.72 8.62 63.71
CA TRP P 295 7.38 7.30 63.20
C TRP P 295 5.86 7.13 63.24
N MET P 296 5.30 6.68 62.12
CA MET P 296 3.86 6.44 62.01
C MET P 296 3.63 5.01 61.53
N GLN P 297 2.61 4.36 62.08
CA GLN P 297 2.26 2.99 61.73
C GLN P 297 0.87 3.02 61.09
N ARG P 298 0.83 2.83 59.77
CA ARG P 298 -0.41 2.85 59.01
C ARG P 298 -1.19 4.15 59.25
N GLY P 299 -0.47 5.27 59.21
CA GLY P 299 -1.09 6.55 59.47
C GLY P 299 -1.44 6.81 60.91
N GLN P 300 -0.81 6.12 61.84
CA GLN P 300 -1.04 6.30 63.27
C GLN P 300 0.29 6.58 63.96
N PRO P 301 0.50 7.77 64.51
CA PRO P 301 1.76 8.06 65.21
C PRO P 301 1.99 7.12 66.38
N LEU P 302 3.23 6.68 66.52
CA LEU P 302 3.62 5.79 67.61
C LEU P 302 3.84 6.58 68.89
N SER P 303 3.97 5.85 69.99
CA SER P 303 4.22 6.48 71.27
C SER P 303 5.60 7.15 71.26
N PRO P 304 5.73 8.32 71.89
CA PRO P 304 7.04 9.00 71.89
C PRO P 304 8.16 8.20 72.53
N GLU P 305 7.84 7.31 73.48
CA GLU P 305 8.88 6.51 74.13
C GLU P 305 9.25 5.27 73.34
N LYS P 306 8.55 4.97 72.25
CA LYS P 306 8.89 3.81 71.44
C LYS P 306 10.10 4.06 70.54
N TYR P 307 10.29 5.30 70.10
CA TYR P 307 11.39 5.66 69.22
C TYR P 307 12.19 6.81 69.81
N VAL P 308 13.47 6.85 69.47
CA VAL P 308 14.38 7.89 69.95
C VAL P 308 15.08 8.50 68.75
N THR P 309 15.12 9.83 68.70
CA THR P 309 15.78 10.56 67.62
C THR P 309 17.13 11.07 68.11
N SER P 310 18.16 10.86 67.30
CA SER P 310 19.52 11.27 67.66
C SER P 310 19.69 12.76 67.41
N ALA P 311 20.93 13.25 67.52
CA ALA P 311 21.22 14.65 67.33
C ALA P 311 21.91 14.89 66.00
N PRO P 312 21.70 16.06 65.37
CA PRO P 312 22.36 16.33 64.09
C PRO P 312 23.85 16.57 64.24
N MET P 313 24.61 15.50 64.44
CA MET P 313 26.06 15.62 64.57
C MET P 313 26.66 16.03 63.23
N PRO P 314 27.69 16.89 63.23
CA PRO P 314 28.31 17.30 61.96
C PRO P 314 28.91 16.11 61.22
N GLU P 315 28.78 16.15 59.89
CA GLU P 315 29.32 15.08 59.05
C GLU P 315 30.83 15.23 58.94
N PRO P 316 31.59 14.16 59.17
CA PRO P 316 33.06 14.26 59.05
C PRO P 316 33.53 14.63 57.65
N GLN P 317 32.83 14.19 56.61
CA GLN P 317 33.24 14.47 55.24
C GLN P 317 32.65 15.77 54.71
N ALA P 318 31.35 15.97 54.92
CA ALA P 318 30.71 17.19 54.44
C ALA P 318 31.19 18.39 55.24
N PRO P 319 31.28 19.57 54.61
CA PRO P 319 31.79 20.75 55.33
C PRO P 319 30.88 21.22 56.45
N GLY P 320 29.58 21.37 56.17
CA GLY P 320 28.67 21.90 57.17
C GLY P 320 27.38 21.11 57.33
N ARG P 321 27.26 20.00 56.61
CA ARG P 321 26.06 19.17 56.72
C ARG P 321 26.07 18.37 58.02
N TYR P 322 24.88 18.02 58.49
CA TYR P 322 24.70 17.26 59.71
C TYR P 322 23.92 15.99 59.42
N PHE P 323 24.32 14.90 60.07
CA PHE P 323 23.64 13.62 59.94
C PHE P 323 22.90 13.28 61.24
N ALA P 324 21.77 12.61 61.09
CA ALA P 324 20.95 12.19 62.22
C ALA P 324 20.51 10.76 62.04
N HIS P 325 20.23 10.10 63.15
CA HIS P 325 19.82 8.70 63.17
C HIS P 325 18.48 8.56 63.90
N SER P 326 17.84 7.40 63.70
CA SER P 326 16.57 7.11 64.35
C SER P 326 16.35 5.61 64.31
N ILE P 327 15.91 5.05 65.44
CA ILE P 327 15.72 3.62 65.59
C ILE P 327 14.32 3.36 66.13
N LEU P 328 13.81 2.16 65.84
CA LEU P 328 12.52 1.72 66.34
C LEU P 328 12.63 0.26 66.77
N THR P 329 12.40 0.00 68.05
CA THR P 329 12.53 -1.34 68.61
C THR P 329 11.15 -1.98 68.71
N VAL P 330 10.98 -3.11 68.03
CA VAL P 330 9.73 -3.86 68.04
C VAL P 330 10.06 -5.34 68.26
N SER P 331 9.01 -6.13 68.45
CA SER P 331 9.18 -7.56 68.65
C SER P 331 9.65 -8.23 67.36
N GLU P 332 10.39 -9.33 67.52
CA GLU P 332 10.87 -10.07 66.37
C GLU P 332 9.72 -10.68 65.57
N GLU P 333 8.66 -11.12 66.27
CA GLU P 333 7.50 -11.71 65.61
C GLU P 333 6.67 -10.67 64.85
N GLU P 334 6.95 -9.38 65.01
CA GLU P 334 6.19 -8.34 64.34
C GLU P 334 6.45 -8.30 62.85
N TRP P 335 7.45 -9.04 62.35
CA TRP P 335 7.78 -9.06 60.93
C TRP P 335 6.93 -10.07 60.15
N ASN P 336 5.78 -10.46 60.68
CA ASN P 336 4.86 -11.35 59.96
C ASN P 336 3.76 -10.58 59.24
N THR P 337 3.42 -9.38 59.70
CA THR P 337 2.45 -8.53 59.03
C THR P 337 3.06 -7.34 58.30
N GLY P 338 4.28 -6.95 58.65
CA GLY P 338 4.98 -5.89 57.94
C GLY P 338 4.71 -4.49 58.46
N GLU P 339 3.50 -3.98 58.21
CA GLU P 339 3.10 -2.61 58.56
C GLU P 339 3.94 -1.57 57.82
N THR P 340 4.81 -2.03 56.91
CA THR P 340 5.54 -1.23 55.92
C THR P 340 6.55 -0.27 56.55
N TYR P 341 6.57 -0.18 57.87
CA TYR P 341 7.58 0.57 58.63
C TYR P 341 7.90 1.93 58.00
N THR P 342 6.89 2.80 57.95
CA THR P 342 7.08 4.12 57.39
C THR P 342 8.05 4.94 58.23
N CYS P 343 8.93 5.68 57.56
CA CYS P 343 9.86 6.62 58.18
C CYS P 343 9.67 7.97 57.50
N VAL P 344 9.09 8.92 58.25
CA VAL P 344 8.78 10.24 57.73
C VAL P 344 9.58 11.28 58.51
N VAL P 345 10.26 12.16 57.79
CA VAL P 345 11.06 13.21 58.38
C VAL P 345 10.39 14.55 58.10
N ALA P 346 10.80 15.58 58.83
CA ALA P 346 10.26 16.93 58.68
C ALA P 346 11.41 17.92 58.67
N HIS P 347 11.66 18.54 57.51
CA HIS P 347 12.73 19.51 57.35
C HIS P 347 12.16 20.81 56.80
N GLU P 348 12.77 21.92 57.20
CA GLU P 348 12.25 23.24 56.83
C GLU P 348 12.55 23.59 55.38
N ALA P 349 13.61 23.04 54.79
CA ALA P 349 14.00 23.36 53.42
C ALA P 349 13.35 22.40 52.42
N LEU P 350 12.03 22.27 52.50
CA LEU P 350 11.27 21.43 51.59
C LEU P 350 9.97 22.13 51.24
N PRO P 351 9.44 21.90 50.03
CA PRO P 351 8.16 22.52 49.65
C PRO P 351 7.00 22.05 50.54
N ASN P 352 6.80 20.74 50.61
CA ASN P 352 5.73 20.16 51.42
C ASN P 352 6.20 19.70 52.79
N ARG P 353 7.51 19.72 53.05
CA ARG P 353 8.08 19.27 54.32
C ARG P 353 7.72 17.83 54.64
N VAL P 354 7.59 16.99 53.61
CA VAL P 354 7.24 15.59 53.76
C VAL P 354 8.22 14.77 52.93
N THR P 355 8.90 13.82 53.56
CA THR P 355 9.82 12.91 52.88
C THR P 355 9.56 11.48 53.36
N GLU P 356 8.29 11.11 53.41
CA GLU P 356 7.91 9.80 53.92
C GLU P 356 8.39 8.70 52.99
N ARG P 357 9.05 7.68 53.56
CA ARG P 357 9.53 6.53 52.82
C ARG P 357 9.19 5.27 53.60
N THR P 358 9.13 4.15 52.88
CA THR P 358 8.74 2.88 53.49
C THR P 358 9.49 1.73 52.84
N VAL P 359 9.91 0.78 53.67
CA VAL P 359 10.51 -0.47 53.21
C VAL P 359 9.84 -1.61 53.98
N ASP P 360 9.32 -2.58 53.24
CA ASP P 360 8.58 -3.70 53.82
C ASP P 360 9.37 -4.99 53.62
N LYS P 361 8.77 -6.10 54.10
CA LYS P 361 9.42 -7.40 53.94
C LYS P 361 9.53 -7.78 52.47
N SER P 362 8.50 -7.47 51.67
CA SER P 362 8.56 -7.72 50.24
C SER P 362 9.62 -6.87 49.56
N THR P 363 10.03 -5.76 50.16
CA THR P 363 11.08 -4.92 49.62
C THR P 363 12.43 -5.51 49.99
N GLY P 364 13.51 -4.76 49.78
CA GLY P 364 14.84 -5.23 50.09
C GLY P 364 15.46 -6.00 48.94
N LYS P 365 16.54 -6.69 49.27
CA LYS P 365 17.27 -7.46 48.26
C LYS P 365 16.52 -8.76 47.96
N PRO P 366 16.09 -8.98 46.72
CA PRO P 366 15.47 -10.27 46.39
C PRO P 366 16.49 -11.39 46.33
N THR P 367 16.03 -12.60 46.62
CA THR P 367 16.89 -13.78 46.66
C THR P 367 16.52 -14.82 45.63
N LEU P 368 15.65 -14.49 44.67
CA LEU P 368 15.24 -15.44 43.63
C LEU P 368 14.83 -14.64 42.40
N TYR P 369 15.68 -14.65 41.38
CA TYR P 369 15.41 -13.97 40.13
C TYR P 369 15.04 -14.99 39.05
N ASN P 370 14.04 -14.65 38.22
CA ASN P 370 13.72 -15.46 37.06
C ASN P 370 13.12 -14.55 35.99
N VAL P 371 13.94 -14.18 35.01
CA VAL P 371 13.47 -13.40 33.87
C VAL P 371 12.74 -14.33 32.90
N SER P 372 11.65 -13.85 32.33
CA SER P 372 10.83 -14.66 31.45
C SER P 372 10.63 -13.99 30.10
N LEU P 373 11.71 -13.47 29.52
CA LEU P 373 11.63 -12.83 28.22
C LEU P 373 11.35 -13.87 27.13
N VAL P 374 10.44 -13.54 26.22
CA VAL P 374 10.05 -14.44 25.15
C VAL P 374 10.30 -13.76 23.81
N MET P 375 10.37 -14.57 22.76
CA MET P 375 10.59 -14.09 21.40
C MET P 375 9.48 -14.60 20.50
N SER P 376 8.94 -13.70 19.67
CA SER P 376 7.88 -14.05 18.75
C SER P 376 7.82 -13.00 17.65
N ASP P 377 7.74 -13.44 16.39
CA ASP P 377 7.68 -12.50 15.27
C ASP P 377 6.40 -11.68 15.32
N THR P 378 5.27 -12.30 15.64
CA THR P 378 3.98 -11.61 15.70
C THR P 378 3.75 -11.06 17.11
N ALA P 379 4.57 -10.06 17.45
CA ALA P 379 4.50 -9.39 18.74
C ALA P 379 4.42 -7.89 18.52
N GLY P 380 4.44 -7.14 19.61
CA GLY P 380 4.37 -5.69 19.54
C GLY P 380 3.07 -5.11 20.04
N THR P 381 2.41 -5.82 20.95
CA THR P 381 1.14 -5.39 21.52
C THR P 381 1.14 -5.31 23.03
N CYS P 382 1.84 -6.23 23.71
CA CYS P 382 1.94 -6.27 25.17
C CYS P 382 0.55 -6.37 25.80
N TYR P 383 -0.11 -7.49 25.50
CA TYR P 383 -1.44 -7.78 26.04
C TYR P 383 -1.41 -7.83 27.57
N GLU Q 3 -2.04 -12.98 45.83
CA GLU Q 3 -0.88 -13.21 46.69
C GLU Q 3 0.26 -12.27 46.33
N ARG Q 4 0.47 -12.06 45.03
CA ARG Q 4 1.52 -11.19 44.53
C ARG Q 4 0.94 -9.84 44.12
N ILE Q 5 1.79 -8.82 44.16
CA ILE Q 5 1.41 -7.46 43.78
C ILE Q 5 2.39 -6.97 42.71
N VAL Q 6 1.84 -6.39 41.65
CA VAL Q 6 2.67 -5.90 40.55
C VAL Q 6 3.20 -4.51 40.91
N LEU Q 7 4.53 -4.39 41.01
CA LEU Q 7 5.12 -3.12 41.38
C LEU Q 7 5.10 -2.13 40.23
N VAL Q 8 5.41 -2.58 39.02
CA VAL Q 8 5.48 -1.72 37.84
C VAL Q 8 4.67 -2.36 36.73
N ASP Q 9 3.78 -1.58 36.13
CA ASP Q 9 2.94 -2.02 35.02
C ASP Q 9 3.02 -1.01 33.87
N ASN Q 10 4.22 -0.56 33.55
CA ASN Q 10 4.41 0.41 32.48
C ASN Q 10 4.12 -0.22 31.12
N LYS Q 11 3.50 0.58 30.24
CA LYS Q 11 3.17 0.13 28.90
C LYS Q 11 4.17 0.60 27.85
N CYS Q 12 5.28 1.19 28.27
CA CYS Q 12 6.32 1.64 27.34
C CYS Q 12 7.41 0.60 27.13
N LYS Q 13 7.69 -0.22 28.15
CA LYS Q 13 8.65 -1.31 28.03
C LYS Q 13 8.03 -2.67 28.33
N CYS Q 14 6.72 -2.73 28.62
CA CYS Q 14 6.01 -3.97 28.93
C CYS Q 14 6.57 -4.66 30.16
N ALA Q 15 7.19 -3.90 31.06
CA ALA Q 15 7.74 -4.48 32.28
C ALA Q 15 6.63 -4.85 33.26
N ARG Q 16 6.79 -6.00 33.91
CA ARG Q 16 5.84 -6.47 34.92
C ARG Q 16 6.60 -6.94 36.16
N ILE Q 17 7.55 -6.11 36.61
CA ILE Q 17 8.34 -6.44 37.79
C ILE Q 17 7.42 -6.48 39.01
N THR Q 18 7.32 -7.66 39.63
CA THR Q 18 6.43 -7.87 40.77
C THR Q 18 7.22 -8.50 41.91
N SER Q 19 6.52 -8.80 43.00
CA SER Q 19 7.12 -9.44 44.15
C SER Q 19 6.07 -10.29 44.85
N ARG Q 20 6.54 -11.29 45.60
CA ARG Q 20 5.64 -12.21 46.28
C ARG Q 20 6.39 -12.87 47.43
N ILE Q 21 5.67 -13.14 48.52
CA ILE Q 21 6.21 -13.80 49.70
C ILE Q 21 5.75 -15.25 49.69
N ILE Q 22 6.69 -16.17 49.79
CA ILE Q 22 6.41 -17.61 49.77
C ILE Q 22 6.42 -18.12 51.21
N ARG Q 23 5.29 -18.68 51.64
CA ARG Q 23 5.17 -19.23 52.99
C ARG Q 23 5.63 -20.68 52.96
N SER Q 24 6.84 -20.91 53.43
CA SER Q 24 7.43 -22.25 53.45
C SER Q 24 7.01 -22.96 54.74
N SER Q 25 7.61 -24.11 55.03
CA SER Q 25 7.31 -24.87 56.23
C SER Q 25 7.75 -24.09 57.47
N GLU Q 26 7.44 -24.65 58.64
CA GLU Q 26 7.69 -23.99 59.92
C GLU Q 26 9.19 -23.99 60.26
N ASP Q 27 9.95 -23.37 59.38
CA ASP Q 27 11.38 -23.18 59.52
C ASP Q 27 11.68 -21.77 60.05
N PRO Q 28 12.96 -21.47 60.34
CA PRO Q 28 13.32 -20.08 60.65
C PRO Q 28 12.90 -19.11 59.55
N ASN Q 29 12.94 -17.82 59.85
CA ASN Q 29 12.44 -16.81 58.91
C ASN Q 29 13.41 -16.59 57.75
N GLU Q 30 13.58 -17.62 56.92
CA GLU Q 30 14.37 -17.51 55.71
C GLU Q 30 13.48 -17.20 54.50
N ASP Q 31 12.78 -16.08 54.60
CA ASP Q 31 11.82 -15.69 53.57
C ASP Q 31 12.54 -15.37 52.25
N ILE Q 32 11.84 -15.63 51.16
CA ILE Q 32 12.37 -15.44 49.81
C ILE Q 32 11.63 -14.29 49.14
N VAL Q 33 12.37 -13.44 48.45
CA VAL Q 33 11.82 -12.27 47.76
C VAL Q 33 12.12 -12.43 46.27
N GLU Q 34 11.09 -12.21 45.45
CA GLU Q 34 11.18 -12.42 44.01
C GLU Q 34 11.26 -11.09 43.27
N ARG Q 35 11.91 -11.13 42.11
CA ARG Q 35 12.09 -9.98 41.23
C ARG Q 35 11.75 -10.39 39.79
N ASN Q 36 10.58 -11.00 39.62
CA ASN Q 36 10.21 -11.66 38.38
C ASN Q 36 9.90 -10.66 37.27
N ILE Q 37 10.94 -10.22 36.54
CA ILE Q 37 10.74 -9.34 35.41
C ILE Q 37 10.07 -10.11 34.27
N ARG Q 38 9.25 -9.41 33.50
CA ARG Q 38 8.51 -9.99 32.38
C ARG Q 38 8.64 -9.12 31.13
N ILE Q 39 9.87 -8.69 30.84
CA ILE Q 39 10.11 -7.93 29.63
C ILE Q 39 9.83 -8.79 28.41
N ILE Q 40 9.15 -8.21 27.42
CA ILE Q 40 8.78 -8.91 26.19
C ILE Q 40 9.49 -8.23 25.03
N VAL Q 41 10.24 -9.00 24.26
CA VAL Q 41 10.98 -8.48 23.11
C VAL Q 41 10.02 -8.35 21.93
N PRO Q 42 9.85 -7.15 21.36
CA PRO Q 42 8.94 -6.98 20.22
C PRO Q 42 9.38 -7.80 19.01
N LEU Q 43 10.62 -7.61 18.58
CA LEU Q 43 11.26 -8.29 17.46
C LEU Q 43 10.64 -7.93 16.12
N ASN Q 44 9.63 -7.05 16.09
CA ASN Q 44 8.98 -6.68 14.84
C ASN Q 44 8.70 -5.18 14.74
N ASN Q 45 8.99 -4.39 15.77
CA ASN Q 45 8.70 -2.97 15.75
C ASN Q 45 9.89 -2.18 15.23
N ARG Q 46 9.59 -1.01 14.65
CA ARG Q 46 10.62 -0.16 14.09
C ARG Q 46 11.32 0.64 15.19
N GLU Q 47 12.35 1.39 14.80
CA GLU Q 47 13.06 2.24 15.75
C GLU Q 47 12.23 3.46 16.12
N ASN Q 48 11.87 4.28 15.14
CA ASN Q 48 11.03 5.43 15.39
C ASN Q 48 9.58 4.98 15.53
N ILE Q 49 8.90 5.51 16.55
CA ILE Q 49 7.53 5.09 16.83
C ILE Q 49 6.58 5.50 15.72
N SER Q 50 6.89 6.56 14.97
CA SER Q 50 5.99 7.06 13.94
C SER Q 50 6.47 6.84 12.51
N ASP Q 51 7.73 6.47 12.32
CA ASP Q 51 8.29 6.30 10.98
C ASP Q 51 8.51 4.82 10.69
N PRO Q 52 7.65 4.18 9.88
CA PRO Q 52 7.83 2.76 9.53
C PRO Q 52 8.74 2.54 8.32
N THR Q 53 9.88 3.24 8.30
CA THR Q 53 10.86 3.10 7.24
C THR Q 53 12.28 2.93 7.77
N SER Q 54 12.44 2.84 9.09
CA SER Q 54 13.74 2.67 9.72
C SER Q 54 14.08 1.20 9.84
N PRO Q 55 15.36 0.87 10.07
CA PRO Q 55 15.72 -0.53 10.33
C PRO Q 55 14.98 -1.09 11.54
N LEU Q 56 14.97 -2.42 11.64
CA LEU Q 56 14.20 -3.08 12.67
C LEU Q 56 14.66 -2.66 14.07
N ARG Q 57 15.86 -3.06 14.45
CA ARG Q 57 16.43 -2.71 15.75
C ARG Q 57 17.94 -2.85 15.67
N THR Q 58 18.62 -2.12 16.56
CA THR Q 58 20.08 -2.20 16.68
C THR Q 58 20.49 -2.78 18.03
N ARG Q 59 20.04 -2.20 19.13
CA ARG Q 59 20.34 -2.69 20.47
C ARG Q 59 19.07 -2.68 21.31
N PHE Q 60 18.93 -3.69 22.16
CA PHE Q 60 17.81 -3.80 23.09
C PHE Q 60 18.32 -3.47 24.48
N VAL Q 61 18.11 -2.22 24.91
CA VAL Q 61 18.56 -1.74 26.21
C VAL Q 61 17.32 -1.52 27.07
N TYR Q 62 17.29 -2.16 28.24
CA TYR Q 62 16.17 -2.09 29.18
C TYR Q 62 16.73 -1.67 30.55
N HIS Q 63 16.71 -0.37 30.83
CA HIS Q 63 17.16 0.14 32.11
C HIS Q 63 16.08 -0.12 33.16
N LEU Q 64 16.42 -0.86 34.22
CA LEU Q 64 15.48 -1.20 35.26
C LEU Q 64 15.36 -0.12 36.33
N SER Q 65 16.17 0.94 36.26
CA SER Q 65 16.11 2.03 37.23
C SER Q 65 15.26 3.19 36.76
N ASP Q 66 15.16 3.42 35.45
CA ASP Q 66 14.39 4.54 34.93
C ASP Q 66 12.89 4.26 34.85
N LEU Q 67 12.45 3.03 35.13
CA LEU Q 67 11.04 2.69 35.11
C LEU Q 67 10.45 2.46 36.49
N CYS Q 68 11.22 2.68 37.56
CA CYS Q 68 10.74 2.53 38.91
C CYS Q 68 10.71 3.83 39.70
N LYS Q 69 11.34 4.89 39.19
CA LYS Q 69 11.36 6.17 39.88
C LYS Q 69 9.98 6.85 39.82
N GLU Q 98 10.87 9.44 25.25
CA GLU Q 98 11.41 8.09 25.36
C GLU Q 98 10.87 7.21 24.23
N THR Q 99 11.78 6.49 23.56
CA THR Q 99 11.41 5.62 22.45
C THR Q 99 10.96 4.29 23.00
N CYS Q 100 9.64 4.09 23.04
CA CYS Q 100 9.08 2.84 23.53
C CYS Q 100 9.19 1.76 22.46
N TYR Q 101 9.39 0.52 22.91
CA TYR Q 101 9.60 -0.60 22.00
C TYR Q 101 8.31 -1.32 21.63
N THR Q 102 7.32 -1.31 22.51
CA THR Q 102 6.06 -2.01 22.27
C THR Q 102 4.93 -1.01 22.09
N TYR Q 103 4.11 -1.21 21.06
CA TYR Q 103 2.97 -0.35 20.83
C TYR Q 103 1.91 -0.58 21.90
N ASP Q 104 1.37 0.53 22.42
CA ASP Q 104 0.32 0.45 23.43
C ASP Q 104 -1.03 0.21 22.77
N ARG Q 105 -1.79 -0.74 23.33
CA ARG Q 105 -3.10 -1.06 22.79
C ARG Q 105 -4.07 0.11 22.94
N ASN Q 106 -4.05 0.77 24.10
CA ASN Q 106 -4.98 1.88 24.32
C ASN Q 106 -4.54 3.12 23.55
N LYS Q 107 -3.24 3.40 23.52
CA LYS Q 107 -2.74 4.57 22.82
C LYS Q 107 -2.87 4.40 21.31
N CYS Q 108 -3.15 5.51 20.63
CA CYS Q 108 -3.30 5.53 19.18
C CYS Q 108 -2.08 6.18 18.55
N TYR Q 109 -1.52 5.54 17.52
CA TYR Q 109 -0.37 6.05 16.81
C TYR Q 109 -0.79 6.41 15.38
N THR Q 110 -0.33 7.57 14.91
CA THR Q 110 -0.73 8.11 13.63
C THR Q 110 0.50 8.50 12.82
N ALA Q 111 0.29 8.66 11.51
CA ALA Q 111 1.36 9.05 10.60
C ALA Q 111 0.74 9.74 9.40
N VAL Q 112 1.58 10.44 8.63
CA VAL Q 112 1.16 11.20 7.46
C VAL Q 112 1.75 10.53 6.22
N VAL Q 113 0.92 10.33 5.21
CA VAL Q 113 1.34 9.68 3.97
C VAL Q 113 1.45 10.71 2.87
N PRO Q 114 2.39 10.55 1.93
CA PRO Q 114 2.57 11.56 0.88
C PRO Q 114 1.70 11.31 -0.35
N LEU Q 115 0.69 10.46 -0.23
CA LEU Q 115 -0.15 10.12 -1.37
C LEU Q 115 -0.84 11.37 -1.92
N VAL Q 116 -0.93 11.45 -3.24
CA VAL Q 116 -1.49 12.60 -3.94
C VAL Q 116 -2.83 12.27 -4.59
N TYR Q 117 -2.91 11.11 -5.25
CA TYR Q 117 -4.09 10.69 -6.00
C TYR Q 117 -4.48 11.76 -7.03
N GLY Q 118 -3.57 12.00 -7.96
CA GLY Q 118 -3.78 12.99 -9.00
C GLY Q 118 -2.86 14.19 -8.87
N GLY Q 119 -3.41 15.38 -9.10
CA GLY Q 119 -2.62 16.60 -9.04
C GLY Q 119 -2.40 17.12 -7.64
N GLU Q 120 -3.48 17.37 -6.91
CA GLU Q 120 -3.38 17.94 -5.58
C GLU Q 120 -2.71 16.96 -4.61
N THR Q 121 -1.97 17.52 -3.65
CA THR Q 121 -1.26 16.74 -2.65
C THR Q 121 -2.10 16.70 -1.37
N LYS Q 122 -2.94 15.68 -1.25
CA LYS Q 122 -3.81 15.52 -0.09
C LYS Q 122 -3.06 14.75 0.98
N MET Q 123 -2.61 15.45 2.02
CA MET Q 123 -1.90 14.84 3.14
C MET Q 123 -2.91 14.50 4.23
N VAL Q 124 -3.13 13.20 4.44
CA VAL Q 124 -4.10 12.73 5.42
C VAL Q 124 -3.38 12.07 6.59
N GLU Q 125 -4.13 11.75 7.63
CA GLU Q 125 -3.61 11.15 8.84
C GLU Q 125 -3.99 9.67 8.88
N THR Q 126 -3.00 8.82 9.13
CA THR Q 126 -3.19 7.38 9.11
C THR Q 126 -3.39 6.86 10.54
N ALA Q 127 -3.46 5.52 10.67
CA ALA Q 127 -3.61 4.88 11.98
C ALA Q 127 -2.92 3.51 11.89
N LEU Q 128 -1.68 3.46 12.39
CA LEU Q 128 -0.92 2.21 12.32
C LEU Q 128 -1.57 1.11 13.16
N THR Q 129 -2.02 1.45 14.37
CA THR Q 129 -2.59 0.47 15.28
C THR Q 129 -4.09 0.35 15.05
N PRO Q 130 -4.61 -0.83 14.71
CA PRO Q 130 -6.05 -0.99 14.53
C PRO Q 130 -6.79 -1.04 15.86
N ASP Q 131 -8.11 -0.94 15.77
CA ASP Q 131 -9.04 -1.04 16.91
C ASP Q 131 -8.63 -0.16 18.09
N ALA Q 132 -7.88 0.91 17.83
CA ALA Q 132 -7.44 1.81 18.88
C ALA Q 132 -7.64 3.29 18.58
N CYS Q 133 -7.77 3.68 17.31
CA CYS Q 133 -7.92 5.07 16.93
C CYS Q 133 -9.36 5.45 16.60
N TYR Q 134 -10.32 4.59 16.91
CA TYR Q 134 -11.72 4.87 16.60
C TYR Q 134 -12.25 5.96 17.51
N PRO Q 135 -12.77 7.07 16.97
CA PRO Q 135 -13.31 8.12 17.83
C PRO Q 135 -14.59 7.66 18.52
N ASP Q 136 -14.84 8.25 19.69
CA ASP Q 136 -16.02 7.93 20.47
C ASP Q 136 -17.20 8.79 20.04
C1 NAG R . -69.41 43.11 -29.73
C2 NAG R . -68.42 44.05 -29.05
C3 NAG R . -67.55 44.75 -30.10
C4 NAG R . -66.89 43.72 -31.00
C5 NAG R . -67.94 42.79 -31.60
C6 NAG R . -67.34 41.67 -32.42
C7 NAG R . -68.65 45.45 -27.05
C8 NAG R . -69.49 46.46 -26.33
N2 NAG R . -69.10 45.04 -28.23
O3 NAG R . -66.56 45.54 -29.44
O4 NAG R . -66.19 44.39 -32.06
O5 NAG R . -68.70 42.18 -30.55
O6 NAG R . -67.96 41.56 -33.69
O7 NAG R . -67.61 45.02 -26.57
C1 NAG R . -64.77 44.19 -31.88
C2 NAG R . -64.02 44.57 -33.18
C3 NAG R . -64.10 46.08 -33.46
C4 NAG R . -64.35 46.87 -32.18
C5 NAG R . -63.61 46.20 -31.03
C6 NAG R . -63.66 47.02 -29.76
C7 NAG R . -61.94 43.84 -34.26
C8 NAG R . -60.52 43.39 -34.05
N2 NAG R . -62.64 44.13 -33.16
O3 NAG R . -65.14 46.34 -34.40
O4 NAG R . -63.89 48.20 -32.33
O5 NAG R . -64.22 44.94 -30.74
O6 NAG R . -64.99 47.33 -29.38
O7 NAG R . -62.43 43.94 -35.39
C1 NAG S . -31.07 39.34 -76.83
C2 NAG S . -32.23 38.82 -77.67
C3 NAG S . -33.56 39.13 -76.99
C4 NAG S . -33.56 38.61 -75.56
C5 NAG S . -32.35 39.15 -74.80
C6 NAG S . -32.23 38.59 -73.40
C7 NAG S . -32.46 38.65 -80.10
C8 NAG S . -32.39 39.38 -81.42
N2 NAG S . -32.20 39.37 -79.01
O3 NAG S . -34.62 38.53 -77.72
O4 NAG S . -34.76 39.03 -74.89
O5 NAG S . -31.15 38.81 -75.50
O6 NAG S . -32.30 39.61 -72.42
O7 NAG S . -32.75 37.45 -80.05
C1 NAG S . -35.58 37.87 -74.63
C2 NAG S . -36.67 38.22 -73.59
C3 NAG S . -37.69 39.20 -74.16
C4 NAG S . -37.74 39.15 -75.68
C5 NAG S . -37.55 37.72 -76.13
C6 NAG S . -37.75 37.53 -77.62
C7 NAG S . -37.67 36.87 -71.80
C8 NAG S . -38.34 35.57 -71.45
N2 NAG S . -37.33 37.02 -73.08
O3 NAG S . -37.37 40.53 -73.73
O4 NAG S . -39.00 39.62 -76.14
O5 NAG S . -36.20 37.30 -75.85
O6 NAG S . -36.94 38.41 -78.37
O7 NAG S . -37.46 37.74 -70.96
C1 NAG T . 11.19 10.22 14.70
C2 NAG T . 10.16 10.84 13.75
C3 NAG T . 9.89 12.28 14.14
C4 NAG T . 9.51 12.39 15.61
C5 NAG T . 10.57 11.72 16.47
C6 NAG T . 10.19 11.68 17.94
C7 NAG T . 9.77 10.67 11.33
C8 NAG T . 10.40 10.59 9.97
N2 NAG T . 10.61 10.75 12.37
O3 NAG T . 8.84 12.80 13.32
O4 NAG T . 9.39 13.76 15.98
O5 NAG T . 10.74 10.36 16.05
O6 NAG T . 11.31 11.30 18.73
O7 NAG T . 8.55 10.66 11.48
C1 NAG T . 8.01 14.09 16.27
C2 NAG T . 7.58 15.20 15.31
C3 NAG T . 6.12 15.57 15.56
C4 NAG T . 5.25 14.32 15.48
C5 NAG T . 5.77 13.24 16.43
C6 NAG T . 5.02 11.94 16.31
C7 NAG T . 9.39 16.69 14.59
C8 NAG T . 10.17 17.94 14.89
N2 NAG T . 8.43 16.38 15.45
O3 NAG T . 5.70 16.52 14.58
O4 NAG T . 3.90 14.64 15.83
O5 NAG T . 7.14 12.96 16.12
O6 NAG T . 3.68 12.15 15.88
O7 NAG T . 9.63 16.00 13.60
C1 NAG U . 25.13 -8.22 14.77
C2 NAG U . 25.99 -7.72 13.61
C3 NAG U . 27.38 -7.35 14.12
C4 NAG U . 27.29 -6.37 15.28
C5 NAG U . 26.36 -6.92 16.36
C6 NAG U . 26.13 -5.94 17.49
C7 NAG U . 25.60 -8.50 11.32
C8 NAG U . 25.78 -9.64 10.35
N2 NAG U . 26.07 -8.71 12.55
O3 NAG U . 28.14 -6.78 13.06
O4 NAG U . 28.58 -6.14 15.83
O5 NAG U . 25.08 -7.23 15.81
O6 NAG U . 25.64 -4.70 17.01
O7 NAG U . 25.07 -7.45 11.00
C1 NAG V . 26.36 -12.68 16.17
C2 NAG V . 26.96 -11.84 15.05
C3 NAG V . 28.39 -11.46 15.40
C4 NAG V . 28.45 -10.78 16.76
C5 NAG V . 27.78 -11.65 17.80
C6 NAG V . 27.69 -10.98 19.16
C7 NAG V . 25.96 -12.35 12.87
C8 NAG V . 26.06 -13.17 11.62
N2 NAG V . 26.91 -12.55 13.78
O3 NAG V . 28.90 -10.58 14.40
O4 NAG V . 29.80 -10.54 17.12
O5 NAG V . 26.43 -11.96 17.41
O6 NAG V . 26.34 -10.82 19.57
O7 NAG V . 25.05 -11.55 13.04
C1 NAG W . 28.02 -16.92 17.21
C2 NAG W . 28.55 -16.57 15.83
C3 NAG W . 30.04 -16.24 15.92
C4 NAG W . 30.29 -15.16 16.96
C5 NAG W . 29.68 -15.57 18.30
C6 NAG W . 29.78 -14.49 19.35
C7 NAG W . 27.46 -17.55 13.87
C8 NAG W . 26.73 -16.25 13.74
N2 NAG W . 28.32 -17.64 14.89
O3 NAG W . 30.50 -15.80 14.65
O4 NAG W . 31.69 -14.96 17.13
O5 NAG W . 28.28 -15.84 18.13
O6 NAG W . 28.61 -14.43 20.15
O7 NAG W . 27.28 -18.48 13.08
C1 NAG X . 29.44 -22.21 17.53
C2 NAG X . 29.70 -21.41 16.24
C3 NAG X . 31.18 -21.04 16.14
C4 NAG X . 31.64 -20.33 17.40
C5 NAG X . 31.31 -21.16 18.63
C6 NAG X . 31.63 -20.47 19.93
C7 NAG X . 28.12 -21.90 14.43
C8 NAG X . 27.84 -22.76 13.24
N2 NAG X . 29.27 -22.15 15.07
O3 NAG X . 31.37 -20.19 15.01
O4 NAG X . 33.05 -20.11 17.34
O5 NAG X . 29.90 -21.46 18.66
O6 NAG X . 31.68 -19.07 19.77
O7 NAG X . 27.34 -21.03 14.80
C1 NAG Y . 31.95 -25.64 18.63
C2 NAG Y . 32.23 -25.15 17.22
C3 NAG Y . 33.72 -24.88 17.04
C4 NAG Y . 34.24 -23.94 18.13
C5 NAG Y . 33.87 -24.49 19.50
C6 NAG Y . 34.24 -23.55 20.64
C7 NAG Y . 30.84 -25.78 15.30
C8 NAG Y . 30.47 -26.87 14.34
N2 NAG Y . 31.76 -26.08 16.22
O3 NAG Y . 33.96 -24.30 15.75
O4 NAG Y . 35.65 -23.81 18.04
O5 NAG Y . 32.45 -24.70 19.59
O6 NAG Y . 35.47 -22.90 20.38
O7 NAG Y . 30.34 -24.66 15.23
C1 NAG Z . 23.52 -32.73 36.52
C2 NAG Z . 24.22 -34.09 36.34
C3 NAG Z . 23.30 -35.22 36.81
C4 NAG Z . 22.80 -34.96 38.23
C5 NAG Z . 22.14 -33.59 38.31
C6 NAG Z . 21.72 -33.22 39.71
C7 NAG Z . 25.63 -35.10 34.60
C8 NAG Z . 25.89 -35.18 33.13
N2 NAG Z . 24.61 -34.29 34.96
O3 NAG Z . 24.00 -36.45 36.77
O4 NAG Z . 21.86 -35.95 38.60
O5 NAG Z . 23.08 -32.58 37.88
O6 NAG Z . 22.09 -31.89 40.04
O7 NAG Z . 26.29 -35.71 35.43
C1 NAG AA . 19.78 -28.17 37.73
C2 NAG AA . 20.01 -29.51 37.01
C3 NAG AA . 19.01 -30.55 37.51
C4 NAG AA . 19.05 -30.65 39.04
C5 NAG AA . 18.86 -29.27 39.66
C6 NAG AA . 19.02 -29.27 41.17
C7 NAG AA . 20.46 -30.21 34.71
C8 NAG AA . 20.25 -29.91 33.26
N2 NAG AA . 19.90 -29.36 35.57
O3 NAG AA . 19.31 -31.82 36.94
O4 NAG AA . 18.03 -31.53 39.50
O5 NAG AA . 19.85 -28.37 39.15
O6 NAG AA . 19.80 -28.18 41.61
O7 NAG AA . 21.09 -31.20 35.08
C1 NAG BA . 17.67 -24.14 38.88
C2 NAG BA . 16.50 -25.05 38.50
C3 NAG BA . 15.47 -25.09 39.62
C4 NAG BA . 16.13 -25.48 40.94
C5 NAG BA . 17.32 -24.56 41.23
C6 NAG BA . 18.09 -24.96 42.46
C7 NAG BA . 15.52 -25.47 36.29
C8 NAG BA . 14.91 -24.85 35.07
N2 NAG BA . 15.90 -24.62 37.26
O3 NAG BA . 14.45 -26.03 39.29
O4 NAG BA . 15.19 -25.38 42.00
O5 NAG BA . 18.23 -24.59 40.13
O6 NAG BA . 19.49 -24.81 42.26
O7 NAG BA . 15.67 -26.68 36.39
C1 NAG CA . 11.71 -21.76 39.37
C2 NAG CA . 11.27 -22.24 37.98
C3 NAG CA . 10.30 -23.41 38.11
C4 NAG CA . 10.91 -24.51 38.98
C5 NAG CA . 11.36 -23.93 40.32
C6 NAG CA . 12.06 -24.95 41.19
C7 NAG CA . 11.03 -20.83 35.99
C8 NAG CA . 12.13 -21.66 35.39
N2 NAG CA . 10.67 -21.16 37.23
O3 NAG CA . 10.01 -23.92 36.82
O4 NAG CA . 9.94 -25.54 39.21
O5 NAG CA . 12.28 -22.86 40.11
O6 NAG CA . 12.35 -24.41 42.48
O7 NAG CA . 10.49 -19.91 35.37
C1 NAG DA . 9.61 -16.92 39.47
C2 NAG DA . 8.32 -17.26 38.74
C3 NAG DA . 7.12 -17.03 39.64
C4 NAG DA . 7.28 -17.78 40.96
C5 NAG DA . 8.61 -17.42 41.61
C6 NAG DA . 8.90 -18.23 42.85
C7 NAG DA . 7.77 -17.00 36.36
C8 NAG DA . 7.69 -16.06 35.20
N2 NAG DA . 8.19 -16.48 37.51
O3 NAG DA . 5.93 -17.46 38.98
O4 NAG DA . 6.22 -17.45 41.84
O5 NAG DA . 9.69 -17.67 40.69
O6 NAG DA . 9.58 -19.43 42.54
O7 NAG DA . 7.45 -18.18 36.26
#